data_8VJI
#
_entry.id   8VJI
#
_cell.length_a   1.00
_cell.length_b   1.00
_cell.length_c   1.00
_cell.angle_alpha   90.00
_cell.angle_beta   90.00
_cell.angle_gamma   90.00
#
_symmetry.space_group_name_H-M   'P 1'
#
loop_
_entity.id
_entity.type
_entity.pdbx_description
1 polymer 'Major capsid protein'
2 polymer 'Decorator protein D'
#
loop_
_entity_poly.entity_id
_entity_poly.type
_entity_poly.pdbx_seq_one_letter_code
_entity_poly.pdbx_strand_id
1 'polypeptide(L)'
;MAGLYTTYQLLEVQRKLKTLPAFFLQWFPRQINFQEDMIAFDKVIQDVTRVAPFVAPNVQGRVIKESGYNTKTFKPAYVK
PKHVIDPNMIIPRQPGEALGTGTLSIAQRRDRVIAYLLMKHRAMHENTWEWMAAQAAQYGYVDVQGQDYPLVRVDFGRDA
ALTMTTDWTAAGVTLMDMIADLRDGQRLVSDKSMSGTVIRDYIFGGDAWDQFVKVGGKELWGKDGLMDSTIRGSETNVTR
LWDDVEGVQYMGELVGANGAGRMRIWVNTQKYRDQNDQEQFLMKQKAVMGISSAIEGVRCFGAILDKGAGYQALDYFPKM
WDQEDPSVEYLMSQGAPLMVPADPNASFLLTVMS
;
A,B,C,D,E,F,G
2 'polypeptide(L)'
;MNLLTMMAATSLPNYLAGNGDLGSWEPTQIFAGEADIVTEGGAAGADIEIYQVIAKNAAGAMVPHDPTATTGTSPDEVPA
PQSVAIGIAAQPAKSGQNVPYYIGGVFNHAALGWHASLDTLAKRQAVFDRTNIHIGNLY
;
a,b,c,d,e,f,g
#
# COMPACT_ATOMS: atom_id res chain seq x y z
N ALA A 2 -56.89 20.58 -17.91
CA ALA A 2 -56.91 20.05 -19.26
C ALA A 2 -58.16 20.48 -19.99
N GLY A 3 -58.37 19.94 -21.19
CA GLY A 3 -59.52 20.30 -21.99
C GLY A 3 -59.35 21.58 -22.76
N LEU A 4 -59.49 22.73 -22.09
CA LEU A 4 -59.14 23.99 -22.73
C LEU A 4 -57.64 24.06 -22.94
N TYR A 5 -56.87 23.82 -21.90
CA TYR A 5 -55.44 23.97 -21.97
C TYR A 5 -54.81 23.26 -20.77
N THR A 6 -53.62 22.71 -20.99
CA THR A 6 -52.93 22.02 -19.90
C THR A 6 -52.40 23.04 -18.91
N THR A 7 -52.77 22.90 -17.64
CA THR A 7 -52.26 23.78 -16.62
C THR A 7 -50.79 23.46 -16.36
N TYR A 8 -50.05 24.46 -15.88
CA TYR A 8 -48.61 24.31 -15.66
C TYR A 8 -48.20 24.88 -14.32
N GLN A 9 -47.12 24.35 -13.78
CA GLN A 9 -46.34 25.04 -12.76
C GLN A 9 -45.05 25.56 -13.38
N LEU A 10 -44.76 26.83 -13.11
CA LEU A 10 -43.43 27.35 -13.40
C LEU A 10 -42.52 27.05 -12.23
N LEU A 11 -41.45 26.33 -12.51
CA LEU A 11 -40.33 26.25 -11.60
C LEU A 11 -39.28 27.28 -12.01
N GLU A 12 -38.43 27.63 -11.06
CA GLU A 12 -37.65 28.85 -11.18
C GLU A 12 -36.83 28.86 -12.47
N VAL A 13 -36.71 30.06 -13.05
CA VAL A 13 -36.02 30.24 -14.32
C VAL A 13 -34.56 29.83 -14.19
N GLN A 14 -34.01 29.31 -15.28
CA GLN A 14 -32.60 28.89 -15.34
C GLN A 14 -31.83 29.86 -16.23
N ARG A 15 -30.95 30.66 -15.63
CA ARG A 15 -30.19 31.67 -16.36
C ARG A 15 -28.71 31.32 -16.38
N LYS A 16 -28.10 31.39 -17.56
CA LYS A 16 -26.68 31.13 -17.79
C LYS A 16 -26.04 32.39 -18.34
N LEU A 17 -25.55 33.24 -17.44
CA LEU A 17 -24.95 34.51 -17.84
C LEU A 17 -23.45 34.31 -18.01
N LYS A 18 -23.00 34.20 -19.26
CA LYS A 18 -21.58 34.05 -19.53
C LYS A 18 -20.88 35.40 -19.58
N THR A 19 -19.58 35.37 -19.37
CA THR A 19 -18.76 36.58 -19.46
C THR A 19 -17.35 36.18 -19.87
N LEU A 20 -16.60 37.17 -20.33
CA LEU A 20 -15.20 36.98 -20.67
C LEU A 20 -14.34 37.57 -19.56
N PRO A 21 -13.70 36.76 -18.72
CA PRO A 21 -13.05 37.30 -17.53
C PRO A 21 -11.84 38.16 -17.86
N ALA A 22 -11.57 39.13 -17.00
CA ALA A 22 -10.41 39.99 -17.16
C ALA A 22 -9.13 39.22 -16.82
N PHE A 23 -8.41 38.76 -17.85
CA PHE A 23 -7.14 38.07 -17.61
C PHE A 23 -5.94 38.80 -18.19
N PHE A 24 -5.96 39.08 -19.49
CA PHE A 24 -4.80 39.74 -20.06
C PHE A 24 -4.69 41.17 -19.57
N LEU A 25 -5.82 41.80 -19.24
CA LEU A 25 -5.79 43.16 -18.74
C LEU A 25 -5.13 43.28 -17.37
N GLN A 26 -4.61 42.20 -16.80
CA GLN A 26 -3.82 42.35 -15.58
C GLN A 26 -2.43 42.89 -15.90
N TRP A 27 -1.94 42.66 -17.11
CA TRP A 27 -0.66 43.17 -17.54
C TRP A 27 -0.76 44.52 -18.23
N PHE A 28 -1.95 45.13 -18.26
CA PHE A 28 -2.15 46.46 -18.82
C PHE A 28 -2.76 47.35 -17.77
N PRO A 29 -2.01 47.70 -16.73
CA PRO A 29 -2.58 48.49 -15.64
C PRO A 29 -2.69 49.97 -15.94
N ARG A 30 -1.82 50.53 -16.77
CA ARG A 30 -1.86 51.97 -17.03
C ARG A 30 -3.00 52.31 -17.97
N GLN A 31 -3.82 53.28 -17.58
CA GLN A 31 -4.84 53.84 -18.44
C GLN A 31 -4.51 55.30 -18.71
N ILE A 32 -4.57 55.68 -19.98
CA ILE A 32 -4.34 57.06 -20.41
C ILE A 32 -5.44 57.45 -21.38
N ASN A 33 -6.05 58.60 -21.15
CA ASN A 33 -7.07 59.14 -22.04
C ASN A 33 -6.52 60.40 -22.68
N PHE A 34 -6.38 60.39 -23.99
CA PHE A 34 -5.63 61.41 -24.69
C PHE A 34 -6.39 61.86 -25.92
N GLN A 35 -6.54 63.17 -26.08
CA GLN A 35 -7.20 63.73 -27.25
C GLN A 35 -6.24 63.97 -28.39
N GLU A 36 -4.93 63.83 -28.16
CA GLU A 36 -3.98 63.93 -29.25
C GLU A 36 -4.19 62.78 -30.22
N ASP A 37 -3.70 62.98 -31.44
CA ASP A 37 -3.96 62.02 -32.51
C ASP A 37 -3.30 60.68 -32.24
N MET A 38 -2.08 60.67 -31.69
CA MET A 38 -1.27 59.48 -31.61
C MET A 38 -0.48 59.47 -30.31
N ILE A 39 0.11 58.32 -30.02
CA ILE A 39 0.97 58.12 -28.87
C ILE A 39 2.34 57.74 -29.37
N ALA A 40 3.38 58.29 -28.76
CA ALA A 40 4.73 58.12 -29.26
C ALA A 40 5.68 57.75 -28.13
N PHE A 41 6.61 56.83 -28.43
CA PHE A 41 7.61 56.38 -27.48
C PHE A 41 9.00 56.63 -28.04
N ASP A 42 9.94 56.92 -27.14
CA ASP A 42 11.36 56.96 -27.47
C ASP A 42 12.08 55.91 -26.64
N LYS A 43 12.86 55.06 -27.30
CA LYS A 43 13.55 53.97 -26.63
C LYS A 43 15.03 54.01 -26.96
N VAL A 44 15.86 53.81 -25.94
CA VAL A 44 17.29 54.05 -26.01
C VAL A 44 18.02 52.82 -25.50
N ILE A 45 19.01 52.35 -26.25
CA ILE A 45 19.86 51.24 -25.86
C ILE A 45 21.28 51.74 -25.74
N GLN A 46 21.93 51.48 -24.61
CA GLN A 46 23.24 52.02 -24.30
C GLN A 46 24.21 50.91 -23.89
N ASP A 47 25.02 50.45 -24.84
CA ASP A 47 25.93 49.33 -24.64
C ASP A 47 27.20 49.76 -23.90
N VAL A 48 27.09 50.03 -22.61
CA VAL A 48 28.21 50.51 -21.79
C VAL A 48 29.13 49.34 -21.39
N THR A 49 28.88 48.16 -21.94
CA THR A 49 29.59 46.95 -21.52
C THR A 49 30.88 46.70 -22.29
N ARG A 50 31.53 47.74 -22.79
CA ARG A 50 32.70 47.57 -23.63
C ARG A 50 33.99 47.83 -22.87
N VAL A 51 35.04 47.10 -23.26
CA VAL A 51 36.34 47.24 -22.65
C VAL A 51 37.05 48.46 -23.23
N ALA A 52 37.68 49.25 -22.36
CA ALA A 52 38.42 50.41 -22.84
C ALA A 52 39.66 49.95 -23.60
N PRO A 53 40.16 50.77 -24.52
CA PRO A 53 41.28 50.35 -25.36
C PRO A 53 42.61 50.46 -24.64
N PHE A 54 43.44 49.45 -24.77
CA PHE A 54 44.82 49.59 -24.32
C PHE A 54 45.60 50.42 -25.32
N VAL A 55 46.21 51.49 -24.83
CA VAL A 55 46.87 52.48 -25.66
C VAL A 55 48.24 52.74 -25.06
N ALA A 56 49.28 52.59 -25.86
CA ALA A 56 50.61 52.90 -25.36
C ALA A 56 50.60 54.34 -24.84
N PRO A 57 51.19 54.61 -23.68
CA PRO A 57 51.05 55.96 -23.11
C PRO A 57 51.61 57.05 -23.99
N ASN A 58 52.41 56.71 -24.99
CA ASN A 58 52.97 57.72 -25.89
C ASN A 58 51.88 58.42 -26.67
N VAL A 59 50.92 57.66 -27.19
CA VAL A 59 50.12 58.10 -28.31
C VAL A 59 48.79 58.61 -27.80
N GLN A 60 48.01 59.19 -28.72
CA GLN A 60 46.95 60.12 -28.37
C GLN A 60 45.72 59.46 -27.77
N GLY A 61 45.39 58.25 -28.16
CA GLY A 61 44.18 57.59 -27.69
C GLY A 61 43.11 57.51 -28.77
N ARG A 62 42.18 56.57 -28.59
CA ARG A 62 41.23 56.25 -29.65
C ARG A 62 39.92 56.98 -29.41
N VAL A 63 39.23 57.29 -30.52
CA VAL A 63 37.96 58.01 -30.45
C VAL A 63 36.82 56.99 -30.45
N ILE A 64 36.05 56.97 -29.37
CA ILE A 64 34.95 56.04 -29.20
C ILE A 64 33.66 56.64 -29.75
N LYS A 65 32.74 55.79 -30.20
CA LYS A 65 31.53 56.23 -30.85
C LYS A 65 30.32 56.07 -29.93
N GLU A 66 29.15 56.44 -30.45
CA GLU A 66 27.89 56.34 -29.75
C GLU A 66 26.82 55.80 -30.69
N SER A 67 25.61 55.63 -30.16
CA SER A 67 24.49 55.11 -30.93
C SER A 67 23.23 55.94 -30.69
N GLY A 68 22.35 55.94 -31.69
CA GLY A 68 21.15 56.75 -31.67
C GLY A 68 19.88 55.98 -31.31
N TYR A 69 18.91 56.73 -30.79
CA TYR A 69 17.67 56.14 -30.30
C TYR A 69 16.67 55.89 -31.44
N ASN A 70 15.48 55.47 -31.06
CA ASN A 70 14.41 55.08 -31.97
C ASN A 70 13.07 55.47 -31.36
N THR A 71 12.01 55.45 -32.17
CA THR A 71 10.69 55.84 -31.70
C THR A 71 9.61 54.99 -32.34
N LYS A 72 8.43 55.02 -31.71
CA LYS A 72 7.26 54.28 -32.17
C LYS A 72 6.01 55.13 -31.94
N THR A 73 4.98 54.86 -32.73
CA THR A 73 3.78 55.70 -32.74
C THR A 73 2.54 54.87 -33.05
N PHE A 74 1.45 55.11 -32.32
CA PHE A 74 0.23 54.32 -32.46
C PHE A 74 -1.02 55.18 -32.42
N LYS A 75 -2.02 54.81 -33.27
CA LYS A 75 -3.37 55.35 -33.26
C LYS A 75 -4.32 54.31 -32.71
N PRO A 76 -5.27 54.66 -31.87
CA PRO A 76 -6.25 53.67 -31.41
C PRO A 76 -7.36 53.42 -32.41
N ALA A 77 -8.07 52.31 -32.21
CA ALA A 77 -9.21 51.94 -33.04
C ALA A 77 -10.51 52.48 -32.41
N TYR A 78 -11.62 52.30 -33.12
CA TYR A 78 -12.90 52.90 -32.71
C TYR A 78 -14.01 51.87 -32.78
N VAL A 79 -14.89 51.88 -31.78
CA VAL A 79 -15.85 50.81 -31.54
C VAL A 79 -17.23 51.39 -31.31
N LYS A 80 -18.23 50.88 -32.04
CA LYS A 80 -19.60 51.40 -32.01
C LYS A 80 -20.63 50.29 -32.08
N PRO A 81 -20.96 49.67 -30.96
CA PRO A 81 -22.14 48.80 -30.92
C PRO A 81 -23.40 49.62 -30.69
N LYS A 82 -24.47 49.30 -31.40
CA LYS A 82 -25.76 49.90 -31.10
C LYS A 82 -26.89 48.90 -31.29
N HIS A 83 -27.99 49.14 -30.58
CA HIS A 83 -29.19 48.33 -30.67
C HIS A 83 -30.38 49.21 -31.01
N VAL A 84 -31.28 48.68 -31.84
CA VAL A 84 -32.58 49.30 -32.10
C VAL A 84 -33.62 48.53 -31.30
N ILE A 85 -34.51 49.25 -30.62
CA ILE A 85 -35.45 48.60 -29.70
C ILE A 85 -36.88 48.75 -30.19
N ASP A 86 -37.33 47.79 -30.98
CA ASP A 86 -38.68 47.79 -31.50
C ASP A 86 -39.68 47.58 -30.37
N PRO A 87 -40.95 47.83 -30.61
CA PRO A 87 -41.97 47.17 -29.78
C PRO A 87 -41.87 45.67 -29.86
N ASN A 88 -41.41 45.13 -31.01
CA ASN A 88 -41.30 43.69 -31.17
C ASN A 88 -40.41 43.07 -30.10
N MET A 89 -39.51 43.84 -29.52
CA MET A 89 -38.58 43.34 -28.53
C MET A 89 -38.98 43.68 -27.11
N ILE A 90 -39.84 44.67 -26.92
CA ILE A 90 -40.28 45.03 -25.58
C ILE A 90 -41.44 44.16 -25.14
N ILE A 91 -42.28 43.75 -26.09
CA ILE A 91 -43.60 43.21 -25.77
C ILE A 91 -43.49 41.76 -25.31
N PRO A 92 -42.84 40.88 -26.07
CA PRO A 92 -42.88 39.45 -25.76
C PRO A 92 -42.56 39.17 -24.29
N ARG A 93 -43.08 38.05 -23.80
CA ARG A 93 -42.92 37.71 -22.39
C ARG A 93 -41.46 37.45 -22.07
N GLN A 94 -41.05 37.89 -20.99
CA GLN A 94 -39.72 37.57 -20.51
C GLN A 94 -39.79 36.45 -19.48
N PRO A 95 -38.74 35.65 -19.32
CA PRO A 95 -38.87 34.37 -18.63
C PRO A 95 -39.53 34.43 -17.27
N GLY A 96 -39.20 35.43 -16.45
CA GLY A 96 -39.71 35.46 -15.08
C GLY A 96 -41.21 35.54 -14.98
N GLU A 97 -41.89 35.97 -16.03
CA GLU A 97 -43.31 36.28 -15.95
C GLU A 97 -44.15 35.03 -15.78
N ALA A 98 -45.19 35.14 -14.94
CA ALA A 98 -46.12 34.05 -14.72
C ALA A 98 -46.86 33.70 -16.01
N LEU A 99 -47.52 32.56 -15.99
CA LEU A 99 -48.32 32.15 -17.13
C LEU A 99 -49.69 32.81 -17.10
N GLY A 100 -50.33 32.86 -18.26
CA GLY A 100 -51.55 33.63 -18.38
C GLY A 100 -51.29 35.11 -18.27
N THR A 101 -51.68 35.69 -17.15
CA THR A 101 -51.47 37.12 -16.92
C THR A 101 -50.00 37.38 -16.58
N GLY A 102 -49.18 37.55 -17.62
CA GLY A 102 -47.80 37.92 -17.40
C GLY A 102 -47.70 39.11 -16.47
N THR A 103 -46.73 39.11 -15.56
CA THR A 103 -46.75 40.09 -14.48
C THR A 103 -46.15 41.44 -14.87
N LEU A 104 -45.25 41.50 -15.85
CA LEU A 104 -44.60 42.77 -16.17
C LEU A 104 -45.49 43.65 -17.04
N SER A 105 -45.52 44.94 -16.73
CA SER A 105 -46.03 45.92 -17.65
C SER A 105 -45.16 45.96 -18.90
N ILE A 106 -45.68 46.51 -19.99
CA ILE A 106 -44.81 46.69 -21.14
C ILE A 106 -43.71 47.67 -20.77
N ALA A 107 -43.98 48.55 -19.81
CA ALA A 107 -42.96 49.48 -19.33
C ALA A 107 -41.84 48.74 -18.62
N GLN A 108 -42.18 47.70 -17.86
CA GLN A 108 -41.17 46.99 -17.10
C GLN A 108 -40.41 45.99 -17.94
N ARG A 109 -41.06 45.35 -18.91
CA ARG A 109 -40.31 44.60 -19.90
C ARG A 109 -39.27 45.50 -20.55
N ARG A 110 -39.67 46.72 -20.90
CA ARG A 110 -38.76 47.66 -21.53
C ARG A 110 -37.63 48.02 -20.57
N ASP A 111 -37.97 48.32 -19.32
CA ASP A 111 -36.93 48.63 -18.35
C ASP A 111 -35.89 47.51 -18.29
N ARG A 112 -36.35 46.27 -18.22
CA ARG A 112 -35.44 45.16 -18.03
C ARG A 112 -34.64 44.83 -19.29
N VAL A 113 -35.25 44.92 -20.47
CA VAL A 113 -34.48 44.67 -21.68
C VAL A 113 -33.43 45.75 -21.86
N ILE A 114 -33.76 47.00 -21.54
CA ILE A 114 -32.76 48.06 -21.67
C ILE A 114 -31.67 47.94 -20.61
N ALA A 115 -32.02 47.57 -19.38
CA ALA A 115 -30.96 47.35 -18.41
C ALA A 115 -30.01 46.28 -18.89
N TYR A 116 -30.55 45.20 -19.44
CA TYR A 116 -29.70 44.16 -19.99
C TYR A 116 -28.86 44.68 -21.13
N LEU A 117 -29.43 45.51 -22.01
CA LEU A 117 -28.65 45.99 -23.14
C LEU A 117 -27.55 46.94 -22.70
N LEU A 118 -27.80 47.78 -21.72
CA LEU A 118 -26.74 48.65 -21.21
C LEU A 118 -25.61 47.80 -20.65
N MET A 119 -25.95 46.78 -19.88
CA MET A 119 -24.93 45.89 -19.36
C MET A 119 -24.21 45.18 -20.49
N LYS A 120 -24.93 44.75 -21.51
CA LYS A 120 -24.30 44.05 -22.62
C LYS A 120 -23.33 44.95 -23.35
N HIS A 121 -23.67 46.22 -23.51
CA HIS A 121 -22.76 47.15 -24.17
C HIS A 121 -21.49 47.32 -23.35
N ARG A 122 -21.63 47.63 -22.07
CA ARG A 122 -20.43 47.73 -21.25
C ARG A 122 -19.59 46.47 -21.40
N ALA A 123 -20.23 45.31 -21.35
CA ALA A 123 -19.52 44.06 -21.40
C ALA A 123 -18.88 43.82 -22.76
N MET A 124 -19.52 44.28 -23.83
CA MET A 124 -18.93 44.13 -25.15
C MET A 124 -17.68 44.97 -25.27
N HIS A 125 -17.70 46.18 -24.70
CA HIS A 125 -16.50 46.99 -24.73
C HIS A 125 -15.37 46.35 -23.93
N GLU A 126 -15.68 45.86 -22.73
CA GLU A 126 -14.63 45.21 -21.95
C GLU A 126 -14.15 43.94 -22.65
N ASN A 127 -15.03 43.22 -23.33
CA ASN A 127 -14.58 42.09 -24.13
C ASN A 127 -13.63 42.53 -25.21
N THR A 128 -13.83 43.72 -25.77
CA THR A 128 -12.91 44.16 -26.82
C THR A 128 -11.57 44.56 -26.22
N TRP A 129 -11.58 45.14 -25.02
CA TRP A 129 -10.33 45.41 -24.35
C TRP A 129 -9.56 44.11 -24.11
N GLU A 130 -10.26 43.08 -23.63
CA GLU A 130 -9.62 41.80 -23.40
C GLU A 130 -9.08 41.22 -24.70
N TRP A 131 -9.86 41.28 -25.77
CA TRP A 131 -9.40 40.71 -27.02
C TRP A 131 -8.19 41.45 -27.56
N MET A 132 -8.21 42.78 -27.51
CA MET A 132 -7.06 43.54 -27.96
C MET A 132 -5.83 43.22 -27.13
N ALA A 133 -5.99 43.17 -25.80
CA ALA A 133 -4.86 42.87 -24.95
C ALA A 133 -4.31 41.48 -25.25
N ALA A 134 -5.18 40.51 -25.45
CA ALA A 134 -4.72 39.17 -25.78
C ALA A 134 -3.94 39.19 -27.08
N GLN A 135 -4.47 39.84 -28.10
CA GLN A 135 -3.79 39.86 -29.39
C GLN A 135 -2.43 40.53 -29.26
N ALA A 136 -2.39 41.65 -28.54
CA ALA A 136 -1.13 42.37 -28.38
C ALA A 136 -0.10 41.53 -27.64
N ALA A 137 -0.48 40.99 -26.49
CA ALA A 137 0.47 40.21 -25.69
C ALA A 137 0.96 39.00 -26.46
N GLN A 138 0.08 38.32 -27.19
CA GLN A 138 0.51 37.14 -27.91
C GLN A 138 1.32 37.49 -29.15
N TYR A 139 0.68 38.11 -30.13
CA TYR A 139 1.27 38.26 -31.45
C TYR A 139 2.12 39.50 -31.60
N GLY A 140 2.07 40.43 -30.66
CA GLY A 140 2.74 41.70 -30.84
C GLY A 140 2.09 42.60 -31.87
N TYR A 141 0.90 42.25 -32.33
CA TYR A 141 0.13 43.10 -33.22
C TYR A 141 -1.33 42.69 -33.11
N VAL A 142 -2.22 43.57 -33.53
CA VAL A 142 -3.64 43.31 -33.51
C VAL A 142 -4.24 43.73 -34.85
N ASP A 143 -5.07 42.88 -35.43
CA ASP A 143 -5.74 43.17 -36.70
C ASP A 143 -7.14 43.69 -36.41
N VAL A 144 -7.27 45.00 -36.29
CA VAL A 144 -8.60 45.59 -36.08
C VAL A 144 -9.39 45.49 -37.37
N GLN A 145 -10.65 45.07 -37.25
CA GLN A 145 -11.43 44.76 -38.44
C GLN A 145 -12.91 44.93 -38.14
N GLY A 146 -13.69 44.93 -39.21
CA GLY A 146 -15.13 44.81 -39.12
C GLY A 146 -15.72 44.88 -40.50
N GLN A 147 -17.04 44.87 -40.57
CA GLN A 147 -17.69 45.33 -41.78
C GLN A 147 -17.41 46.81 -41.98
N ASP A 148 -17.42 47.57 -40.90
CA ASP A 148 -17.32 49.02 -40.94
C ASP A 148 -15.95 49.51 -40.51
N TYR A 149 -14.91 48.74 -40.76
CA TYR A 149 -13.58 49.18 -40.41
C TYR A 149 -12.56 48.45 -41.28
N PRO A 150 -11.90 49.13 -42.21
CA PRO A 150 -10.95 48.44 -43.07
C PRO A 150 -9.83 47.80 -42.26
N LEU A 151 -9.36 46.66 -42.72
CA LEU A 151 -8.32 45.92 -42.01
C LEU A 151 -7.04 46.73 -41.93
N VAL A 152 -6.53 46.95 -40.72
CA VAL A 152 -5.20 47.53 -40.51
C VAL A 152 -4.54 46.84 -39.33
N ARG A 153 -3.31 46.37 -39.54
CA ARG A 153 -2.53 45.72 -38.48
C ARG A 153 -1.84 46.79 -37.64
N VAL A 154 -2.36 47.06 -36.46
CA VAL A 154 -1.63 47.88 -35.51
C VAL A 154 -0.48 47.04 -34.98
N ASP A 155 0.72 47.29 -35.49
CA ASP A 155 1.88 46.46 -35.19
C ASP A 155 2.74 47.16 -34.16
N PHE A 156 2.84 46.56 -32.99
CA PHE A 156 3.68 47.07 -31.92
C PHE A 156 5.15 46.74 -32.13
N GLY A 157 5.49 46.00 -33.18
CA GLY A 157 6.88 45.82 -33.55
C GLY A 157 7.73 45.04 -32.57
N ARG A 158 7.19 43.95 -32.02
CA ARG A 158 8.03 43.04 -31.25
C ARG A 158 9.00 42.35 -32.19
N ASP A 159 10.22 42.14 -31.71
CA ASP A 159 11.25 41.57 -32.57
C ASP A 159 10.82 40.19 -33.04
N ALA A 160 11.01 39.92 -34.33
CA ALA A 160 10.50 38.70 -34.93
C ALA A 160 11.16 37.44 -34.35
N ALA A 161 12.29 37.58 -33.66
CA ALA A 161 12.88 36.42 -33.01
C ALA A 161 12.04 35.89 -31.87
N LEU A 162 11.17 36.72 -31.30
CA LEU A 162 10.31 36.29 -30.19
C LEU A 162 9.04 35.61 -30.64
N THR A 163 8.80 35.48 -31.94
CA THR A 163 7.70 34.66 -32.45
C THR A 163 8.27 33.30 -32.87
N MET A 164 8.50 32.49 -31.85
CA MET A 164 9.29 31.28 -31.98
C MET A 164 8.44 30.12 -32.50
N THR A 165 9.11 29.13 -33.08
CA THR A 165 8.45 27.93 -33.58
C THR A 165 9.30 26.72 -33.29
N THR A 166 8.71 25.71 -32.65
CA THR A 166 9.31 24.40 -32.51
C THR A 166 8.22 23.35 -32.58
N ASP A 167 8.63 22.10 -32.66
CA ASP A 167 7.71 20.99 -32.89
C ASP A 167 7.85 19.99 -31.74
N TRP A 168 6.99 20.13 -30.74
CA TRP A 168 6.91 19.15 -29.68
C TRP A 168 6.26 17.86 -30.10
N THR A 169 5.81 17.72 -31.34
CA THR A 169 5.38 16.42 -31.82
C THR A 169 6.52 15.64 -32.47
N ALA A 170 7.69 16.25 -32.61
CA ALA A 170 8.83 15.56 -33.20
C ALA A 170 9.30 14.43 -32.29
N ALA A 171 9.75 13.35 -32.92
CA ALA A 171 10.29 12.23 -32.16
C ALA A 171 11.53 12.64 -31.41
N GLY A 172 11.73 12.02 -30.25
CA GLY A 172 12.91 12.26 -29.45
C GLY A 172 12.84 13.45 -28.52
N VAL A 173 11.75 14.21 -28.53
CA VAL A 173 11.64 15.35 -27.63
C VAL A 173 11.46 14.84 -26.20
N THR A 174 11.97 15.60 -25.23
CA THR A 174 11.85 15.23 -23.84
C THR A 174 11.46 16.47 -23.03
N LEU A 175 11.12 16.23 -21.78
CA LEU A 175 10.74 17.32 -20.90
C LEU A 175 11.79 18.41 -20.91
N MET A 176 13.06 18.04 -20.86
CA MET A 176 14.08 19.08 -20.78
C MET A 176 14.25 19.80 -22.10
N ASP A 177 13.98 19.14 -23.22
CA ASP A 177 13.97 19.87 -24.49
C ASP A 177 12.85 20.90 -24.52
N MET A 178 11.67 20.52 -24.07
CA MET A 178 10.56 21.46 -24.06
C MET A 178 10.86 22.63 -23.12
N ILE A 179 11.42 22.33 -21.96
CA ILE A 179 11.80 23.39 -21.04
C ILE A 179 12.91 24.24 -21.64
N ALA A 180 13.80 23.62 -22.41
CA ALA A 180 14.83 24.40 -23.09
C ALA A 180 14.21 25.37 -24.09
N ASP A 181 13.13 24.96 -24.76
CA ASP A 181 12.47 25.90 -25.66
C ASP A 181 11.87 27.07 -24.89
N LEU A 182 11.14 26.79 -23.82
CA LEU A 182 10.60 27.89 -23.04
C LEU A 182 11.71 28.75 -22.45
N ARG A 183 12.83 28.14 -22.10
CA ARG A 183 13.93 28.90 -21.56
C ARG A 183 14.64 29.70 -22.65
N ASP A 184 14.60 29.22 -23.88
CA ASP A 184 15.08 30.03 -24.99
C ASP A 184 14.25 31.28 -25.12
N GLY A 185 12.94 31.15 -24.98
CA GLY A 185 12.11 32.34 -24.94
C GLY A 185 12.53 33.27 -23.81
N GLN A 186 12.79 32.70 -22.64
CA GLN A 186 13.27 33.51 -21.52
C GLN A 186 14.55 34.25 -21.89
N ARG A 187 15.50 33.52 -22.47
CA ARG A 187 16.78 34.10 -22.89
C ARG A 187 16.58 35.27 -23.82
N LEU A 188 15.81 35.06 -24.90
CA LEU A 188 15.60 36.13 -25.86
C LEU A 188 14.95 37.32 -25.21
N VAL A 189 13.94 37.12 -24.38
CA VAL A 189 13.31 38.29 -23.78
C VAL A 189 14.28 39.00 -22.84
N SER A 190 15.15 38.26 -22.17
CA SER A 190 16.15 38.92 -21.34
C SER A 190 17.05 39.81 -22.20
N ASP A 191 17.45 39.31 -23.37
CA ASP A 191 18.26 40.11 -24.27
C ASP A 191 17.50 41.35 -24.74
N LYS A 192 16.27 41.16 -25.20
CA LYS A 192 15.57 42.15 -26.00
C LYS A 192 14.86 43.21 -25.15
N SER A 193 14.28 42.81 -24.04
CA SER A 193 13.44 43.72 -23.29
C SER A 193 14.24 44.89 -22.74
N MET A 194 13.55 46.02 -22.55
CA MET A 194 14.22 47.20 -22.00
C MET A 194 14.69 46.93 -20.58
N SER A 195 13.80 46.42 -19.74
CA SER A 195 14.17 46.16 -18.35
C SER A 195 14.89 44.83 -18.16
N GLY A 196 14.96 44.00 -19.20
CA GLY A 196 15.61 42.71 -19.04
C GLY A 196 14.93 41.82 -18.03
N THR A 197 13.67 42.08 -17.72
CA THR A 197 13.00 41.36 -16.64
C THR A 197 12.92 39.88 -16.97
N VAL A 198 13.10 39.04 -15.95
CA VAL A 198 13.00 37.61 -16.14
C VAL A 198 11.52 37.22 -16.22
N ILE A 199 11.16 36.51 -17.28
CA ILE A 199 9.79 36.05 -17.46
C ILE A 199 9.48 34.98 -16.41
N ARG A 200 8.49 35.24 -15.59
CA ARG A 200 8.05 34.28 -14.59
C ARG A 200 6.81 33.50 -15.00
N ASP A 201 5.91 34.10 -15.78
CA ASP A 201 4.61 33.53 -16.06
C ASP A 201 4.57 33.01 -17.49
N TYR A 202 4.13 31.77 -17.65
CA TYR A 202 4.03 31.13 -18.96
C TYR A 202 2.62 30.61 -19.15
N ILE A 203 1.95 31.06 -20.22
CA ILE A 203 0.57 30.72 -20.48
C ILE A 203 0.55 29.71 -21.60
N PHE A 204 -0.06 28.57 -21.36
CA PHE A 204 -0.17 27.53 -22.37
C PHE A 204 -1.55 27.55 -23.02
N GLY A 205 -1.57 27.32 -24.32
CA GLY A 205 -2.80 26.91 -24.95
C GLY A 205 -3.19 25.51 -24.53
N GLY A 206 -4.46 25.18 -24.71
CA GLY A 206 -4.92 23.85 -24.34
C GLY A 206 -4.15 22.75 -25.05
N ASP A 207 -3.97 22.89 -26.35
CA ASP A 207 -3.27 21.85 -27.10
C ASP A 207 -1.79 21.81 -26.72
N ALA A 208 -1.19 22.97 -26.48
CA ALA A 208 0.19 22.98 -26.03
C ALA A 208 0.34 22.27 -24.70
N TRP A 209 -0.56 22.51 -23.77
CA TRP A 209 -0.49 21.80 -22.50
C TRP A 209 -0.73 20.31 -22.67
N ASP A 210 -1.68 19.93 -23.52
CA ASP A 210 -1.88 18.52 -23.76
C ASP A 210 -0.62 17.88 -24.31
N GLN A 211 0.04 18.53 -25.27
CA GLN A 211 1.28 17.98 -25.81
C GLN A 211 2.37 17.95 -24.76
N PHE A 212 2.45 19.01 -23.96
CA PHE A 212 3.46 19.07 -22.91
C PHE A 212 3.32 17.90 -21.95
N VAL A 213 2.12 17.66 -21.45
CA VAL A 213 1.93 16.53 -20.55
C VAL A 213 2.13 15.22 -21.30
N LYS A 214 1.67 15.13 -22.53
CA LYS A 214 1.80 13.89 -23.28
C LYS A 214 3.26 13.48 -23.41
N VAL A 215 4.16 14.43 -23.60
CA VAL A 215 5.56 14.11 -23.81
C VAL A 215 6.34 14.08 -22.51
N GLY A 216 6.18 15.08 -21.66
CA GLY A 216 7.01 15.21 -20.48
C GLY A 216 6.40 14.69 -19.20
N GLY A 217 5.13 14.30 -19.21
CA GLY A 217 4.52 13.85 -17.98
C GLY A 217 5.02 12.51 -17.49
N LYS A 218 5.74 11.77 -18.32
CA LYS A 218 6.42 10.55 -17.90
C LYS A 218 7.80 10.84 -17.35
N GLU A 219 8.28 12.07 -17.51
CA GLU A 219 9.58 12.48 -17.00
C GLU A 219 9.41 13.46 -15.85
N LEU A 220 8.58 14.47 -16.05
CA LEU A 220 7.97 15.15 -14.91
C LEU A 220 7.02 14.17 -14.24
N TRP A 221 7.08 14.10 -12.92
CA TRP A 221 6.43 13.03 -12.14
C TRP A 221 6.95 11.65 -12.49
N GLY A 222 8.05 11.53 -13.21
CA GLY A 222 8.62 10.25 -13.56
C GLY A 222 9.62 9.76 -12.54
N LYS A 223 10.42 8.80 -12.98
CA LYS A 223 11.55 8.31 -12.19
C LYS A 223 12.45 9.49 -11.83
N ASP A 224 12.67 9.71 -10.53
CA ASP A 224 13.58 10.71 -10.01
C ASP A 224 13.44 12.06 -10.70
N GLY A 225 12.26 12.33 -11.26
CA GLY A 225 12.02 13.56 -11.98
C GLY A 225 11.95 14.76 -11.06
N LEU A 226 11.55 15.87 -11.64
CA LEU A 226 11.62 17.14 -10.92
C LEU A 226 10.80 17.14 -9.65
N MET A 227 9.75 16.33 -9.58
CA MET A 227 8.83 16.40 -8.46
C MET A 227 9.01 15.27 -7.45
N ASP A 228 9.97 14.38 -7.67
CA ASP A 228 10.21 13.30 -6.73
C ASP A 228 10.74 13.91 -5.43
N SER A 229 9.93 13.89 -4.39
CA SER A 229 10.27 14.63 -3.18
C SER A 229 11.49 14.07 -2.48
N THR A 230 11.95 12.87 -2.81
CA THR A 230 13.13 12.33 -2.15
C THR A 230 14.38 13.13 -2.50
N ILE A 231 14.37 13.83 -3.63
CA ILE A 231 15.57 14.46 -4.18
C ILE A 231 15.51 15.96 -3.90
N ARG A 232 16.64 16.51 -3.44
CA ARG A 232 16.67 17.84 -2.86
C ARG A 232 16.57 18.96 -3.89
N GLY A 233 16.64 18.65 -5.18
CA GLY A 233 17.03 19.63 -6.16
C GLY A 233 15.98 20.63 -6.63
N SER A 234 14.70 20.49 -6.27
CA SER A 234 13.69 21.33 -6.89
C SER A 234 12.38 21.28 -6.13
N GLU A 235 11.68 22.42 -6.09
CA GLU A 235 10.38 22.54 -5.44
C GLU A 235 9.23 22.68 -6.43
N THR A 236 9.33 22.07 -7.60
CA THR A 236 8.24 22.12 -8.56
C THR A 236 6.98 21.53 -7.97
N ASN A 237 5.81 22.03 -8.41
CA ASN A 237 4.54 21.62 -7.83
C ASN A 237 3.43 21.50 -8.88
N VAL A 238 3.76 20.99 -10.07
CA VAL A 238 2.75 20.87 -11.12
C VAL A 238 1.81 19.71 -10.79
N THR A 239 0.51 19.98 -10.82
CA THR A 239 -0.48 18.99 -10.44
C THR A 239 -0.59 17.88 -11.47
N ARG A 240 -0.75 16.63 -11.01
CA ARG A 240 -1.01 15.54 -11.93
C ARG A 240 -2.32 15.74 -12.67
N LEU A 241 -3.31 16.29 -11.97
CA LEU A 241 -4.70 16.25 -12.39
C LEU A 241 -5.29 17.64 -12.24
N TRP A 242 -6.22 17.99 -13.12
CA TRP A 242 -6.74 19.35 -13.13
C TRP A 242 -8.16 19.36 -13.68
N ASP A 243 -8.87 20.43 -13.36
CA ASP A 243 -10.24 20.66 -13.82
C ASP A 243 -10.21 21.20 -15.23
N ASP A 244 -10.48 20.35 -16.21
CA ASP A 244 -10.60 20.83 -17.58
C ASP A 244 -11.83 21.73 -17.67
N VAL A 245 -11.63 22.97 -18.07
CA VAL A 245 -12.69 23.96 -18.06
C VAL A 245 -12.42 24.97 -19.15
N GLU A 246 -13.47 25.62 -19.64
CA GLU A 246 -13.34 26.80 -20.49
C GLU A 246 -13.00 27.98 -19.58
N GLY A 247 -11.71 28.24 -19.42
CA GLY A 247 -11.28 29.28 -18.51
C GLY A 247 -9.78 29.34 -18.47
N VAL A 248 -9.25 29.93 -17.40
CA VAL A 248 -7.82 30.05 -17.19
C VAL A 248 -7.49 29.52 -15.80
N GLN A 249 -6.48 28.67 -15.72
CA GLN A 249 -6.23 27.94 -14.49
C GLN A 249 -4.73 27.72 -14.28
N TYR A 250 -4.37 27.65 -13.01
CA TYR A 250 -2.99 27.66 -12.55
C TYR A 250 -2.49 26.25 -12.26
N MET A 251 -1.64 25.73 -13.14
CA MET A 251 -1.06 24.40 -12.97
C MET A 251 0.01 24.36 -11.89
N GLY A 252 0.36 25.49 -11.29
CA GLY A 252 1.41 25.52 -10.30
C GLY A 252 2.69 26.12 -10.84
N GLU A 253 3.78 25.82 -10.15
CA GLU A 253 5.07 26.47 -10.37
C GLU A 253 6.18 25.47 -10.59
N LEU A 254 6.98 25.70 -11.63
CA LEU A 254 8.10 24.82 -11.98
C LEU A 254 9.43 25.38 -11.48
N VAL A 255 9.56 25.54 -10.17
CA VAL A 255 10.71 26.24 -9.58
C VAL A 255 11.87 25.29 -9.35
N GLY A 256 13.08 25.86 -9.29
CA GLY A 256 14.25 25.18 -8.77
C GLY A 256 14.33 25.26 -7.26
N ALA A 257 15.52 25.50 -6.70
CA ALA A 257 15.69 25.37 -5.26
C ALA A 257 15.24 26.60 -4.47
N ASN A 258 15.95 27.72 -4.59
CA ASN A 258 15.54 28.97 -3.97
C ASN A 258 14.97 29.96 -4.99
N GLY A 259 13.93 29.52 -5.69
CA GLY A 259 13.36 30.33 -6.74
C GLY A 259 14.08 30.24 -8.06
N ALA A 260 15.26 29.64 -8.11
CA ALA A 260 16.01 29.60 -9.35
C ALA A 260 15.18 28.99 -10.46
N GLY A 261 15.02 29.75 -11.54
CA GLY A 261 14.38 29.23 -12.73
C GLY A 261 12.88 29.05 -12.65
N ARG A 262 12.21 29.66 -11.68
CA ARG A 262 10.79 29.36 -11.49
C ARG A 262 9.97 29.82 -12.68
N MET A 263 9.00 29.00 -13.04
CA MET A 263 8.11 29.23 -14.17
C MET A 263 6.69 29.00 -13.68
N ARG A 264 5.96 30.05 -13.38
CA ARG A 264 4.55 29.86 -13.09
C ARG A 264 3.87 29.39 -14.36
N ILE A 265 3.08 28.33 -14.26
CA ILE A 265 2.45 27.71 -15.41
C ILE A 265 0.97 28.01 -15.37
N TRP A 266 0.43 28.50 -16.46
CA TRP A 266 -0.99 28.74 -16.63
C TRP A 266 -1.44 28.03 -17.89
N VAL A 267 -2.68 27.53 -17.87
CA VAL A 267 -3.33 27.06 -19.08
C VAL A 267 -4.55 27.93 -19.30
N ASN A 268 -4.70 28.44 -20.52
CA ASN A 268 -5.79 29.32 -20.88
C ASN A 268 -6.59 28.68 -22.00
N THR A 269 -7.89 28.50 -21.78
CA THR A 269 -8.77 27.95 -22.78
C THR A 269 -9.94 28.88 -23.08
N GLN A 270 -9.95 30.08 -22.50
CA GLN A 270 -11.06 31.00 -22.69
C GLN A 270 -11.43 31.11 -24.15
N LYS A 271 -12.71 31.35 -24.41
CA LYS A 271 -13.22 31.48 -25.77
C LYS A 271 -14.06 32.73 -25.84
N TYR A 272 -13.72 33.60 -26.79
CA TYR A 272 -14.57 34.71 -27.13
C TYR A 272 -15.37 34.33 -28.37
N ARG A 273 -16.34 35.17 -28.73
CA ARG A 273 -17.11 34.96 -29.94
C ARG A 273 -16.66 35.99 -30.97
N ASP A 274 -16.32 35.51 -32.15
CA ASP A 274 -15.63 36.30 -33.17
C ASP A 274 -16.58 37.30 -33.80
N GLN A 275 -16.01 38.23 -34.57
CA GLN A 275 -16.83 39.14 -35.36
C GLN A 275 -17.85 38.39 -36.18
N ASN A 276 -17.39 37.38 -36.91
CA ASN A 276 -18.28 36.58 -37.73
C ASN A 276 -19.12 35.63 -36.91
N ASP A 277 -19.21 35.85 -35.60
CA ASP A 277 -20.03 35.04 -34.72
C ASP A 277 -19.63 33.58 -34.76
N GLN A 278 -18.32 33.33 -34.65
CA GLN A 278 -17.80 32.00 -34.41
C GLN A 278 -17.06 32.02 -33.08
N GLU A 279 -17.21 30.96 -32.30
CA GLU A 279 -16.50 30.87 -31.04
C GLU A 279 -15.03 30.57 -31.33
N GLN A 280 -14.14 31.35 -30.73
CA GLN A 280 -12.73 31.21 -30.99
C GLN A 280 -11.96 31.35 -29.68
N PHE A 281 -10.78 30.75 -29.65
CA PHE A 281 -9.99 30.72 -28.43
C PHE A 281 -9.25 32.03 -28.23
N LEU A 282 -9.30 32.55 -27.01
CA LEU A 282 -8.65 33.80 -26.71
C LEU A 282 -7.13 33.68 -26.77
N MET A 283 -6.60 32.50 -26.41
CA MET A 283 -5.18 32.22 -26.46
C MET A 283 -4.90 31.18 -27.54
N LYS A 284 -3.93 31.45 -28.40
CA LYS A 284 -3.60 30.48 -29.44
C LYS A 284 -3.31 29.15 -28.80
N GLN A 285 -4.08 28.14 -29.17
CA GLN A 285 -4.09 26.91 -28.38
C GLN A 285 -2.83 26.10 -28.60
N LYS A 286 -2.32 26.07 -29.83
CA LYS A 286 -1.14 25.27 -30.10
C LYS A 286 0.13 26.02 -29.81
N ALA A 287 0.10 26.99 -28.91
CA ALA A 287 1.28 27.78 -28.64
C ALA A 287 1.34 28.15 -27.17
N VAL A 288 2.53 28.53 -26.74
CA VAL A 288 2.81 28.94 -25.37
C VAL A 288 3.32 30.37 -25.41
N MET A 289 2.81 31.20 -24.52
CA MET A 289 3.25 32.56 -24.38
C MET A 289 3.91 32.73 -23.03
N GLY A 290 5.02 33.45 -23.00
CA GLY A 290 5.59 33.96 -21.77
C GLY A 290 5.34 35.45 -21.71
N ILE A 291 5.18 35.97 -20.49
CA ILE A 291 4.91 37.39 -20.32
C ILE A 291 5.21 37.78 -18.89
N SER A 292 5.46 39.08 -18.70
CA SER A 292 5.71 39.60 -17.37
C SER A 292 5.14 41.01 -17.30
N SER A 293 4.95 41.49 -16.08
CA SER A 293 4.42 42.84 -15.91
C SER A 293 5.33 43.88 -16.53
N ALA A 294 6.60 43.55 -16.77
CA ALA A 294 7.49 44.50 -17.39
C ALA A 294 7.03 44.91 -18.77
N ILE A 295 6.03 44.23 -19.34
CA ILE A 295 5.44 44.72 -20.57
C ILE A 295 4.83 46.09 -20.36
N GLU A 296 4.43 46.42 -19.13
CA GLU A 296 3.93 47.74 -18.78
C GLU A 296 2.92 48.23 -19.81
N GLY A 297 1.99 47.36 -20.19
CA GLY A 297 1.01 47.74 -21.17
C GLY A 297 0.21 48.94 -20.73
N VAL A 298 -0.31 49.68 -21.70
CA VAL A 298 -1.12 50.87 -21.46
C VAL A 298 -2.46 50.66 -22.11
N ARG A 299 -3.54 50.86 -21.36
CA ARG A 299 -4.88 50.94 -21.92
C ARG A 299 -5.06 52.30 -22.54
N CYS A 300 -5.10 52.34 -23.86
CA CYS A 300 -5.04 53.57 -24.64
C CYS A 300 -6.43 53.89 -25.16
N PHE A 301 -6.97 55.06 -24.78
CA PHE A 301 -8.31 55.46 -25.20
C PHE A 301 -8.26 56.84 -25.83
N GLY A 302 -8.66 56.93 -27.09
CA GLY A 302 -8.64 58.18 -27.82
C GLY A 302 -9.85 59.04 -27.53
N ALA A 303 -10.03 60.04 -28.39
CA ALA A 303 -11.19 60.92 -28.29
C ALA A 303 -12.45 60.22 -28.80
N ILE A 304 -13.56 60.46 -28.13
CA ILE A 304 -14.86 60.08 -28.66
C ILE A 304 -15.27 61.10 -29.72
N LEU A 305 -15.64 60.63 -30.90
CA LEU A 305 -16.08 61.55 -31.95
C LEU A 305 -17.60 61.69 -31.88
N ASP A 306 -18.04 62.30 -30.78
CA ASP A 306 -19.46 62.56 -30.59
C ASP A 306 -19.66 63.80 -29.75
N LYS A 307 -20.60 64.64 -30.19
CA LYS A 307 -20.95 65.82 -29.41
C LYS A 307 -21.32 65.39 -28.00
N GLY A 308 -21.92 64.22 -27.84
CA GLY A 308 -22.06 63.67 -26.51
C GLY A 308 -20.69 63.56 -25.85
N ALA A 309 -20.64 63.92 -24.58
CA ALA A 309 -19.40 63.96 -23.83
C ALA A 309 -18.39 64.94 -24.41
N GLY A 310 -18.84 65.86 -25.27
CA GLY A 310 -17.96 66.92 -25.73
C GLY A 310 -16.71 66.44 -26.42
N TYR A 311 -16.82 65.44 -27.28
CA TYR A 311 -15.66 64.88 -27.96
C TYR A 311 -14.56 64.48 -27.00
N GLN A 312 -14.90 64.33 -25.72
CA GLN A 312 -13.92 64.01 -24.72
C GLN A 312 -13.38 62.60 -24.96
N ALA A 313 -12.20 62.33 -24.39
CA ALA A 313 -11.60 61.01 -24.53
C ALA A 313 -12.09 60.12 -23.42
N LEU A 314 -12.81 59.06 -23.79
CA LEU A 314 -13.45 58.18 -22.82
C LEU A 314 -13.26 56.75 -23.24
N ASP A 315 -13.15 55.88 -22.25
CA ASP A 315 -13.08 54.45 -22.52
C ASP A 315 -14.41 53.93 -23.04
N TYR A 316 -15.51 54.47 -22.54
CA TYR A 316 -16.83 53.94 -22.85
C TYR A 316 -17.88 55.02 -22.62
N PHE A 317 -18.61 55.38 -23.68
CA PHE A 317 -19.65 56.39 -23.62
C PHE A 317 -20.96 55.83 -24.13
N PRO A 318 -22.00 55.70 -23.30
CA PRO A 318 -23.28 55.19 -23.78
C PRO A 318 -24.24 56.31 -24.16
N LYS A 319 -24.90 56.14 -25.30
CA LYS A 319 -25.79 57.18 -25.83
C LYS A 319 -27.11 56.54 -26.20
N MET A 320 -28.20 57.21 -25.86
CA MET A 320 -29.53 56.65 -26.07
C MET A 320 -30.46 57.75 -26.57
N TRP A 321 -31.16 57.47 -27.66
CA TRP A 321 -32.08 58.44 -28.25
C TRP A 321 -33.11 57.67 -29.04
N ASP A 322 -34.23 58.33 -29.32
CA ASP A 322 -35.40 57.65 -29.84
C ASP A 322 -36.05 58.43 -30.96
N GLN A 323 -36.67 57.69 -31.87
CA GLN A 323 -37.53 58.25 -32.89
C GLN A 323 -38.92 58.51 -32.30
N GLU A 324 -39.70 59.35 -32.98
CA GLU A 324 -41.02 59.72 -32.47
C GLU A 324 -42.16 58.92 -33.09
N ASP A 325 -42.05 58.49 -34.33
CA ASP A 325 -43.14 57.77 -34.96
C ASP A 325 -42.62 56.87 -36.07
N PRO A 326 -42.61 55.55 -35.89
CA PRO A 326 -42.98 54.77 -34.70
C PRO A 326 -42.08 55.10 -33.52
N SER A 327 -42.46 54.80 -32.29
CA SER A 327 -41.62 55.11 -31.13
C SER A 327 -40.60 54.00 -30.90
N VAL A 328 -39.55 54.01 -31.70
CA VAL A 328 -38.46 53.06 -31.62
C VAL A 328 -37.26 53.74 -31.00
N GLU A 329 -36.74 53.18 -29.90
CA GLU A 329 -35.57 53.73 -29.24
C GLU A 329 -34.31 53.14 -29.86
N TYR A 330 -33.24 53.92 -29.80
CA TYR A 330 -31.90 53.47 -30.19
C TYR A 330 -30.99 53.58 -28.99
N LEU A 331 -29.99 52.70 -28.94
CA LEU A 331 -29.01 52.72 -27.87
C LEU A 331 -27.65 52.40 -28.47
N MET A 332 -26.66 53.24 -28.20
CA MET A 332 -25.34 53.09 -28.77
C MET A 332 -24.28 53.47 -27.74
N SER A 333 -23.18 52.72 -27.77
CA SER A 333 -22.01 53.01 -26.96
C SER A 333 -20.80 53.17 -27.86
N GLN A 334 -19.84 53.96 -27.42
CA GLN A 334 -18.68 54.27 -28.23
C GLN A 334 -17.42 54.21 -27.38
N GLY A 335 -16.33 53.83 -28.01
CA GLY A 335 -15.03 53.87 -27.37
C GLY A 335 -13.95 53.84 -28.43
N ALA A 336 -12.78 54.34 -28.06
CA ALA A 336 -11.62 54.39 -28.95
C ALA A 336 -10.47 53.64 -28.33
N PRO A 337 -10.59 52.31 -28.23
CA PRO A 337 -9.61 51.54 -27.47
C PRO A 337 -8.40 51.16 -28.30
N LEU A 338 -7.26 51.10 -27.61
CA LEU A 338 -6.13 50.32 -28.10
C LEU A 338 -5.34 49.87 -26.89
N MET A 339 -4.88 48.63 -26.94
CA MET A 339 -4.12 48.02 -25.86
C MET A 339 -2.67 47.99 -26.32
N VAL A 340 -1.86 48.86 -25.73
CA VAL A 340 -0.49 49.12 -26.19
C VAL A 340 0.47 48.48 -25.20
N PRO A 341 1.28 47.51 -25.61
CA PRO A 341 2.37 47.05 -24.76
C PRO A 341 3.49 48.05 -24.81
N ALA A 342 3.77 48.71 -23.67
CA ALA A 342 4.82 49.72 -23.66
C ALA A 342 6.13 49.13 -24.15
N ASP A 343 6.47 47.93 -23.69
CA ASP A 343 7.64 47.19 -24.14
C ASP A 343 7.21 45.96 -24.91
N PRO A 344 7.07 46.03 -26.22
CA PRO A 344 6.57 44.87 -26.96
C PRO A 344 7.41 43.63 -26.83
N ASN A 345 8.65 43.75 -26.37
CA ASN A 345 9.55 42.61 -26.29
C ASN A 345 9.53 41.92 -24.94
N ALA A 346 8.72 42.38 -23.99
CA ALA A 346 8.62 41.74 -22.69
C ALA A 346 7.79 40.46 -22.72
N SER A 347 7.51 39.91 -23.89
CA SER A 347 6.72 38.70 -24.01
C SER A 347 7.17 37.95 -25.24
N PHE A 348 6.82 36.68 -25.32
CA PHE A 348 7.13 35.89 -26.51
C PHE A 348 6.01 34.90 -26.76
N LEU A 349 5.94 34.39 -27.97
CA LEU A 349 4.96 33.40 -28.36
C LEU A 349 5.69 32.25 -29.03
N LEU A 350 5.50 31.05 -28.51
CA LEU A 350 6.14 29.86 -29.04
C LEU A 350 5.07 28.94 -29.62
N THR A 351 5.12 28.72 -30.92
CA THR A 351 4.22 27.75 -31.56
C THR A 351 4.86 26.38 -31.45
N VAL A 352 4.16 25.45 -30.81
CA VAL A 352 4.75 24.18 -30.40
C VAL A 352 4.25 23.01 -31.20
N MET A 353 3.22 23.18 -32.02
CA MET A 353 2.68 22.07 -32.79
C MET A 353 2.32 22.57 -34.17
N SER A 354 2.38 21.65 -35.14
CA SER A 354 2.03 22.00 -36.51
C SER A 354 0.52 22.13 -36.59
N ALA B 2 -42.13 -39.06 17.68
CA ALA B 2 -41.75 -40.01 16.64
C ALA B 2 -42.82 -41.07 16.46
N GLY B 3 -42.54 -42.05 15.61
CA GLY B 3 -43.51 -43.09 15.33
C GLY B 3 -44.58 -42.66 14.35
N LEU B 4 -45.54 -41.87 14.81
CA LEU B 4 -46.53 -41.32 13.89
C LEU B 4 -45.92 -40.23 13.03
N TYR B 5 -45.49 -39.14 13.67
CA TYR B 5 -44.84 -38.06 12.95
C TYR B 5 -43.95 -37.31 13.91
N THR B 6 -42.74 -37.00 13.46
CA THR B 6 -41.73 -36.46 14.35
C THR B 6 -42.10 -35.07 14.83
N THR B 7 -41.88 -34.84 16.13
CA THR B 7 -41.99 -33.49 16.66
C THR B 7 -40.84 -32.64 16.14
N TYR B 8 -41.09 -31.35 15.97
CA TYR B 8 -40.08 -30.42 15.48
C TYR B 8 -39.96 -29.21 16.37
N GLN B 9 -38.72 -28.74 16.54
CA GLN B 9 -38.44 -27.47 17.18
C GLN B 9 -38.11 -26.45 16.10
N LEU B 10 -38.88 -25.37 16.03
CA LEU B 10 -38.63 -24.34 15.03
C LEU B 10 -37.56 -23.38 15.47
N LEU B 11 -36.57 -23.18 14.62
CA LEU B 11 -35.64 -22.07 14.76
C LEU B 11 -36.20 -20.86 14.05
N GLU B 12 -35.59 -19.70 14.28
CA GLU B 12 -36.14 -18.47 13.73
C GLU B 12 -36.11 -18.51 12.20
N VAL B 13 -37.14 -17.90 11.62
CA VAL B 13 -37.25 -17.84 10.17
C VAL B 13 -36.06 -17.07 9.59
N GLN B 14 -35.64 -17.46 8.40
CA GLN B 14 -34.53 -16.82 7.70
C GLN B 14 -35.04 -16.15 6.43
N ARG B 15 -34.78 -14.85 6.28
CA ARG B 15 -35.36 -14.04 5.21
C ARG B 15 -34.27 -13.36 4.41
N LYS B 16 -34.09 -13.79 3.17
CA LYS B 16 -33.22 -13.12 2.20
C LYS B 16 -33.96 -11.94 1.57
N LEU B 17 -34.22 -10.93 2.38
CA LEU B 17 -34.98 -9.76 1.95
C LEU B 17 -34.06 -8.86 1.15
N LYS B 18 -34.16 -8.92 -0.18
CA LYS B 18 -33.30 -8.14 -1.06
C LYS B 18 -33.95 -6.81 -1.35
N THR B 19 -33.45 -5.74 -0.73
CA THR B 19 -33.88 -4.42 -1.13
C THR B 19 -33.05 -3.93 -2.30
N LEU B 20 -33.47 -2.80 -2.87
CA LEU B 20 -32.66 -2.05 -3.82
C LEU B 20 -32.48 -0.65 -3.24
N PRO B 21 -31.31 -0.31 -2.72
CA PRO B 21 -31.18 0.89 -1.91
C PRO B 21 -31.17 2.18 -2.74
N ALA B 22 -31.59 3.25 -2.09
CA ALA B 22 -31.62 4.55 -2.75
C ALA B 22 -30.21 5.07 -2.96
N PHE B 23 -29.76 5.09 -4.22
CA PHE B 23 -28.48 5.68 -4.54
C PHE B 23 -28.60 6.89 -5.44
N PHE B 24 -29.24 6.74 -6.59
CA PHE B 24 -29.33 7.88 -7.49
C PHE B 24 -30.20 8.97 -6.89
N LEU B 25 -31.19 8.60 -6.09
CA LEU B 25 -32.09 9.60 -5.54
C LEU B 25 -31.38 10.61 -4.65
N GLN B 26 -30.11 10.41 -4.33
CA GLN B 26 -29.41 11.42 -3.54
C GLN B 26 -29.24 12.71 -4.35
N TRP B 27 -29.23 12.62 -5.67
CA TRP B 27 -29.16 13.79 -6.53
C TRP B 27 -30.52 14.32 -6.93
N PHE B 28 -31.59 13.83 -6.32
CA PHE B 28 -32.95 14.35 -6.53
C PHE B 28 -33.57 14.67 -5.19
N PRO B 29 -33.07 15.68 -4.50
CA PRO B 29 -33.56 15.98 -3.16
C PRO B 29 -34.84 16.78 -3.14
N ARG B 30 -35.09 17.60 -4.15
CA ARG B 30 -36.29 18.44 -4.17
C ARG B 30 -37.50 17.60 -4.50
N GLN B 31 -38.55 17.73 -3.68
CA GLN B 31 -39.82 17.07 -3.92
C GLN B 31 -40.90 18.09 -4.21
N ILE B 32 -41.66 17.85 -5.28
CA ILE B 32 -42.80 18.68 -5.63
C ILE B 32 -44.00 17.77 -5.82
N ASN B 33 -45.01 17.94 -4.98
CA ASN B 33 -46.31 17.32 -5.18
C ASN B 33 -47.23 18.38 -5.75
N PHE B 34 -47.82 18.10 -6.91
CA PHE B 34 -48.56 19.11 -7.64
C PHE B 34 -49.72 18.46 -8.35
N GLN B 35 -50.80 19.23 -8.48
CA GLN B 35 -51.99 18.77 -9.16
C GLN B 35 -52.18 19.42 -10.53
N GLU B 36 -51.33 20.37 -10.90
CA GLU B 36 -51.38 20.89 -12.26
C GLU B 36 -50.94 19.80 -13.23
N ASP B 37 -51.35 19.96 -14.48
CA ASP B 37 -51.16 18.89 -15.44
C ASP B 37 -49.69 18.65 -15.71
N MET B 38 -48.87 19.70 -15.69
CA MET B 38 -47.49 19.57 -16.12
C MET B 38 -46.61 20.52 -15.31
N ILE B 39 -45.30 20.25 -15.32
CA ILE B 39 -44.30 21.14 -14.77
C ILE B 39 -43.53 21.79 -15.91
N ALA B 40 -43.16 23.05 -15.74
CA ALA B 40 -42.55 23.82 -16.82
C ALA B 40 -41.32 24.56 -16.33
N PHE B 41 -40.30 24.63 -17.19
CA PHE B 41 -39.08 25.37 -16.93
C PHE B 41 -38.84 26.38 -18.04
N ASP B 42 -38.17 27.47 -17.68
CA ASP B 42 -37.64 28.42 -18.64
C ASP B 42 -36.13 28.50 -18.49
N LYS B 43 -35.40 28.30 -19.58
CA LYS B 43 -33.95 28.27 -19.56
C LYS B 43 -33.39 29.31 -20.53
N VAL B 44 -32.51 30.16 -20.01
CA VAL B 44 -32.05 31.36 -20.70
C VAL B 44 -30.54 31.30 -20.85
N ILE B 45 -30.06 31.47 -22.07
CA ILE B 45 -28.63 31.48 -22.38
C ILE B 45 -28.29 32.87 -22.90
N GLN B 46 -27.35 33.53 -22.22
CA GLN B 46 -27.00 34.90 -22.57
C GLN B 46 -25.51 35.03 -22.71
N ASP B 47 -25.02 34.95 -23.94
CA ASP B 47 -23.59 35.06 -24.18
C ASP B 47 -23.20 36.52 -24.27
N VAL B 48 -22.62 37.04 -23.20
CA VAL B 48 -22.14 38.40 -23.19
C VAL B 48 -20.66 38.29 -23.37
N THR B 49 -20.24 37.50 -24.36
CA THR B 49 -18.82 37.26 -24.57
C THR B 49 -18.40 37.38 -26.03
N ARG B 50 -19.07 38.22 -26.81
CA ARG B 50 -18.65 38.47 -28.18
C ARG B 50 -17.92 39.78 -28.20
N VAL B 51 -17.07 39.99 -29.19
CA VAL B 51 -16.25 41.20 -29.21
C VAL B 51 -17.03 42.31 -29.89
N ALA B 52 -16.92 43.53 -29.36
CA ALA B 52 -17.64 44.64 -29.94
C ALA B 52 -17.13 44.90 -31.36
N PRO B 53 -17.97 45.45 -32.23
CA PRO B 53 -17.55 45.69 -33.60
C PRO B 53 -16.67 46.93 -33.69
N PHE B 54 -15.58 46.83 -34.44
CA PHE B 54 -14.84 48.03 -34.77
C PHE B 54 -15.55 48.74 -35.90
N VAL B 55 -15.72 50.05 -35.75
CA VAL B 55 -16.53 50.84 -36.66
C VAL B 55 -15.82 52.17 -36.86
N ALA B 56 -15.52 52.50 -38.10
CA ALA B 56 -14.90 53.79 -38.36
C ALA B 56 -15.80 54.88 -37.79
N PRO B 57 -15.25 55.84 -37.04
CA PRO B 57 -16.12 56.81 -36.36
C PRO B 57 -16.89 57.70 -37.31
N ASN B 58 -16.61 57.64 -38.61
CA ASN B 58 -17.33 58.47 -39.56
C ASN B 58 -18.70 57.90 -39.92
N VAL B 59 -19.05 56.71 -39.44
CA VAL B 59 -20.27 56.03 -39.86
C VAL B 59 -21.09 55.67 -38.63
N GLN B 60 -22.32 55.23 -38.89
CA GLN B 60 -23.38 55.27 -37.88
C GLN B 60 -23.07 54.39 -36.69
N GLY B 61 -22.68 53.15 -36.93
CA GLY B 61 -22.67 52.14 -35.89
C GLY B 61 -23.35 50.90 -36.39
N ARG B 62 -23.12 49.76 -35.73
CA ARG B 62 -23.59 48.47 -36.21
C ARG B 62 -24.67 47.94 -35.27
N VAL B 63 -25.73 47.39 -35.87
CA VAL B 63 -26.86 46.87 -35.10
C VAL B 63 -26.58 45.44 -34.70
N ILE B 64 -26.71 45.14 -33.41
CA ILE B 64 -26.33 43.86 -32.85
C ILE B 64 -27.58 43.05 -32.55
N LYS B 65 -27.57 41.78 -32.94
CA LYS B 65 -28.73 40.90 -32.77
C LYS B 65 -28.78 40.27 -31.38
N GLU B 66 -29.93 39.71 -31.05
CA GLU B 66 -30.19 39.08 -29.76
C GLU B 66 -30.68 37.66 -29.98
N SER B 67 -30.83 36.93 -28.88
CA SER B 67 -31.41 35.59 -28.89
C SER B 67 -32.45 35.47 -27.78
N GLY B 68 -33.40 34.56 -27.99
CA GLY B 68 -34.50 34.36 -27.06
C GLY B 68 -34.21 33.31 -26.01
N TYR B 69 -35.23 32.51 -25.69
CA TYR B 69 -35.12 31.49 -24.67
C TYR B 69 -36.10 30.37 -24.95
N ASN B 70 -35.99 29.30 -24.15
CA ASN B 70 -36.72 28.06 -24.36
C ASN B 70 -37.40 27.62 -23.07
N THR B 71 -38.30 26.64 -23.20
CA THR B 71 -38.98 26.07 -22.06
C THR B 71 -39.04 24.55 -22.19
N LYS B 72 -39.07 23.87 -21.05
CA LYS B 72 -39.21 22.43 -20.95
C LYS B 72 -40.46 22.12 -20.15
N THR B 73 -41.21 21.10 -20.57
CA THR B 73 -42.45 20.72 -19.91
C THR B 73 -42.59 19.21 -19.86
N PHE B 74 -43.03 18.71 -18.71
CA PHE B 74 -43.05 17.28 -18.41
C PHE B 74 -44.34 16.87 -17.73
N LYS B 75 -44.83 15.68 -18.08
CA LYS B 75 -45.95 15.04 -17.40
C LYS B 75 -45.44 13.90 -16.55
N PRO B 76 -45.83 13.76 -15.30
CA PRO B 76 -45.37 12.61 -14.52
C PRO B 76 -46.03 11.31 -14.96
N ALA B 77 -45.30 10.21 -14.78
CA ALA B 77 -45.79 8.89 -15.14
C ALA B 77 -46.64 8.32 -14.01
N TYR B 78 -47.26 7.17 -14.26
CA TYR B 78 -48.25 6.61 -13.35
C TYR B 78 -48.01 5.12 -13.13
N VAL B 79 -48.14 4.69 -11.87
CA VAL B 79 -47.72 3.36 -11.43
C VAL B 79 -48.81 2.77 -10.56
N LYS B 80 -49.23 1.53 -10.87
CA LYS B 80 -50.41 0.93 -10.22
C LYS B 80 -50.25 -0.57 -10.09
N PRO B 81 -49.51 -1.03 -9.08
CA PRO B 81 -49.47 -2.46 -8.77
C PRO B 81 -50.56 -2.86 -7.80
N LYS B 82 -50.99 -4.12 -7.87
CA LYS B 82 -51.91 -4.65 -6.89
C LYS B 82 -51.78 -6.17 -6.78
N HIS B 83 -52.28 -6.71 -5.66
CA HIS B 83 -52.31 -8.15 -5.43
C HIS B 83 -53.73 -8.62 -5.17
N VAL B 84 -54.03 -9.82 -5.63
CA VAL B 84 -55.19 -10.56 -5.15
C VAL B 84 -54.75 -11.47 -4.01
N ILE B 85 -55.62 -11.65 -3.03
CA ILE B 85 -55.21 -12.25 -1.76
C ILE B 85 -56.19 -13.36 -1.39
N ASP B 86 -56.68 -14.09 -2.39
CA ASP B 86 -57.69 -15.12 -2.18
C ASP B 86 -57.18 -16.20 -1.22
N PRO B 87 -58.04 -17.12 -0.81
CA PRO B 87 -57.62 -18.09 0.20
C PRO B 87 -56.41 -18.92 -0.17
N ASN B 88 -56.22 -19.27 -1.45
CA ASN B 88 -55.06 -20.11 -1.79
C ASN B 88 -53.76 -19.52 -1.29
N MET B 89 -53.75 -18.25 -0.92
CA MET B 89 -52.58 -17.59 -0.36
C MET B 89 -52.68 -17.39 1.15
N ILE B 90 -53.88 -17.26 1.70
CA ILE B 90 -54.01 -17.01 3.12
C ILE B 90 -53.87 -18.30 3.92
N ILE B 91 -54.40 -19.41 3.41
CA ILE B 91 -54.50 -20.64 4.18
C ILE B 91 -53.12 -21.22 4.47
N PRO B 92 -52.30 -21.53 3.47
CA PRO B 92 -51.15 -22.39 3.71
C PRO B 92 -50.22 -21.85 4.78
N ARG B 93 -49.56 -22.76 5.47
CA ARG B 93 -48.77 -22.42 6.64
C ARG B 93 -47.67 -21.43 6.28
N GLN B 94 -47.55 -20.39 7.07
CA GLN B 94 -46.47 -19.44 6.91
C GLN B 94 -45.31 -19.79 7.82
N PRO B 95 -44.13 -19.24 7.56
CA PRO B 95 -42.91 -19.77 8.19
C PRO B 95 -42.92 -19.77 9.70
N GLY B 96 -43.46 -18.74 10.34
CA GLY B 96 -43.46 -18.71 11.78
C GLY B 96 -44.29 -19.80 12.41
N GLU B 97 -45.20 -20.40 11.66
CA GLU B 97 -46.11 -21.37 12.22
C GLU B 97 -45.39 -22.65 12.61
N ALA B 98 -45.70 -23.16 13.80
CA ALA B 98 -45.13 -24.41 14.26
C ALA B 98 -45.56 -25.55 13.34
N LEU B 99 -44.65 -26.49 13.15
CA LEU B 99 -44.98 -27.68 12.39
C LEU B 99 -45.96 -28.53 13.20
N GLY B 100 -46.70 -29.37 12.48
CA GLY B 100 -47.76 -30.12 13.12
C GLY B 100 -49.06 -29.36 13.15
N THR B 101 -49.37 -28.74 14.29
CA THR B 101 -50.60 -27.97 14.39
C THR B 101 -50.50 -26.66 13.60
N GLY B 102 -49.59 -25.80 14.00
CA GLY B 102 -49.59 -24.42 13.54
C GLY B 102 -50.13 -23.50 14.62
N THR B 103 -49.65 -22.27 14.62
CA THR B 103 -49.93 -21.34 15.72
C THR B 103 -50.58 -20.04 15.30
N LEU B 104 -50.75 -19.77 14.01
CA LEU B 104 -51.46 -18.59 13.56
C LEU B 104 -52.86 -18.97 13.13
N SER B 105 -53.85 -18.32 13.70
CA SER B 105 -55.18 -18.39 13.14
C SER B 105 -55.12 -17.96 11.68
N ILE B 106 -56.14 -18.32 10.91
CA ILE B 106 -56.15 -17.92 9.51
C ILE B 106 -56.25 -16.41 9.41
N ALA B 107 -56.95 -15.78 10.34
CA ALA B 107 -56.99 -14.33 10.37
C ALA B 107 -55.60 -13.76 10.55
N GLN B 108 -54.77 -14.39 11.37
CA GLN B 108 -53.42 -13.88 11.58
C GLN B 108 -52.51 -14.19 10.40
N ARG B 109 -52.73 -15.31 9.72
CA ARG B 109 -52.00 -15.53 8.47
C ARG B 109 -52.34 -14.45 7.47
N ARG B 110 -53.61 -14.09 7.36
CA ARG B 110 -53.98 -12.96 6.52
C ARG B 110 -53.27 -11.71 6.96
N ASP B 111 -53.30 -11.42 8.27
CA ASP B 111 -52.65 -10.20 8.73
C ASP B 111 -51.18 -10.18 8.33
N ARG B 112 -50.49 -11.30 8.50
CA ARG B 112 -49.07 -11.33 8.19
C ARG B 112 -48.84 -11.09 6.70
N VAL B 113 -49.61 -11.76 5.85
CA VAL B 113 -49.37 -11.60 4.43
C VAL B 113 -49.75 -10.20 3.98
N ILE B 114 -50.79 -9.61 4.58
CA ILE B 114 -51.14 -8.23 4.22
C ILE B 114 -50.04 -7.27 4.62
N ALA B 115 -49.48 -7.43 5.83
CA ALA B 115 -48.39 -6.55 6.20
C ALA B 115 -47.24 -6.70 5.23
N TYR B 116 -46.92 -7.93 4.86
CA TYR B 116 -45.83 -8.14 3.93
C TYR B 116 -46.12 -7.51 2.58
N LEU B 117 -47.34 -7.63 2.08
CA LEU B 117 -47.64 -7.06 0.77
C LEU B 117 -47.69 -5.55 0.80
N LEU B 118 -48.16 -4.96 1.90
CA LEU B 118 -48.07 -3.51 2.01
C LEU B 118 -46.62 -3.06 1.92
N MET B 119 -45.74 -3.77 2.64
CA MET B 119 -44.33 -3.44 2.56
C MET B 119 -43.81 -3.63 1.15
N LYS B 120 -44.22 -4.71 0.49
CA LYS B 120 -43.74 -4.96 -0.86
C LYS B 120 -44.18 -3.87 -1.82
N HIS B 121 -45.41 -3.38 -1.68
CA HIS B 121 -45.87 -2.31 -2.53
C HIS B 121 -45.05 -1.05 -2.30
N ARG B 122 -44.92 -0.64 -1.03
CA ARG B 122 -44.12 0.53 -0.77
C ARG B 122 -42.74 0.38 -1.39
N ALA B 123 -42.16 -0.80 -1.25
CA ALA B 123 -40.81 -1.04 -1.76
C ALA B 123 -40.78 -1.03 -3.28
N MET B 124 -41.81 -1.55 -3.94
CA MET B 124 -41.78 -1.54 -5.39
C MET B 124 -41.94 -0.12 -5.93
N HIS B 125 -42.73 0.70 -5.25
CA HIS B 125 -42.80 2.09 -5.64
C HIS B 125 -41.46 2.77 -5.45
N GLU B 126 -40.81 2.52 -4.33
CA GLU B 126 -39.56 3.20 -4.09
C GLU B 126 -38.48 2.69 -5.05
N ASN B 127 -38.55 1.42 -5.44
CA ASN B 127 -37.68 0.92 -6.50
C ASN B 127 -37.95 1.63 -7.81
N THR B 128 -39.21 1.94 -8.11
CA THR B 128 -39.48 2.66 -9.35
C THR B 128 -38.92 4.07 -9.28
N TRP B 129 -39.01 4.71 -8.12
CA TRP B 129 -38.35 6.01 -7.98
C TRP B 129 -36.86 5.89 -8.27
N GLU B 130 -36.21 4.87 -7.70
CA GLU B 130 -34.79 4.68 -7.96
C GLU B 130 -34.53 4.45 -9.44
N TRP B 131 -35.32 3.61 -10.07
CA TRP B 131 -35.07 3.29 -11.47
C TRP B 131 -35.28 4.50 -12.37
N MET B 132 -36.29 5.31 -12.06
CA MET B 132 -36.50 6.53 -12.84
C MET B 132 -35.34 7.50 -12.63
N ALA B 133 -34.91 7.69 -11.39
CA ALA B 133 -33.78 8.56 -11.14
C ALA B 133 -32.55 8.08 -11.88
N ALA B 134 -32.31 6.77 -11.88
CA ALA B 134 -31.17 6.23 -12.60
C ALA B 134 -31.27 6.54 -14.07
N GLN B 135 -32.43 6.26 -14.68
CA GLN B 135 -32.56 6.52 -16.10
C GLN B 135 -32.37 7.99 -16.42
N ALA B 136 -32.97 8.87 -15.63
CA ALA B 136 -32.81 10.29 -15.87
C ALA B 136 -31.34 10.68 -15.81
N ALA B 137 -30.66 10.36 -14.71
CA ALA B 137 -29.29 10.81 -14.53
C ALA B 137 -28.38 10.25 -15.61
N GLN B 138 -28.53 8.98 -15.96
CA GLN B 138 -27.67 8.41 -16.99
C GLN B 138 -28.04 8.92 -18.37
N TYR B 139 -29.21 8.52 -18.86
CA TYR B 139 -29.50 8.69 -20.27
C TYR B 139 -30.04 10.06 -20.61
N GLY B 140 -30.46 10.85 -19.62
CA GLY B 140 -31.16 12.08 -19.89
C GLY B 140 -32.60 11.89 -20.29
N TYR B 141 -33.06 10.65 -20.39
CA TYR B 141 -34.43 10.36 -20.75
C TYR B 141 -34.81 9.01 -20.16
N VAL B 142 -36.09 8.81 -19.95
CA VAL B 142 -36.62 7.58 -19.35
C VAL B 142 -37.73 7.04 -20.22
N ASP B 143 -37.68 5.74 -20.52
CA ASP B 143 -38.73 5.08 -21.27
C ASP B 143 -39.71 4.46 -20.29
N VAL B 144 -40.79 5.18 -19.98
CA VAL B 144 -41.85 4.61 -19.17
C VAL B 144 -42.67 3.66 -20.02
N GLN B 145 -42.89 2.46 -19.52
CA GLN B 145 -43.42 1.38 -20.34
C GLN B 145 -44.22 0.42 -19.48
N GLY B 146 -44.94 -0.47 -20.16
CA GLY B 146 -45.57 -1.58 -19.50
C GLY B 146 -46.48 -2.30 -20.47
N GLN B 147 -47.17 -3.32 -19.96
CA GLN B 147 -48.29 -3.86 -20.72
C GLN B 147 -49.46 -2.91 -20.75
N ASP B 148 -49.54 -1.99 -19.79
CA ASP B 148 -50.67 -1.09 -19.65
C ASP B 148 -50.25 0.37 -19.76
N TYR B 149 -49.19 0.64 -20.49
CA TYR B 149 -48.73 2.01 -20.61
C TYR B 149 -47.97 2.15 -21.92
N PRO B 150 -48.50 2.89 -22.90
CA PRO B 150 -47.79 3.00 -24.17
C PRO B 150 -46.41 3.62 -23.98
N LEU B 151 -45.45 3.16 -24.77
CA LEU B 151 -44.08 3.62 -24.64
C LEU B 151 -44.01 5.13 -24.80
N VAL B 152 -43.65 5.85 -23.74
CA VAL B 152 -43.51 7.30 -23.77
C VAL B 152 -42.09 7.62 -23.34
N ARG B 153 -41.28 8.12 -24.26
CA ARG B 153 -39.89 8.44 -23.95
C ARG B 153 -39.85 9.86 -23.41
N VAL B 154 -39.77 9.98 -22.09
CA VAL B 154 -39.77 11.30 -21.48
C VAL B 154 -38.38 11.89 -21.60
N ASP B 155 -38.12 12.60 -22.69
CA ASP B 155 -36.79 13.15 -22.94
C ASP B 155 -36.65 14.45 -22.17
N PHE B 156 -35.74 14.46 -21.21
CA PHE B 156 -35.51 15.66 -20.42
C PHE B 156 -34.69 16.71 -21.16
N GLY B 157 -34.23 16.40 -22.36
CA GLY B 157 -33.52 17.39 -23.14
C GLY B 157 -32.09 17.62 -22.72
N ARG B 158 -31.33 16.56 -22.49
CA ARG B 158 -29.89 16.70 -22.35
C ARG B 158 -29.25 16.77 -23.71
N ASP B 159 -28.22 17.60 -23.82
CA ASP B 159 -27.55 17.78 -25.10
C ASP B 159 -27.02 16.45 -25.61
N ALA B 160 -27.25 16.17 -26.88
CA ALA B 160 -26.80 14.91 -27.46
C ALA B 160 -25.29 14.75 -27.40
N ALA B 161 -24.55 15.84 -27.25
CA ALA B 161 -23.09 15.74 -27.18
C ALA B 161 -22.61 15.10 -25.89
N LEU B 162 -23.42 15.12 -24.84
CA LEU B 162 -23.01 14.55 -23.55
C LEU B 162 -23.16 13.04 -23.49
N THR B 163 -23.73 12.40 -24.50
CA THR B 163 -23.80 10.94 -24.54
C THR B 163 -22.67 10.44 -25.44
N MET B 164 -21.49 10.37 -24.85
CA MET B 164 -20.25 10.16 -25.57
C MET B 164 -19.95 8.67 -25.72
N THR B 165 -19.10 8.35 -26.69
CA THR B 165 -18.60 7.01 -26.88
C THR B 165 -17.11 7.05 -27.16
N THR B 166 -16.34 6.31 -26.36
CA THR B 166 -14.93 6.07 -26.65
C THR B 166 -14.65 4.58 -26.50
N ASP B 167 -13.38 4.18 -26.52
CA ASP B 167 -13.03 2.77 -26.52
C ASP B 167 -11.78 2.59 -25.67
N TRP B 168 -11.96 2.05 -24.47
CA TRP B 168 -10.83 1.68 -23.63
C TRP B 168 -10.33 0.27 -23.89
N THR B 169 -10.95 -0.47 -24.79
CA THR B 169 -10.38 -1.75 -25.21
C THR B 169 -9.35 -1.59 -26.31
N ALA B 170 -9.31 -0.42 -26.96
CA ALA B 170 -8.35 -0.19 -28.02
C ALA B 170 -6.92 -0.18 -27.47
N ALA B 171 -5.99 -0.65 -28.29
CA ALA B 171 -4.60 -0.70 -27.90
C ALA B 171 -4.05 0.70 -27.66
N GLY B 172 -3.02 0.78 -26.84
CA GLY B 172 -2.33 2.04 -26.63
C GLY B 172 -2.97 2.98 -25.64
N VAL B 173 -4.06 2.57 -24.98
CA VAL B 173 -4.68 3.44 -23.99
C VAL B 173 -3.89 3.37 -22.69
N THR B 174 -3.64 4.51 -22.08
CA THR B 174 -3.06 4.57 -20.76
C THR B 174 -4.05 5.15 -19.77
N LEU B 175 -3.70 5.04 -18.50
CA LEU B 175 -4.53 5.64 -17.46
C LEU B 175 -4.82 7.09 -17.77
N MET B 176 -3.82 7.82 -18.25
CA MET B 176 -4.04 9.25 -18.47
C MET B 176 -4.90 9.50 -19.69
N ASP B 177 -4.89 8.59 -20.66
CA ASP B 177 -5.85 8.72 -21.76
C ASP B 177 -7.28 8.52 -21.25
N MET B 178 -7.48 7.52 -20.40
CA MET B 178 -8.83 7.31 -19.86
C MET B 178 -9.27 8.51 -19.04
N ILE B 179 -8.39 9.02 -18.18
CA ILE B 179 -8.73 10.21 -17.42
C ILE B 179 -8.91 11.40 -18.35
N ALA B 180 -8.26 11.39 -19.50
CA ALA B 180 -8.52 12.42 -20.49
C ALA B 180 -9.94 12.33 -21.01
N ASP B 181 -10.44 11.13 -21.23
CA ASP B 181 -11.82 10.98 -21.65
C ASP B 181 -12.76 11.55 -20.59
N LEU B 182 -12.47 11.27 -19.33
CA LEU B 182 -13.32 11.82 -18.28
C LEU B 182 -13.15 13.32 -18.17
N ARG B 183 -11.95 13.85 -18.43
CA ARG B 183 -11.77 15.29 -18.48
C ARG B 183 -12.64 15.89 -19.57
N ASP B 184 -12.68 15.25 -20.74
CA ASP B 184 -13.48 15.77 -21.84
C ASP B 184 -14.96 15.82 -21.45
N GLY B 185 -15.45 14.75 -20.85
CA GLY B 185 -16.82 14.77 -20.37
C GLY B 185 -17.05 15.90 -19.39
N GLN B 186 -16.12 16.08 -18.46
CA GLN B 186 -16.29 17.12 -17.45
C GLN B 186 -16.26 18.50 -18.09
N ARG B 187 -15.42 18.68 -19.09
CA ARG B 187 -15.37 19.94 -19.82
C ARG B 187 -16.69 20.23 -20.50
N LEU B 188 -17.20 19.27 -21.27
CA LEU B 188 -18.48 19.49 -21.93
C LEU B 188 -19.54 19.90 -20.92
N VAL B 189 -19.65 19.17 -19.82
CA VAL B 189 -20.68 19.50 -18.85
C VAL B 189 -20.46 20.89 -18.28
N SER B 190 -19.21 21.28 -18.10
CA SER B 190 -18.96 22.65 -17.64
C SER B 190 -19.43 23.67 -18.67
N ASP B 191 -19.27 23.36 -19.95
CA ASP B 191 -19.75 24.27 -20.99
C ASP B 191 -21.27 24.29 -21.05
N LYS B 192 -21.91 23.13 -20.96
CA LYS B 192 -23.32 23.01 -21.24
C LYS B 192 -24.18 23.32 -20.02
N SER B 193 -23.64 23.19 -18.82
CA SER B 193 -24.44 23.37 -17.63
C SER B 193 -24.98 24.79 -17.54
N MET B 194 -26.11 24.94 -16.88
CA MET B 194 -26.61 26.28 -16.57
C MET B 194 -25.81 26.92 -15.46
N SER B 195 -25.40 26.14 -14.46
CA SER B 195 -24.62 26.67 -13.36
C SER B 195 -23.11 26.53 -13.58
N GLY B 196 -22.70 26.03 -14.74
CA GLY B 196 -21.28 25.89 -15.01
C GLY B 196 -20.55 24.99 -14.04
N THR B 197 -21.27 24.14 -13.32
CA THR B 197 -20.69 23.40 -12.21
C THR B 197 -19.75 22.32 -12.73
N VAL B 198 -18.61 22.17 -12.05
CA VAL B 198 -17.66 21.11 -12.39
C VAL B 198 -18.13 19.80 -11.78
N ILE B 199 -18.13 18.75 -12.59
CA ILE B 199 -18.49 17.42 -12.09
C ILE B 199 -17.42 16.94 -11.12
N ARG B 200 -17.87 16.33 -10.02
CA ARG B 200 -16.97 15.67 -9.09
C ARG B 200 -17.17 14.17 -8.99
N ASP B 201 -18.40 13.67 -9.13
CA ASP B 201 -18.71 12.29 -8.84
C ASP B 201 -18.88 11.52 -10.14
N TYR B 202 -18.01 10.54 -10.36
CA TYR B 202 -18.13 9.64 -11.50
C TYR B 202 -18.61 8.30 -10.97
N ILE B 203 -19.59 7.71 -11.65
CA ILE B 203 -20.11 6.40 -11.28
C ILE B 203 -19.71 5.44 -12.40
N PHE B 204 -18.96 4.42 -12.07
CA PHE B 204 -18.49 3.45 -13.05
C PHE B 204 -19.39 2.23 -13.06
N GLY B 205 -19.75 1.76 -14.24
CA GLY B 205 -20.27 0.43 -14.37
C GLY B 205 -19.25 -0.61 -14.01
N GLY B 206 -19.71 -1.82 -13.72
CA GLY B 206 -18.80 -2.88 -13.35
C GLY B 206 -17.79 -3.18 -14.44
N ASP B 207 -18.27 -3.33 -15.69
CA ASP B 207 -17.35 -3.63 -16.77
C ASP B 207 -16.44 -2.44 -17.07
N ALA B 208 -16.98 -1.23 -16.93
CA ALA B 208 -16.13 -0.07 -17.13
C ALA B 208 -15.00 -0.04 -16.12
N TRP B 209 -15.31 -0.30 -14.85
CA TRP B 209 -14.26 -0.35 -13.85
C TRP B 209 -13.30 -1.50 -14.09
N ASP B 210 -13.79 -2.64 -14.52
CA ASP B 210 -12.89 -3.74 -14.82
C ASP B 210 -11.93 -3.37 -15.94
N GLN B 211 -12.43 -2.73 -16.99
CA GLN B 211 -11.54 -2.28 -18.06
C GLN B 211 -10.59 -1.21 -17.56
N PHE B 212 -11.09 -0.30 -16.75
CA PHE B 212 -10.26 0.77 -16.21
C PHE B 212 -9.10 0.21 -15.42
N VAL B 213 -9.35 -0.82 -14.62
CA VAL B 213 -8.26 -1.44 -13.87
C VAL B 213 -7.37 -2.24 -14.79
N LYS B 214 -7.95 -3.01 -15.72
CA LYS B 214 -7.13 -3.82 -16.59
C LYS B 214 -6.14 -2.96 -17.37
N VAL B 215 -6.50 -1.71 -17.64
CA VAL B 215 -5.63 -0.83 -18.41
C VAL B 215 -4.73 -0.01 -17.50
N GLY B 216 -5.30 0.74 -16.55
CA GLY B 216 -4.56 1.69 -15.75
C GLY B 216 -4.08 1.17 -14.41
N GLY B 217 -4.26 -0.10 -14.14
CA GLY B 217 -3.93 -0.63 -12.83
C GLY B 217 -2.45 -0.86 -12.62
N LYS B 218 -1.65 -0.35 -13.51
CA LYS B 218 -0.20 -0.35 -13.30
C LYS B 218 0.35 1.05 -13.29
N GLU B 219 -0.13 1.93 -14.14
CA GLU B 219 0.18 3.35 -13.97
C GLU B 219 -0.42 3.85 -12.67
N LEU B 220 -1.59 3.33 -12.30
CA LEU B 220 -2.09 3.47 -10.95
C LEU B 220 -1.51 2.37 -10.08
N TRP B 221 -1.32 2.68 -8.80
CA TRP B 221 -0.69 1.75 -7.86
C TRP B 221 0.66 1.27 -8.37
N GLY B 222 1.62 2.19 -8.38
CA GLY B 222 2.98 1.83 -8.72
C GLY B 222 3.86 3.05 -8.62
N LYS B 223 5.15 2.81 -8.52
CA LYS B 223 6.10 3.92 -8.52
C LYS B 223 5.86 4.76 -9.76
N ASP B 224 5.95 6.08 -9.58
CA ASP B 224 5.63 7.03 -10.64
C ASP B 224 4.12 7.14 -10.81
N GLY B 225 3.36 6.34 -10.07
CA GLY B 225 1.92 6.35 -10.19
C GLY B 225 1.28 7.54 -9.51
N LEU B 226 -0.01 7.72 -9.78
CA LEU B 226 -0.76 8.75 -9.08
C LEU B 226 -0.74 8.51 -7.58
N MET B 227 -0.54 7.28 -7.16
CA MET B 227 -0.75 6.90 -5.77
C MET B 227 0.52 7.00 -4.95
N ASP B 228 1.67 7.18 -5.59
CA ASP B 228 2.95 7.20 -4.90
C ASP B 228 3.07 8.44 -4.03
N SER B 229 3.39 8.25 -2.76
CA SER B 229 3.42 9.38 -1.84
C SER B 229 4.71 10.18 -1.92
N THR B 230 5.75 9.69 -2.61
CA THR B 230 6.99 10.45 -2.71
C THR B 230 6.88 11.59 -3.71
N ILE B 231 5.99 11.49 -4.70
CA ILE B 231 5.89 12.45 -5.78
C ILE B 231 4.78 13.43 -5.42
N ARG B 232 5.14 14.69 -5.24
CA ARG B 232 4.29 15.66 -4.55
C ARG B 232 3.23 16.30 -5.44
N GLY B 233 2.95 15.75 -6.61
CA GLY B 233 1.97 16.32 -7.52
C GLY B 233 0.57 15.77 -7.43
N SER B 234 0.17 15.11 -6.35
CA SER B 234 -1.09 14.38 -6.33
C SER B 234 -1.55 14.14 -4.90
N GLU B 235 -2.82 13.75 -4.78
CA GLU B 235 -3.36 13.28 -3.51
C GLU B 235 -4.40 12.18 -3.69
N THR B 236 -4.35 11.42 -4.78
CA THR B 236 -5.39 10.43 -5.02
C THR B 236 -5.42 9.44 -3.86
N ASN B 237 -6.50 8.65 -3.78
CA ASN B 237 -6.65 7.71 -2.68
C ASN B 237 -7.44 6.47 -3.09
N VAL B 238 -7.27 6.00 -4.32
CA VAL B 238 -8.08 4.89 -4.82
C VAL B 238 -7.62 3.59 -4.18
N THR B 239 -8.55 2.90 -3.52
CA THR B 239 -8.21 1.68 -2.79
C THR B 239 -7.88 0.55 -3.76
N ARG B 240 -6.81 -0.19 -3.45
CA ARG B 240 -6.44 -1.31 -4.30
C ARG B 240 -7.26 -2.56 -4.00
N LEU B 241 -8.03 -2.57 -2.93
CA LEU B 241 -8.82 -3.73 -2.55
C LEU B 241 -10.28 -3.33 -2.38
N TRP B 242 -11.17 -4.07 -3.02
CA TRP B 242 -12.58 -3.77 -2.95
C TRP B 242 -13.34 -5.08 -3.00
N ASP B 243 -14.57 -5.04 -2.50
CA ASP B 243 -15.41 -6.23 -2.42
C ASP B 243 -15.97 -6.60 -3.78
N ASP B 244 -16.09 -7.90 -4.03
CA ASP B 244 -16.84 -8.39 -5.20
C ASP B 244 -18.28 -8.58 -4.75
N VAL B 245 -19.10 -7.57 -4.99
CA VAL B 245 -20.43 -7.49 -4.39
C VAL B 245 -21.38 -6.84 -5.38
N GLU B 246 -22.64 -7.23 -5.31
CA GLU B 246 -23.73 -6.50 -5.94
C GLU B 246 -24.07 -5.30 -5.06
N GLY B 247 -23.64 -4.11 -5.48
CA GLY B 247 -23.89 -2.92 -4.68
C GLY B 247 -23.17 -1.73 -5.27
N VAL B 248 -22.89 -0.76 -4.41
CA VAL B 248 -22.24 0.49 -4.79
C VAL B 248 -21.07 0.72 -3.85
N GLN B 249 -19.91 1.01 -4.40
CA GLN B 249 -18.69 1.15 -3.61
C GLN B 249 -18.01 2.46 -3.93
N TYR B 250 -17.66 3.20 -2.90
CA TYR B 250 -16.84 4.39 -3.04
C TYR B 250 -15.38 3.98 -3.11
N MET B 251 -14.81 3.99 -4.30
CA MET B 251 -13.44 3.55 -4.50
C MET B 251 -12.43 4.59 -4.07
N GLY B 252 -12.86 5.79 -3.71
CA GLY B 252 -11.95 6.86 -3.38
C GLY B 252 -11.94 7.94 -4.43
N GLU B 253 -10.84 8.68 -4.46
CA GLU B 253 -10.78 9.98 -5.10
C GLU B 253 -9.51 10.13 -5.92
N LEU B 254 -9.66 10.62 -7.14
CA LEU B 254 -8.54 11.17 -7.89
C LEU B 254 -8.48 12.66 -7.58
N VAL B 255 -7.28 13.21 -7.45
CA VAL B 255 -7.16 14.62 -7.11
C VAL B 255 -5.73 15.11 -7.34
N GLY B 256 -5.58 16.38 -7.72
CA GLY B 256 -4.29 17.01 -7.82
C GLY B 256 -3.89 17.70 -6.53
N ALA B 257 -2.65 18.19 -6.51
CA ALA B 257 -2.05 18.62 -5.25
C ALA B 257 -2.83 19.73 -4.58
N ASN B 258 -3.27 20.74 -5.33
CA ASN B 258 -3.92 21.90 -4.73
C ASN B 258 -5.40 21.66 -4.48
N GLY B 259 -5.84 20.41 -4.52
CA GLY B 259 -7.25 20.09 -4.55
C GLY B 259 -7.85 20.13 -5.93
N ALA B 260 -7.07 20.49 -6.94
CA ALA B 260 -7.60 20.61 -8.29
C ALA B 260 -7.94 19.25 -8.86
N GLY B 261 -8.95 19.23 -9.71
CA GLY B 261 -9.27 18.04 -10.48
C GLY B 261 -9.76 16.87 -9.69
N ARG B 262 -10.27 17.09 -8.48
CA ARG B 262 -10.69 15.97 -7.66
C ARG B 262 -11.90 15.29 -8.29
N MET B 263 -11.83 13.97 -8.41
CA MET B 263 -12.85 13.21 -9.13
C MET B 263 -13.18 11.98 -8.30
N ARG B 264 -14.23 12.07 -7.49
CA ARG B 264 -14.63 10.92 -6.69
C ARG B 264 -15.05 9.79 -7.60
N ILE B 265 -14.67 8.57 -7.25
CA ILE B 265 -14.97 7.38 -8.03
C ILE B 265 -15.98 6.55 -7.25
N TRP B 266 -17.04 6.14 -7.94
CA TRP B 266 -17.97 5.15 -7.44
C TRP B 266 -18.05 4.03 -8.46
N VAL B 267 -18.15 2.79 -8.00
CA VAL B 267 -18.47 1.67 -8.87
C VAL B 267 -19.83 1.14 -8.44
N ASN B 268 -20.73 1.03 -9.41
CA ASN B 268 -22.12 0.65 -9.15
C ASN B 268 -22.44 -0.61 -9.95
N THR B 269 -22.74 -1.68 -9.24
CA THR B 269 -23.07 -2.96 -9.86
C THR B 269 -24.49 -3.39 -9.54
N GLN B 270 -25.30 -2.50 -8.95
CA GLN B 270 -26.64 -2.88 -8.52
C GLN B 270 -27.39 -3.56 -9.64
N LYS B 271 -28.26 -4.48 -9.26
CA LYS B 271 -29.16 -5.16 -10.18
C LYS B 271 -30.58 -4.99 -9.68
N TYR B 272 -31.49 -4.73 -10.61
CA TYR B 272 -32.90 -4.64 -10.33
C TYR B 272 -33.63 -5.67 -11.19
N ARG B 273 -34.81 -6.05 -10.75
CA ARG B 273 -35.64 -6.96 -11.54
C ARG B 273 -36.46 -6.17 -12.54
N ASP B 274 -36.37 -6.55 -13.80
CA ASP B 274 -36.94 -5.78 -14.89
C ASP B 274 -38.44 -6.03 -14.99
N GLN B 275 -39.12 -5.20 -15.78
CA GLN B 275 -40.54 -5.41 -16.01
C GLN B 275 -40.81 -6.82 -16.51
N ASN B 276 -39.99 -7.31 -17.41
CA ASN B 276 -40.16 -8.66 -17.92
C ASN B 276 -39.71 -9.72 -16.92
N ASP B 277 -39.36 -9.30 -15.71
CA ASP B 277 -38.86 -10.21 -14.68
C ASP B 277 -37.49 -10.77 -15.08
N GLN B 278 -36.65 -9.90 -15.63
CA GLN B 278 -35.25 -10.17 -15.85
C GLN B 278 -34.45 -9.32 -14.89
N GLU B 279 -33.32 -9.85 -14.43
CA GLU B 279 -32.42 -9.12 -13.57
C GLU B 279 -31.46 -8.33 -14.44
N GLN B 280 -31.47 -7.01 -14.30
CA GLN B 280 -30.67 -6.15 -15.15
C GLN B 280 -30.03 -5.08 -14.29
N PHE B 281 -28.87 -4.60 -14.74
CA PHE B 281 -28.09 -3.68 -13.94
C PHE B 281 -28.73 -2.31 -13.92
N LEU B 282 -28.78 -1.73 -12.72
CA LEU B 282 -29.30 -0.38 -12.58
C LEU B 282 -28.45 0.62 -13.33
N MET B 283 -27.14 0.42 -13.35
CA MET B 283 -26.20 1.28 -14.04
C MET B 283 -25.69 0.60 -15.29
N LYS B 284 -25.65 1.33 -16.40
CA LYS B 284 -25.08 0.77 -17.62
C LYS B 284 -23.66 0.32 -17.34
N GLN B 285 -23.42 -0.99 -17.44
CA GLN B 285 -22.18 -1.54 -16.91
C GLN B 285 -20.97 -1.13 -17.72
N LYS B 286 -21.10 -1.02 -19.04
CA LYS B 286 -19.95 -0.71 -19.88
C LYS B 286 -19.75 0.79 -20.04
N ALA B 287 -20.16 1.60 -19.07
CA ALA B 287 -20.14 3.04 -19.24
C ALA B 287 -19.82 3.71 -17.92
N VAL B 288 -19.41 4.97 -18.03
CA VAL B 288 -19.14 5.83 -16.90
C VAL B 288 -20.09 7.01 -16.96
N MET B 289 -20.70 7.35 -15.83
CA MET B 289 -21.56 8.51 -15.73
C MET B 289 -20.95 9.49 -14.76
N GLY B 290 -20.83 10.74 -15.17
CA GLY B 290 -20.48 11.83 -14.28
C GLY B 290 -21.75 12.59 -13.94
N ILE B 291 -21.79 13.17 -12.75
CA ILE B 291 -22.98 13.87 -12.29
C ILE B 291 -22.61 14.73 -11.11
N SER B 292 -23.45 15.72 -10.83
CA SER B 292 -23.23 16.61 -9.71
C SER B 292 -24.56 17.07 -9.17
N SER B 293 -24.55 17.56 -7.93
CA SER B 293 -25.77 18.06 -7.32
C SER B 293 -26.34 19.23 -8.09
N ALA B 294 -25.55 19.85 -8.96
CA ALA B 294 -26.06 20.90 -9.83
C ALA B 294 -27.04 20.37 -10.86
N ILE B 295 -27.26 19.05 -10.93
CA ILE B 295 -28.37 18.54 -11.71
C ILE B 295 -29.69 19.01 -11.11
N GLU B 296 -29.70 19.34 -9.83
CA GLU B 296 -30.84 19.98 -9.19
C GLU B 296 -32.10 19.16 -9.47
N GLY B 297 -31.99 17.85 -9.27
CA GLY B 297 -33.13 16.97 -9.55
C GLY B 297 -34.31 17.30 -8.66
N VAL B 298 -35.50 17.10 -9.20
CA VAL B 298 -36.76 17.28 -8.48
C VAL B 298 -37.52 15.97 -8.54
N ARG B 299 -37.95 15.46 -7.39
CA ARG B 299 -38.82 14.29 -7.37
C ARG B 299 -40.25 14.78 -7.52
N CYS B 300 -40.87 14.47 -8.65
CA CYS B 300 -42.13 15.06 -9.08
C CYS B 300 -43.24 14.02 -8.97
N PHE B 301 -44.26 14.33 -8.18
CA PHE B 301 -45.38 13.42 -7.96
C PHE B 301 -46.68 14.12 -8.34
N GLY B 302 -47.40 13.55 -9.29
CA GLY B 302 -48.65 14.11 -9.76
C GLY B 302 -49.81 13.78 -8.84
N ALA B 303 -51.00 14.15 -9.31
CA ALA B 303 -52.22 13.83 -8.58
C ALA B 303 -52.56 12.35 -8.71
N ILE B 304 -53.01 11.75 -7.61
CA ILE B 304 -53.51 10.38 -7.65
C ILE B 304 -54.91 10.42 -8.24
N LEU B 305 -55.14 9.67 -9.31
CA LEU B 305 -56.45 9.65 -9.95
C LEU B 305 -57.33 8.59 -9.26
N ASP B 306 -57.65 8.87 -8.00
CA ASP B 306 -58.49 7.96 -7.24
C ASP B 306 -59.31 8.73 -6.22
N LYS B 307 -60.56 8.29 -6.06
CA LYS B 307 -61.42 8.88 -5.05
C LYS B 307 -60.82 8.74 -3.65
N GLY B 308 -60.18 7.61 -3.39
CA GLY B 308 -59.33 7.55 -2.21
C GLY B 308 -58.26 8.62 -2.30
N ALA B 309 -57.87 9.12 -1.15
CA ALA B 309 -56.92 10.21 -1.07
C ALA B 309 -57.43 11.49 -1.73
N GLY B 310 -58.73 11.55 -2.01
CA GLY B 310 -59.31 12.80 -2.51
C GLY B 310 -58.59 13.35 -3.72
N TYR B 311 -58.15 12.49 -4.63
CA TYR B 311 -57.37 12.93 -5.78
C TYR B 311 -56.17 13.75 -5.38
N GLN B 312 -55.77 13.64 -4.12
CA GLN B 312 -54.62 14.38 -3.64
C GLN B 312 -53.36 13.88 -4.33
N ALA B 313 -52.30 14.68 -4.26
CA ALA B 313 -51.02 14.31 -4.83
C ALA B 313 -50.14 13.72 -3.74
N LEU B 314 -49.67 12.51 -3.95
CA LEU B 314 -48.97 11.75 -2.92
C LEU B 314 -47.87 10.92 -3.54
N ASP B 315 -46.88 10.58 -2.74
CA ASP B 315 -45.80 9.72 -3.23
C ASP B 315 -46.36 8.38 -3.67
N TYR B 316 -47.11 7.72 -2.79
CA TYR B 316 -47.82 6.51 -3.14
C TYR B 316 -49.01 6.38 -2.20
N PHE B 317 -50.04 5.69 -2.65
CA PHE B 317 -51.30 5.58 -1.90
C PHE B 317 -51.79 4.16 -1.90
N PRO B 318 -51.80 3.48 -0.76
CA PRO B 318 -52.23 2.08 -0.74
C PRO B 318 -53.71 1.93 -0.45
N LYS B 319 -54.37 1.06 -1.20
CA LYS B 319 -55.82 0.93 -1.17
C LYS B 319 -56.19 -0.53 -1.15
N MET B 320 -57.24 -0.87 -0.41
CA MET B 320 -57.57 -2.27 -0.15
C MET B 320 -59.07 -2.44 -0.07
N TRP B 321 -59.58 -3.48 -0.70
CA TRP B 321 -61.02 -3.76 -0.70
C TRP B 321 -61.21 -5.22 -1.06
N ASP B 322 -62.43 -5.71 -0.86
CA ASP B 322 -62.71 -7.13 -0.96
C ASP B 322 -64.00 -7.38 -1.70
N GLN B 323 -64.04 -8.49 -2.42
CA GLN B 323 -65.27 -9.08 -2.90
C GLN B 323 -65.94 -9.82 -1.74
N GLU B 324 -67.21 -10.18 -1.93
CA GLU B 324 -67.96 -10.87 -0.88
C GLU B 324 -68.18 -12.35 -1.14
N ASP B 325 -68.22 -12.79 -2.38
CA ASP B 325 -68.38 -14.22 -2.64
C ASP B 325 -67.81 -14.58 -3.99
N PRO B 326 -66.70 -15.33 -4.07
CA PRO B 326 -65.83 -15.78 -2.98
C PRO B 326 -65.22 -14.57 -2.30
N SER B 327 -64.73 -14.66 -1.07
CA SER B 327 -64.25 -13.45 -0.40
C SER B 327 -62.79 -13.16 -0.74
N VAL B 328 -62.47 -13.08 -2.03
CA VAL B 328 -61.13 -12.66 -2.44
C VAL B 328 -60.96 -11.18 -2.10
N GLU B 329 -59.75 -10.81 -1.72
CA GLU B 329 -59.45 -9.46 -1.26
C GLU B 329 -58.36 -8.87 -2.13
N TYR B 330 -58.47 -7.57 -2.43
CA TYR B 330 -57.55 -6.87 -3.32
C TYR B 330 -56.77 -5.82 -2.55
N LEU B 331 -55.49 -5.71 -2.88
CA LEU B 331 -54.62 -4.67 -2.34
C LEU B 331 -53.91 -3.99 -3.50
N MET B 332 -54.08 -2.68 -3.62
CA MET B 332 -53.50 -1.91 -4.71
C MET B 332 -52.85 -0.65 -4.18
N SER B 333 -51.83 -0.19 -4.88
CA SER B 333 -51.11 1.03 -4.55
C SER B 333 -51.09 1.95 -5.76
N GLN B 334 -51.29 3.23 -5.53
CA GLN B 334 -51.31 4.23 -6.58
C GLN B 334 -50.11 5.13 -6.42
N GLY B 335 -49.53 5.55 -7.54
CA GLY B 335 -48.44 6.50 -7.52
C GLY B 335 -48.29 7.16 -8.87
N ALA B 336 -47.91 8.43 -8.85
CA ALA B 336 -47.67 9.21 -10.07
C ALA B 336 -46.26 9.80 -10.05
N PRO B 337 -45.24 8.96 -10.22
CA PRO B 337 -43.87 9.43 -10.08
C PRO B 337 -43.30 9.95 -11.39
N LEU B 338 -42.43 10.94 -11.27
CA LEU B 338 -41.48 11.26 -12.31
C LEU B 338 -40.27 11.89 -11.64
N MET B 339 -39.10 11.57 -12.14
CA MET B 339 -37.85 11.99 -11.54
C MET B 339 -37.16 12.89 -12.54
N VAL B 340 -37.14 14.19 -12.24
CA VAL B 340 -36.86 15.24 -13.22
C VAL B 340 -35.48 15.81 -12.92
N PRO B 341 -34.52 15.67 -13.81
CA PRO B 341 -33.29 16.44 -13.70
C PRO B 341 -33.56 17.86 -14.17
N ALA B 342 -33.64 18.78 -13.22
CA ALA B 342 -33.96 20.15 -13.59
C ALA B 342 -33.01 20.66 -14.65
N ASP B 343 -31.72 20.33 -14.52
CA ASP B 343 -30.71 20.70 -15.51
C ASP B 343 -30.17 19.42 -16.13
N PRO B 344 -30.69 18.98 -17.27
CA PRO B 344 -30.23 17.71 -17.83
C PRO B 344 -28.76 17.68 -18.15
N ASN B 345 -28.14 18.85 -18.35
CA ASN B 345 -26.76 18.89 -18.82
C ASN B 345 -25.73 18.84 -17.71
N ALA B 346 -26.13 18.78 -16.45
CA ALA B 346 -25.19 18.66 -15.34
C ALA B 346 -24.69 17.24 -15.14
N SER B 347 -24.83 16.38 -16.13
CA SER B 347 -24.35 15.00 -16.07
C SER B 347 -23.91 14.59 -17.46
N PHE B 348 -23.16 13.50 -17.54
CA PHE B 348 -22.82 12.94 -18.84
C PHE B 348 -22.71 11.43 -18.71
N LEU B 349 -22.79 10.75 -19.83
CA LEU B 349 -22.64 9.31 -19.90
C LEU B 349 -21.58 8.99 -20.94
N LEU B 350 -20.58 8.23 -20.55
CA LEU B 350 -19.49 7.85 -21.43
C LEU B 350 -19.47 6.34 -21.56
N THR B 351 -19.83 5.84 -22.74
CA THR B 351 -19.68 4.42 -23.04
C THR B 351 -18.22 4.16 -23.39
N VAL B 352 -17.64 3.14 -22.78
CA VAL B 352 -16.21 2.92 -22.84
C VAL B 352 -15.84 1.56 -23.39
N MET B 353 -16.81 0.73 -23.74
CA MET B 353 -16.49 -0.56 -24.35
C MET B 353 -17.54 -0.88 -25.41
N SER B 354 -17.13 -1.69 -26.37
CA SER B 354 -18.05 -2.17 -27.39
C SER B 354 -18.69 -3.46 -26.91
N ALA C 2 21.03 -42.80 52.89
CA ALA C 2 21.67 -43.86 52.12
C ALA C 2 21.65 -45.17 52.89
N GLY C 3 22.17 -46.22 52.26
CA GLY C 3 22.21 -47.53 52.88
C GLY C 3 20.92 -48.31 52.74
N LEU C 4 19.91 -47.96 53.55
CA LEU C 4 18.59 -48.56 53.34
C LEU C 4 17.95 -48.01 52.09
N TYR C 5 17.94 -46.70 51.94
CA TYR C 5 17.24 -46.07 50.83
C TYR C 5 17.83 -44.70 50.58
N THR C 6 17.88 -44.32 49.31
CA THR C 6 18.38 -43.00 48.95
C THR C 6 17.37 -41.95 49.39
N THR C 7 17.79 -41.01 50.22
CA THR C 7 16.90 -39.92 50.58
C THR C 7 16.66 -39.05 49.37
N TYR C 8 15.58 -38.28 49.41
CA TYR C 8 15.20 -37.44 48.28
C TYR C 8 14.67 -36.11 48.78
N GLN C 9 14.85 -35.08 47.95
CA GLN C 9 14.03 -33.89 48.00
C GLN C 9 13.06 -33.90 46.84
N LEU C 10 11.78 -33.75 47.14
CA LEU C 10 10.81 -33.51 46.09
C LEU C 10 10.75 -32.03 45.76
N LEU C 11 10.99 -31.71 44.51
CA LEU C 11 10.72 -30.40 43.97
C LEU C 11 9.40 -30.43 43.20
N GLU C 12 8.84 -29.26 42.97
CA GLU C 12 7.40 -29.18 42.70
C GLU C 12 7.04 -29.91 41.42
N VAL C 13 5.81 -30.43 41.41
CA VAL C 13 5.32 -31.22 40.30
C VAL C 13 5.16 -30.36 39.05
N GLN C 14 5.36 -30.98 37.88
CA GLN C 14 5.32 -30.30 36.59
C GLN C 14 4.08 -30.74 35.81
N ARG C 15 2.95 -30.09 36.08
CA ARG C 15 1.68 -30.46 35.45
C ARG C 15 1.52 -29.75 34.11
N LYS C 16 1.54 -30.53 33.04
CA LYS C 16 1.19 -30.05 31.69
C LYS C 16 -0.24 -30.47 31.39
N LEU C 17 -1.17 -29.53 31.46
CA LEU C 17 -2.57 -29.80 31.15
C LEU C 17 -2.86 -29.26 29.75
N LYS C 18 -2.89 -30.16 28.78
CA LYS C 18 -3.05 -29.77 27.38
C LYS C 18 -4.53 -29.72 27.03
N THR C 19 -4.94 -28.67 26.33
CA THR C 19 -6.34 -28.41 26.06
C THR C 19 -6.53 -27.96 24.62
N LEU C 20 -7.77 -28.02 24.18
CA LEU C 20 -8.16 -27.55 22.86
C LEU C 20 -9.05 -26.32 23.02
N PRO C 21 -8.49 -25.12 22.99
CA PRO C 21 -9.29 -23.93 23.26
C PRO C 21 -10.31 -23.66 22.17
N ALA C 22 -11.41 -23.02 22.56
CA ALA C 22 -12.53 -22.84 21.64
C ALA C 22 -12.23 -21.76 20.61
N PHE C 23 -12.30 -22.13 19.34
CA PHE C 23 -12.21 -21.14 18.27
C PHE C 23 -13.44 -21.11 17.39
N PHE C 24 -13.85 -22.24 16.84
CA PHE C 24 -14.96 -22.20 15.91
C PHE C 24 -16.27 -21.88 16.62
N LEU C 25 -16.37 -22.20 17.90
CA LEU C 25 -17.62 -21.94 18.60
C LEU C 25 -17.92 -20.45 18.75
N GLN C 26 -17.03 -19.57 18.28
CA GLN C 26 -17.36 -18.15 18.32
C GLN C 26 -18.37 -17.77 17.25
N TRP C 27 -18.52 -18.57 16.20
CA TRP C 27 -19.56 -18.37 15.21
C TRP C 27 -20.81 -19.20 15.47
N PHE C 28 -20.91 -19.86 16.62
CA PHE C 28 -22.12 -20.55 17.04
C PHE C 28 -22.50 -20.07 18.43
N PRO C 29 -22.89 -18.82 18.56
CA PRO C 29 -23.17 -18.27 19.88
C PRO C 29 -24.56 -18.63 20.40
N ARG C 30 -25.50 -18.83 19.50
CA ARG C 30 -26.87 -19.15 19.88
C ARG C 30 -27.00 -20.61 20.32
N GLN C 31 -27.66 -20.82 21.44
CA GLN C 31 -27.86 -22.14 22.01
C GLN C 31 -29.33 -22.46 22.09
N ILE C 32 -29.70 -23.67 21.69
CA ILE C 32 -31.07 -24.16 21.81
C ILE C 32 -31.05 -25.52 22.48
N ASN C 33 -31.75 -25.63 23.60
CA ASN C 33 -31.99 -26.90 24.26
C ASN C 33 -33.42 -27.31 23.94
N PHE C 34 -33.58 -28.46 23.30
CA PHE C 34 -34.87 -28.86 22.77
C PHE C 34 -35.06 -30.35 22.97
N GLN C 35 -36.27 -30.73 23.36
CA GLN C 35 -36.58 -32.13 23.59
C GLN C 35 -37.27 -32.78 22.39
N GLU C 36 -37.72 -31.99 21.42
CA GLU C 36 -38.39 -32.56 20.27
C GLU C 36 -37.43 -33.41 19.45
N ASP C 37 -38.00 -34.21 18.55
CA ASP C 37 -37.20 -35.17 17.80
C ASP C 37 -36.22 -34.47 16.87
N MET C 38 -36.64 -33.40 16.20
CA MET C 38 -35.81 -32.77 15.18
C MET C 38 -35.93 -31.27 15.26
N ILE C 39 -34.92 -30.60 14.79
CA ILE C 39 -34.92 -29.15 14.60
C ILE C 39 -35.27 -28.83 13.15
N ALA C 40 -35.88 -27.66 12.94
CA ALA C 40 -36.42 -27.33 11.64
C ALA C 40 -36.19 -25.86 11.33
N PHE C 41 -35.86 -25.57 10.07
CA PHE C 41 -35.68 -24.23 9.56
C PHE C 41 -36.66 -23.95 8.43
N ASP C 42 -37.13 -22.71 8.40
CA ASP C 42 -37.89 -22.18 7.28
C ASP C 42 -37.13 -20.99 6.71
N LYS C 43 -36.67 -21.11 5.47
CA LYS C 43 -35.85 -20.08 4.85
C LYS C 43 -36.60 -19.48 3.67
N VAL C 44 -36.65 -18.15 3.64
CA VAL C 44 -37.52 -17.40 2.75
C VAL C 44 -36.68 -16.46 1.90
N ILE C 45 -36.90 -16.49 0.60
CA ILE C 45 -36.29 -15.54 -0.32
C ILE C 45 -37.36 -14.55 -0.76
N GLN C 46 -37.03 -13.26 -0.71
CA GLN C 46 -37.99 -12.20 -1.00
C GLN C 46 -37.36 -11.18 -1.95
N ASP C 47 -37.62 -11.37 -3.25
CA ASP C 47 -37.05 -10.53 -4.30
C ASP C 47 -37.83 -9.22 -4.39
N VAL C 48 -37.59 -8.32 -3.44
CA VAL C 48 -38.30 -7.04 -3.39
C VAL C 48 -37.60 -6.02 -4.27
N THR C 49 -36.66 -6.46 -5.10
CA THR C 49 -35.88 -5.56 -5.93
C THR C 49 -36.57 -5.20 -7.24
N ARG C 50 -37.83 -5.56 -7.42
CA ARG C 50 -38.47 -5.35 -8.70
C ARG C 50 -39.04 -3.95 -8.84
N VAL C 51 -39.12 -3.48 -10.07
CA VAL C 51 -39.67 -2.17 -10.37
C VAL C 51 -41.17 -2.29 -10.62
N ALA C 52 -41.93 -1.32 -10.10
CA ALA C 52 -43.38 -1.38 -10.19
C ALA C 52 -43.83 -1.18 -11.64
N PRO C 53 -44.98 -1.72 -12.00
CA PRO C 53 -45.46 -1.56 -13.38
C PRO C 53 -46.04 -0.17 -13.61
N PHE C 54 -45.65 0.45 -14.72
CA PHE C 54 -46.37 1.63 -15.13
C PHE C 54 -47.70 1.22 -15.75
N VAL C 55 -48.75 1.92 -15.34
CA VAL C 55 -50.11 1.61 -15.73
C VAL C 55 -50.85 2.91 -15.92
N ALA C 56 -51.45 3.08 -17.09
CA ALA C 56 -52.16 4.32 -17.36
C ALA C 56 -53.21 4.56 -16.29
N PRO C 57 -53.41 5.80 -15.85
CA PRO C 57 -54.30 6.04 -14.71
C PRO C 57 -55.67 5.44 -14.88
N ASN C 58 -56.11 5.20 -16.12
CA ASN C 58 -57.48 4.75 -16.35
C ASN C 58 -57.69 3.32 -15.92
N VAL C 59 -56.72 2.45 -16.20
CA VAL C 59 -56.96 1.03 -16.20
C VAL C 59 -56.57 0.45 -14.84
N GLN C 60 -56.91 -0.82 -14.64
CA GLN C 60 -57.11 -1.41 -13.32
C GLN C 60 -55.83 -1.65 -12.53
N GLY C 61 -54.69 -1.79 -13.19
CA GLY C 61 -53.48 -2.23 -12.51
C GLY C 61 -53.22 -3.71 -12.73
N ARG C 62 -52.02 -4.12 -12.35
CA ARG C 62 -51.55 -5.47 -12.67
C ARG C 62 -51.24 -6.22 -11.39
N VAL C 63 -51.42 -7.53 -11.45
CA VAL C 63 -51.35 -8.39 -10.27
C VAL C 63 -49.99 -9.07 -10.22
N ILE C 64 -49.42 -9.12 -9.02
CA ILE C 64 -48.02 -9.45 -8.82
C ILE C 64 -47.94 -10.79 -8.09
N LYS C 65 -47.10 -11.69 -8.59
CA LYS C 65 -46.90 -12.97 -7.93
C LYS C 65 -45.93 -12.82 -6.76
N GLU C 66 -45.94 -13.82 -5.87
CA GLU C 66 -45.07 -13.82 -4.71
C GLU C 66 -44.48 -15.21 -4.48
N SER C 67 -43.52 -15.28 -3.56
CA SER C 67 -42.59 -16.40 -3.46
C SER C 67 -43.04 -17.44 -2.42
N GLY C 68 -42.33 -18.57 -2.43
CA GLY C 68 -42.61 -19.69 -1.55
C GLY C 68 -41.62 -19.81 -0.40
N TYR C 69 -41.65 -20.98 0.24
CA TYR C 69 -40.75 -21.27 1.36
C TYR C 69 -40.06 -22.60 1.11
N ASN C 70 -38.92 -22.78 1.75
CA ASN C 70 -38.20 -24.05 1.75
C ASN C 70 -37.74 -24.35 3.17
N THR C 71 -37.63 -25.64 3.50
CA THR C 71 -37.49 -26.05 4.88
C THR C 71 -36.42 -27.13 5.03
N LYS C 72 -35.72 -27.08 6.16
CA LYS C 72 -34.65 -28.02 6.47
C LYS C 72 -34.80 -28.49 7.91
N THR C 73 -34.39 -29.72 8.19
CA THR C 73 -34.53 -30.30 9.52
C THR C 73 -33.35 -31.21 9.84
N PHE C 74 -33.03 -31.30 11.14
CA PHE C 74 -31.83 -32.00 11.59
C PHE C 74 -32.08 -32.74 12.90
N LYS C 75 -31.53 -33.98 12.98
CA LYS C 75 -31.45 -34.75 14.22
C LYS C 75 -30.05 -34.62 14.83
N PRO C 76 -29.93 -34.39 16.13
CA PRO C 76 -28.61 -34.22 16.74
C PRO C 76 -27.92 -35.56 17.03
N ALA C 77 -26.64 -35.46 17.37
CA ALA C 77 -25.80 -36.60 17.70
C ALA C 77 -25.75 -36.82 19.22
N TYR C 78 -25.17 -37.95 19.64
CA TYR C 78 -25.21 -38.34 21.05
C TYR C 78 -23.86 -38.86 21.50
N VAL C 79 -23.51 -38.55 22.75
CA VAL C 79 -22.14 -38.69 23.27
C VAL C 79 -22.20 -39.27 24.67
N LYS C 80 -21.40 -40.32 24.93
CA LYS C 80 -21.41 -41.03 26.22
C LYS C 80 -20.03 -41.48 26.63
N PRO C 81 -19.18 -40.56 27.09
CA PRO C 81 -17.92 -40.98 27.72
C PRO C 81 -18.15 -41.38 29.17
N LYS C 82 -17.47 -42.43 29.60
CA LYS C 82 -17.53 -42.80 31.02
C LYS C 82 -16.24 -43.49 31.45
N HIS C 83 -16.03 -43.52 32.77
CA HIS C 83 -14.89 -44.16 33.40
C HIS C 83 -15.37 -45.12 34.48
N VAL C 84 -14.59 -46.17 34.70
CA VAL C 84 -14.75 -47.04 35.85
C VAL C 84 -13.59 -46.76 36.80
N ILE C 85 -13.91 -46.48 38.06
CA ILE C 85 -12.91 -46.03 39.01
C ILE C 85 -12.59 -47.09 40.04
N ASP C 86 -11.58 -47.90 39.76
CA ASP C 86 -11.21 -48.98 40.64
C ASP C 86 -10.40 -48.49 41.83
N PRO C 87 -10.31 -49.30 42.88
CA PRO C 87 -9.22 -49.10 43.84
C PRO C 87 -7.87 -49.13 43.15
N ASN C 88 -7.74 -49.90 42.06
CA ASN C 88 -6.50 -49.88 41.29
C ASN C 88 -6.11 -48.47 40.87
N MET C 89 -7.09 -47.61 40.67
CA MET C 89 -6.78 -46.29 40.19
C MET C 89 -6.75 -45.27 41.29
N ILE C 90 -7.30 -45.60 42.43
CA ILE C 90 -7.36 -44.63 43.50
C ILE C 90 -6.21 -44.82 44.48
N ILE C 91 -5.94 -46.07 44.87
CA ILE C 91 -4.86 -46.35 45.80
C ILE C 91 -3.53 -45.75 45.36
N PRO C 92 -3.07 -46.07 44.14
CA PRO C 92 -1.78 -45.56 43.69
C PRO C 92 -1.51 -44.10 44.01
N ARG C 93 -0.24 -43.74 44.11
CA ARG C 93 0.14 -42.39 44.53
C ARG C 93 -0.15 -41.29 43.53
N GLN C 94 -0.15 -40.06 44.00
CA GLN C 94 -0.37 -38.92 43.15
C GLN C 94 0.83 -38.03 43.35
N PRO C 95 1.54 -37.65 42.30
CA PRO C 95 2.78 -36.88 42.39
C PRO C 95 2.83 -36.00 43.63
N GLY C 96 1.70 -35.38 43.97
CA GLY C 96 1.64 -34.52 45.14
C GLY C 96 2.13 -35.19 46.40
N GLU C 97 1.70 -36.42 46.64
CA GLU C 97 2.09 -37.14 47.86
C GLU C 97 3.59 -37.11 48.09
N ALA C 98 4.01 -37.07 49.35
CA ALA C 98 5.43 -37.02 49.68
C ALA C 98 6.05 -38.40 49.47
N LEU C 99 7.37 -38.52 49.63
CA LEU C 99 7.95 -39.85 49.50
C LEU C 99 7.87 -40.60 50.81
N GLY C 100 7.92 -41.93 50.72
CA GLY C 100 7.70 -42.73 51.90
C GLY C 100 6.24 -42.68 52.31
N THR C 101 5.94 -41.96 53.37
CA THR C 101 4.58 -41.83 53.86
C THR C 101 3.86 -40.77 53.05
N GLY C 102 3.19 -41.18 51.98
CA GLY C 102 2.40 -40.25 51.19
C GLY C 102 1.47 -39.46 52.09
N THR C 103 1.12 -38.25 51.64
CA THR C 103 0.32 -37.36 52.47
C THR C 103 -1.18 -37.45 52.21
N LEU C 104 -1.62 -38.01 51.09
CA LEU C 104 -3.05 -38.12 50.84
C LEU C 104 -3.63 -39.35 51.53
N SER C 105 -4.85 -39.19 52.04
CA SER C 105 -5.68 -40.33 52.39
C SER C 105 -6.25 -40.94 51.11
N ILE C 106 -6.63 -42.21 51.19
CA ILE C 106 -7.25 -42.83 50.03
C ILE C 106 -8.55 -42.14 49.69
N ALA C 107 -9.20 -41.54 50.68
CA ALA C 107 -10.35 -40.70 50.39
C ALA C 107 -9.94 -39.53 49.54
N GLN C 108 -8.78 -38.95 49.81
CA GLN C 108 -8.34 -37.76 49.09
C GLN C 108 -7.78 -38.09 47.73
N ARG C 109 -7.06 -39.21 47.58
CA ARG C 109 -6.70 -39.63 46.24
C ARG C 109 -7.94 -39.80 45.36
N ARG C 110 -8.95 -40.46 45.89
CA ARG C 110 -10.21 -40.61 45.17
C ARG C 110 -10.83 -39.27 44.85
N ASP C 111 -10.87 -38.37 45.82
CA ASP C 111 -11.45 -37.06 45.55
C ASP C 111 -10.71 -36.38 44.42
N ARG C 112 -9.38 -36.41 44.45
CA ARG C 112 -8.59 -35.77 43.40
C ARG C 112 -8.90 -36.39 42.05
N VAL C 113 -8.89 -37.72 41.97
CA VAL C 113 -9.05 -38.34 40.66
C VAL C 113 -10.45 -38.10 40.12
N ILE C 114 -11.45 -38.10 40.99
CA ILE C 114 -12.80 -37.83 40.52
C ILE C 114 -12.95 -36.38 40.08
N ALA C 115 -12.37 -35.44 40.81
CA ALA C 115 -12.43 -34.05 40.35
C ALA C 115 -11.78 -33.94 38.98
N TYR C 116 -10.64 -34.59 38.79
CA TYR C 116 -9.98 -34.57 37.50
C TYR C 116 -10.86 -35.19 36.43
N LEU C 117 -11.53 -36.30 36.74
CA LEU C 117 -12.35 -36.95 35.72
C LEU C 117 -13.56 -36.10 35.36
N LEU C 118 -14.16 -35.43 36.32
CA LEU C 118 -15.24 -34.51 35.98
C LEU C 118 -14.73 -33.42 35.05
N MET C 119 -13.56 -32.87 35.35
CA MET C 119 -13.02 -31.84 34.47
C MET C 119 -12.70 -32.40 33.09
N LYS C 120 -12.16 -33.62 33.04
CA LYS C 120 -11.89 -34.26 31.76
C LYS C 120 -13.17 -34.44 30.96
N HIS C 121 -14.24 -34.87 31.61
CA HIS C 121 -15.49 -35.07 30.89
C HIS C 121 -16.02 -33.76 30.35
N ARG C 122 -16.09 -32.73 31.19
CA ARG C 122 -16.55 -31.45 30.70
C ARG C 122 -15.73 -31.04 29.49
N ALA C 123 -14.41 -31.19 29.59
CA ALA C 123 -13.53 -30.74 28.52
C ALA C 123 -13.65 -31.62 27.29
N MET C 124 -13.92 -32.91 27.45
CA MET C 124 -14.10 -33.77 26.29
C MET C 124 -15.39 -33.43 25.56
N HIS C 125 -16.45 -33.15 26.30
CA HIS C 125 -17.67 -32.69 25.66
C HIS C 125 -17.40 -31.42 24.90
N GLU C 126 -16.70 -30.48 25.53
CA GLU C 126 -16.46 -29.21 24.88
C GLU C 126 -15.55 -29.37 23.66
N ASN C 127 -14.62 -30.32 23.70
CA ASN C 127 -13.84 -30.65 22.52
C ASN C 127 -14.70 -31.21 21.41
N THR C 128 -15.71 -32.00 21.76
CA THR C 128 -16.60 -32.50 20.71
C THR C 128 -17.41 -31.36 20.13
N TRP C 129 -17.82 -30.41 20.95
CA TRP C 129 -18.50 -29.24 20.39
C TRP C 129 -17.59 -28.49 19.44
N GLU C 130 -16.35 -28.25 19.84
CA GLU C 130 -15.41 -27.60 18.93
C GLU C 130 -15.26 -28.37 17.65
N TRP C 131 -15.11 -29.69 17.73
CA TRP C 131 -14.91 -30.48 16.53
C TRP C 131 -16.12 -30.43 15.62
N MET C 132 -17.32 -30.55 16.21
CA MET C 132 -18.53 -30.48 15.42
C MET C 132 -18.65 -29.12 14.74
N ALA C 133 -18.38 -28.05 15.49
CA ALA C 133 -18.45 -26.72 14.91
C ALA C 133 -17.46 -26.58 13.76
N ALA C 134 -16.25 -27.09 13.94
CA ALA C 134 -15.27 -26.99 12.87
C ALA C 134 -15.74 -27.72 11.63
N GLN C 135 -16.25 -28.94 11.80
CA GLN C 135 -16.72 -29.70 10.65
C GLN C 135 -17.86 -28.96 9.97
N ALA C 136 -18.81 -28.43 10.75
CA ALA C 136 -19.95 -27.74 10.17
C ALA C 136 -19.51 -26.52 9.40
N ALA C 137 -18.72 -25.66 10.02
CA ALA C 137 -18.29 -24.43 9.37
C ALA C 137 -17.50 -24.75 8.10
N GLN C 138 -16.63 -25.75 8.15
CA GLN C 138 -15.81 -26.02 6.99
C GLN C 138 -16.59 -26.73 5.90
N TYR C 139 -16.98 -27.96 6.15
CA TYR C 139 -17.48 -28.81 5.08
C TYR C 139 -18.96 -28.64 4.83
N GLY C 140 -19.68 -27.96 5.71
CA GLY C 140 -21.12 -27.91 5.61
C GLY C 140 -21.80 -29.21 5.92
N TYR C 141 -21.08 -30.18 6.46
CA TYR C 141 -21.63 -31.43 6.93
C TYR C 141 -20.68 -31.99 7.96
N VAL C 142 -21.17 -32.93 8.78
CA VAL C 142 -20.36 -33.57 9.79
C VAL C 142 -20.63 -35.08 9.75
N ASP C 143 -19.56 -35.87 9.63
CA ASP C 143 -19.66 -37.31 9.76
C ASP C 143 -19.52 -37.67 11.23
N VAL C 144 -20.58 -38.17 11.84
CA VAL C 144 -20.53 -38.63 13.22
C VAL C 144 -20.29 -40.12 13.23
N GLN C 145 -19.37 -40.55 14.09
CA GLN C 145 -18.93 -41.94 14.12
C GLN C 145 -18.53 -42.30 15.54
N GLY C 146 -18.35 -43.59 15.76
CA GLY C 146 -17.77 -44.05 17.00
C GLY C 146 -17.59 -45.55 16.93
N GLN C 147 -16.99 -46.09 17.99
CA GLN C 147 -16.98 -47.54 18.13
C GLN C 147 -18.38 -48.07 18.36
N ASP C 148 -19.25 -47.23 18.89
CA ASP C 148 -20.60 -47.60 19.28
C ASP C 148 -21.62 -46.71 18.60
N TYR C 149 -21.36 -46.30 17.37
CA TYR C 149 -22.26 -45.35 16.73
C TYR C 149 -22.05 -45.45 15.23
N PRO C 150 -23.01 -45.93 14.45
CA PRO C 150 -22.76 -46.11 13.03
C PRO C 150 -22.51 -44.79 12.33
N LEU C 151 -21.77 -44.87 11.23
CA LEU C 151 -21.45 -43.68 10.44
C LEU C 151 -22.71 -43.10 9.80
N VAL C 152 -23.08 -41.89 10.20
CA VAL C 152 -24.16 -41.14 9.56
C VAL C 152 -23.74 -39.68 9.43
N ARG C 153 -24.21 -39.05 8.38
CA ARG C 153 -23.69 -37.77 7.91
C ARG C 153 -24.79 -36.72 8.02
N VAL C 154 -24.58 -35.74 8.90
CA VAL C 154 -25.52 -34.63 9.04
C VAL C 154 -25.19 -33.57 8.01
N ASP C 155 -25.79 -33.68 6.82
CA ASP C 155 -25.50 -32.74 5.74
C ASP C 155 -26.35 -31.50 5.89
N PHE C 156 -25.72 -30.39 6.26
CA PHE C 156 -26.44 -29.13 6.35
C PHE C 156 -26.79 -28.56 4.98
N GLY C 157 -26.41 -29.23 3.90
CA GLY C 157 -26.87 -28.83 2.59
C GLY C 157 -26.38 -27.49 2.11
N ARG C 158 -25.13 -27.15 2.40
CA ARG C 158 -24.52 -25.98 1.77
C ARG C 158 -24.36 -26.25 0.28
N ASP C 159 -24.55 -25.19 -0.52
CA ASP C 159 -24.49 -25.36 -1.96
C ASP C 159 -23.10 -25.79 -2.37
N ALA C 160 -23.02 -26.80 -3.24
CA ALA C 160 -21.73 -27.37 -3.60
C ALA C 160 -20.80 -26.34 -4.24
N ALA C 161 -21.33 -25.27 -4.82
CA ALA C 161 -20.47 -24.27 -5.42
C ALA C 161 -19.59 -23.57 -4.41
N LEU C 162 -19.93 -23.62 -3.13
CA LEU C 162 -19.11 -23.04 -2.08
C LEU C 162 -18.02 -23.98 -1.58
N THR C 163 -17.96 -25.21 -2.08
CA THR C 163 -16.85 -26.12 -1.81
C THR C 163 -15.97 -26.17 -3.06
N MET C 164 -15.03 -25.25 -3.11
CA MET C 164 -14.24 -24.97 -4.30
C MET C 164 -12.90 -25.69 -4.25
N THR C 165 -12.30 -25.87 -5.42
CA THR C 165 -10.98 -26.46 -5.53
C THR C 165 -10.16 -25.73 -6.58
N THR C 166 -8.98 -25.26 -6.21
CA THR C 166 -8.03 -24.69 -7.15
C THR C 166 -6.63 -25.12 -6.73
N ASP C 167 -5.69 -24.95 -7.65
CA ASP C 167 -4.33 -25.45 -7.49
C ASP C 167 -3.35 -24.28 -7.48
N TRP C 168 -3.07 -23.76 -6.29
CA TRP C 168 -2.05 -22.73 -6.15
C TRP C 168 -0.64 -23.25 -6.34
N THR C 169 -0.47 -24.54 -6.62
CA THR C 169 0.85 -25.01 -7.03
C THR C 169 1.03 -24.94 -8.55
N ALA C 170 -0.02 -24.60 -9.28
CA ALA C 170 0.09 -24.48 -10.73
C ALA C 170 1.00 -23.31 -11.09
N ALA C 171 1.67 -23.44 -12.23
CA ALA C 171 2.65 -22.45 -12.64
C ALA C 171 1.97 -21.11 -12.89
N GLY C 172 2.71 -20.03 -12.61
CA GLY C 172 2.28 -18.71 -12.98
C GLY C 172 1.28 -18.04 -12.06
N VAL C 173 0.95 -18.64 -10.92
CA VAL C 173 0.02 -18.00 -10.01
C VAL C 173 0.73 -16.83 -9.32
N THR C 174 -0.03 -15.79 -9.00
CA THR C 174 0.53 -14.60 -8.37
C THR C 174 -0.40 -14.16 -7.26
N LEU C 175 0.10 -13.25 -6.44
CA LEU C 175 -0.64 -12.87 -5.23
C LEU C 175 -2.03 -12.36 -5.58
N MET C 176 -2.13 -11.45 -6.54
CA MET C 176 -3.45 -10.93 -6.86
C MET C 176 -4.34 -12.01 -7.45
N ASP C 177 -3.76 -12.97 -8.17
CA ASP C 177 -4.56 -14.09 -8.65
C ASP C 177 -5.15 -14.88 -7.49
N MET C 178 -4.34 -15.16 -6.47
CA MET C 178 -4.84 -15.91 -5.33
C MET C 178 -5.86 -15.10 -4.54
N ILE C 179 -5.62 -13.80 -4.38
CA ILE C 179 -6.57 -12.96 -3.67
C ILE C 179 -7.90 -12.96 -4.39
N ALA C 180 -7.89 -12.83 -5.71
CA ALA C 180 -9.12 -12.93 -6.46
C ALA C 180 -9.75 -14.31 -6.32
N ASP C 181 -8.92 -15.34 -6.21
CA ASP C 181 -9.46 -16.68 -6.04
C ASP C 181 -10.27 -16.78 -4.75
N LEU C 182 -9.79 -16.14 -3.69
CA LEU C 182 -10.56 -16.11 -2.44
C LEU C 182 -11.77 -15.18 -2.53
N ARG C 183 -11.59 -14.04 -3.18
CA ARG C 183 -12.68 -13.08 -3.20
C ARG C 183 -13.79 -13.55 -4.12
N ASP C 184 -13.50 -14.47 -5.04
CA ASP C 184 -14.57 -15.14 -5.76
C ASP C 184 -15.46 -15.93 -4.81
N GLY C 185 -14.85 -16.66 -3.89
CA GLY C 185 -15.64 -17.30 -2.86
C GLY C 185 -16.47 -16.30 -2.07
N GLN C 186 -15.88 -15.14 -1.77
CA GLN C 186 -16.64 -14.14 -1.05
C GLN C 186 -17.83 -13.67 -1.88
N ARG C 187 -17.64 -13.52 -3.18
CA ARG C 187 -18.76 -13.15 -4.04
C ARG C 187 -19.86 -14.20 -3.98
N LEU C 188 -19.49 -15.47 -4.16
CA LEU C 188 -20.51 -16.50 -4.13
C LEU C 188 -21.27 -16.47 -2.82
N VAL C 189 -20.56 -16.37 -1.70
CA VAL C 189 -21.25 -16.31 -0.42
C VAL C 189 -22.20 -15.12 -0.39
N SER C 190 -21.77 -13.98 -0.91
CA SER C 190 -22.65 -12.83 -0.91
C SER C 190 -23.90 -13.08 -1.76
N ASP C 191 -23.76 -13.84 -2.84
CA ASP C 191 -24.93 -14.20 -3.63
C ASP C 191 -25.83 -15.16 -2.89
N LYS C 192 -25.25 -16.18 -2.27
CA LYS C 192 -26.01 -17.32 -1.78
C LYS C 192 -26.56 -17.10 -0.38
N SER C 193 -25.83 -16.38 0.46
CA SER C 193 -26.22 -16.27 1.86
C SER C 193 -27.57 -15.59 2.01
N MET C 194 -28.33 -16.05 3.00
CA MET C 194 -29.56 -15.33 3.34
C MET C 194 -29.25 -13.89 3.75
N SER C 195 -28.22 -13.71 4.57
CA SER C 195 -27.90 -12.36 5.02
C SER C 195 -27.26 -11.53 3.91
N GLY C 196 -26.66 -12.19 2.92
CA GLY C 196 -26.03 -11.47 1.83
C GLY C 196 -24.80 -10.69 2.25
N THR C 197 -24.32 -10.94 3.47
CA THR C 197 -23.21 -10.16 4.01
C THR C 197 -21.88 -10.60 3.41
N VAL C 198 -20.93 -9.67 3.46
CA VAL C 198 -19.59 -9.88 2.92
C VAL C 198 -18.73 -10.58 3.97
N ILE C 199 -18.01 -11.62 3.55
CA ILE C 199 -17.09 -12.30 4.45
C ILE C 199 -15.89 -11.41 4.73
N ARG C 200 -15.59 -11.22 6.01
CA ARG C 200 -14.33 -10.60 6.40
C ARG C 200 -13.30 -11.62 6.86
N ASP C 201 -13.65 -12.48 7.81
CA ASP C 201 -12.67 -13.38 8.40
C ASP C 201 -12.36 -14.52 7.45
N TYR C 202 -11.08 -14.68 7.10
CA TYR C 202 -10.61 -15.87 6.40
C TYR C 202 -9.75 -16.65 7.37
N ILE C 203 -9.90 -17.97 7.36
CA ILE C 203 -9.08 -18.86 8.18
C ILE C 203 -8.25 -19.72 7.22
N PHE C 204 -6.94 -19.68 7.37
CA PHE C 204 -6.04 -20.50 6.59
C PHE C 204 -5.62 -21.74 7.35
N GLY C 205 -5.52 -22.85 6.64
CA GLY C 205 -4.75 -23.96 7.14
C GLY C 205 -3.27 -23.66 7.10
N GLY C 206 -2.49 -24.44 7.85
CA GLY C 206 -1.05 -24.22 7.83
C GLY C 206 -0.45 -24.39 6.45
N ASP C 207 -0.78 -25.48 5.76
CA ASP C 207 -0.23 -25.68 4.44
C ASP C 207 -0.72 -24.65 3.46
N ALA C 208 -1.99 -24.27 3.55
CA ALA C 208 -2.52 -23.25 2.66
C ALA C 208 -1.80 -21.93 2.87
N TRP C 209 -1.60 -21.54 4.12
CA TRP C 209 -0.87 -20.31 4.39
C TRP C 209 0.57 -20.39 3.92
N ASP C 210 1.20 -21.55 4.11
CA ASP C 210 2.57 -21.69 3.64
C ASP C 210 2.63 -21.54 2.12
N GLN C 211 1.70 -22.16 1.40
CA GLN C 211 1.66 -21.98 -0.04
C GLN C 211 1.40 -20.52 -0.39
N PHE C 212 0.50 -19.87 0.35
CA PHE C 212 0.21 -18.48 0.08
C PHE C 212 1.47 -17.63 0.20
N VAL C 213 2.22 -17.80 1.29
CA VAL C 213 3.43 -17.01 1.44
C VAL C 213 4.46 -17.40 0.39
N LYS C 214 4.58 -18.68 0.08
CA LYS C 214 5.55 -19.13 -0.90
C LYS C 214 5.31 -18.46 -2.24
N VAL C 215 4.06 -18.39 -2.67
CA VAL C 215 3.77 -17.90 -4.01
C VAL C 215 3.54 -16.40 -4.04
N GLY C 216 2.98 -15.82 -2.98
CA GLY C 216 2.57 -14.44 -2.99
C GLY C 216 3.40 -13.52 -2.12
N GLY C 217 4.33 -14.07 -1.36
CA GLY C 217 5.10 -13.25 -0.44
C GLY C 217 6.16 -12.39 -1.06
N LYS C 218 6.47 -12.62 -2.34
CA LYS C 218 7.37 -11.71 -3.05
C LYS C 218 6.62 -10.50 -3.57
N GLU C 219 5.37 -10.70 -4.00
CA GLU C 219 4.54 -9.59 -4.45
C GLU C 219 3.92 -8.89 -3.26
N LEU C 220 3.47 -9.64 -2.27
CA LEU C 220 3.18 -9.03 -0.98
C LEU C 220 4.50 -8.70 -0.31
N TRP C 221 4.49 -7.68 0.52
CA TRP C 221 5.71 -7.15 1.14
C TRP C 221 6.77 -6.74 0.13
N GLY C 222 6.41 -6.54 -1.13
CA GLY C 222 7.36 -6.13 -2.14
C GLY C 222 7.20 -4.68 -2.53
N LYS C 223 8.08 -4.23 -3.42
CA LYS C 223 7.91 -2.93 -4.04
C LYS C 223 6.60 -2.90 -4.83
N ASP C 224 5.86 -1.82 -4.66
CA ASP C 224 4.58 -1.65 -5.33
C ASP C 224 3.54 -2.59 -4.75
N GLY C 225 3.95 -3.41 -3.79
CA GLY C 225 3.07 -4.41 -3.22
C GLY C 225 2.07 -3.80 -2.28
N LEU C 226 1.14 -4.64 -1.83
CA LEU C 226 0.07 -4.18 -0.99
C LEU C 226 0.56 -3.48 0.27
N MET C 227 1.82 -3.68 0.65
CA MET C 227 2.30 -3.15 1.91
C MET C 227 3.36 -2.08 1.74
N ASP C 228 3.73 -1.74 0.52
CA ASP C 228 4.77 -0.74 0.28
C ASP C 228 4.21 0.61 0.73
N SER C 229 4.59 1.04 1.91
CA SER C 229 3.93 2.17 2.53
C SER C 229 4.19 3.49 1.81
N THR C 230 4.98 3.52 0.75
CA THR C 230 5.06 4.74 -0.04
C THR C 230 3.81 4.95 -0.88
N ILE C 231 3.10 3.88 -1.21
CA ILE C 231 1.93 3.92 -2.08
C ILE C 231 0.69 3.82 -1.21
N ARG C 232 -0.12 4.87 -1.23
CA ARG C 232 -1.21 5.03 -0.27
C ARG C 232 -2.52 4.39 -0.72
N GLY C 233 -2.46 3.36 -1.56
CA GLY C 233 -3.64 2.65 -2.01
C GLY C 233 -4.18 1.57 -1.08
N SER C 234 -3.62 1.39 0.11
CA SER C 234 -4.02 0.29 0.98
C SER C 234 -3.59 0.56 2.40
N GLU C 235 -4.06 -0.28 3.32
CA GLU C 235 -3.63 -0.28 4.71
C GLU C 235 -3.46 -1.70 5.24
N THR C 236 -3.13 -2.64 4.37
CA THR C 236 -2.97 -4.02 4.81
C THR C 236 -1.89 -4.07 5.88
N ASN C 237 -1.88 -5.15 6.68
CA ASN C 237 -0.97 -5.24 7.81
C ASN C 237 -0.49 -6.66 8.04
N VAL C 238 -0.38 -7.47 6.99
CA VAL C 238 -0.02 -8.87 7.15
C VAL C 238 1.38 -8.97 7.75
N THR C 239 1.49 -9.61 8.91
CA THR C 239 2.78 -9.76 9.57
C THR C 239 3.64 -10.76 8.82
N ARG C 240 4.92 -10.44 8.65
CA ARG C 240 5.80 -11.35 7.93
C ARG C 240 6.41 -12.42 8.82
N LEU C 241 6.38 -12.24 10.14
CA LEU C 241 6.91 -13.23 11.07
C LEU C 241 5.87 -13.52 12.14
N TRP C 242 5.72 -14.79 12.47
CA TRP C 242 4.70 -15.20 13.43
C TRP C 242 5.21 -16.39 14.24
N ASP C 243 4.75 -16.48 15.48
CA ASP C 243 5.12 -17.59 16.34
C ASP C 243 4.55 -18.88 15.80
N ASP C 244 5.38 -19.92 15.72
CA ASP C 244 4.88 -21.24 15.30
C ASP C 244 4.32 -22.03 16.47
N VAL C 245 3.43 -21.43 17.22
CA VAL C 245 2.70 -22.14 18.28
C VAL C 245 1.60 -22.95 17.65
N GLU C 246 1.36 -24.13 18.20
CA GLU C 246 0.18 -24.92 17.84
C GLU C 246 -1.06 -24.21 18.34
N GLY C 247 -1.83 -23.62 17.44
CA GLY C 247 -2.97 -22.82 17.85
C GLY C 247 -3.53 -22.01 16.69
N VAL C 248 -4.15 -20.90 17.04
CA VAL C 248 -4.70 -19.96 16.07
C VAL C 248 -3.85 -18.71 16.08
N GLN C 249 -3.30 -18.37 14.92
CA GLN C 249 -2.48 -17.19 14.75
C GLN C 249 -3.26 -16.17 13.93
N TYR C 250 -3.20 -14.92 14.35
CA TYR C 250 -3.82 -13.82 13.65
C TYR C 250 -2.78 -13.09 12.82
N MET C 251 -3.08 -12.88 11.54
CA MET C 251 -2.11 -12.32 10.61
C MET C 251 -2.44 -10.89 10.19
N GLY C 252 -3.59 -10.36 10.57
CA GLY C 252 -3.96 -9.02 10.14
C GLY C 252 -4.70 -9.00 8.82
N GLU C 253 -5.07 -7.79 8.39
CA GLU C 253 -6.03 -7.62 7.31
C GLU C 253 -5.34 -7.44 5.97
N LEU C 254 -6.12 -7.64 4.92
CA LEU C 254 -5.85 -7.05 3.60
C LEU C 254 -6.94 -6.04 3.32
N VAL C 255 -6.65 -4.76 3.52
CA VAL C 255 -7.67 -3.73 3.57
C VAL C 255 -7.25 -2.55 2.72
N GLY C 256 -8.21 -1.96 2.00
CA GLY C 256 -7.98 -0.73 1.29
C GLY C 256 -8.11 0.49 2.18
N ALA C 257 -7.75 1.65 1.63
CA ALA C 257 -7.58 2.85 2.45
C ALA C 257 -8.85 3.24 3.19
N ASN C 258 -9.99 3.30 2.51
CA ASN C 258 -11.22 3.71 3.19
C ASN C 258 -11.76 2.65 4.14
N GLY C 259 -11.03 1.54 4.33
CA GLY C 259 -11.56 0.39 5.01
C GLY C 259 -12.25 -0.60 4.10
N ALA C 260 -12.29 -0.34 2.80
CA ALA C 260 -12.89 -1.27 1.88
C ALA C 260 -12.05 -2.53 1.73
N GLY C 261 -12.71 -3.63 1.40
CA GLY C 261 -12.02 -4.83 0.99
C GLY C 261 -11.41 -5.65 2.10
N ARG C 262 -11.67 -5.32 3.37
CA ARG C 262 -10.83 -5.78 4.46
C ARG C 262 -10.98 -7.26 4.79
N MET C 263 -10.40 -8.13 3.97
CA MET C 263 -10.17 -9.50 4.44
C MET C 263 -9.37 -9.45 5.72
N ARG C 264 -9.76 -10.26 6.69
CA ARG C 264 -9.07 -10.36 7.96
C ARG C 264 -8.61 -11.81 8.12
N ILE C 265 -7.30 -12.00 8.29
CA ILE C 265 -6.67 -13.30 8.05
C ILE C 265 -6.34 -13.98 9.36
N TRP C 266 -6.64 -15.27 9.45
CA TRP C 266 -6.27 -16.14 10.55
C TRP C 266 -5.60 -17.38 10.00
N VAL C 267 -4.75 -18.00 10.81
CA VAL C 267 -4.17 -19.30 10.48
C VAL C 267 -4.49 -20.27 11.60
N ASN C 268 -4.97 -21.44 11.22
CA ASN C 268 -5.37 -22.49 12.16
C ASN C 268 -4.48 -23.69 11.96
N THR C 269 -3.79 -24.12 13.02
CA THR C 269 -2.99 -25.33 12.97
C THR C 269 -3.31 -26.29 14.10
N GLN C 270 -4.38 -26.07 14.84
CA GLN C 270 -4.67 -26.94 15.99
C GLN C 270 -4.87 -28.36 15.55
N LYS C 271 -4.39 -29.27 16.38
CA LYS C 271 -4.62 -30.70 16.22
C LYS C 271 -5.42 -31.18 17.42
N TYR C 272 -6.47 -31.93 17.16
CA TYR C 272 -7.21 -32.60 18.22
C TYR C 272 -6.81 -34.07 18.21
N ARG C 273 -7.10 -34.75 19.31
CA ARG C 273 -6.86 -36.18 19.41
C ARG C 273 -8.11 -36.90 18.93
N ASP C 274 -7.97 -37.60 17.81
CA ASP C 274 -9.10 -38.22 17.13
C ASP C 274 -9.63 -39.40 17.96
N GLN C 275 -10.79 -39.92 17.55
CA GLN C 275 -11.37 -41.06 18.23
C GLN C 275 -10.42 -42.25 18.23
N ASN C 276 -9.73 -42.49 17.13
CA ASN C 276 -8.74 -43.55 17.12
C ASN C 276 -7.48 -43.18 17.90
N ASP C 277 -7.52 -42.08 18.65
CA ASP C 277 -6.38 -41.53 19.38
C ASP C 277 -5.32 -40.94 18.46
N GLN C 278 -5.49 -41.03 17.14
CA GLN C 278 -4.60 -40.31 16.26
C GLN C 278 -4.76 -38.81 16.48
N GLU C 279 -3.75 -38.07 16.11
CA GLU C 279 -3.77 -36.62 16.23
C GLU C 279 -3.93 -36.03 14.85
N GLN C 280 -4.96 -35.22 14.66
CA GLN C 280 -5.32 -34.73 13.34
C GLN C 280 -5.73 -33.28 13.45
N PHE C 281 -5.62 -32.57 12.33
CA PHE C 281 -5.80 -31.13 12.32
C PHE C 281 -7.27 -30.76 12.39
N LEU C 282 -7.59 -29.80 13.25
CA LEU C 282 -8.96 -29.34 13.37
C LEU C 282 -9.41 -28.63 12.10
N MET C 283 -8.54 -27.85 11.49
CA MET C 283 -8.82 -27.17 10.23
C MET C 283 -8.12 -27.89 9.09
N LYS C 284 -8.83 -28.10 8.00
CA LYS C 284 -8.20 -28.74 6.85
C LYS C 284 -7.00 -27.92 6.44
N GLN C 285 -5.80 -28.47 6.60
CA GLN C 285 -4.60 -27.65 6.48
C GLN C 285 -4.37 -27.18 5.05
N LYS C 286 -4.71 -27.98 4.06
CA LYS C 286 -4.45 -27.61 2.68
C LYS C 286 -5.60 -26.81 2.08
N ALA C 287 -6.37 -26.11 2.90
CA ALA C 287 -7.53 -25.41 2.41
C ALA C 287 -7.71 -24.12 3.18
N VAL C 288 -8.49 -23.20 2.60
CA VAL C 288 -8.81 -21.92 3.20
C VAL C 288 -10.31 -21.82 3.34
N MET C 289 -10.76 -21.35 4.48
CA MET C 289 -12.18 -21.15 4.77
C MET C 289 -12.44 -19.68 5.00
N GLY C 290 -13.50 -19.17 4.39
CA GLY C 290 -14.02 -17.85 4.71
C GLY C 290 -15.37 -18.01 5.39
N ILE C 291 -15.58 -17.23 6.44
CA ILE C 291 -16.74 -17.41 7.30
C ILE C 291 -17.07 -16.07 7.92
N SER C 292 -18.34 -15.90 8.27
CA SER C 292 -18.82 -14.65 8.83
C SER C 292 -19.78 -14.94 9.96
N SER C 293 -19.90 -14.00 10.88
CA SER C 293 -20.83 -14.17 11.98
C SER C 293 -22.24 -14.42 11.48
N ALA C 294 -22.56 -13.95 10.28
CA ALA C 294 -23.90 -14.16 9.74
C ALA C 294 -24.18 -15.62 9.44
N ILE C 295 -23.25 -16.53 9.72
CA ILE C 295 -23.62 -17.94 9.73
C ILE C 295 -24.64 -18.19 10.83
N GLU C 296 -24.66 -17.35 11.86
CA GLU C 296 -25.69 -17.41 12.90
C GLU C 296 -25.85 -18.82 13.43
N GLY C 297 -24.74 -19.54 13.51
CA GLY C 297 -24.82 -20.93 13.95
C GLY C 297 -25.48 -21.04 15.31
N VAL C 298 -26.13 -22.17 15.55
CA VAL C 298 -26.77 -22.47 16.83
C VAL C 298 -26.16 -23.75 17.35
N ARG C 299 -25.67 -23.72 18.59
CA ARG C 299 -25.24 -24.93 19.26
C ARG C 299 -26.47 -25.63 19.81
N CYS C 300 -26.72 -26.84 19.33
CA CYS C 300 -28.01 -27.49 19.45
C CYS C 300 -27.86 -28.74 20.31
N PHE C 301 -28.67 -28.84 21.36
CA PHE C 301 -28.58 -29.96 22.29
C PHE C 301 -29.94 -30.62 22.45
N GLY C 302 -29.99 -31.92 22.18
CA GLY C 302 -31.22 -32.68 22.27
C GLY C 302 -31.54 -33.11 23.69
N ALA C 303 -32.45 -34.06 23.78
CA ALA C 303 -32.82 -34.63 25.08
C ALA C 303 -31.78 -35.64 25.53
N ILE C 304 -31.46 -35.61 26.83
CA ILE C 304 -30.63 -36.64 27.43
C ILE C 304 -31.50 -37.88 27.65
N LEU C 305 -31.17 -38.96 26.96
CA LEU C 305 -31.97 -40.18 27.09
C LEU C 305 -31.57 -40.89 28.38
N ASP C 306 -31.90 -40.25 29.50
CA ASP C 306 -31.56 -40.78 30.80
C ASP C 306 -32.58 -40.37 31.84
N LYS C 307 -32.98 -41.33 32.67
CA LYS C 307 -33.85 -41.02 33.80
C LYS C 307 -33.20 -39.96 34.67
N GLY C 308 -31.89 -40.01 34.82
CA GLY C 308 -31.19 -38.87 35.38
C GLY C 308 -31.54 -37.62 34.59
N ALA C 309 -31.71 -36.52 35.31
CA ALA C 309 -32.15 -35.27 34.72
C ALA C 309 -33.51 -35.37 34.08
N GLY C 310 -34.26 -36.44 34.36
CA GLY C 310 -35.62 -36.55 33.85
C GLY C 310 -35.73 -36.43 32.34
N TYR C 311 -34.81 -37.05 31.62
CA TYR C 311 -34.77 -36.94 30.16
C TYR C 311 -34.69 -35.49 29.70
N GLN C 312 -34.35 -34.58 30.60
CA GLN C 312 -34.28 -33.19 30.24
C GLN C 312 -33.23 -32.99 29.15
N ALA C 313 -33.30 -31.86 28.47
CA ALA C 313 -32.30 -31.52 27.45
C ALA C 313 -31.22 -30.66 28.08
N LEU C 314 -29.98 -31.11 28.00
CA LEU C 314 -28.87 -30.44 28.65
C LEU C 314 -27.65 -30.50 27.74
N ASP C 315 -26.78 -29.50 27.85
CA ASP C 315 -25.56 -29.53 27.08
C ASP C 315 -24.71 -30.75 27.44
N TYR C 316 -24.54 -31.02 28.73
CA TYR C 316 -23.97 -32.30 29.13
C TYR C 316 -24.44 -32.61 30.54
N PHE C 317 -24.47 -33.90 30.87
CA PHE C 317 -25.02 -34.33 32.15
C PHE C 317 -24.12 -35.37 32.81
N PRO C 318 -23.43 -35.02 33.90
CA PRO C 318 -22.54 -35.98 34.55
C PRO C 318 -23.30 -36.86 35.53
N LYS C 319 -23.10 -38.16 35.40
CA LYS C 319 -23.82 -39.15 36.19
C LYS C 319 -22.82 -40.10 36.82
N MET C 320 -23.04 -40.45 38.08
CA MET C 320 -22.11 -41.28 38.81
C MET C 320 -22.87 -42.27 39.68
N TRP C 321 -22.46 -43.52 39.64
CA TRP C 321 -23.09 -44.56 40.44
C TRP C 321 -22.08 -45.66 40.71
N ASP C 322 -22.39 -46.51 41.68
CA ASP C 322 -21.45 -47.47 42.21
C ASP C 322 -22.02 -48.88 42.13
N GLN C 323 -21.12 -49.85 42.05
CA GLN C 323 -21.46 -51.21 42.42
C GLN C 323 -21.11 -51.40 43.89
N GLU C 324 -21.92 -52.20 44.58
CA GLU C 324 -21.78 -52.31 46.02
C GLU C 324 -20.66 -53.26 46.43
N ASP C 325 -20.39 -54.28 45.64
CA ASP C 325 -19.30 -55.19 45.99
C ASP C 325 -18.83 -55.91 44.73
N PRO C 326 -17.58 -55.73 44.30
CA PRO C 326 -16.53 -54.82 44.79
C PRO C 326 -16.95 -53.38 44.62
N SER C 327 -16.40 -52.42 45.36
CA SER C 327 -16.87 -51.04 45.29
C SER C 327 -16.27 -50.31 44.08
N VAL C 328 -16.63 -50.78 42.88
CA VAL C 328 -16.34 -50.03 41.67
C VAL C 328 -17.33 -48.89 41.55
N GLU C 329 -16.85 -47.71 41.19
CA GLU C 329 -17.71 -46.57 40.91
C GLU C 329 -17.56 -46.14 39.47
N TYR C 330 -18.70 -45.94 38.80
CA TYR C 330 -18.75 -45.58 37.40
C TYR C 330 -19.10 -44.10 37.31
N LEU C 331 -18.46 -43.39 36.39
CA LEU C 331 -18.76 -41.99 36.17
C LEU C 331 -18.98 -41.79 34.68
N MET C 332 -20.15 -41.28 34.31
CA MET C 332 -20.54 -41.12 32.91
C MET C 332 -21.12 -39.74 32.69
N SER C 333 -20.90 -39.22 31.50
CA SER C 333 -21.47 -37.95 31.08
C SER C 333 -22.30 -38.15 29.82
N GLN C 334 -23.45 -37.51 29.78
CA GLN C 334 -24.39 -37.65 28.68
C GLN C 334 -24.45 -36.33 27.93
N GLY C 335 -24.54 -36.40 26.61
CA GLY C 335 -24.71 -35.20 25.82
C GLY C 335 -25.30 -35.53 24.47
N ALA C 336 -26.09 -34.61 23.94
CA ALA C 336 -26.75 -34.78 22.64
C ALA C 336 -26.47 -33.59 21.75
N PRO C 337 -25.21 -33.36 21.39
CA PRO C 337 -24.86 -32.14 20.68
C PRO C 337 -25.10 -32.23 19.19
N LEU C 338 -25.42 -31.08 18.61
CA LEU C 338 -25.23 -30.84 17.19
C LEU C 338 -24.92 -29.36 17.02
N MET C 339 -23.92 -29.07 16.22
CA MET C 339 -23.54 -27.69 15.90
C MET C 339 -24.07 -27.38 14.53
N VAL C 340 -25.07 -26.51 14.45
CA VAL C 340 -25.83 -26.27 13.24
C VAL C 340 -25.45 -24.89 12.71
N PRO C 341 -24.96 -24.79 11.50
CA PRO C 341 -24.84 -23.47 10.87
C PRO C 341 -26.21 -23.03 10.39
N ALA C 342 -26.76 -22.01 11.04
CA ALA C 342 -28.12 -21.61 10.72
C ALA C 342 -28.25 -21.31 9.24
N ASP C 343 -27.29 -20.56 8.68
CA ASP C 343 -27.24 -20.27 7.26
C ASP C 343 -26.03 -20.98 6.67
N PRO C 344 -26.18 -22.21 6.17
CA PRO C 344 -25.00 -22.96 5.73
C PRO C 344 -24.23 -22.28 4.63
N ASN C 345 -24.83 -21.37 3.89
CA ASN C 345 -24.15 -20.74 2.77
C ASN C 345 -23.30 -19.56 3.19
N ALA C 346 -23.26 -19.20 4.47
CA ALA C 346 -22.52 -18.04 4.93
C ALA C 346 -21.03 -18.31 5.08
N SER C 347 -20.52 -19.40 4.53
CA SER C 347 -19.11 -19.73 4.59
C SER C 347 -18.73 -20.56 3.38
N PHE C 348 -17.45 -20.52 3.02
CA PHE C 348 -16.96 -21.26 1.87
C PHE C 348 -15.66 -21.93 2.24
N LEU C 349 -15.31 -22.97 1.49
CA LEU C 349 -14.07 -23.69 1.69
C LEU C 349 -13.35 -23.83 0.36
N LEU C 350 -12.12 -23.37 0.32
CA LEU C 350 -11.30 -23.45 -0.89
C LEU C 350 -10.15 -24.41 -0.65
N THR C 351 -10.11 -25.49 -1.42
CA THR C 351 -8.96 -26.39 -1.40
C THR C 351 -7.92 -25.84 -2.36
N VAL C 352 -6.70 -25.63 -1.86
CA VAL C 352 -5.69 -24.91 -2.60
C VAL C 352 -4.48 -25.77 -2.95
N MET C 353 -4.41 -27.01 -2.49
CA MET C 353 -3.30 -27.87 -2.84
C MET C 353 -3.79 -29.30 -2.99
N SER C 354 -3.03 -30.08 -3.75
CA SER C 354 -3.33 -31.49 -3.92
C SER C 354 -3.24 -32.19 -2.57
N ALA D 2 76.61 -0.60 31.43
CA ALA D 2 76.90 -1.81 30.67
C ALA D 2 78.20 -2.43 31.14
N GLY D 3 78.72 -3.38 30.35
CA GLY D 3 79.93 -4.08 30.68
C GLY D 3 79.72 -5.31 31.53
N LEU D 4 79.45 -5.14 32.82
CA LEU D 4 79.03 -6.28 33.63
C LEU D 4 77.63 -6.71 33.24
N TYR D 5 76.70 -5.76 33.15
CA TYR D 5 75.31 -6.06 32.89
C TYR D 5 74.62 -4.81 32.40
N THR D 6 73.63 -4.99 31.54
CA THR D 6 72.84 -3.85 31.08
C THR D 6 71.87 -3.43 32.17
N THR D 7 71.91 -2.16 32.53
CA THR D 7 70.93 -1.66 33.49
C THR D 7 69.57 -1.58 32.82
N TYR D 8 68.52 -1.51 33.64
CA TYR D 8 67.15 -1.50 33.14
C TYR D 8 66.29 -0.59 33.98
N GLN D 9 65.23 -0.07 33.38
CA GLN D 9 64.06 0.36 34.11
C GLN D 9 62.96 -0.69 33.94
N LEU D 10 62.44 -1.16 35.05
CA LEU D 10 61.22 -1.94 35.01
C LEU D 10 60.05 -0.97 34.96
N LEU D 11 59.28 -1.05 33.89
CA LEU D 11 58.01 -0.36 33.84
C LEU D 11 56.90 -1.29 34.34
N GLU D 12 55.72 -0.72 34.52
CA GLU D 12 54.66 -1.44 35.21
C GLU D 12 54.42 -2.79 34.55
N VAL D 13 54.03 -3.76 35.37
CA VAL D 13 53.79 -5.11 34.90
C VAL D 13 52.55 -5.14 34.02
N GLN D 14 52.55 -6.00 33.01
CA GLN D 14 51.44 -6.12 32.08
C GLN D 14 50.68 -7.42 32.34
N ARG D 15 49.80 -7.39 33.33
CA ARG D 15 49.00 -8.56 33.65
C ARG D 15 47.78 -8.64 32.74
N LYS D 16 47.36 -9.86 32.43
CA LYS D 16 46.18 -10.12 31.61
C LYS D 16 45.36 -11.22 32.28
N LEU D 17 44.43 -10.82 33.13
CA LEU D 17 43.63 -11.75 33.90
C LEU D 17 42.40 -12.15 33.08
N LYS D 18 42.48 -13.30 32.42
CA LYS D 18 41.32 -13.82 31.72
C LYS D 18 40.27 -14.31 32.69
N THR D 19 39.03 -14.38 32.22
CA THR D 19 37.94 -14.95 32.98
C THR D 19 36.93 -15.54 32.01
N LEU D 20 36.03 -16.34 32.55
CA LEU D 20 34.91 -16.91 31.81
C LEU D 20 33.64 -16.35 32.45
N PRO D 21 33.18 -15.17 32.04
CA PRO D 21 32.06 -14.54 32.74
C PRO D 21 30.77 -15.31 32.56
N ALA D 22 29.90 -15.19 33.56
CA ALA D 22 28.71 -16.02 33.61
C ALA D 22 27.69 -15.58 32.57
N PHE D 23 27.29 -16.52 31.72
CA PHE D 23 26.20 -16.26 30.78
C PHE D 23 25.04 -17.22 30.96
N PHE D 24 25.33 -18.52 31.00
CA PHE D 24 24.24 -19.48 31.10
C PHE D 24 23.62 -19.48 32.48
N LEU D 25 24.39 -19.23 33.52
CA LEU D 25 23.81 -19.21 34.85
C LEU D 25 22.79 -18.11 35.05
N GLN D 26 22.40 -17.39 34.00
CA GLN D 26 21.24 -16.51 34.12
C GLN D 26 19.94 -17.28 33.98
N TRP D 27 19.95 -18.41 33.30
CA TRP D 27 18.78 -19.27 33.19
C TRP D 27 18.72 -20.34 34.27
N PHE D 28 19.60 -20.27 35.26
CA PHE D 28 19.56 -21.15 36.43
C PHE D 28 19.53 -20.30 37.68
N PRO D 29 18.46 -19.53 37.87
CA PRO D 29 18.39 -18.59 38.99
C PRO D 29 18.11 -19.24 40.34
N ARG D 30 17.71 -20.50 40.40
CA ARG D 30 17.30 -21.14 41.64
C ARG D 30 18.43 -21.97 42.21
N GLN D 31 18.83 -21.65 43.43
CA GLN D 31 19.90 -22.36 44.13
C GLN D 31 19.34 -23.15 45.28
N ILE D 32 19.73 -24.41 45.39
CA ILE D 32 19.34 -25.25 46.51
C ILE D 32 20.58 -25.98 47.03
N ASN D 33 20.86 -25.80 48.31
CA ASN D 33 21.93 -26.51 48.98
C ASN D 33 21.27 -27.56 49.86
N PHE D 34 21.57 -28.83 49.60
CA PHE D 34 20.82 -29.91 50.20
C PHE D 34 21.75 -31.05 50.54
N GLN D 35 21.41 -31.76 51.61
CA GLN D 35 22.20 -32.89 52.05
C GLN D 35 21.54 -34.23 51.79
N GLU D 36 20.31 -34.24 51.30
CA GLU D 36 19.73 -35.48 50.81
C GLU D 36 20.55 -36.01 49.65
N ASP D 37 20.46 -37.32 49.42
CA ASP D 37 21.27 -37.91 48.36
C ASP D 37 20.92 -37.31 47.01
N MET D 38 19.63 -37.18 46.71
CA MET D 38 19.18 -36.91 45.36
C MET D 38 18.02 -35.93 45.38
N ILE D 39 17.74 -35.38 44.22
CA ILE D 39 16.58 -34.53 43.98
C ILE D 39 15.63 -35.26 43.06
N ALA D 40 14.33 -35.05 43.24
CA ALA D 40 13.34 -35.79 42.48
C ALA D 40 12.27 -34.84 41.95
N PHE D 41 11.88 -35.08 40.69
CA PHE D 41 10.80 -34.34 40.04
C PHE D 41 9.73 -35.31 39.61
N ASP D 42 8.48 -34.86 39.67
CA ASP D 42 7.34 -35.60 39.15
C ASP D 42 6.74 -34.80 38.01
N LYS D 43 6.73 -35.40 36.82
CA LYS D 43 6.23 -34.73 35.63
C LYS D 43 4.95 -35.41 35.17
N VAL D 44 3.95 -34.60 34.83
CA VAL D 44 2.59 -35.07 34.63
C VAL D 44 2.08 -34.47 33.32
N ILE D 45 1.65 -35.26 32.35
CA ILE D 45 1.03 -34.64 31.16
C ILE D 45 -0.40 -35.11 30.98
N GLN D 46 -1.31 -34.16 30.75
CA GLN D 46 -2.73 -34.48 30.64
C GLN D 46 -3.33 -33.91 29.38
N ASP D 47 -3.28 -34.66 28.29
CA ASP D 47 -3.90 -34.20 27.07
C ASP D 47 -5.40 -34.15 27.26
N VAL D 48 -5.99 -32.99 26.98
CA VAL D 48 -7.43 -32.82 27.12
C VAL D 48 -7.91 -32.18 25.84
N THR D 49 -7.56 -32.78 24.71
CA THR D 49 -7.97 -32.26 23.41
C THR D 49 -8.64 -33.34 22.57
N ARG D 50 -8.82 -34.52 23.12
CA ARG D 50 -9.42 -35.62 22.38
C ARG D 50 -10.92 -35.43 22.31
N VAL D 51 -11.52 -35.87 21.22
CA VAL D 51 -12.96 -35.75 21.05
C VAL D 51 -13.71 -36.87 21.76
N ALA D 52 -14.81 -36.53 22.43
CA ALA D 52 -15.63 -37.51 23.12
C ALA D 52 -16.21 -38.50 22.12
N PRO D 53 -16.55 -39.70 22.56
CA PRO D 53 -17.05 -40.72 21.64
C PRO D 53 -18.54 -40.56 21.38
N PHE D 54 -18.92 -40.56 20.11
CA PHE D 54 -20.34 -40.64 19.81
C PHE D 54 -20.82 -42.06 20.05
N VAL D 55 -21.92 -42.19 20.79
CA VAL D 55 -22.44 -43.49 21.18
C VAL D 55 -23.95 -43.43 21.08
N ALA D 56 -24.53 -44.41 20.41
CA ALA D 56 -25.98 -44.44 20.28
C ALA D 56 -26.60 -44.41 21.67
N PRO D 57 -27.65 -43.63 21.89
CA PRO D 57 -28.16 -43.46 23.25
C PRO D 57 -28.71 -44.72 23.89
N ASN D 58 -28.87 -45.82 23.15
CA ASN D 58 -29.29 -47.06 23.78
C ASN D 58 -28.19 -47.63 24.67
N VAL D 59 -26.97 -47.61 24.18
CA VAL D 59 -25.94 -48.50 24.70
C VAL D 59 -25.11 -47.78 25.75
N GLN D 60 -24.28 -48.57 26.43
CA GLN D 60 -23.80 -48.24 27.76
C GLN D 60 -22.84 -47.07 27.80
N GLY D 61 -22.13 -46.78 26.72
CA GLY D 61 -21.07 -45.79 26.76
C GLY D 61 -19.69 -46.44 26.76
N ARG D 62 -18.68 -45.61 26.51
CA ARG D 62 -17.34 -46.09 26.24
C ARG D 62 -16.42 -45.73 27.39
N VAL D 63 -15.57 -46.68 27.79
CA VAL D 63 -14.68 -46.48 28.92
C VAL D 63 -13.36 -45.89 28.43
N ILE D 64 -12.84 -44.94 29.19
CA ILE D 64 -11.70 -44.11 28.79
C ILE D 64 -10.52 -44.38 29.71
N LYS D 65 -9.32 -44.47 29.15
CA LYS D 65 -8.13 -44.74 29.94
C LYS D 65 -7.51 -43.46 30.47
N GLU D 66 -6.92 -43.56 31.66
CA GLU D 66 -6.07 -42.51 32.19
C GLU D 66 -4.62 -42.77 31.76
N SER D 67 -3.70 -41.93 32.23
CA SER D 67 -2.28 -42.12 31.95
C SER D 67 -1.47 -41.56 33.11
N GLY D 68 -0.22 -42.01 33.24
CA GLY D 68 0.51 -41.89 34.48
C GLY D 68 1.72 -40.95 34.51
N TYR D 69 1.99 -40.50 35.72
CA TYR D 69 3.20 -39.78 36.13
C TYR D 69 4.48 -40.41 35.60
N ASN D 70 5.55 -39.61 35.55
CA ASN D 70 6.92 -40.09 35.47
C ASN D 70 7.76 -39.20 36.39
N THR D 71 8.94 -39.68 36.73
CA THR D 71 9.80 -38.98 37.66
C THR D 71 11.23 -38.92 37.17
N LYS D 72 11.94 -37.89 37.62
CA LYS D 72 13.35 -37.68 37.31
C LYS D 72 14.11 -37.57 38.62
N THR D 73 15.34 -38.09 38.64
CA THR D 73 16.15 -38.09 39.85
C THR D 73 17.59 -37.78 39.51
N PHE D 74 18.23 -36.89 40.27
CA PHE D 74 19.56 -36.38 39.95
C PHE D 74 20.43 -36.36 41.18
N LYS D 75 21.69 -36.79 41.02
CA LYS D 75 22.69 -36.75 42.06
C LYS D 75 23.85 -35.85 41.63
N PRO D 76 24.18 -34.80 42.37
CA PRO D 76 25.18 -33.85 41.90
C PRO D 76 26.56 -34.46 41.79
N ALA D 77 27.39 -33.86 40.94
CA ALA D 77 28.78 -34.24 40.77
C ALA D 77 29.65 -33.60 41.84
N TYR D 78 30.94 -33.95 41.84
CA TYR D 78 31.85 -33.53 42.91
C TYR D 78 33.17 -33.06 42.32
N VAL D 79 33.71 -31.98 42.89
CA VAL D 79 34.85 -31.26 42.32
C VAL D 79 35.85 -30.97 43.43
N LYS D 80 37.13 -31.29 43.19
CA LYS D 80 38.15 -31.20 44.22
C LYS D 80 39.51 -30.88 43.59
N PRO D 81 39.75 -29.61 43.27
CA PRO D 81 41.10 -29.22 42.81
C PRO D 81 42.00 -28.90 43.99
N LYS D 82 43.30 -29.16 43.84
CA LYS D 82 44.26 -28.73 44.85
C LYS D 82 45.60 -28.44 44.21
N HIS D 83 46.41 -27.66 44.94
CA HIS D 83 47.75 -27.31 44.53
C HIS D 83 48.71 -27.56 45.70
N VAL D 84 49.93 -27.95 45.35
CA VAL D 84 51.01 -28.12 46.32
C VAL D 84 51.98 -26.95 46.15
N ILE D 85 52.20 -26.20 47.21
CA ILE D 85 52.99 -24.98 47.13
C ILE D 85 54.39 -25.22 47.66
N ASP D 86 55.31 -25.61 46.79
CA ASP D 86 56.67 -25.91 47.18
C ASP D 86 57.50 -24.64 47.35
N PRO D 87 58.65 -24.75 48.01
CA PRO D 87 59.62 -23.65 47.93
C PRO D 87 59.99 -23.30 46.50
N ASN D 88 60.25 -24.29 45.64
CA ASN D 88 60.65 -23.95 44.28
C ASN D 88 59.52 -23.37 43.46
N MET D 89 58.40 -23.05 44.09
CA MET D 89 57.39 -22.17 43.53
C MET D 89 57.22 -20.91 44.36
N ILE D 90 57.64 -20.94 45.62
CA ILE D 90 57.65 -19.73 46.43
C ILE D 90 58.86 -18.87 46.09
N ILE D 91 60.02 -19.49 45.89
CA ILE D 91 61.27 -18.75 45.78
C ILE D 91 61.28 -17.81 44.58
N PRO D 92 61.02 -18.27 43.36
CA PRO D 92 61.30 -17.43 42.18
C PRO D 92 60.65 -16.06 42.26
N ARG D 93 61.21 -15.13 41.48
CA ARG D 93 60.76 -13.74 41.52
C ARG D 93 59.34 -13.60 41.00
N GLN D 94 58.53 -12.87 41.74
CA GLN D 94 57.23 -12.46 41.23
C GLN D 94 57.41 -11.28 40.30
N PRO D 95 56.64 -11.19 39.21
CA PRO D 95 56.92 -10.16 38.20
C PRO D 95 57.09 -8.75 38.74
N GLY D 96 56.30 -8.34 39.72
CA GLY D 96 56.41 -6.99 40.23
C GLY D 96 57.74 -6.67 40.87
N GLU D 97 58.52 -7.68 41.24
CA GLU D 97 59.73 -7.46 42.01
C GLU D 97 60.83 -6.84 41.15
N ALA D 98 61.64 -5.99 41.79
CA ALA D 98 62.68 -5.24 41.09
C ALA D 98 63.75 -6.16 40.53
N LEU D 99 64.61 -5.58 39.70
CA LEU D 99 65.76 -6.30 39.18
C LEU D 99 66.90 -6.26 40.19
N GLY D 100 67.82 -7.22 40.04
CA GLY D 100 68.89 -7.37 40.99
C GLY D 100 68.38 -7.91 42.30
N THR D 101 68.32 -7.05 43.31
CA THR D 101 67.80 -7.44 44.62
C THR D 101 66.28 -7.44 44.58
N GLY D 102 65.70 -8.60 44.29
CA GLY D 102 64.25 -8.72 44.31
C GLY D 102 63.69 -8.16 45.61
N THR D 103 62.54 -7.50 45.50
CA THR D 103 62.04 -6.70 46.62
C THR D 103 61.03 -7.41 47.49
N LEU D 104 60.40 -8.49 47.03
CA LEU D 104 59.50 -9.24 47.90
C LEU D 104 60.28 -10.16 48.81
N SER D 105 60.04 -10.06 50.11
CA SER D 105 60.50 -11.08 51.02
C SER D 105 59.85 -12.41 50.66
N ILE D 106 60.61 -13.48 50.83
CA ILE D 106 60.13 -14.79 50.40
C ILE D 106 58.79 -15.11 51.06
N ALA D 107 58.56 -14.61 52.27
CA ALA D 107 57.25 -14.77 52.89
C ALA D 107 56.18 -14.09 52.05
N GLN D 108 56.47 -12.91 51.53
CA GLN D 108 55.49 -12.21 50.72
C GLN D 108 55.33 -12.87 49.36
N ARG D 109 56.36 -13.53 48.85
CA ARG D 109 56.16 -14.31 47.63
C ARG D 109 55.19 -15.45 47.88
N ARG D 110 55.26 -16.09 49.03
CA ARG D 110 54.28 -17.11 49.30
C ARG D 110 52.95 -16.42 49.35
N ASP D 111 52.85 -15.35 50.11
CA ASP D 111 51.55 -14.72 50.25
C ASP D 111 50.93 -14.40 48.90
N ARG D 112 51.72 -13.82 47.99
CA ARG D 112 51.19 -13.52 46.66
C ARG D 112 50.69 -14.78 45.98
N VAL D 113 51.50 -15.83 45.97
CA VAL D 113 51.08 -17.01 45.26
C VAL D 113 49.84 -17.61 45.91
N ILE D 114 49.74 -17.53 47.23
CA ILE D 114 48.56 -18.06 47.92
C ILE D 114 47.31 -17.28 47.56
N ALA D 115 47.36 -15.95 47.64
CA ALA D 115 46.17 -15.19 47.31
C ALA D 115 45.76 -15.48 45.87
N TYR D 116 46.73 -15.53 44.96
CA TYR D 116 46.40 -15.86 43.59
C TYR D 116 45.75 -17.23 43.50
N LEU D 117 46.26 -18.22 44.23
CA LEU D 117 45.73 -19.56 44.10
C LEU D 117 44.34 -19.68 44.70
N LEU D 118 44.07 -19.00 45.81
CA LEU D 118 42.72 -19.01 46.34
C LEU D 118 41.75 -18.43 45.32
N MET D 119 42.12 -17.31 44.71
CA MET D 119 41.28 -16.74 43.67
C MET D 119 41.12 -17.71 42.51
N LYS D 120 42.20 -18.39 42.12
CA LYS D 120 42.11 -19.31 41.01
C LYS D 120 41.17 -20.46 41.31
N HIS D 121 41.16 -20.94 42.56
CA HIS D 121 40.23 -22.00 42.91
C HIS D 121 38.79 -21.52 42.82
N ARG D 122 38.50 -20.38 43.46
CA ARG D 122 37.13 -19.87 43.38
C ARG D 122 36.71 -19.76 41.92
N ALA D 123 37.61 -19.27 41.08
CA ALA D 123 37.28 -19.06 39.68
C ALA D 123 37.17 -20.38 38.93
N MET D 124 37.98 -21.37 39.27
CA MET D 124 37.84 -22.66 38.61
C MET D 124 36.49 -23.27 38.93
N HIS D 125 36.01 -23.08 40.15
CA HIS D 125 34.69 -23.59 40.50
C HIS D 125 33.62 -22.87 39.71
N GLU D 126 33.66 -21.55 39.68
CA GLU D 126 32.63 -20.83 38.94
C GLU D 126 32.68 -21.19 37.46
N ASN D 127 33.89 -21.40 36.91
CA ASN D 127 33.99 -21.88 35.55
C ASN D 127 33.34 -23.23 35.39
N THR D 128 33.43 -24.09 36.40
CA THR D 128 32.77 -25.39 36.28
C THR D 128 31.26 -25.23 36.29
N TRP D 129 30.75 -24.32 37.11
CA TRP D 129 29.32 -24.08 37.12
C TRP D 129 28.86 -23.61 35.73
N GLU D 130 29.58 -22.65 35.16
CA GLU D 130 29.24 -22.20 33.82
C GLU D 130 29.30 -23.33 32.82
N TRP D 131 30.33 -24.15 32.89
CA TRP D 131 30.43 -25.23 31.92
C TRP D 131 29.28 -26.20 32.07
N MET D 132 28.93 -26.55 33.30
CA MET D 132 27.81 -27.47 33.52
C MET D 132 26.52 -26.87 33.01
N ALA D 133 26.27 -25.59 33.30
CA ALA D 133 25.05 -24.96 32.84
C ALA D 133 24.99 -24.96 31.32
N ALA D 134 26.11 -24.64 30.66
CA ALA D 134 26.12 -24.63 29.21
C ALA D 134 25.82 -26.01 28.66
N GLN D 135 26.49 -27.04 29.19
CA GLN D 135 26.25 -28.39 28.70
C GLN D 135 24.79 -28.79 28.88
N ALA D 136 24.23 -28.50 30.04
CA ALA D 136 22.84 -28.85 30.30
C ALA D 136 21.91 -28.16 29.33
N ALA D 137 22.02 -26.83 29.24
CA ALA D 137 21.10 -26.08 28.39
C ALA D 137 21.22 -26.52 26.94
N GLN D 138 22.44 -26.74 26.44
CA GLN D 138 22.58 -27.11 25.05
C GLN D 138 22.14 -28.53 24.81
N TYR D 139 22.86 -29.49 25.39
CA TYR D 139 22.71 -30.88 25.01
C TYR D 139 21.66 -31.62 25.81
N GLY D 140 21.07 -30.98 26.83
CA GLY D 140 20.14 -31.67 27.68
C GLY D 140 20.76 -32.74 28.55
N TYR D 141 22.09 -32.85 28.54
CA TYR D 141 22.81 -33.73 29.43
C TYR D 141 24.18 -33.13 29.66
N VAL D 142 24.82 -33.52 30.75
CA VAL D 142 26.22 -33.21 30.98
C VAL D 142 26.91 -34.50 31.39
N ASP D 143 27.94 -34.91 30.63
CA ASP D 143 28.67 -36.13 30.95
C ASP D 143 29.95 -35.72 31.66
N VAL D 144 29.97 -35.93 32.97
CA VAL D 144 31.08 -35.52 33.81
C VAL D 144 32.20 -36.55 33.71
N GLN D 145 33.44 -36.09 33.79
CA GLN D 145 34.58 -36.96 33.54
C GLN D 145 35.78 -36.48 34.35
N GLY D 146 36.80 -37.32 34.36
CA GLY D 146 38.08 -36.96 34.93
C GLY D 146 38.95 -38.20 35.01
N GLN D 147 40.20 -37.98 35.38
CA GLN D 147 41.02 -39.11 35.78
C GLN D 147 40.54 -39.70 37.09
N ASP D 148 39.90 -38.88 37.92
CA ASP D 148 39.47 -39.27 39.25
C ASP D 148 37.96 -39.37 39.37
N TYR D 149 37.27 -39.63 38.26
CA TYR D 149 35.82 -39.63 38.27
C TYR D 149 35.32 -40.40 37.06
N PRO D 150 34.65 -41.54 37.22
CA PRO D 150 34.21 -42.30 36.06
C PRO D 150 33.20 -41.52 35.24
N LEU D 151 33.19 -41.80 33.93
CA LEU D 151 32.26 -41.17 33.02
C LEU D 151 30.83 -41.55 33.33
N VAL D 152 30.01 -40.58 33.69
CA VAL D 152 28.57 -40.79 33.82
C VAL D 152 27.84 -39.63 33.18
N ARG D 153 26.92 -39.93 32.26
CA ARG D 153 26.10 -38.91 31.62
C ARG D 153 24.93 -38.58 32.54
N VAL D 154 24.87 -37.36 33.04
CA VAL D 154 23.73 -36.95 33.85
C VAL D 154 22.66 -36.47 32.88
N ASP D 155 21.93 -37.41 32.30
CA ASP D 155 20.97 -37.08 31.26
C ASP D 155 19.70 -36.52 31.90
N PHE D 156 19.37 -35.29 31.55
CA PHE D 156 18.21 -34.63 32.12
C PHE D 156 16.92 -35.03 31.42
N GLY D 157 16.99 -35.89 30.41
CA GLY D 157 15.79 -36.44 29.82
C GLY D 157 15.07 -35.52 28.88
N ARG D 158 15.77 -34.60 28.23
CA ARG D 158 15.15 -33.80 27.20
C ARG D 158 14.82 -34.70 26.01
N ASP D 159 13.70 -34.43 25.36
CA ASP D 159 13.28 -35.27 24.25
C ASP D 159 14.34 -35.25 23.18
N ALA D 160 14.64 -36.44 22.63
CA ALA D 160 15.63 -36.52 21.57
C ALA D 160 15.23 -35.69 20.36
N ALA D 161 13.94 -35.43 20.18
CA ALA D 161 13.49 -34.67 19.02
C ALA D 161 13.94 -33.23 19.06
N LEU D 162 14.34 -32.70 20.21
CA LEU D 162 14.77 -31.32 20.31
C LEU D 162 16.23 -31.11 19.97
N THR D 163 16.97 -32.16 19.62
CA THR D 163 18.34 -32.05 19.16
C THR D 163 18.35 -32.25 17.65
N MET D 164 18.11 -31.16 16.93
CA MET D 164 17.83 -31.19 15.50
C MET D 164 19.09 -30.93 14.69
N THR D 165 19.02 -31.28 13.40
CA THR D 165 20.09 -30.99 12.46
C THR D 165 19.51 -30.57 11.13
N THR D 166 20.00 -29.46 10.59
CA THR D 166 19.70 -29.06 9.22
C THR D 166 20.96 -28.46 8.61
N ASP D 167 20.98 -28.39 7.28
CA ASP D 167 22.16 -28.01 6.53
C ASP D 167 21.93 -26.65 5.87
N TRP D 168 22.32 -25.59 6.58
CA TRP D 168 22.28 -24.26 6.01
C TRP D 168 23.36 -24.02 4.98
N THR D 169 24.28 -24.96 4.79
CA THR D 169 25.23 -24.86 3.70
C THR D 169 24.68 -25.42 2.40
N ALA D 170 23.51 -26.05 2.43
CA ALA D 170 22.98 -26.72 1.26
C ALA D 170 22.54 -25.70 0.21
N ALA D 171 22.44 -26.17 -1.02
CA ALA D 171 22.06 -25.32 -2.13
C ALA D 171 20.64 -24.80 -1.95
N GLY D 172 20.41 -23.56 -2.35
CA GLY D 172 19.08 -23.01 -2.42
C GLY D 172 18.48 -22.55 -1.11
N VAL D 173 19.22 -22.61 -0.01
CA VAL D 173 18.66 -22.16 1.27
C VAL D 173 18.49 -20.65 1.24
N THR D 174 17.52 -20.15 2.00
CA THR D 174 17.27 -18.71 2.05
C THR D 174 16.94 -18.33 3.49
N LEU D 175 16.88 -17.01 3.70
CA LEU D 175 16.60 -16.49 5.03
C LEU D 175 15.33 -17.09 5.61
N MET D 176 14.30 -17.22 4.80
CA MET D 176 13.05 -17.72 5.34
C MET D 176 13.11 -19.21 5.63
N ASP D 177 13.91 -19.96 4.87
CA ASP D 177 14.12 -21.35 5.24
C ASP D 177 14.84 -21.46 6.57
N MET D 178 15.85 -20.62 6.80
CA MET D 178 16.55 -20.69 8.06
C MET D 178 15.64 -20.31 9.22
N ILE D 179 14.84 -19.25 9.06
CA ILE D 179 13.91 -18.91 10.12
C ILE D 179 12.86 -20.00 10.27
N ALA D 180 12.53 -20.70 9.18
CA ALA D 180 11.63 -21.84 9.28
C ALA D 180 12.22 -22.93 10.15
N ASP D 181 13.51 -23.19 10.01
CA ASP D 181 14.15 -24.16 10.89
C ASP D 181 14.08 -23.71 12.34
N LEU D 182 14.38 -22.44 12.58
CA LEU D 182 14.36 -21.97 13.95
C LEU D 182 12.96 -22.02 14.54
N ARG D 183 11.94 -21.85 13.71
CA ARG D 183 10.58 -21.94 14.20
C ARG D 183 10.09 -23.38 14.29
N ASP D 184 10.68 -24.29 13.53
CA ASP D 184 10.47 -25.70 13.83
C ASP D 184 10.93 -25.99 15.24
N GLY D 185 12.11 -25.48 15.59
CA GLY D 185 12.54 -25.60 16.97
C GLY D 185 11.57 -24.98 17.94
N GLN D 186 11.10 -23.77 17.63
CA GLN D 186 10.19 -23.10 18.55
C GLN D 186 8.91 -23.90 18.73
N ARG D 187 8.39 -24.47 17.66
CA ARG D 187 7.19 -25.29 17.76
C ARG D 187 7.43 -26.51 18.61
N LEU D 188 8.49 -27.26 18.33
CA LEU D 188 8.74 -28.45 19.12
C LEU D 188 8.83 -28.11 20.60
N VAL D 189 9.52 -27.02 20.93
CA VAL D 189 9.63 -26.68 22.34
C VAL D 189 8.27 -26.29 22.90
N SER D 190 7.47 -25.53 22.14
CA SER D 190 6.17 -25.16 22.66
C SER D 190 5.27 -26.36 22.84
N ASP D 191 5.47 -27.41 22.03
CA ASP D 191 4.69 -28.63 22.14
C ASP D 191 5.14 -29.46 23.33
N LYS D 192 6.45 -29.58 23.52
CA LYS D 192 7.01 -30.51 24.49
C LYS D 192 7.10 -29.92 25.88
N SER D 193 7.23 -28.61 25.99
CA SER D 193 7.44 -27.98 27.29
C SER D 193 6.27 -28.26 28.22
N MET D 194 6.56 -28.28 29.51
CA MET D 194 5.50 -28.44 30.48
C MET D 194 4.70 -27.17 30.65
N SER D 195 5.34 -26.02 30.56
CA SER D 195 4.64 -24.75 30.60
C SER D 195 4.20 -24.25 29.23
N GLY D 196 4.52 -24.98 28.16
CA GLY D 196 4.16 -24.53 26.83
C GLY D 196 4.81 -23.22 26.43
N THR D 197 5.84 -22.79 27.14
CA THR D 197 6.42 -21.47 26.93
C THR D 197 7.04 -21.36 25.55
N VAL D 198 6.79 -20.24 24.89
CA VAL D 198 7.35 -19.98 23.56
C VAL D 198 8.75 -19.42 23.71
N ILE D 199 9.70 -19.97 22.97
CA ILE D 199 11.08 -19.51 23.02
C ILE D 199 11.16 -18.11 22.42
N ARG D 200 11.72 -17.18 23.18
CA ARG D 200 11.97 -15.84 22.67
C ARG D 200 13.43 -15.58 22.35
N ASP D 201 14.36 -16.33 22.95
CA ASP D 201 15.78 -16.03 22.87
C ASP D 201 16.48 -17.14 22.12
N TYR D 202 17.22 -16.79 21.07
CA TYR D 202 18.09 -17.72 20.38
C TYR D 202 19.53 -17.33 20.64
N ILE D 203 20.37 -18.32 20.90
CA ILE D 203 21.81 -18.12 21.03
C ILE D 203 22.47 -18.80 19.84
N PHE D 204 23.23 -18.04 19.07
CA PHE D 204 23.93 -18.57 17.90
C PHE D 204 25.37 -18.89 18.22
N GLY D 205 25.85 -20.01 17.72
CA GLY D 205 27.28 -20.23 17.62
C GLY D 205 27.90 -19.28 16.61
N GLY D 206 29.20 -19.07 16.75
CA GLY D 206 29.87 -18.17 15.83
C GLY D 206 29.73 -18.63 14.39
N ASP D 207 30.01 -19.89 14.12
CA ASP D 207 29.90 -20.38 12.74
C ASP D 207 28.46 -20.36 12.28
N ALA D 208 27.52 -20.63 13.18
CA ALA D 208 26.12 -20.60 12.80
C ALA D 208 25.70 -19.21 12.38
N TRP D 209 26.08 -18.20 13.16
CA TRP D 209 25.76 -16.83 12.80
C TRP D 209 26.48 -16.41 11.52
N ASP D 210 27.73 -16.86 11.35
CA ASP D 210 28.43 -16.53 10.11
C ASP D 210 27.70 -17.12 8.91
N GLN D 211 27.25 -18.37 9.00
CA GLN D 211 26.46 -18.94 7.91
C GLN D 211 25.15 -18.20 7.74
N PHE D 212 24.51 -17.82 8.85
CA PHE D 212 23.25 -17.11 8.79
C PHE D 212 23.39 -15.81 8.02
N VAL D 213 24.44 -15.04 8.31
CA VAL D 213 24.67 -13.82 7.56
C VAL D 213 25.06 -14.14 6.13
N LYS D 214 25.91 -15.15 5.92
CA LYS D 214 26.37 -15.47 4.58
C LYS D 214 25.23 -15.81 3.65
N VAL D 215 24.16 -16.40 4.18
CA VAL D 215 23.03 -16.80 3.34
C VAL D 215 21.93 -15.76 3.34
N GLY D 216 21.49 -15.31 4.50
CA GLY D 216 20.34 -14.44 4.59
C GLY D 216 20.65 -12.96 4.68
N GLY D 217 21.92 -12.59 4.72
CA GLY D 217 22.25 -11.20 4.88
C GLY D 217 21.90 -10.32 3.70
N LYS D 218 21.54 -10.92 2.58
CA LYS D 218 21.04 -10.18 1.44
C LYS D 218 19.53 -10.01 1.49
N GLU D 219 18.79 -11.06 1.86
CA GLU D 219 17.36 -10.93 2.02
C GLU D 219 17.03 -10.11 3.25
N LEU D 220 17.83 -10.24 4.29
CA LEU D 220 17.78 -9.31 5.40
C LEU D 220 18.56 -8.07 5.02
N TRP D 221 18.03 -6.90 5.39
CA TRP D 221 18.60 -5.62 5.00
C TRP D 221 18.60 -5.35 3.50
N GLY D 222 17.99 -6.22 2.70
CA GLY D 222 17.68 -5.85 1.33
C GLY D 222 16.34 -5.13 1.26
N LYS D 223 16.12 -4.39 0.16
CA LYS D 223 14.77 -3.88 -0.07
C LYS D 223 13.87 -5.01 -0.55
N ASP D 224 12.59 -4.89 -0.22
CA ASP D 224 11.67 -6.03 -0.22
C ASP D 224 12.06 -6.95 0.91
N GLY D 225 13.10 -6.57 1.67
CA GLY D 225 13.65 -7.42 2.69
C GLY D 225 12.97 -7.23 4.02
N LEU D 226 13.39 -8.04 4.97
CA LEU D 226 12.74 -8.09 6.27
C LEU D 226 12.96 -6.82 7.08
N MET D 227 13.91 -5.98 6.69
CA MET D 227 14.20 -4.74 7.41
C MET D 227 14.10 -3.60 6.41
N ASP D 228 12.95 -2.96 6.36
CA ASP D 228 12.74 -1.86 5.42
C ASP D 228 11.59 -1.04 5.96
N SER D 229 11.89 0.16 6.45
CA SER D 229 10.88 0.93 7.16
C SER D 229 9.71 1.33 6.27
N THR D 230 9.85 1.23 4.95
CA THR D 230 8.75 1.57 4.06
C THR D 230 7.75 0.44 3.90
N ILE D 231 8.05 -0.76 4.38
CA ILE D 231 7.16 -1.91 4.29
C ILE D 231 6.79 -2.31 5.70
N ARG D 232 5.51 -2.21 6.03
CA ARG D 232 5.02 -2.30 7.40
C ARG D 232 4.74 -3.72 7.87
N GLY D 233 5.37 -4.74 7.30
CA GLY D 233 5.14 -6.10 7.77
C GLY D 233 5.98 -6.56 8.93
N SER D 234 6.87 -5.73 9.48
CA SER D 234 7.83 -6.21 10.46
C SER D 234 8.40 -5.06 11.27
N GLU D 235 8.96 -5.40 12.44
CA GLU D 235 9.70 -4.47 13.28
C GLU D 235 11.08 -4.99 13.64
N THR D 236 11.60 -5.95 12.88
CA THR D 236 12.95 -6.46 13.08
C THR D 236 13.93 -5.32 13.29
N ASN D 237 14.95 -5.55 14.11
CA ASN D 237 15.96 -4.53 14.36
C ASN D 237 17.36 -5.12 14.46
N VAL D 238 17.66 -6.08 13.60
CA VAL D 238 18.96 -6.75 13.64
C VAL D 238 20.01 -5.86 12.98
N THR D 239 21.12 -5.65 13.68
CA THR D 239 22.09 -4.64 13.28
C THR D 239 22.90 -5.06 12.05
N ARG D 240 23.17 -4.08 11.18
CA ARG D 240 24.06 -4.30 10.04
C ARG D 240 25.45 -4.69 10.51
N LEU D 241 25.91 -4.09 11.62
CA LEU D 241 27.29 -4.14 12.05
C LEU D 241 27.35 -4.50 13.52
N TRP D 242 28.33 -5.33 13.88
CA TRP D 242 28.48 -5.77 15.24
C TRP D 242 29.95 -5.85 15.61
N ASP D 243 30.22 -5.70 16.91
CA ASP D 243 31.55 -5.99 17.42
C ASP D 243 31.93 -7.43 17.15
N ASP D 244 33.21 -7.72 17.28
CA ASP D 244 33.70 -9.08 17.40
C ASP D 244 34.46 -9.19 18.71
N VAL D 245 34.05 -10.12 19.56
CA VAL D 245 34.68 -10.31 20.86
C VAL D 245 34.58 -11.77 21.22
N GLU D 246 35.56 -12.26 21.97
CA GLU D 246 35.40 -13.56 22.57
C GLU D 246 34.44 -13.39 23.73
N GLY D 247 33.15 -13.50 23.47
CA GLY D 247 32.14 -13.26 24.47
C GLY D 247 30.74 -13.46 23.94
N VAL D 248 29.76 -12.84 24.58
CA VAL D 248 28.37 -12.90 24.17
C VAL D 248 27.89 -11.50 23.83
N GLN D 249 27.12 -11.38 22.77
CA GLN D 249 26.65 -10.08 22.35
C GLN D 249 25.30 -10.22 21.66
N TYR D 250 24.54 -9.13 21.70
CA TYR D 250 23.14 -9.10 21.34
C TYR D 250 22.98 -8.47 19.97
N MET D 251 22.54 -9.26 18.99
CA MET D 251 22.42 -8.80 17.62
C MET D 251 21.08 -8.16 17.32
N GLY D 252 20.24 -7.96 18.32
CA GLY D 252 18.94 -7.39 18.10
C GLY D 252 17.84 -8.43 18.06
N GLU D 253 16.70 -7.99 17.53
CA GLU D 253 15.41 -8.62 17.75
C GLU D 253 14.74 -8.86 16.41
N LEU D 254 14.40 -10.11 16.11
CA LEU D 254 13.90 -10.46 14.79
C LEU D 254 12.37 -10.60 14.79
N VAL D 255 11.70 -9.49 15.12
CA VAL D 255 10.29 -9.49 15.48
C VAL D 255 9.39 -9.30 14.26
N GLY D 256 8.15 -9.76 14.38
CA GLY D 256 7.10 -9.46 13.44
C GLY D 256 6.40 -8.15 13.75
N ALA D 257 5.08 -8.10 13.59
CA ALA D 257 4.43 -6.80 13.55
C ALA D 257 4.10 -6.21 14.92
N ASN D 258 3.09 -6.73 15.61
CA ASN D 258 2.76 -6.21 16.92
C ASN D 258 3.37 -7.02 18.05
N GLY D 259 4.69 -7.19 18.03
CA GLY D 259 5.35 -8.09 18.95
C GLY D 259 5.22 -9.55 18.57
N ALA D 260 4.45 -9.87 17.55
CA ALA D 260 4.29 -11.25 17.16
C ALA D 260 5.61 -11.83 16.66
N GLY D 261 5.87 -13.08 17.01
CA GLY D 261 6.91 -13.84 16.39
C GLY D 261 8.33 -13.43 16.70
N ARG D 262 8.56 -12.61 17.71
CA ARG D 262 9.90 -12.08 17.92
C ARG D 262 10.86 -13.17 18.40
N MET D 263 12.12 -12.99 18.04
CA MET D 263 13.18 -13.95 18.36
C MET D 263 14.44 -13.15 18.65
N ARG D 264 14.70 -12.86 19.92
CA ARG D 264 15.92 -12.13 20.25
C ARG D 264 17.13 -12.96 19.85
N ILE D 265 18.08 -12.34 19.18
CA ILE D 265 19.25 -13.02 18.66
C ILE D 265 20.43 -12.71 19.56
N TRP D 266 21.15 -13.74 19.97
CA TRP D 266 22.41 -13.62 20.67
C TRP D 266 23.42 -14.45 19.93
N VAL D 267 24.67 -14.01 19.90
CA VAL D 267 25.77 -14.82 19.38
C VAL D 267 26.75 -15.06 20.51
N ASN D 268 27.18 -16.31 20.65
CA ASN D 268 28.12 -16.71 21.69
C ASN D 268 29.35 -17.32 21.05
N THR D 269 30.51 -16.75 21.34
CA THR D 269 31.78 -17.32 20.92
C THR D 269 32.76 -17.40 22.09
N GLN D 270 32.27 -17.33 23.31
CA GLN D 270 33.15 -17.40 24.47
C GLN D 270 33.81 -18.77 24.54
N LYS D 271 35.01 -18.78 25.09
CA LYS D 271 35.84 -19.96 25.09
C LYS D 271 36.25 -20.31 26.51
N TYR D 272 36.49 -21.60 26.73
CA TYR D 272 36.84 -22.14 28.02
C TYR D 272 37.92 -23.17 27.79
N ARG D 273 38.62 -23.53 28.86
CA ARG D 273 39.73 -24.47 28.77
C ARG D 273 39.29 -25.84 29.22
N ASP D 274 39.46 -26.82 28.35
CA ASP D 274 38.88 -28.14 28.51
C ASP D 274 39.60 -28.89 29.63
N GLN D 275 39.07 -30.07 29.97
CA GLN D 275 39.77 -30.92 30.92
C GLN D 275 41.17 -31.25 30.44
N ASN D 276 41.35 -31.44 29.14
CA ASN D 276 42.67 -31.71 28.58
C ASN D 276 43.47 -30.44 28.33
N ASP D 277 43.03 -29.32 28.88
CA ASP D 277 43.65 -28.00 28.73
C ASP D 277 43.54 -27.44 27.33
N GLN D 278 42.90 -28.13 26.39
CA GLN D 278 42.60 -27.51 25.11
C GLN D 278 41.57 -26.41 25.31
N GLU D 279 41.75 -25.30 24.60
CA GLU D 279 40.74 -24.26 24.59
C GLU D 279 39.60 -24.66 23.66
N GLN D 280 38.38 -24.39 24.09
CA GLN D 280 37.22 -24.76 23.32
C GLN D 280 36.13 -23.73 23.51
N PHE D 281 35.23 -23.67 22.54
CA PHE D 281 34.10 -22.78 22.62
C PHE D 281 33.05 -23.34 23.54
N LEU D 282 32.44 -22.47 24.33
CA LEU D 282 31.44 -22.89 25.28
C LEU D 282 30.15 -23.30 24.57
N MET D 283 29.55 -22.37 23.84
CA MET D 283 28.43 -22.71 22.96
C MET D 283 28.91 -23.42 21.72
N LYS D 284 28.23 -24.51 21.36
CA LYS D 284 28.60 -25.21 20.13
C LYS D 284 28.51 -24.24 18.97
N GLN D 285 29.62 -24.09 18.24
CA GLN D 285 29.72 -22.98 17.30
C GLN D 285 28.91 -23.21 16.04
N LYS D 286 28.77 -24.45 15.60
CA LYS D 286 28.01 -24.75 14.40
C LYS D 286 26.53 -25.00 14.69
N ALA D 287 25.99 -24.43 15.76
CA ALA D 287 24.61 -24.73 16.12
C ALA D 287 23.95 -23.51 16.73
N VAL D 288 22.63 -23.52 16.73
CA VAL D 288 21.81 -22.50 17.37
C VAL D 288 21.02 -23.16 18.47
N MET D 289 21.02 -22.54 19.64
CA MET D 289 20.27 -23.02 20.79
C MET D 289 19.18 -22.02 21.10
N GLY D 290 17.94 -22.48 21.15
CA GLY D 290 16.84 -21.69 21.66
C GLY D 290 16.61 -22.05 23.12
N ILE D 291 16.40 -21.04 23.94
CA ILE D 291 16.25 -21.24 25.37
C ILE D 291 15.27 -20.22 25.90
N SER D 292 14.72 -20.51 27.08
CA SER D 292 13.79 -19.60 27.72
C SER D 292 13.90 -19.78 29.22
N SER D 293 13.49 -18.73 29.95
CA SER D 293 13.53 -18.80 31.40
C SER D 293 12.63 -19.90 31.94
N ALA D 294 11.72 -20.42 31.12
CA ALA D 294 10.89 -21.52 31.56
C ALA D 294 11.70 -22.78 31.83
N ILE D 295 12.96 -22.82 31.41
CA ILE D 295 13.81 -23.93 31.80
C ILE D 295 13.97 -23.98 33.31
N GLU D 296 13.77 -22.85 33.99
CA GLU D 296 13.74 -22.82 35.45
C GLU D 296 14.87 -23.65 36.03
N GLY D 297 16.07 -23.46 35.49
CA GLY D 297 17.19 -24.27 35.90
C GLY D 297 17.44 -24.15 37.39
N VAL D 298 17.88 -25.25 37.99
CA VAL D 298 18.28 -25.30 39.39
C VAL D 298 19.78 -25.54 39.44
N ARG D 299 20.49 -24.68 40.16
CA ARG D 299 21.89 -24.93 40.44
C ARG D 299 21.99 -25.66 41.78
N CYS D 300 22.54 -26.87 41.73
CA CYS D 300 22.43 -27.86 42.79
C CYS D 300 23.78 -28.03 43.48
N PHE D 301 23.77 -27.99 44.81
CA PHE D 301 24.99 -28.20 45.58
C PHE D 301 24.73 -29.23 46.66
N GLY D 302 25.42 -30.36 46.58
CA GLY D 302 25.29 -31.41 47.57
C GLY D 302 26.06 -31.12 48.84
N ALA D 303 26.13 -32.13 49.69
CA ALA D 303 26.93 -32.04 50.89
C ALA D 303 28.41 -32.08 50.55
N ILE D 304 29.20 -31.27 51.25
CA ILE D 304 30.65 -31.39 51.17
C ILE D 304 31.05 -32.58 52.01
N LEU D 305 31.77 -33.53 51.41
CA LEU D 305 32.23 -34.71 52.15
C LEU D 305 33.55 -34.40 52.86
N ASP D 306 33.50 -33.40 53.74
CA ASP D 306 34.69 -32.99 54.45
C ASP D 306 34.35 -32.52 55.86
N LYS D 307 35.14 -32.99 56.82
CA LYS D 307 34.98 -32.58 58.20
C LYS D 307 35.06 -31.07 58.32
N GLY D 308 35.75 -30.42 57.39
CA GLY D 308 35.70 -28.98 57.31
C GLY D 308 34.27 -28.52 57.08
N ALA D 309 33.86 -27.50 57.82
CA ALA D 309 32.52 -26.95 57.69
C ALA D 309 31.45 -28.04 57.87
N GLY D 310 31.74 -29.02 58.71
CA GLY D 310 30.71 -29.92 59.21
C GLY D 310 29.91 -30.65 58.15
N TYR D 311 30.58 -31.13 57.11
CA TYR D 311 29.91 -31.82 56.01
C TYR D 311 28.75 -31.01 55.45
N GLN D 312 28.73 -29.71 55.70
CA GLN D 312 27.64 -28.88 55.26
C GLN D 312 27.60 -28.86 53.75
N ALA D 313 26.48 -28.44 53.19
CA ALA D 313 26.34 -28.30 51.75
C ALA D 313 26.69 -26.87 51.37
N LEU D 314 27.67 -26.72 50.47
CA LEU D 314 28.26 -25.42 50.18
C LEU D 314 28.59 -25.33 48.69
N ASP D 315 28.63 -24.10 48.21
CA ASP D 315 29.03 -23.87 46.82
C ASP D 315 30.44 -24.35 46.57
N TYR D 316 31.37 -23.89 47.40
CA TYR D 316 32.75 -24.36 47.37
C TYR D 316 33.36 -24.09 48.73
N PHE D 317 34.34 -24.90 49.09
CA PHE D 317 34.94 -24.79 50.41
C PHE D 317 36.46 -24.93 50.33
N PRO D 318 37.22 -23.86 50.61
CA PRO D 318 38.68 -23.92 50.49
C PRO D 318 39.36 -24.34 51.78
N LYS D 319 40.42 -25.13 51.64
CA LYS D 319 41.06 -25.78 52.77
C LYS D 319 42.57 -25.79 52.58
N MET D 320 43.32 -25.51 53.65
CA MET D 320 44.77 -25.47 53.58
C MET D 320 45.40 -26.21 54.75
N TRP D 321 46.40 -27.03 54.45
CA TRP D 321 47.17 -27.72 55.46
C TRP D 321 48.54 -28.01 54.87
N ASP D 322 49.51 -28.28 55.74
CA ASP D 322 50.90 -28.32 55.34
C ASP D 322 51.61 -29.48 56.00
N GLN D 323 52.68 -29.93 55.35
CA GLN D 323 53.59 -30.91 55.89
C GLN D 323 54.65 -30.19 56.71
N GLU D 324 55.32 -30.94 57.59
CA GLU D 324 56.36 -30.35 58.44
C GLU D 324 57.77 -30.50 57.87
N ASP D 325 58.06 -31.60 57.19
CA ASP D 325 59.40 -31.78 56.64
C ASP D 325 59.34 -32.66 55.40
N PRO D 326 59.63 -32.14 54.21
CA PRO D 326 59.92 -30.75 53.86
C PRO D 326 58.75 -29.87 54.24
N SER D 327 58.82 -28.55 54.09
CA SER D 327 57.73 -27.70 54.54
C SER D 327 56.67 -27.46 53.49
N VAL D 328 56.55 -28.35 52.50
CA VAL D 328 55.57 -28.17 51.44
C VAL D 328 54.19 -27.96 52.01
N GLU D 329 53.40 -27.11 51.38
CA GLU D 329 52.05 -26.79 51.82
C GLU D 329 51.05 -27.21 50.76
N TYR D 330 49.85 -27.59 51.21
CA TYR D 330 48.78 -28.00 50.32
C TYR D 330 47.61 -27.04 50.43
N LEU D 331 46.94 -26.80 49.30
CA LEU D 331 45.73 -26.01 49.27
C LEU D 331 44.72 -26.70 48.36
N MET D 332 43.49 -26.87 48.87
CA MET D 332 42.46 -27.62 48.17
C MET D 332 41.12 -26.96 48.42
N SER D 333 40.20 -27.15 47.49
CA SER D 333 38.86 -26.61 47.57
C SER D 333 37.85 -27.69 47.23
N GLN D 334 36.74 -27.71 47.96
CA GLN D 334 35.74 -28.74 47.83
C GLN D 334 34.48 -28.16 47.20
N GLY D 335 33.85 -28.91 46.31
CA GLY D 335 32.60 -28.48 45.72
C GLY D 335 31.83 -29.64 45.15
N ALA D 336 30.50 -29.56 45.26
CA ALA D 336 29.59 -30.60 44.80
C ALA D 336 28.51 -30.01 43.88
N PRO D 337 28.91 -29.50 42.72
CA PRO D 337 27.95 -28.81 41.86
C PRO D 337 27.21 -29.75 40.94
N LEU D 338 25.98 -29.37 40.63
CA LEU D 338 25.29 -29.85 39.43
C LEU D 338 24.30 -28.79 39.03
N MET D 339 24.16 -28.59 37.72
CA MET D 339 23.25 -27.60 37.15
C MET D 339 22.13 -28.37 36.48
N VAL D 340 20.92 -28.22 36.99
CA VAL D 340 19.78 -29.07 36.63
C VAL D 340 18.74 -28.19 35.94
N PRO D 341 18.43 -28.44 34.67
CA PRO D 341 17.27 -27.78 34.07
C PRO D 341 16.00 -28.41 34.60
N ALA D 342 15.23 -27.63 35.35
CA ALA D 342 13.99 -28.17 35.90
C ALA D 342 13.13 -28.76 34.79
N ASP D 343 13.00 -28.03 33.67
CA ASP D 343 12.23 -28.49 32.53
C ASP D 343 13.17 -28.68 31.35
N PRO D 344 13.69 -29.89 31.13
CA PRO D 344 14.69 -30.09 30.07
C PRO D 344 14.22 -29.68 28.71
N ASN D 345 12.91 -29.71 28.45
CA ASN D 345 12.41 -29.47 27.10
C ASN D 345 12.23 -28.00 26.76
N ALA D 346 12.45 -27.09 27.70
CA ALA D 346 12.26 -25.67 27.45
C ALA D 346 13.38 -25.06 26.61
N SER D 347 14.21 -25.88 25.97
CA SER D 347 15.28 -25.41 25.11
C SER D 347 15.47 -26.41 23.99
N PHE D 348 16.16 -25.99 22.93
CA PHE D 348 16.48 -26.89 21.84
C PHE D 348 17.85 -26.54 21.30
N LEU D 349 18.43 -27.48 20.58
CA LEU D 349 19.72 -27.29 19.93
C LEU D 349 19.58 -27.67 18.47
N LEU D 350 19.96 -26.77 17.58
CA LEU D 350 19.90 -27.00 16.15
C LEU D 350 21.31 -26.93 15.58
N THR D 351 21.80 -28.04 15.04
CA THR D 351 23.04 -28.03 14.29
C THR D 351 22.77 -27.54 12.88
N VAL D 352 23.55 -26.56 12.43
CA VAL D 352 23.26 -25.88 11.18
C VAL D 352 24.32 -26.12 10.12
N MET D 353 25.44 -26.74 10.47
CA MET D 353 26.51 -26.96 9.51
C MET D 353 27.13 -28.33 9.75
N SER D 354 27.73 -28.87 8.70
CA SER D 354 28.40 -30.16 8.81
C SER D 354 29.75 -29.98 9.48
N ALA E 2 62.75 53.92 -15.94
CA ALA E 2 63.97 54.54 -15.45
C ALA E 2 65.15 54.18 -16.35
N GLY E 3 66.18 55.02 -16.37
CA GLY E 3 67.27 54.83 -17.30
C GLY E 3 68.27 53.76 -16.91
N LEU E 4 68.99 53.97 -15.82
CA LEU E 4 70.02 53.00 -15.43
C LEU E 4 69.38 51.66 -15.11
N TYR E 5 68.29 51.68 -14.36
CA TYR E 5 67.73 50.46 -13.81
C TYR E 5 66.26 50.69 -13.52
N THR E 6 65.47 49.62 -13.62
CA THR E 6 64.05 49.72 -13.33
C THR E 6 63.82 49.77 -11.82
N THR E 7 63.13 50.80 -11.34
CA THR E 7 62.80 50.86 -9.93
C THR E 7 61.78 49.77 -9.61
N TYR E 8 61.57 49.51 -8.32
CA TYR E 8 60.65 48.48 -7.88
C TYR E 8 60.00 48.87 -6.57
N GLN E 9 58.81 48.31 -6.33
CA GLN E 9 58.25 48.19 -5.00
C GLN E 9 58.25 46.73 -4.59
N LEU E 10 58.78 46.46 -3.40
CA LEU E 10 58.63 45.15 -2.79
C LEU E 10 57.29 45.08 -2.07
N LEU E 11 56.51 44.08 -2.38
CA LEU E 11 55.40 43.70 -1.53
C LEU E 11 55.83 42.55 -0.62
N GLU E 12 55.04 42.32 0.42
CA GLU E 12 55.50 41.45 1.49
C GLU E 12 55.84 40.07 0.95
N VAL E 13 56.88 39.47 1.53
CA VAL E 13 57.34 38.16 1.10
C VAL E 13 56.24 37.13 1.32
N GLN E 14 56.18 36.13 0.44
CA GLN E 14 55.19 35.06 0.52
C GLN E 14 55.90 33.77 0.93
N ARG E 15 55.59 33.26 2.12
CA ARG E 15 56.28 32.10 2.68
C ARG E 15 55.32 30.94 2.86
N LYS E 16 55.68 29.78 2.30
CA LYS E 16 55.02 28.51 2.59
C LYS E 16 55.93 27.72 3.53
N LEU E 17 55.47 27.52 4.75
CA LEU E 17 56.17 26.68 5.71
C LEU E 17 55.44 25.34 5.81
N LYS E 18 55.95 24.34 5.10
CA LYS E 18 55.36 23.01 5.17
C LYS E 18 55.71 22.35 6.50
N THR E 19 54.72 21.80 7.17
CA THR E 19 54.95 21.11 8.43
C THR E 19 54.21 19.79 8.43
N LEU E 20 54.70 18.89 9.27
CA LEU E 20 54.12 17.57 9.42
C LEU E 20 53.38 17.51 10.75
N PRO E 21 52.08 17.84 10.78
CA PRO E 21 51.38 17.89 12.06
C PRO E 21 51.32 16.53 12.72
N ALA E 22 51.33 16.54 14.05
CA ALA E 22 51.40 15.31 14.81
C ALA E 22 50.04 14.61 14.85
N PHE E 23 50.01 13.37 14.37
CA PHE E 23 48.80 12.56 14.41
C PHE E 23 48.99 11.29 15.23
N PHE E 24 50.06 10.54 14.97
CA PHE E 24 50.22 9.30 15.69
C PHE E 24 50.64 9.52 17.14
N LEU E 25 51.35 10.60 17.44
CA LEU E 25 51.80 10.82 18.80
C LEU E 25 50.67 11.06 19.77
N GLN E 26 49.41 11.07 19.33
CA GLN E 26 48.31 11.18 20.28
C GLN E 26 48.16 9.89 21.09
N TRP E 27 48.56 8.76 20.55
CA TRP E 27 48.51 7.49 21.25
C TRP E 27 49.77 7.19 22.06
N PHE E 28 50.66 8.16 22.22
CA PHE E 28 51.86 8.01 23.02
C PHE E 28 51.92 9.16 24.01
N PRO E 29 51.04 9.15 25.01
CA PRO E 29 50.97 10.28 25.94
C PRO E 29 51.97 10.23 27.07
N ARG E 30 52.64 9.11 27.31
CA ARG E 30 53.55 8.97 28.44
C ARG E 30 54.98 9.08 27.96
N GLN E 31 55.73 9.98 28.57
CA GLN E 31 57.13 10.20 28.25
C GLN E 31 57.99 9.75 29.41
N ILE E 32 59.05 9.02 29.11
CA ILE E 32 59.96 8.49 30.12
C ILE E 32 61.38 8.79 29.68
N ASN E 33 62.04 9.73 30.36
CA ASN E 33 63.44 10.00 30.15
C ASN E 33 64.26 9.16 31.13
N PHE E 34 65.15 8.33 30.60
CA PHE E 34 65.91 7.42 31.44
C PHE E 34 67.35 7.39 30.99
N GLN E 35 68.27 7.31 31.95
CA GLN E 35 69.67 7.14 31.63
C GLN E 35 70.09 5.68 31.59
N GLU E 36 69.19 4.76 31.90
CA GLU E 36 69.53 3.35 31.90
C GLU E 36 69.83 2.88 30.48
N ASP E 37 70.48 1.73 30.38
CA ASP E 37 70.84 1.23 29.07
C ASP E 37 69.63 0.72 28.32
N MET E 38 68.61 0.23 29.02
CA MET E 38 67.44 -0.35 28.37
C MET E 38 66.22 -0.12 29.24
N ILE E 39 65.06 -0.38 28.67
CA ILE E 39 63.80 -0.33 29.38
C ILE E 39 63.13 -1.69 29.22
N ALA E 40 62.46 -2.15 30.27
CA ALA E 40 62.01 -3.53 30.31
C ALA E 40 60.63 -3.65 30.92
N PHE E 41 59.92 -4.70 30.50
CA PHE E 41 58.58 -5.01 30.98
C PHE E 41 58.51 -6.48 31.34
N ASP E 42 57.50 -6.81 32.15
CA ASP E 42 57.14 -8.19 32.45
C ASP E 42 55.69 -8.38 32.03
N LYS E 43 55.45 -9.31 31.12
CA LYS E 43 54.11 -9.56 30.58
C LYS E 43 53.62 -10.92 31.05
N VAL E 44 52.44 -10.92 31.66
CA VAL E 44 51.99 -11.99 32.54
C VAL E 44 50.57 -12.36 32.13
N ILE E 45 50.40 -13.56 31.57
CA ILE E 45 49.10 -14.04 31.12
C ILE E 45 48.60 -15.07 32.13
N GLN E 46 47.35 -14.93 32.55
CA GLN E 46 46.77 -15.78 33.59
C GLN E 46 45.49 -16.43 33.09
N ASP E 47 45.59 -17.68 32.65
CA ASP E 47 44.47 -18.45 32.14
C ASP E 47 43.61 -19.06 33.24
N VAL E 48 42.63 -18.30 33.73
CA VAL E 48 41.78 -18.73 34.83
C VAL E 48 40.47 -19.26 34.27
N THR E 49 40.52 -19.80 33.05
CA THR E 49 39.32 -20.24 32.34
C THR E 49 39.22 -21.76 32.24
N ARG E 50 39.81 -22.50 33.16
CA ARG E 50 39.68 -23.95 33.13
C ARG E 50 38.42 -24.40 33.85
N VAL E 51 37.93 -25.57 33.44
CA VAL E 51 36.94 -26.30 34.21
C VAL E 51 37.66 -27.02 35.35
N ALA E 52 37.15 -26.88 36.56
CA ALA E 52 37.72 -27.62 37.67
C ALA E 52 37.58 -29.11 37.39
N PRO E 53 38.43 -29.93 37.97
CA PRO E 53 38.37 -31.37 37.69
C PRO E 53 37.27 -32.03 38.51
N PHE E 54 36.56 -32.97 37.91
CA PHE E 54 35.65 -33.78 38.71
C PHE E 54 36.42 -34.90 39.38
N VAL E 55 36.19 -35.05 40.67
CA VAL E 55 36.95 -35.96 41.52
C VAL E 55 35.98 -36.67 42.44
N ALA E 56 36.02 -37.99 42.45
CA ALA E 56 35.10 -38.73 43.30
C ALA E 56 35.29 -38.31 44.75
N PRO E 57 34.22 -38.21 45.53
CA PRO E 57 34.37 -37.66 46.88
C PRO E 57 35.35 -38.41 47.76
N ASN E 58 35.57 -39.70 47.51
CA ASN E 58 36.48 -40.48 48.34
C ASN E 58 37.89 -39.95 48.24
N VAL E 59 38.35 -39.68 47.03
CA VAL E 59 39.78 -39.65 46.73
C VAL E 59 40.32 -38.24 46.88
N GLN E 60 41.65 -38.12 46.84
CA GLN E 60 42.34 -37.00 47.46
C GLN E 60 42.13 -35.67 46.76
N GLY E 61 41.99 -35.68 45.44
CA GLY E 61 41.99 -34.45 44.69
C GLY E 61 43.13 -34.40 43.68
N ARG E 62 43.05 -33.42 42.79
CA ARG E 62 43.96 -33.33 41.66
C ARG E 62 44.92 -32.15 41.84
N VAL E 63 46.19 -32.37 41.56
CA VAL E 63 47.19 -31.32 41.59
C VAL E 63 47.20 -30.62 40.23
N ILE E 64 47.10 -29.30 40.24
CA ILE E 64 46.92 -28.51 39.03
C ILE E 64 48.16 -27.66 38.81
N LYS E 65 48.59 -27.56 37.54
CA LYS E 65 49.84 -26.88 37.20
C LYS E 65 49.64 -25.38 37.07
N GLU E 66 50.74 -24.70 36.76
CA GLU E 66 50.74 -23.25 36.62
C GLU E 66 51.69 -22.84 35.50
N SER E 67 51.71 -21.54 35.22
CA SER E 67 52.42 -21.00 34.06
C SER E 67 53.36 -19.87 34.48
N GLY E 68 54.46 -19.72 33.76
CA GLY E 68 55.43 -18.68 33.99
C GLY E 68 55.06 -17.37 33.33
N TYR E 69 56.07 -16.53 33.12
CA TYR E 69 55.86 -15.25 32.47
C TYR E 69 57.14 -14.81 31.77
N ASN E 70 56.98 -13.86 30.84
CA ASN E 70 58.03 -13.41 29.96
C ASN E 70 58.37 -11.95 30.24
N THR E 71 59.37 -11.45 29.51
CA THR E 71 59.82 -10.07 29.66
C THR E 71 60.21 -9.49 28.31
N LYS E 72 60.22 -8.15 28.25
CA LYS E 72 60.56 -7.40 27.05
C LYS E 72 61.65 -6.39 27.36
N THR E 73 62.47 -6.09 26.37
CA THR E 73 63.60 -5.17 26.54
C THR E 73 63.81 -4.36 25.27
N PHE E 74 63.92 -3.04 25.41
CA PHE E 74 64.06 -2.15 24.27
C PHE E 74 65.15 -1.12 24.52
N LYS E 75 65.93 -0.82 23.48
CA LYS E 75 67.00 0.18 23.55
C LYS E 75 66.74 1.29 22.55
N PRO E 76 66.67 2.55 22.97
CA PRO E 76 66.29 3.63 22.05
C PRO E 76 67.32 3.90 20.96
N ALA E 77 66.86 4.61 19.92
CA ALA E 77 67.68 4.97 18.79
C ALA E 77 68.32 6.35 19.00
N TYR E 78 69.11 6.80 18.02
CA TYR E 78 69.89 8.03 18.17
C TYR E 78 69.90 8.84 16.89
N VAL E 79 69.84 10.17 17.04
CA VAL E 79 69.57 11.10 15.96
C VAL E 79 70.53 12.29 16.04
N LYS E 80 71.18 12.63 14.92
CA LYS E 80 72.13 13.74 14.85
C LYS E 80 72.02 14.49 13.54
N PRO E 81 71.12 15.46 13.46
CA PRO E 81 71.15 16.40 12.34
C PRO E 81 72.03 17.59 12.65
N LYS E 82 72.85 18.00 11.68
CA LYS E 82 73.64 19.23 11.85
C LYS E 82 73.76 19.98 10.53
N HIS E 83 73.95 21.30 10.66
CA HIS E 83 74.21 22.19 9.53
C HIS E 83 75.52 22.90 9.75
N VAL E 84 76.21 23.20 8.65
CA VAL E 84 77.41 24.03 8.64
C VAL E 84 77.07 25.33 7.94
N ILE E 85 77.45 26.44 8.56
CA ILE E 85 76.87 27.74 8.25
C ILE E 85 77.94 28.66 7.67
N ASP E 86 78.83 28.13 6.85
CA ASP E 86 79.89 28.92 6.26
C ASP E 86 79.32 30.20 5.65
N PRO E 87 80.17 31.14 5.25
CA PRO E 87 79.65 32.43 4.78
C PRO E 87 78.68 32.33 3.62
N ASN E 88 78.88 31.37 2.69
CA ASN E 88 78.04 31.35 1.50
C ASN E 88 76.56 31.35 1.85
N MET E 89 76.20 30.78 2.99
CA MET E 89 74.82 30.77 3.43
C MET E 89 74.43 32.06 4.13
N ILE E 90 75.40 32.85 4.58
CA ILE E 90 75.12 34.04 5.36
C ILE E 90 75.05 35.27 4.47
N ILE E 91 76.00 35.40 3.55
CA ILE E 91 76.14 36.64 2.79
C ILE E 91 74.88 36.97 1.99
N PRO E 92 74.34 36.06 1.18
CA PRO E 92 73.32 36.47 0.21
C PRO E 92 72.12 37.13 0.85
N ARG E 93 71.44 37.95 0.06
CA ARG E 93 70.26 38.67 0.53
C ARG E 93 69.17 37.70 0.91
N GLN E 94 68.56 37.93 2.04
CA GLN E 94 67.38 37.17 2.42
C GLN E 94 66.13 37.93 1.99
N PRO E 95 65.05 37.22 1.63
CA PRO E 95 63.93 37.87 0.95
C PRO E 95 63.46 39.17 1.55
N GLY E 96 63.38 39.28 2.88
CA GLY E 96 62.85 40.49 3.48
C GLY E 96 63.62 41.74 3.14
N GLU E 97 64.88 41.61 2.71
CA GLU E 97 65.76 42.74 2.56
C GLU E 97 65.35 43.63 1.39
N ALA E 98 65.38 44.94 1.62
CA ALA E 98 65.02 45.91 0.60
C ALA E 98 65.90 45.73 -0.62
N LEU E 99 65.42 46.22 -1.76
CA LEU E 99 66.19 46.17 -2.98
C LEU E 99 67.27 47.24 -2.97
N GLY E 100 68.25 47.06 -3.83
CA GLY E 100 69.35 48.01 -3.94
C GLY E 100 70.37 47.91 -2.85
N THR E 101 69.96 48.02 -1.59
CA THR E 101 70.88 47.92 -0.46
C THR E 101 70.18 47.17 0.66
N GLY E 102 70.41 45.87 0.73
CA GLY E 102 69.76 45.03 1.72
C GLY E 102 69.85 45.62 3.11
N THR E 103 68.73 45.62 3.83
CA THR E 103 68.70 46.29 5.14
C THR E 103 69.39 45.48 6.23
N LEU E 104 69.55 44.18 6.07
CA LEU E 104 70.13 43.35 7.12
C LEU E 104 71.65 43.43 7.11
N SER E 105 72.22 43.87 8.22
CA SER E 105 73.65 43.73 8.42
C SER E 105 74.03 42.27 8.29
N ILE E 106 75.23 42.01 7.78
CA ILE E 106 75.64 40.64 7.55
C ILE E 106 75.60 39.84 8.84
N ALA E 107 75.73 40.51 9.99
CA ALA E 107 75.51 39.81 11.26
C ALA E 107 74.06 39.40 11.42
N GLN E 108 73.13 40.28 11.05
CA GLN E 108 71.72 39.95 11.19
C GLN E 108 71.30 38.86 10.23
N ARG E 109 71.90 38.77 9.06
CA ARG E 109 71.60 37.66 8.17
C ARG E 109 71.98 36.33 8.85
N ARG E 110 73.15 36.30 9.48
CA ARG E 110 73.54 35.13 10.25
C ARG E 110 72.53 34.85 11.35
N ASP E 111 72.15 35.87 12.08
CA ASP E 111 71.18 35.68 13.16
C ASP E 111 69.90 35.04 12.63
N ARG E 112 69.37 35.58 11.54
CA ARG E 112 68.12 35.07 11.00
C ARG E 112 68.26 33.63 10.57
N VAL E 113 69.33 33.30 9.85
CA VAL E 113 69.46 31.95 9.35
C VAL E 113 69.66 30.98 10.51
N ILE E 114 70.37 31.38 11.54
CA ILE E 114 70.56 30.49 12.68
C ILE E 114 69.25 30.26 13.43
N ALA E 115 68.47 31.32 13.67
CA ALA E 115 67.19 31.11 14.32
C ALA E 115 66.34 30.15 13.51
N TYR E 116 66.34 30.31 12.20
CA TYR E 116 65.59 29.39 11.36
C TYR E 116 66.11 27.97 11.49
N LEU E 117 67.43 27.78 11.51
CA LEU E 117 67.95 26.42 11.55
C LEU E 117 67.71 25.76 12.89
N LEU E 118 67.74 26.52 13.98
CA LEU E 118 67.34 25.95 15.26
C LEU E 118 65.90 25.47 15.21
N MET E 119 65.01 26.31 14.68
CA MET E 119 63.62 25.89 14.53
C MET E 119 63.55 24.63 13.68
N LYS E 120 64.32 24.58 12.59
CA LYS E 120 64.27 23.43 11.71
C LYS E 120 64.74 22.18 12.42
N HIS E 121 65.77 22.29 13.26
CA HIS E 121 66.25 21.12 13.98
C HIS E 121 65.19 20.60 14.91
N ARG E 122 64.58 21.47 15.71
CA ARG E 122 63.51 21.03 16.58
C ARG E 122 62.44 20.31 15.76
N ALA E 123 62.05 20.93 14.64
CA ALA E 123 61.02 20.35 13.81
C ALA E 123 61.43 19.00 13.24
N MET E 124 62.70 18.84 12.87
CA MET E 124 63.13 17.56 12.34
C MET E 124 63.08 16.49 13.41
N HIS E 125 63.42 16.82 14.64
CA HIS E 125 63.28 15.83 15.70
C HIS E 125 61.82 15.45 15.89
N GLU E 126 60.93 16.43 15.95
CA GLU E 126 59.52 16.11 16.15
C GLU E 126 58.98 15.30 14.98
N ASN E 127 59.47 15.57 13.77
CA ASN E 127 59.10 14.75 12.63
C ASN E 127 59.57 13.32 12.82
N THR E 128 60.75 13.13 13.42
CA THR E 128 61.21 11.76 13.64
C THR E 128 60.36 11.07 14.69
N TRP E 129 59.96 11.79 15.73
CA TRP E 129 59.06 11.18 16.71
C TRP E 129 57.77 10.75 16.05
N GLU E 130 57.19 11.61 15.21
CA GLU E 130 55.99 11.22 14.48
C GLU E 130 56.24 9.98 13.64
N TRP E 131 57.36 9.97 12.92
CA TRP E 131 57.64 8.82 12.07
C TRP E 131 57.77 7.55 12.89
N MET E 132 58.43 7.62 14.02
CA MET E 132 58.64 6.42 14.82
C MET E 132 57.33 5.96 15.45
N ALA E 133 56.52 6.90 15.91
CA ALA E 133 55.21 6.54 16.45
C ALA E 133 54.36 5.86 15.38
N ALA E 134 54.38 6.40 14.17
CA ALA E 134 53.61 5.78 13.10
C ALA E 134 54.12 4.38 12.81
N GLN E 135 55.43 4.22 12.75
CA GLN E 135 55.98 2.90 12.47
C GLN E 135 55.59 1.90 13.55
N ALA E 136 55.69 2.31 14.81
CA ALA E 136 55.34 1.42 15.91
C ALA E 136 53.87 1.04 15.84
N ALA E 137 52.99 2.02 15.72
CA ALA E 137 51.56 1.73 15.69
C ALA E 137 51.20 0.82 14.52
N GLN E 138 51.79 1.05 13.37
CA GLN E 138 51.45 0.22 12.21
C GLN E 138 52.03 -1.17 12.34
N TYR E 139 53.36 -1.28 12.33
CA TYR E 139 54.01 -2.56 12.15
C TYR E 139 54.35 -3.26 13.45
N GLY E 140 54.17 -2.60 14.60
CA GLY E 140 54.65 -3.17 15.83
C GLY E 140 56.15 -3.26 15.91
N TYR E 141 56.86 -2.66 14.98
CA TYR E 141 58.31 -2.56 15.03
C TYR E 141 58.70 -1.35 14.19
N VAL E 142 59.90 -0.85 14.42
CA VAL E 142 60.42 0.28 13.68
C VAL E 142 61.79 -0.08 13.14
N ASP E 143 61.98 0.04 11.83
CA ASP E 143 63.27 -0.24 11.21
C ASP E 143 64.07 1.06 11.15
N VAL E 144 64.83 1.31 12.22
CA VAL E 144 65.69 2.49 12.25
C VAL E 144 66.83 2.30 11.26
N GLN E 145 67.11 3.34 10.50
CA GLN E 145 68.07 3.23 9.40
C GLN E 145 68.74 4.57 9.18
N GLY E 146 69.75 4.55 8.33
CA GLY E 146 70.41 5.75 7.87
C GLY E 146 71.65 5.37 7.11
N GLN E 147 72.35 6.37 6.60
CA GLN E 147 73.70 6.12 6.14
C GLN E 147 74.64 5.86 7.29
N ASP E 148 74.32 6.37 8.47
CA ASP E 148 75.19 6.30 9.63
C ASP E 148 74.51 5.61 10.80
N TYR E 149 73.68 4.61 10.51
CA TYR E 149 73.03 3.84 11.56
C TYR E 149 72.59 2.51 10.96
N PRO E 150 73.19 1.39 11.33
CA PRO E 150 72.84 0.14 10.67
C PRO E 150 71.39 -0.22 10.87
N LEU E 151 70.83 -0.91 9.88
CA LEU E 151 69.45 -1.36 9.97
C LEU E 151 69.28 -2.32 11.13
N VAL E 152 68.47 -1.94 12.11
CA VAL E 152 68.06 -2.84 13.19
C VAL E 152 66.57 -2.68 13.41
N ARG E 153 65.84 -3.79 13.38
CA ARG E 153 64.40 -3.78 13.61
C ARG E 153 64.15 -3.81 15.11
N VAL E 154 63.63 -2.72 15.66
CA VAL E 154 63.29 -2.69 17.07
C VAL E 154 61.92 -3.31 17.23
N ASP E 155 61.89 -4.64 17.35
CA ASP E 155 60.62 -5.35 17.37
C ASP E 155 59.97 -5.22 18.74
N PHE E 156 58.85 -4.50 18.79
CA PHE E 156 58.12 -4.37 20.04
C PHE E 156 57.39 -5.64 20.41
N GLY E 157 57.44 -6.67 19.57
CA GLY E 157 56.89 -7.95 19.95
C GLY E 157 55.40 -8.06 19.82
N ARG E 158 54.81 -7.45 18.81
CA ARG E 158 53.42 -7.71 18.50
C ARG E 158 53.26 -9.10 17.92
N ASP E 159 52.14 -9.72 18.23
CA ASP E 159 51.88 -11.06 17.72
C ASP E 159 51.85 -11.00 16.20
N ALA E 160 52.47 -11.99 15.55
CA ALA E 160 52.52 -11.99 14.10
C ALA E 160 51.13 -12.08 13.48
N ALA E 161 50.16 -12.62 14.21
CA ALA E 161 48.83 -12.77 13.66
C ALA E 161 48.11 -11.43 13.47
N LEU E 162 48.57 -10.37 14.12
CA LEU E 162 47.96 -9.06 13.94
C LEU E 162 48.49 -8.31 12.73
N THR E 163 49.34 -8.94 11.92
CA THR E 163 49.72 -8.40 10.63
C THR E 163 49.13 -9.31 9.56
N MET E 164 48.23 -8.76 8.75
CA MET E 164 47.31 -9.55 7.95
C MET E 164 47.42 -9.14 6.49
N THR E 165 46.96 -10.02 5.61
CA THR E 165 46.91 -9.74 4.19
C THR E 165 45.60 -10.26 3.62
N THR E 166 44.93 -9.43 2.83
CA THR E 166 43.70 -9.82 2.15
C THR E 166 43.54 -8.99 0.89
N ASP E 167 43.45 -9.64 -0.26
CA ASP E 167 43.34 -8.92 -1.52
C ASP E 167 41.90 -8.45 -1.76
N TRP E 168 41.62 -7.20 -1.43
CA TRP E 168 40.36 -6.59 -1.82
C TRP E 168 40.24 -6.36 -3.31
N THR E 169 41.29 -6.60 -4.08
CA THR E 169 41.18 -6.53 -5.53
C THR E 169 40.59 -7.78 -6.14
N ALA E 170 40.42 -8.84 -5.35
CA ALA E 170 39.96 -10.12 -5.89
C ALA E 170 38.51 -10.02 -6.34
N ALA E 171 38.17 -10.88 -7.31
CA ALA E 171 36.81 -10.91 -7.83
C ALA E 171 35.82 -11.30 -6.74
N GLY E 172 34.64 -10.70 -6.77
CA GLY E 172 33.56 -11.10 -5.91
C GLY E 172 33.57 -10.53 -4.51
N VAL E 173 34.47 -9.61 -4.19
CA VAL E 173 34.51 -9.05 -2.85
C VAL E 173 33.36 -8.08 -2.66
N THR E 174 32.65 -8.20 -1.54
CA THR E 174 31.61 -7.25 -1.18
C THR E 174 32.06 -6.39 -0.01
N LEU E 175 31.30 -5.31 0.21
CA LEU E 175 31.56 -4.47 1.37
C LEU E 175 31.57 -5.29 2.64
N MET E 176 30.70 -6.28 2.74
CA MET E 176 30.66 -7.07 3.96
C MET E 176 31.85 -8.00 4.08
N ASP E 177 32.38 -8.50 2.95
CA ASP E 177 33.63 -9.23 3.05
C ASP E 177 34.74 -8.34 3.55
N MET E 178 34.80 -7.10 3.06
CA MET E 178 35.85 -6.20 3.51
C MET E 178 35.71 -5.90 5.00
N ILE E 179 34.49 -5.65 5.47
CA ILE E 179 34.33 -5.40 6.90
C ILE E 179 34.55 -6.68 7.69
N ALA E 180 34.34 -7.85 7.10
CA ALA E 180 34.71 -9.08 7.78
C ALA E 180 36.22 -9.13 7.99
N ASP E 181 36.98 -8.72 6.98
CA ASP E 181 38.42 -8.69 7.15
C ASP E 181 38.82 -7.72 8.25
N LEU E 182 38.17 -6.55 8.31
CA LEU E 182 38.49 -5.62 9.38
C LEU E 182 38.07 -6.14 10.75
N ARG E 183 36.95 -6.84 10.83
CA ARG E 183 36.49 -7.31 12.12
C ARG E 183 37.29 -8.49 12.60
N ASP E 184 37.95 -9.22 11.69
CA ASP E 184 38.91 -10.22 12.13
C ASP E 184 40.01 -9.57 12.96
N GLY E 185 40.52 -8.44 12.49
CA GLY E 185 41.48 -7.69 13.29
C GLY E 185 40.90 -7.26 14.61
N GLN E 186 39.67 -6.74 14.59
CA GLN E 186 39.07 -6.35 15.85
C GLN E 186 39.04 -7.52 16.82
N ARG E 187 38.66 -8.70 16.33
CA ARG E 187 38.66 -9.88 17.17
C ARG E 187 40.04 -10.14 17.74
N LEU E 188 41.02 -10.37 16.87
CA LEU E 188 42.31 -10.81 17.36
C LEU E 188 42.90 -9.81 18.33
N VAL E 189 42.69 -8.52 18.12
CA VAL E 189 43.17 -7.56 19.10
C VAL E 189 42.45 -7.74 20.42
N SER E 190 41.18 -8.04 20.40
CA SER E 190 40.51 -8.24 21.68
C SER E 190 41.07 -9.46 22.35
N ASP E 191 41.33 -10.49 21.56
CA ASP E 191 41.88 -11.72 22.13
C ASP E 191 43.24 -11.48 22.76
N LYS E 192 44.10 -10.71 22.09
CA LYS E 192 45.51 -10.66 22.40
C LYS E 192 45.88 -9.53 23.35
N SER E 193 45.09 -8.47 23.41
CA SER E 193 45.48 -7.30 24.21
C SER E 193 45.62 -7.67 25.67
N MET E 194 46.52 -7.00 26.37
CA MET E 194 46.53 -7.16 27.82
C MET E 194 45.52 -6.21 28.43
N SER E 195 44.38 -6.01 27.76
CA SER E 195 43.28 -5.26 28.36
C SER E 195 41.92 -5.72 27.86
N GLY E 196 41.89 -6.65 26.91
CA GLY E 196 40.62 -6.97 26.29
C GLY E 196 39.98 -5.82 25.55
N THR E 197 40.77 -4.83 25.13
CA THR E 197 40.23 -3.63 24.52
C THR E 197 39.71 -3.88 23.11
N VAL E 198 38.56 -3.29 22.79
CA VAL E 198 38.00 -3.35 21.45
C VAL E 198 38.42 -2.12 20.67
N ILE E 199 38.85 -2.32 19.42
CA ILE E 199 39.27 -1.21 18.59
C ILE E 199 38.06 -0.48 18.03
N ARG E 200 37.99 0.82 18.24
CA ARG E 200 37.07 1.68 17.52
C ARG E 200 37.72 2.35 16.33
N ASP E 201 38.86 2.99 16.53
CA ASP E 201 39.45 3.87 15.53
C ASP E 201 40.18 3.04 14.47
N TYR E 202 39.74 3.12 13.22
CA TYR E 202 40.48 2.56 12.10
C TYR E 202 41.12 3.70 11.33
N ILE E 203 42.35 3.51 10.89
CA ILE E 203 43.02 4.44 9.99
C ILE E 203 43.19 3.73 8.67
N PHE E 204 42.75 4.36 7.59
CA PHE E 204 42.94 3.84 6.25
C PHE E 204 44.08 4.57 5.55
N GLY E 205 44.90 3.80 4.85
CA GLY E 205 45.75 4.41 3.84
C GLY E 205 44.91 4.89 2.68
N GLY E 206 45.35 5.98 2.05
CA GLY E 206 44.54 6.59 1.01
C GLY E 206 44.21 5.61 -0.09
N ASP E 207 45.17 4.75 -0.44
CA ASP E 207 44.91 3.75 -1.47
C ASP E 207 43.96 2.67 -0.95
N ALA E 208 44.11 2.27 0.30
CA ALA E 208 43.18 1.31 0.87
C ALA E 208 41.78 1.89 0.91
N TRP E 209 41.64 3.15 1.31
CA TRP E 209 40.33 3.79 1.29
C TRP E 209 39.78 3.90 -0.12
N ASP E 210 40.62 4.22 -1.09
CA ASP E 210 40.12 4.29 -2.46
C ASP E 210 39.63 2.94 -2.94
N GLN E 211 40.34 1.86 -2.61
CA GLN E 211 39.83 0.53 -2.95
C GLN E 211 38.55 0.23 -2.21
N PHE E 212 38.48 0.60 -0.92
CA PHE E 212 37.28 0.39 -0.14
C PHE E 212 36.08 1.05 -0.79
N VAL E 213 36.24 2.28 -1.24
CA VAL E 213 35.13 2.96 -1.91
C VAL E 213 34.87 2.31 -3.27
N LYS E 214 35.91 2.00 -4.03
CA LYS E 214 35.72 1.47 -5.36
C LYS E 214 34.91 0.18 -5.32
N VAL E 215 35.07 -0.62 -4.27
CA VAL E 215 34.35 -1.89 -4.18
C VAL E 215 33.03 -1.73 -3.43
N GLY E 216 33.04 -1.14 -2.25
CA GLY E 216 31.87 -1.11 -1.40
C GLY E 216 31.03 0.14 -1.52
N GLY E 217 31.40 1.06 -2.39
CA GLY E 217 30.67 2.31 -2.49
C GLY E 217 29.41 2.19 -3.30
N LYS E 218 28.87 1.00 -3.36
CA LYS E 218 27.53 0.76 -3.88
C LYS E 218 26.66 0.05 -2.85
N GLU E 219 27.23 -0.89 -2.11
CA GLU E 219 26.60 -1.35 -0.89
C GLU E 219 26.67 -0.28 0.18
N LEU E 220 27.49 0.74 -0.02
CA LEU E 220 27.55 1.90 0.83
C LEU E 220 27.13 3.12 0.02
N TRP E 221 26.16 3.86 0.54
CA TRP E 221 25.51 4.94 -0.19
C TRP E 221 24.64 4.47 -1.35
N GLY E 222 24.61 3.18 -1.64
CA GLY E 222 23.67 2.71 -2.62
C GLY E 222 22.30 2.45 -2.02
N LYS E 223 21.33 2.20 -2.89
CA LYS E 223 20.08 1.64 -2.43
C LYS E 223 20.35 0.34 -1.69
N ASP E 224 19.68 0.15 -0.55
CA ASP E 224 19.82 -0.98 0.35
C ASP E 224 21.13 -0.91 1.13
N GLY E 225 21.93 0.12 0.93
CA GLY E 225 23.24 0.18 1.53
C GLY E 225 23.20 0.59 2.98
N LEU E 226 24.38 0.59 3.59
CA LEU E 226 24.46 0.80 5.03
C LEU E 226 23.90 2.14 5.44
N MET E 227 23.87 3.12 4.54
CA MET E 227 23.40 4.45 4.90
C MET E 227 22.00 4.75 4.39
N ASP E 228 21.40 3.82 3.65
CA ASP E 228 20.06 4.03 3.13
C ASP E 228 19.11 4.14 4.30
N SER E 229 18.68 5.34 4.61
CA SER E 229 17.97 5.55 5.86
C SER E 229 16.61 4.93 5.85
N THR E 230 16.17 4.21 4.83
CA THR E 230 14.91 3.48 4.95
C THR E 230 15.08 2.21 5.77
N ILE E 231 16.31 1.73 5.93
CA ILE E 231 16.59 0.44 6.54
C ILE E 231 17.12 0.68 7.94
N ARG E 232 16.54 -0.04 8.91
CA ARG E 232 16.72 0.30 10.32
C ARG E 232 18.06 -0.14 10.89
N GLY E 233 18.84 -0.92 10.17
CA GLY E 233 19.94 -1.65 10.77
C GLY E 233 21.23 -0.90 11.04
N SER E 234 21.27 0.42 10.94
CA SER E 234 22.54 1.13 11.08
C SER E 234 22.31 2.59 11.46
N GLU E 235 23.39 3.25 11.85
CA GLU E 235 23.44 4.68 12.09
C GLU E 235 24.71 5.31 11.52
N THR E 236 25.33 4.66 10.54
CA THR E 236 26.58 5.15 9.98
C THR E 236 26.40 6.50 9.31
N ASN E 237 27.46 7.33 9.36
CA ASN E 237 27.45 8.67 8.79
C ASN E 237 28.63 8.94 7.86
N VAL E 238 29.16 7.91 7.19
CA VAL E 238 30.37 8.11 6.39
C VAL E 238 30.06 9.00 5.21
N THR E 239 30.80 10.10 5.09
CA THR E 239 30.49 11.15 4.12
C THR E 239 30.77 10.69 2.69
N ARG E 240 29.93 11.13 1.76
CA ARG E 240 30.11 10.78 0.35
C ARG E 240 31.25 11.56 -0.27
N LEU E 241 31.54 12.75 0.22
CA LEU E 241 32.47 13.67 -0.43
C LEU E 241 33.51 14.15 0.56
N TRP E 242 34.74 14.29 0.09
CA TRP E 242 35.83 14.74 0.92
C TRP E 242 36.81 15.53 0.08
N ASP E 243 37.59 16.37 0.73
CA ASP E 243 38.61 17.15 0.05
C ASP E 243 39.81 16.27 -0.28
N ASP E 244 40.28 16.32 -1.53
CA ASP E 244 41.54 15.68 -1.85
C ASP E 244 42.68 16.55 -1.34
N VAL E 245 43.06 16.37 -0.09
CA VAL E 245 44.10 17.17 0.55
C VAL E 245 45.03 16.24 1.30
N GLU E 246 46.32 16.46 1.15
CA GLU E 246 47.32 15.69 1.88
C GLU E 246 47.19 15.97 3.37
N GLY E 247 46.69 15.01 4.13
CA GLY E 247 46.45 15.22 5.54
C GLY E 247 45.66 14.06 6.13
N VAL E 248 45.12 14.30 7.32
CA VAL E 248 44.32 13.32 8.05
C VAL E 248 42.86 13.71 7.91
N GLN E 249 42.03 12.77 7.49
CA GLN E 249 40.62 13.03 7.18
C GLN E 249 39.74 12.11 8.00
N TYR E 250 38.82 12.69 8.74
CA TYR E 250 37.85 11.93 9.54
C TYR E 250 36.60 11.70 8.71
N MET E 251 36.43 10.49 8.22
CA MET E 251 35.31 10.17 7.37
C MET E 251 34.02 9.93 8.14
N GLY E 252 34.07 9.92 9.47
CA GLY E 252 32.89 9.68 10.27
C GLY E 252 32.77 8.24 10.71
N GLU E 253 31.69 7.98 11.43
CA GLU E 253 31.51 6.75 12.20
C GLU E 253 30.69 5.74 11.41
N LEU E 254 31.11 4.48 11.46
CA LEU E 254 30.49 3.39 10.72
C LEU E 254 29.97 2.37 11.73
N VAL E 255 28.66 2.39 12.00
CA VAL E 255 28.14 1.83 13.24
C VAL E 255 26.82 1.10 12.98
N GLY E 256 26.55 0.08 13.79
CA GLY E 256 25.25 -0.56 13.84
C GLY E 256 24.24 0.18 14.70
N ALA E 257 23.33 -0.55 15.34
CA ALA E 257 22.14 0.09 15.88
C ALA E 257 22.39 0.92 17.14
N ASN E 258 22.67 0.26 18.27
CA ASN E 258 23.08 1.01 19.47
C ASN E 258 24.58 0.90 19.70
N GLY E 259 25.38 1.50 18.83
CA GLY E 259 26.82 1.42 18.95
C GLY E 259 27.42 0.10 18.54
N ALA E 260 26.60 -0.87 18.17
CA ALA E 260 27.13 -2.18 17.80
C ALA E 260 28.10 -2.04 16.65
N GLY E 261 29.37 -2.39 16.89
CA GLY E 261 30.34 -2.43 15.83
C GLY E 261 30.83 -1.09 15.33
N ARG E 262 30.63 -0.01 16.09
CA ARG E 262 30.97 1.30 15.59
C ARG E 262 32.44 1.39 15.29
N MET E 263 32.78 1.80 14.07
CA MET E 263 34.16 1.95 13.64
C MET E 263 34.35 3.40 13.22
N ARG E 264 35.23 4.12 13.89
CA ARG E 264 35.55 5.48 13.49
C ARG E 264 36.58 5.42 12.38
N ILE E 265 36.24 5.98 11.23
CA ILE E 265 37.04 5.84 10.03
C ILE E 265 37.87 7.09 9.85
N TRP E 266 39.19 6.94 9.83
CA TRP E 266 40.13 7.99 9.49
C TRP E 266 40.86 7.56 8.24
N VAL E 267 41.09 8.49 7.31
CA VAL E 267 41.99 8.27 6.20
C VAL E 267 43.16 9.22 6.36
N ASN E 268 44.36 8.65 6.36
CA ASN E 268 45.59 9.41 6.57
C ASN E 268 46.42 9.34 5.29
N THR E 269 46.79 10.50 4.76
CA THR E 269 47.57 10.56 3.54
C THR E 269 48.82 11.43 3.69
N GLN E 270 49.13 11.89 4.89
CA GLN E 270 50.27 12.78 5.07
C GLN E 270 51.52 12.17 4.47
N LYS E 271 52.29 13.00 3.79
CA LYS E 271 53.58 12.60 3.29
C LYS E 271 54.67 13.17 4.19
N TYR E 272 55.83 12.55 4.13
CA TYR E 272 57.01 13.07 4.79
C TYR E 272 58.18 12.85 3.85
N ARG E 273 59.15 13.74 3.90
CA ARG E 273 60.37 13.53 3.13
C ARG E 273 61.24 12.50 3.83
N ASP E 274 61.50 11.40 3.15
CA ASP E 274 62.26 10.29 3.67
C ASP E 274 63.73 10.67 3.83
N GLN E 275 64.47 9.82 4.53
CA GLN E 275 65.90 10.00 4.65
C GLN E 275 66.56 10.19 3.29
N ASN E 276 66.12 9.44 2.29
CA ASN E 276 66.69 9.61 0.96
C ASN E 276 66.16 10.83 0.27
N ASP E 277 65.39 11.64 0.99
CA ASP E 277 64.72 12.83 0.48
C ASP E 277 63.53 12.51 -0.43
N GLN E 278 63.26 11.23 -0.70
CA GLN E 278 62.00 10.91 -1.38
C GLN E 278 60.82 11.29 -0.52
N GLU E 279 59.74 11.68 -1.18
CA GLU E 279 58.45 11.87 -0.52
C GLU E 279 57.79 10.52 -0.36
N GLN E 280 57.35 10.21 0.86
CA GLN E 280 56.73 8.93 1.13
C GLN E 280 55.61 9.13 2.14
N PHE E 281 54.70 8.17 2.16
CA PHE E 281 53.49 8.28 2.96
C PHE E 281 53.74 7.79 4.36
N LEU E 282 53.26 8.56 5.33
CA LEU E 282 53.46 8.24 6.73
C LEU E 282 52.67 7.00 7.14
N MET E 283 51.49 6.79 6.55
CA MET E 283 50.68 5.61 6.76
C MET E 283 50.73 4.72 5.53
N LYS E 284 51.01 3.44 5.73
CA LYS E 284 51.11 2.53 4.59
C LYS E 284 49.84 2.65 3.77
N GLN E 285 49.99 3.04 2.51
CA GLN E 285 48.81 3.41 1.74
C GLN E 285 47.90 2.22 1.48
N LYS E 286 48.48 1.07 1.13
CA LYS E 286 47.66 -0.05 0.71
C LYS E 286 47.19 -0.88 1.89
N ALA E 287 47.10 -0.29 3.08
CA ALA E 287 46.77 -1.07 4.25
C ALA E 287 45.89 -0.26 5.19
N VAL E 288 45.21 -0.99 6.07
CA VAL E 288 44.34 -0.40 7.10
C VAL E 288 44.88 -0.80 8.45
N MET E 289 44.99 0.16 9.34
CA MET E 289 45.50 -0.09 10.68
C MET E 289 44.43 0.31 11.68
N GLY E 290 44.04 -0.63 12.53
CA GLY E 290 43.18 -0.34 13.66
C GLY E 290 44.01 -0.23 14.92
N ILE E 291 43.61 0.66 15.81
CA ILE E 291 44.42 0.99 16.97
C ILE E 291 43.51 1.54 18.04
N SER E 292 43.97 1.48 19.29
CA SER E 292 43.22 2.06 20.39
C SER E 292 44.18 2.68 21.37
N SER E 293 43.67 3.58 22.20
CA SER E 293 44.53 4.23 23.18
C SER E 293 45.14 3.23 24.14
N ALA E 294 44.58 2.02 24.23
CA ALA E 294 45.10 1.03 25.15
C ALA E 294 46.50 0.61 24.75
N ILE E 295 46.99 1.06 23.60
CA ILE E 295 48.38 0.83 23.26
C ILE E 295 49.27 1.48 24.31
N GLU E 296 48.78 2.54 24.96
CA GLU E 296 49.47 3.16 26.08
C GLU E 296 50.95 3.38 25.75
N GLY E 297 51.20 3.92 24.57
CA GLY E 297 52.57 4.09 24.11
C GLY E 297 53.36 4.96 25.07
N VAL E 298 54.67 4.74 25.09
CA VAL E 298 55.60 5.51 25.90
C VAL E 298 56.60 6.17 24.99
N ARG E 299 56.86 7.45 25.19
CA ARG E 299 57.94 8.14 24.51
C ARG E 299 59.23 7.88 25.28
N CYS E 300 60.04 6.95 24.80
CA CYS E 300 61.30 6.63 25.45
C CYS E 300 62.39 7.55 24.92
N PHE E 301 63.07 8.26 25.82
CA PHE E 301 64.21 9.10 25.46
C PHE E 301 65.42 8.67 26.27
N GLY E 302 66.46 8.23 25.58
CA GLY E 302 67.66 7.78 26.23
C GLY E 302 68.56 8.92 26.67
N ALA E 303 69.76 8.57 27.11
CA ALA E 303 70.76 9.56 27.44
C ALA E 303 71.36 10.16 26.17
N ILE E 304 71.69 11.44 26.24
CA ILE E 304 72.48 12.05 25.17
C ILE E 304 73.93 11.69 25.39
N LEU E 305 74.55 11.05 24.40
CA LEU E 305 75.95 10.68 24.50
C LEU E 305 76.84 11.85 24.08
N ASP E 306 76.69 12.96 24.81
CA ASP E 306 77.47 14.14 24.51
C ASP E 306 77.82 14.90 25.78
N LYS E 307 79.06 15.41 25.79
CA LYS E 307 79.59 16.13 26.93
C LYS E 307 78.68 17.30 27.30
N GLY E 308 78.05 17.90 26.31
CA GLY E 308 77.09 18.95 26.59
C GLY E 308 75.93 18.41 27.40
N ALA E 309 75.46 19.22 28.33
CA ALA E 309 74.33 18.86 29.18
C ALA E 309 74.59 17.55 29.91
N GLY E 310 75.86 17.28 30.24
CA GLY E 310 76.18 16.22 31.17
C GLY E 310 75.64 14.86 30.81
N TYR E 311 75.67 14.48 29.54
CA TYR E 311 75.14 13.20 29.12
C TYR E 311 73.72 12.96 29.61
N GLN E 312 73.00 14.04 29.92
CA GLN E 312 71.67 13.90 30.47
C GLN E 312 70.74 13.30 29.43
N ALA E 313 69.59 12.81 29.88
CA ALA E 313 68.58 12.26 28.99
C ALA E 313 67.62 13.37 28.61
N LEU E 314 67.50 13.63 27.31
CA LEU E 314 66.77 14.79 26.82
C LEU E 314 66.07 14.43 25.52
N ASP E 315 64.97 15.12 25.25
CA ASP E 315 64.26 14.90 24.00
C ASP E 315 65.13 15.29 22.81
N TYR E 316 65.65 16.51 22.81
CA TYR E 316 66.62 16.94 21.82
C TYR E 316 67.52 17.96 22.47
N PHE E 317 68.78 17.99 22.04
CA PHE E 317 69.78 18.87 22.62
C PHE E 317 70.44 19.67 21.51
N PRO E 318 70.33 21.00 21.50
CA PRO E 318 70.95 21.79 20.44
C PRO E 318 72.35 22.22 20.79
N LYS E 319 73.32 21.97 19.91
CA LYS E 319 74.71 22.26 20.19
C LYS E 319 75.26 23.08 19.04
N MET E 320 76.07 24.08 19.34
CA MET E 320 76.61 24.97 18.32
C MET E 320 78.06 25.30 18.65
N TRP E 321 78.95 25.15 17.68
CA TRP E 321 80.35 25.47 17.87
C TRP E 321 80.96 25.86 16.53
N ASP E 322 82.11 26.52 16.59
CA ASP E 322 82.65 27.23 15.45
C ASP E 322 84.13 26.95 15.26
N GLN E 323 84.53 26.83 14.00
CA GLN E 323 85.92 26.74 13.61
C GLN E 323 86.51 28.15 13.45
N GLU E 324 87.83 28.26 13.52
CA GLU E 324 88.49 29.56 13.52
C GLU E 324 88.99 30.02 12.17
N ASP E 325 89.43 29.12 11.31
CA ASP E 325 89.92 29.55 10.00
C ASP E 325 89.69 28.45 8.97
N PRO E 326 88.85 28.66 7.96
CA PRO E 326 87.95 29.81 7.75
C PRO E 326 86.89 29.82 8.83
N SER E 327 86.24 30.93 9.18
CA SER E 327 85.24 30.88 10.23
C SER E 327 83.96 30.24 9.73
N VAL E 328 83.50 29.21 10.45
CA VAL E 328 82.24 28.53 10.15
C VAL E 328 81.64 27.95 11.40
N GLU E 329 80.40 28.28 11.70
CA GLU E 329 79.69 27.61 12.78
C GLU E 329 79.27 26.22 12.34
N TYR E 330 79.32 25.29 13.27
CA TYR E 330 78.59 24.03 13.13
C TYR E 330 77.44 24.04 14.11
N LEU E 331 76.27 23.65 13.64
CA LEU E 331 75.08 23.58 14.47
C LEU E 331 74.55 22.16 14.41
N MET E 332 74.49 21.50 15.57
CA MET E 332 74.02 20.13 15.65
C MET E 332 73.06 19.98 16.80
N SER E 333 72.08 19.09 16.60
CA SER E 333 71.15 18.70 17.63
C SER E 333 71.17 17.18 17.76
N GLN E 334 71.01 16.70 18.98
CA GLN E 334 71.08 15.28 19.27
C GLN E 334 69.82 14.85 20.01
N GLY E 335 69.40 13.61 19.73
CA GLY E 335 68.27 13.04 20.43
C GLY E 335 68.39 11.53 20.43
N ALA E 336 67.77 10.93 21.44
CA ALA E 336 67.77 9.49 21.63
C ALA E 336 66.35 8.98 21.75
N PRO E 337 65.56 9.07 20.68
CA PRO E 337 64.14 8.73 20.77
C PRO E 337 63.89 7.25 20.56
N LEU E 338 62.84 6.76 21.20
CA LEU E 338 62.19 5.54 20.78
C LEU E 338 60.75 5.60 21.26
N MET E 339 59.84 5.30 20.36
CA MET E 339 58.41 5.39 20.60
C MET E 339 57.93 3.97 20.87
N VAL E 340 57.77 3.61 22.13
CA VAL E 340 57.46 2.24 22.53
C VAL E 340 55.95 2.12 22.68
N PRO E 341 55.29 1.24 21.94
CA PRO E 341 53.91 0.90 22.26
C PRO E 341 53.92 -0.06 23.44
N ALA E 342 53.42 0.39 24.59
CA ALA E 342 53.50 -0.44 25.77
C ALA E 342 52.90 -1.82 25.52
N ASP E 343 51.74 -1.86 24.87
CA ASP E 343 51.12 -3.11 24.46
C ASP E 343 51.03 -3.16 22.94
N PRO E 344 51.94 -3.82 22.25
CA PRO E 344 51.87 -3.84 20.78
C PRO E 344 50.61 -4.47 20.26
N ASN E 345 49.93 -5.29 21.04
CA ASN E 345 48.77 -6.01 20.54
C ASN E 345 47.49 -5.19 20.55
N ALA E 346 47.52 -3.95 21.03
CA ALA E 346 46.34 -3.10 20.95
C ALA E 346 46.09 -2.56 19.58
N SER E 347 46.75 -3.07 18.54
CA SER E 347 46.58 -2.55 17.20
C SER E 347 46.74 -3.70 16.21
N PHE E 348 46.38 -3.44 14.96
CA PHE E 348 46.61 -4.40 13.90
C PHE E 348 46.81 -3.65 12.61
N LEU E 349 47.37 -4.34 11.62
CA LEU E 349 47.60 -3.78 10.30
C LEU E 349 47.13 -4.78 9.26
N LEU E 350 46.27 -4.33 8.37
CA LEU E 350 45.72 -5.16 7.31
C LEU E 350 46.21 -4.64 5.96
N THR E 351 46.99 -5.45 5.26
CA THR E 351 47.40 -5.12 3.89
C THR E 351 46.29 -5.55 2.96
N VAL E 352 45.65 -4.59 2.30
CA VAL E 352 44.42 -4.84 1.57
C VAL E 352 44.60 -4.90 0.06
N MET E 353 45.80 -4.62 -0.46
CA MET E 353 45.98 -4.64 -1.89
C MET E 353 47.34 -5.23 -2.24
N SER E 354 47.48 -5.61 -3.49
CA SER E 354 48.74 -6.08 -4.02
C SER E 354 48.93 -5.54 -5.41
N ALA F 2 -4.67 66.76 -36.40
CA ALA F 2 -4.49 66.29 -37.77
C ALA F 2 -4.47 67.47 -38.73
N GLY F 3 -4.48 67.18 -40.03
CA GLY F 3 -4.38 68.22 -41.03
C GLY F 3 -2.95 68.54 -41.39
N LEU F 4 -2.39 69.59 -40.80
CA LEU F 4 -0.98 69.91 -41.05
C LEU F 4 -0.10 68.76 -40.58
N TYR F 5 -0.30 68.31 -39.35
CA TYR F 5 0.58 67.32 -38.75
C TYR F 5 -0.17 66.62 -37.63
N THR F 6 0.17 65.35 -37.41
CA THR F 6 -0.43 64.60 -36.32
C THR F 6 0.16 65.04 -34.99
N THR F 7 -0.70 65.39 -34.04
CA THR F 7 -0.24 65.65 -32.69
C THR F 7 0.13 64.32 -32.03
N TYR F 8 0.95 64.40 -30.97
CA TYR F 8 1.36 63.22 -30.23
C TYR F 8 1.35 63.45 -28.73
N GLN F 9 0.89 62.44 -28.01
CA GLN F 9 1.33 62.23 -26.64
C GLN F 9 2.72 61.61 -26.65
N LEU F 10 3.67 62.27 -26.01
CA LEU F 10 4.94 61.62 -25.72
C LEU F 10 4.83 60.92 -24.39
N LEU F 11 5.05 59.61 -24.39
CA LEU F 11 5.16 58.85 -23.16
C LEU F 11 6.62 58.66 -22.79
N GLU F 12 6.89 58.66 -21.50
CA GLU F 12 8.25 58.81 -20.99
C GLU F 12 9.20 57.85 -21.69
N VAL F 13 10.48 58.21 -21.67
CA VAL F 13 11.49 57.48 -22.45
C VAL F 13 11.73 56.11 -21.85
N GLN F 14 12.17 55.18 -22.68
CA GLN F 14 12.55 53.84 -22.26
C GLN F 14 14.04 53.65 -22.47
N ARG F 15 14.78 53.36 -21.41
CA ARG F 15 16.24 53.27 -21.47
C ARG F 15 16.72 51.91 -20.99
N LYS F 16 17.43 51.20 -21.86
CA LYS F 16 18.21 50.03 -21.47
C LYS F 16 19.66 50.47 -21.29
N LEU F 17 20.08 50.65 -20.05
CA LEU F 17 21.47 50.93 -19.73
C LEU F 17 22.13 49.64 -19.30
N LYS F 18 22.90 49.03 -20.20
CA LYS F 18 23.57 47.76 -19.92
C LYS F 18 24.87 48.00 -19.16
N THR F 19 24.92 47.55 -17.92
CA THR F 19 26.17 47.49 -17.20
C THR F 19 26.82 46.13 -17.42
N LEU F 20 28.09 46.02 -17.02
CA LEU F 20 28.78 44.75 -16.91
C LEU F 20 29.19 44.58 -15.45
N PRO F 21 28.33 43.97 -14.61
CA PRO F 21 28.59 43.99 -13.18
C PRO F 21 29.90 43.29 -12.83
N ALA F 22 30.58 43.83 -11.82
CA ALA F 22 31.89 43.31 -11.44
C ALA F 22 31.74 42.02 -10.65
N PHE F 23 32.32 40.94 -11.15
CA PHE F 23 32.31 39.68 -10.44
C PHE F 23 33.71 39.24 -10.04
N PHE F 24 34.64 39.19 -10.98
CA PHE F 24 35.97 38.70 -10.64
C PHE F 24 36.68 39.65 -9.70
N LEU F 25 36.40 40.96 -9.78
CA LEU F 25 37.09 41.91 -8.94
C LEU F 25 36.84 41.68 -7.45
N GLN F 26 35.93 40.79 -7.08
CA GLN F 26 35.70 40.52 -5.67
C GLN F 26 36.91 39.85 -5.04
N TRP F 27 37.71 39.15 -5.83
CA TRP F 27 38.93 38.52 -5.36
C TRP F 27 40.16 39.41 -5.46
N PHE F 28 39.99 40.70 -5.74
CA PHE F 28 41.09 41.65 -5.83
C PHE F 28 40.81 42.85 -4.94
N PRO F 29 40.83 42.66 -3.62
CA PRO F 29 40.50 43.75 -2.72
C PRO F 29 41.64 44.74 -2.49
N ARG F 30 42.88 44.39 -2.84
CA ARG F 30 44.03 45.24 -2.56
C ARG F 30 44.30 46.19 -3.72
N GLN F 31 43.98 47.45 -3.52
CA GLN F 31 44.40 48.51 -4.42
C GLN F 31 45.76 49.03 -4.00
N ILE F 32 46.68 49.14 -4.94
CA ILE F 32 48.01 49.68 -4.69
C ILE F 32 48.33 50.65 -5.81
N ASN F 33 48.62 51.89 -5.44
CA ASN F 33 49.05 52.89 -6.40
C ASN F 33 50.54 53.16 -6.20
N PHE F 34 51.32 53.01 -7.27
CA PHE F 34 52.76 53.13 -7.19
C PHE F 34 53.26 53.88 -8.40
N GLN F 35 54.33 54.65 -8.21
CA GLN F 35 54.97 55.35 -9.31
C GLN F 35 56.21 54.63 -9.83
N GLU F 36 56.68 53.60 -9.13
CA GLU F 36 57.85 52.89 -9.61
C GLU F 36 57.53 52.10 -10.86
N ASP F 37 58.56 51.71 -11.58
CA ASP F 37 58.38 51.06 -12.85
C ASP F 37 57.64 49.74 -12.71
N MET F 38 57.92 48.97 -11.67
CA MET F 38 57.40 47.62 -11.58
C MET F 38 57.08 47.30 -10.13
N ILE F 39 56.20 46.35 -9.95
CA ILE F 39 55.90 45.76 -8.66
C ILE F 39 56.73 44.48 -8.56
N ALA F 40 57.08 44.07 -7.33
CA ALA F 40 57.98 42.95 -7.15
C ALA F 40 57.55 42.07 -5.99
N PHE F 41 57.70 40.76 -6.15
CA PHE F 41 57.38 39.78 -5.12
C PHE F 41 58.53 38.82 -4.92
N ASP F 42 58.67 38.35 -3.69
CA ASP F 42 59.61 37.29 -3.34
C ASP F 42 58.86 36.19 -2.62
N LYS F 43 59.02 34.96 -3.07
CA LYS F 43 58.26 33.83 -2.55
C LYS F 43 59.20 32.71 -2.14
N VAL F 44 58.94 32.16 -0.96
CA VAL F 44 59.85 31.24 -0.28
C VAL F 44 59.10 29.97 0.07
N ILE F 45 59.70 28.83 -0.21
CA ILE F 45 59.14 27.53 0.17
C ILE F 45 60.12 26.86 1.13
N GLN F 46 59.60 26.37 2.24
CA GLN F 46 60.42 25.84 3.33
C GLN F 46 59.94 24.44 3.70
N ASP F 47 60.61 23.42 3.16
CA ASP F 47 60.21 22.03 3.33
C ASP F 47 60.65 21.43 4.66
N VAL F 48 60.06 21.90 5.76
CA VAL F 48 60.41 21.39 7.08
C VAL F 48 59.91 19.97 7.32
N THR F 49 59.23 19.36 6.36
CA THR F 49 58.72 18.01 6.51
C THR F 49 59.77 16.95 6.22
N ARG F 50 60.90 16.99 6.92
CA ARG F 50 61.98 16.04 6.75
C ARG F 50 62.19 15.26 8.04
N VAL F 51 62.44 13.96 7.92
CA VAL F 51 62.74 13.13 9.08
C VAL F 51 64.21 13.26 9.43
N ALA F 52 64.51 13.54 10.69
CA ALA F 52 65.88 13.67 11.12
C ALA F 52 66.63 12.37 10.88
N PRO F 53 67.93 12.44 10.65
CA PRO F 53 68.70 11.22 10.34
C PRO F 53 69.05 10.46 11.61
N PHE F 54 68.88 9.15 11.58
CA PHE F 54 69.46 8.32 12.63
C PHE F 54 70.95 8.19 12.40
N VAL F 55 71.72 8.40 13.47
CA VAL F 55 73.17 8.39 13.39
C VAL F 55 73.69 7.76 14.66
N ALA F 56 74.45 6.67 14.55
CA ALA F 56 74.93 6.01 15.73
C ALA F 56 75.73 7.00 16.57
N PRO F 57 75.59 6.99 17.89
CA PRO F 57 76.22 8.04 18.68
C PRO F 57 77.73 8.08 18.58
N ASN F 58 78.37 6.99 18.13
CA ASN F 58 79.82 7.00 17.99
C ASN F 58 80.31 8.02 16.97
N VAL F 59 79.48 8.41 16.01
CA VAL F 59 79.96 9.09 14.83
C VAL F 59 79.36 10.49 14.75
N GLN F 60 79.93 11.29 13.87
CA GLN F 60 79.81 12.75 13.97
C GLN F 60 78.38 13.22 13.84
N GLY F 61 77.82 13.09 12.66
CA GLY F 61 76.54 13.71 12.35
C GLY F 61 76.34 13.81 10.86
N ARG F 62 75.16 14.27 10.47
CA ARG F 62 74.77 14.36 9.07
C ARG F 62 74.50 15.82 8.71
N VAL F 63 75.03 16.25 7.58
CA VAL F 63 74.89 17.63 7.13
C VAL F 63 73.69 17.75 6.21
N ILE F 64 72.85 18.74 6.48
CA ILE F 64 71.56 18.90 5.80
C ILE F 64 71.56 20.21 5.03
N LYS F 65 70.96 20.20 3.84
CA LYS F 65 70.98 21.35 2.96
C LYS F 65 69.78 22.26 3.20
N GLU F 66 69.99 23.55 2.98
CA GLU F 66 68.93 24.54 2.99
C GLU F 66 68.38 24.74 1.57
N SER F 67 67.49 25.71 1.40
CA SER F 67 66.77 25.90 0.15
C SER F 67 66.74 27.36 -0.27
N GLY F 68 66.59 27.58 -1.59
CA GLY F 68 66.59 28.91 -2.17
C GLY F 68 65.23 29.57 -2.19
N TYR F 69 65.06 30.49 -3.14
CA TYR F 69 63.80 31.23 -3.29
C TYR F 69 63.74 31.85 -4.68
N ASN F 70 62.59 32.47 -4.99
CA ASN F 70 62.34 33.03 -6.31
C ASN F 70 61.68 34.40 -6.18
N THR F 71 61.56 35.10 -7.32
CA THR F 71 60.98 36.44 -7.34
C THR F 71 60.21 36.65 -8.64
N LYS F 72 59.28 37.62 -8.60
CA LYS F 72 58.47 37.97 -9.76
C LYS F 72 58.26 39.47 -9.81
N THR F 73 58.08 39.99 -11.02
CA THR F 73 57.96 41.42 -11.28
C THR F 73 57.02 41.67 -12.45
N PHE F 74 56.17 42.70 -12.33
CA PHE F 74 55.17 43.03 -13.33
C PHE F 74 55.07 44.53 -13.56
N LYS F 75 54.81 44.92 -14.81
CA LYS F 75 54.65 46.31 -15.19
C LYS F 75 53.25 46.54 -15.74
N PRO F 76 52.49 47.50 -15.21
CA PRO F 76 51.08 47.64 -15.59
C PRO F 76 50.87 48.13 -17.02
N ALA F 77 49.65 47.88 -17.51
CA ALA F 77 49.21 48.32 -18.83
C ALA F 77 48.60 49.71 -18.75
N TYR F 78 48.26 50.27 -19.92
CA TYR F 78 47.84 51.66 -20.01
C TYR F 78 46.63 51.79 -20.92
N VAL F 79 45.68 52.64 -20.52
CA VAL F 79 44.35 52.72 -21.12
C VAL F 79 44.01 54.18 -21.35
N LYS F 80 43.62 54.53 -22.58
CA LYS F 80 43.42 55.92 -22.97
C LYS F 80 42.27 56.06 -23.97
N PRO F 81 41.02 55.99 -23.51
CA PRO F 81 39.89 56.27 -24.38
C PRO F 81 39.59 57.76 -24.42
N LYS F 82 39.12 58.25 -25.57
CA LYS F 82 38.68 59.63 -25.65
C LYS F 82 37.56 59.77 -26.67
N HIS F 83 36.80 60.86 -26.55
CA HIS F 83 35.75 61.21 -27.48
C HIS F 83 36.00 62.62 -27.99
N VAL F 84 35.57 62.90 -29.22
CA VAL F 84 35.51 64.24 -29.76
C VAL F 84 34.05 64.63 -29.86
N ILE F 85 33.69 65.77 -29.27
CA ILE F 85 32.30 66.17 -29.15
C ILE F 85 31.94 67.24 -30.18
N ASP F 86 31.46 66.80 -31.34
CA ASP F 86 31.14 67.70 -32.43
C ASP F 86 29.86 68.47 -32.17
N PRO F 87 29.65 69.56 -32.90
CA PRO F 87 28.28 70.08 -33.04
C PRO F 87 27.32 69.02 -33.56
N ASN F 88 27.76 68.17 -34.49
CA ASN F 88 26.89 67.12 -34.99
C ASN F 88 26.33 66.26 -33.87
N MET F 89 27.00 66.25 -32.72
CA MET F 89 26.54 65.47 -31.57
C MET F 89 25.91 66.33 -30.49
N ILE F 90 26.18 67.63 -30.48
CA ILE F 90 25.56 68.47 -29.47
C ILE F 90 24.15 68.87 -29.90
N ILE F 91 23.93 69.08 -31.19
CA ILE F 91 22.72 69.72 -31.68
C ILE F 91 21.50 68.80 -31.54
N PRO F 92 21.54 67.57 -32.06
CA PRO F 92 20.28 66.85 -32.26
C PRO F 92 19.48 66.69 -30.98
N ARG F 93 18.16 66.57 -31.15
CA ARG F 93 17.25 66.40 -30.02
C ARG F 93 17.59 65.13 -29.26
N GLN F 94 17.60 65.23 -28.03
CA GLN F 94 17.77 64.06 -27.18
C GLN F 94 16.41 63.58 -26.67
N PRO F 95 16.25 62.28 -26.45
CA PRO F 95 14.89 61.73 -26.27
C PRO F 95 14.01 62.46 -25.29
N GLY F 96 14.54 62.97 -24.19
CA GLY F 96 13.69 63.60 -23.20
C GLY F 96 12.93 64.80 -23.72
N GLU F 97 13.36 65.39 -24.82
CA GLU F 97 12.84 66.66 -25.28
C GLU F 97 11.49 66.50 -25.98
N ALA F 98 10.61 67.48 -25.76
CA ALA F 98 9.28 67.48 -26.35
C ALA F 98 9.38 67.57 -27.88
N LEU F 99 8.24 67.31 -28.53
CA LEU F 99 8.16 67.49 -29.96
C LEU F 99 7.97 68.96 -30.31
N GLY F 100 8.42 69.33 -31.52
CA GLY F 100 8.38 70.72 -31.93
C GLY F 100 9.33 71.56 -31.12
N THR F 101 8.77 72.36 -30.21
CA THR F 101 9.57 73.25 -29.37
C THR F 101 10.36 72.42 -28.37
N GLY F 102 11.46 71.83 -28.85
CA GLY F 102 12.34 71.10 -27.96
C GLY F 102 12.63 71.89 -26.71
N THR F 103 12.83 71.22 -25.58
CA THR F 103 12.94 71.94 -24.32
C THR F 103 14.38 72.23 -23.90
N LEU F 104 15.36 71.49 -24.41
CA LEU F 104 16.74 71.75 -24.00
C LEU F 104 17.36 72.87 -24.82
N SER F 105 18.18 73.68 -24.14
CA SER F 105 19.08 74.56 -24.85
C SER F 105 20.14 73.74 -25.57
N ILE F 106 20.90 74.39 -26.45
CA ILE F 106 22.07 73.71 -27.00
C ILE F 106 23.09 73.51 -25.90
N ALA F 107 23.17 74.45 -24.96
CA ALA F 107 24.06 74.27 -23.82
C ALA F 107 23.66 73.06 -22.99
N GLN F 108 22.35 72.84 -22.83
CA GLN F 108 21.90 71.73 -22.00
C GLN F 108 22.04 70.40 -22.73
N ARG F 109 21.86 70.38 -24.04
CA ARG F 109 22.17 69.15 -24.76
C ARG F 109 23.63 68.77 -24.56
N ARG F 110 24.52 69.76 -24.69
CA ARG F 110 25.94 69.51 -24.50
C ARG F 110 26.21 69.04 -23.08
N ASP F 111 25.58 69.67 -22.10
CA ASP F 111 25.73 69.24 -20.72
C ASP F 111 25.31 67.79 -20.55
N ARG F 112 24.13 67.43 -21.05
CA ARG F 112 23.64 66.07 -20.91
C ARG F 112 24.60 65.09 -21.53
N VAL F 113 25.04 65.35 -22.75
CA VAL F 113 25.85 64.37 -23.45
C VAL F 113 27.21 64.25 -22.78
N ILE F 114 27.75 65.35 -22.26
CA ILE F 114 29.02 65.26 -21.55
C ILE F 114 28.87 64.47 -20.27
N ALA F 115 27.79 64.66 -19.53
CA ALA F 115 27.58 63.85 -18.34
C ALA F 115 27.56 62.37 -18.71
N TYR F 116 26.83 62.04 -19.76
CA TYR F 116 26.79 60.64 -20.18
C TYR F 116 28.17 60.14 -20.57
N LEU F 117 28.97 60.96 -21.25
CA LEU F 117 30.28 60.48 -21.67
C LEU F 117 31.23 60.33 -20.50
N LEU F 118 31.15 61.20 -19.49
CA LEU F 118 31.96 60.98 -18.30
C LEU F 118 31.60 59.65 -17.66
N MET F 119 30.30 59.38 -17.52
CA MET F 119 29.89 58.11 -16.95
C MET F 119 30.39 56.95 -17.81
N LYS F 120 30.31 57.09 -19.13
CA LYS F 120 30.76 56.03 -20.00
C LYS F 120 32.25 55.79 -19.85
N HIS F 121 33.04 56.84 -19.65
CA HIS F 121 34.46 56.65 -19.44
C HIS F 121 34.72 55.87 -18.17
N ARG F 122 34.14 56.33 -17.06
CA ARG F 122 34.34 55.61 -15.81
C ARG F 122 33.98 54.15 -15.99
N ALA F 123 32.85 53.89 -16.66
CA ALA F 123 32.38 52.54 -16.83
C ALA F 123 33.30 51.73 -17.73
N MET F 124 33.84 52.34 -18.79
CA MET F 124 34.74 51.58 -19.66
C MET F 124 36.02 51.21 -18.93
N HIS F 125 36.53 52.11 -18.10
CA HIS F 125 37.70 51.76 -17.30
C HIS F 125 37.37 50.60 -16.38
N GLU F 126 36.29 50.71 -15.61
CA GLU F 126 35.98 49.64 -14.68
C GLU F 126 35.71 48.33 -15.42
N ASN F 127 35.16 48.40 -16.63
CA ASN F 127 35.03 47.20 -17.44
C ASN F 127 36.39 46.62 -17.77
N THR F 128 37.40 47.47 -18.01
CA THR F 128 38.72 46.91 -18.27
C THR F 128 39.30 46.27 -17.03
N TRP F 129 39.05 46.86 -15.87
CA TRP F 129 39.50 46.24 -14.63
C TRP F 129 38.86 44.87 -14.47
N GLU F 130 37.56 44.78 -14.68
CA GLU F 130 36.88 43.50 -14.57
C GLU F 130 37.45 42.51 -15.57
N TRP F 131 37.69 42.95 -16.80
CA TRP F 131 38.20 42.05 -17.81
C TRP F 131 39.58 41.55 -17.47
N MET F 132 40.45 42.45 -16.98
CA MET F 132 41.79 42.01 -16.62
C MET F 132 41.77 41.09 -15.42
N ALA F 133 40.92 41.38 -14.43
CA ALA F 133 40.78 40.47 -13.30
C ALA F 133 40.34 39.10 -13.77
N ALA F 134 39.36 39.05 -14.66
CA ALA F 134 38.93 37.76 -15.20
C ALA F 134 40.08 37.06 -15.90
N GLN F 135 40.81 37.77 -16.75
CA GLN F 135 41.93 37.15 -17.44
C GLN F 135 42.94 36.59 -16.47
N ALA F 136 43.32 37.39 -15.46
CA ALA F 136 44.31 36.94 -14.50
C ALA F 136 43.85 35.68 -13.80
N ALA F 137 42.66 35.74 -13.19
CA ALA F 137 42.18 34.60 -12.42
C ALA F 137 42.09 33.35 -13.28
N GLN F 138 41.56 33.48 -14.50
CA GLN F 138 41.37 32.29 -15.32
C GLN F 138 42.69 31.75 -15.84
N TYR F 139 43.38 32.54 -16.65
CA TYR F 139 44.52 32.04 -17.40
C TYR F 139 45.85 32.25 -16.69
N GLY F 140 45.89 33.11 -15.69
CA GLY F 140 47.15 33.47 -15.10
C GLY F 140 48.00 34.39 -15.94
N TYR F 141 47.48 34.89 -17.05
CA TYR F 141 48.19 35.87 -17.86
C TYR F 141 47.17 36.71 -18.61
N VAL F 142 47.55 37.95 -18.88
CA VAL F 142 46.74 38.91 -19.61
C VAL F 142 47.40 39.17 -20.95
N ASP F 143 46.70 38.93 -22.04
CA ASP F 143 47.14 39.41 -23.35
C ASP F 143 46.61 40.82 -23.54
N VAL F 144 47.47 41.81 -23.32
CA VAL F 144 47.07 43.20 -23.49
C VAL F 144 47.29 43.60 -24.93
N GLN F 145 46.31 43.32 -25.78
CA GLN F 145 46.36 43.79 -27.15
C GLN F 145 45.74 45.18 -27.25
N GLY F 146 45.81 45.73 -28.45
CA GLY F 146 45.09 46.95 -28.78
C GLY F 146 45.38 47.28 -30.22
N GLN F 147 44.62 48.24 -30.73
CA GLN F 147 44.96 48.74 -32.05
C GLN F 147 46.25 49.53 -31.99
N ASP F 148 46.55 50.10 -30.83
CA ASP F 148 47.73 50.93 -30.64
C ASP F 148 48.43 50.54 -29.35
N TYR F 149 48.65 49.24 -29.17
CA TYR F 149 49.37 48.72 -28.02
C TYR F 149 49.86 47.34 -28.41
N PRO F 150 51.15 47.14 -28.63
CA PRO F 150 51.61 45.84 -29.12
C PRO F 150 51.26 44.73 -28.14
N LEU F 151 50.99 43.55 -28.69
CA LEU F 151 50.59 42.42 -27.87
C LEU F 151 51.73 41.97 -26.98
N VAL F 152 51.49 41.97 -25.67
CA VAL F 152 52.42 41.37 -24.72
C VAL F 152 51.62 40.67 -23.63
N ARG F 153 52.01 39.45 -23.28
CA ARG F 153 51.40 38.76 -22.17
C ARG F 153 52.05 39.18 -20.86
N VAL F 154 51.31 39.92 -20.05
CA VAL F 154 51.68 40.03 -18.64
C VAL F 154 51.45 38.67 -18.03
N ASP F 155 52.51 37.89 -17.86
CA ASP F 155 52.40 36.51 -17.42
C ASP F 155 52.70 36.45 -15.94
N PHE F 156 51.69 36.09 -15.15
CA PHE F 156 51.83 35.90 -13.72
C PHE F 156 52.45 34.56 -13.37
N GLY F 157 52.76 33.73 -14.36
CA GLY F 157 53.53 32.54 -14.12
C GLY F 157 52.88 31.51 -13.23
N ARG F 158 51.57 31.32 -13.36
CA ARG F 158 50.94 30.19 -12.71
C ARG F 158 51.47 28.90 -13.31
N ASP F 159 51.72 27.91 -12.46
CA ASP F 159 52.33 26.69 -12.95
C ASP F 159 51.46 26.05 -14.01
N ALA F 160 52.11 25.56 -15.06
CA ALA F 160 51.36 24.98 -16.18
C ALA F 160 50.52 23.80 -15.76
N ALA F 161 50.84 23.16 -14.64
CA ALA F 161 50.02 22.04 -14.18
C ALA F 161 48.60 22.48 -13.87
N LEU F 162 48.40 23.75 -13.52
CA LEU F 162 47.08 24.25 -13.17
C LEU F 162 46.26 24.69 -14.37
N THR F 163 46.83 24.70 -15.57
CA THR F 163 46.05 24.91 -16.79
C THR F 163 45.74 23.55 -17.42
N MET F 164 44.75 22.88 -16.84
CA MET F 164 44.48 21.47 -17.12
C MET F 164 43.68 21.32 -18.40
N THR F 165 43.47 20.06 -18.78
CA THR F 165 42.60 19.74 -19.91
C THR F 165 42.14 18.30 -19.80
N THR F 166 40.81 18.11 -19.83
CA THR F 166 40.22 16.79 -19.99
C THR F 166 39.01 16.92 -20.89
N ASP F 167 38.51 15.78 -21.36
CA ASP F 167 37.47 15.71 -22.37
C ASP F 167 36.21 15.07 -21.78
N TRP F 168 35.31 15.91 -21.28
CA TRP F 168 34.02 15.42 -20.81
C TRP F 168 33.08 15.01 -21.93
N THR F 169 33.46 15.21 -23.19
CA THR F 169 32.66 14.68 -24.27
C THR F 169 33.04 13.25 -24.64
N ALA F 170 34.12 12.72 -24.05
CA ALA F 170 34.57 11.39 -24.39
C ALA F 170 33.64 10.34 -23.82
N ALA F 171 33.75 9.13 -24.35
CA ALA F 171 32.87 8.03 -23.97
C ALA F 171 33.10 7.65 -22.52
N GLY F 172 32.04 7.23 -21.85
CA GLY F 172 32.13 6.60 -20.55
C GLY F 172 32.33 7.53 -19.38
N VAL F 173 32.38 8.84 -19.59
CA VAL F 173 32.55 9.75 -18.46
C VAL F 173 31.30 9.72 -17.59
N THR F 174 31.49 9.90 -16.29
CA THR F 174 30.39 9.87 -15.35
C THR F 174 30.59 10.98 -14.33
N LEU F 175 29.53 11.22 -13.55
CA LEU F 175 29.54 12.32 -12.60
C LEU F 175 30.79 12.28 -11.72
N MET F 176 31.14 11.10 -11.23
CA MET F 176 32.28 11.03 -10.34
C MET F 176 33.60 11.22 -11.08
N ASP F 177 33.65 10.95 -12.38
CA ASP F 177 34.82 11.36 -13.15
C ASP F 177 34.90 12.88 -13.25
N MET F 178 33.77 13.54 -13.46
CA MET F 178 33.76 15.00 -13.42
C MET F 178 34.32 15.50 -12.11
N ILE F 179 33.75 15.03 -11.00
CA ILE F 179 34.15 15.51 -9.71
C ILE F 179 35.59 15.13 -9.43
N ALA F 180 36.03 13.97 -9.93
CA ALA F 180 37.42 13.58 -9.81
C ALA F 180 38.32 14.61 -10.48
N ASP F 181 37.95 15.05 -11.68
CA ASP F 181 38.78 16.05 -12.36
C ASP F 181 38.83 17.34 -11.56
N LEU F 182 37.67 17.84 -11.13
CA LEU F 182 37.68 19.10 -10.42
C LEU F 182 38.36 18.99 -9.07
N ARG F 183 38.30 17.82 -8.45
CA ARG F 183 38.97 17.62 -7.18
C ARG F 183 40.47 17.42 -7.36
N ASP F 184 40.88 16.85 -8.49
CA ASP F 184 42.28 16.84 -8.85
C ASP F 184 42.82 18.25 -8.97
N GLY F 185 42.05 19.14 -9.61
CA GLY F 185 42.42 20.54 -9.60
C GLY F 185 42.54 21.08 -8.19
N GLN F 186 41.62 20.67 -7.32
CA GLN F 186 41.72 21.10 -5.92
C GLN F 186 43.03 20.64 -5.30
N ARG F 187 43.39 19.39 -5.54
CA ARG F 187 44.62 18.84 -4.97
C ARG F 187 45.82 19.62 -5.46
N LEU F 188 45.92 19.83 -6.78
CA LEU F 188 47.06 20.56 -7.31
C LEU F 188 47.15 21.94 -6.68
N VAL F 189 46.03 22.66 -6.60
CA VAL F 189 46.10 23.99 -6.01
C VAL F 189 46.53 23.91 -4.56
N SER F 190 46.09 22.88 -3.83
CA SER F 190 46.52 22.76 -2.44
C SER F 190 48.01 22.56 -2.36
N ASP F 191 48.57 21.77 -3.27
CA ASP F 191 50.01 21.56 -3.29
C ASP F 191 50.75 22.86 -3.61
N LYS F 192 50.31 23.55 -4.67
CA LYS F 192 51.08 24.65 -5.22
C LYS F 192 50.92 25.94 -4.44
N SER F 193 49.76 26.17 -3.83
CA SER F 193 49.46 27.48 -3.26
C SER F 193 50.39 27.78 -2.11
N MET F 194 50.68 29.07 -1.93
CA MET F 194 51.54 29.47 -0.82
C MET F 194 50.85 29.17 0.51
N SER F 195 49.60 29.59 0.63
CA SER F 195 48.85 29.41 1.87
C SER F 195 48.23 28.02 1.99
N GLY F 196 48.38 27.17 0.98
CA GLY F 196 47.80 25.85 1.02
C GLY F 196 46.29 25.81 1.08
N THR F 197 45.63 26.93 0.82
CA THR F 197 44.20 27.04 1.05
C THR F 197 43.43 26.07 0.14
N VAL F 198 42.35 25.50 0.67
CA VAL F 198 41.50 24.61 -0.10
C VAL F 198 40.49 25.43 -0.89
N ILE F 199 40.35 25.12 -2.17
CA ILE F 199 39.38 25.82 -3.01
C ILE F 199 37.98 25.44 -2.56
N ARG F 200 37.17 26.44 -2.24
CA ARG F 200 35.76 26.19 -1.99
C ARG F 200 34.91 26.49 -3.21
N ASP F 201 35.22 27.55 -3.94
CA ASP F 201 34.33 28.09 -4.97
C ASP F 201 34.81 27.68 -6.35
N TYR F 202 33.94 27.05 -7.12
CA TYR F 202 34.22 26.76 -8.51
C TYR F 202 33.33 27.61 -9.38
N ILE F 203 33.83 28.00 -10.54
CA ILE F 203 33.06 28.76 -11.52
C ILE F 203 33.09 28.01 -12.84
N PHE F 204 31.92 27.78 -13.40
CA PHE F 204 31.78 27.08 -14.66
C PHE F 204 31.50 28.06 -15.80
N GLY F 205 32.05 27.76 -16.97
CA GLY F 205 31.52 28.34 -18.18
C GLY F 205 30.21 27.69 -18.56
N GLY F 206 29.41 28.40 -19.35
CA GLY F 206 28.12 27.88 -19.71
C GLY F 206 28.21 26.53 -20.39
N ASP F 207 29.14 26.38 -21.32
CA ASP F 207 29.27 25.10 -22.02
C ASP F 207 29.75 24.01 -21.09
N ALA F 208 30.65 24.35 -20.17
CA ALA F 208 31.11 23.36 -19.21
C ALA F 208 29.96 22.90 -18.33
N TRP F 209 29.13 23.82 -17.86
CA TRP F 209 27.99 23.44 -17.06
C TRP F 209 27.00 22.63 -17.87
N ASP F 210 26.79 22.99 -19.13
CA ASP F 210 25.89 22.20 -19.95
C ASP F 210 26.40 20.78 -20.10
N GLN F 211 27.70 20.61 -20.35
CA GLN F 211 28.24 19.26 -20.41
C GLN F 211 28.09 18.54 -19.09
N PHE F 212 28.37 19.26 -17.99
CA PHE F 212 28.28 18.67 -16.67
C PHE F 212 26.88 18.14 -16.41
N VAL F 213 25.87 18.97 -16.60
CA VAL F 213 24.52 18.49 -16.37
C VAL F 213 24.16 17.41 -17.38
N LYS F 214 24.57 17.56 -18.63
CA LYS F 214 24.18 16.59 -19.64
C LYS F 214 24.66 15.20 -19.28
N VAL F 215 25.90 15.08 -18.82
CA VAL F 215 26.52 13.78 -18.66
C VAL F 215 26.48 13.29 -17.21
N GLY F 216 26.84 14.13 -16.26
CA GLY F 216 26.75 13.72 -14.86
C GLY F 216 25.39 13.95 -14.25
N GLY F 217 24.59 14.84 -14.81
CA GLY F 217 23.36 15.24 -14.17
C GLY F 217 22.28 14.18 -14.18
N LYS F 218 22.53 13.07 -14.87
CA LYS F 218 21.69 11.90 -14.72
C LYS F 218 21.97 11.18 -13.42
N GLU F 219 23.24 11.03 -13.08
CA GLU F 219 23.63 10.41 -11.82
C GLU F 219 23.41 11.37 -10.68
N LEU F 220 23.56 12.66 -10.93
CA LEU F 220 23.16 13.66 -9.96
C LEU F 220 21.65 13.85 -10.03
N TRP F 221 21.03 13.97 -8.86
CA TRP F 221 19.58 13.98 -8.71
C TRP F 221 18.95 12.63 -9.04
N GLY F 222 19.73 11.67 -9.52
CA GLY F 222 19.22 10.31 -9.65
C GLY F 222 19.18 9.60 -8.31
N LYS F 223 18.51 8.46 -8.28
CA LYS F 223 18.61 7.61 -7.11
C LYS F 223 20.00 7.00 -7.04
N ASP F 224 20.44 6.72 -5.82
CA ASP F 224 21.84 6.41 -5.55
C ASP F 224 22.68 7.67 -5.70
N GLY F 225 22.03 8.78 -6.02
CA GLY F 225 22.73 10.01 -6.35
C GLY F 225 23.13 10.79 -5.13
N LEU F 226 23.92 11.82 -5.36
CA LEU F 226 24.43 12.63 -4.27
C LEU F 226 23.34 13.41 -3.57
N MET F 227 22.22 13.65 -4.25
CA MET F 227 21.20 14.56 -3.73
C MET F 227 19.98 13.84 -3.20
N ASP F 228 19.97 12.51 -3.23
CA ASP F 228 18.82 11.75 -2.73
C ASP F 228 18.74 11.90 -1.23
N SER F 229 17.64 12.45 -0.73
CA SER F 229 17.59 12.84 0.68
C SER F 229 17.53 11.65 1.61
N THR F 230 17.19 10.46 1.13
CA THR F 230 17.05 9.33 2.03
C THR F 230 18.40 8.77 2.46
N ILE F 231 19.47 9.11 1.77
CA ILE F 231 20.81 8.56 2.02
C ILE F 231 21.62 9.66 2.69
N ARG F 232 21.97 9.44 3.95
CA ARG F 232 22.43 10.52 4.81
C ARG F 232 23.92 10.86 4.66
N GLY F 233 24.53 10.57 3.51
CA GLY F 233 25.93 10.85 3.30
C GLY F 233 26.32 12.20 2.73
N SER F 234 25.39 13.15 2.55
CA SER F 234 25.72 14.41 1.90
C SER F 234 24.75 15.50 2.33
N GLU F 235 25.05 16.74 1.92
CA GLU F 235 24.16 17.87 2.05
C GLU F 235 24.16 18.75 0.80
N THR F 236 24.58 18.21 -0.33
CA THR F 236 24.59 18.97 -1.59
C THR F 236 23.21 19.53 -1.92
N ASN F 237 23.19 20.67 -2.63
CA ASN F 237 21.96 21.41 -2.92
C ASN F 237 21.88 21.87 -4.38
N VAL F 238 22.63 21.28 -5.29
CA VAL F 238 22.71 21.81 -6.65
C VAL F 238 21.32 21.83 -7.26
N THR F 239 20.87 23.02 -7.68
CA THR F 239 19.50 23.19 -8.15
C THR F 239 19.30 22.50 -9.48
N ARG F 240 18.10 21.96 -9.68
CA ARG F 240 17.81 21.15 -10.85
C ARG F 240 17.36 22.01 -12.02
N LEU F 241 17.01 23.27 -11.75
CA LEU F 241 16.56 24.22 -12.75
C LEU F 241 17.22 25.57 -12.48
N TRP F 242 17.37 26.38 -13.53
CA TRP F 242 17.99 27.68 -13.36
C TRP F 242 17.52 28.59 -14.49
N ASP F 243 17.59 29.89 -14.24
CA ASP F 243 17.28 30.89 -15.26
C ASP F 243 18.40 30.97 -16.29
N ASP F 244 18.04 30.98 -17.57
CA ASP F 244 18.99 31.38 -18.60
C ASP F 244 19.02 32.90 -18.68
N VAL F 245 20.03 33.51 -18.07
CA VAL F 245 20.22 34.96 -18.15
C VAL F 245 21.71 35.21 -18.32
N GLU F 246 22.05 36.13 -19.21
CA GLU F 246 23.45 36.46 -19.42
C GLU F 246 23.97 37.10 -18.14
N GLY F 247 24.69 36.34 -17.33
CA GLY F 247 25.08 36.81 -16.02
C GLY F 247 25.75 35.72 -15.22
N VAL F 248 25.84 35.96 -13.92
CA VAL F 248 26.40 35.02 -12.96
C VAL F 248 25.30 34.54 -12.05
N GLN F 249 25.21 33.24 -11.84
CA GLN F 249 24.18 32.67 -10.98
C GLN F 249 24.72 31.51 -10.17
N TYR F 250 24.33 31.50 -8.90
CA TYR F 250 24.79 30.55 -7.90
C TYR F 250 24.01 29.25 -7.99
N MET F 251 24.66 28.18 -8.45
CA MET F 251 24.00 26.90 -8.59
C MET F 251 23.94 26.13 -7.29
N GLY F 252 24.24 26.78 -6.17
CA GLY F 252 24.19 26.11 -4.89
C GLY F 252 25.55 25.56 -4.47
N GLU F 253 25.54 24.37 -3.90
CA GLU F 253 26.69 23.82 -3.21
C GLU F 253 26.73 22.33 -3.45
N LEU F 254 27.89 21.74 -3.24
CA LEU F 254 28.10 20.31 -3.43
C LEU F 254 29.04 19.82 -2.33
N VAL F 255 28.51 19.13 -1.34
CA VAL F 255 29.17 19.00 -0.05
C VAL F 255 28.87 17.64 0.55
N GLY F 256 29.81 17.14 1.38
CA GLY F 256 29.58 15.96 2.17
C GLY F 256 28.92 16.26 3.51
N ALA F 257 28.56 15.20 4.24
CA ALA F 257 27.64 15.37 5.36
C ALA F 257 28.19 16.33 6.41
N ASN F 258 29.43 16.16 6.85
CA ASN F 258 29.95 16.97 7.95
C ASN F 258 30.36 18.36 7.51
N GLY F 259 30.13 18.73 6.27
CA GLY F 259 30.76 19.88 5.67
C GLY F 259 31.99 19.56 4.86
N ALA F 260 32.42 18.30 4.84
CA ALA F 260 33.60 17.93 4.09
C ALA F 260 33.38 18.16 2.60
N GLY F 261 34.46 18.53 1.92
CA GLY F 261 34.47 18.54 0.47
C GLY F 261 33.60 19.57 -0.19
N ARG F 262 33.07 20.54 0.55
CA ARG F 262 32.05 21.41 -0.02
C ARG F 262 32.62 22.22 -1.16
N MET F 263 31.97 22.13 -2.32
CA MET F 263 32.26 22.99 -3.45
C MET F 263 31.07 23.91 -3.65
N ARG F 264 31.29 25.21 -3.64
CA ARG F 264 30.26 26.12 -4.09
C ARG F 264 30.35 26.24 -5.59
N ILE F 265 29.23 26.17 -6.28
CA ILE F 265 29.21 26.13 -7.74
C ILE F 265 28.61 27.42 -8.25
N TRP F 266 29.26 28.02 -9.23
CA TRP F 266 28.76 29.17 -9.96
C TRP F 266 28.82 28.87 -11.44
N VAL F 267 27.96 29.52 -12.22
CA VAL F 267 28.07 29.54 -13.66
C VAL F 267 28.20 30.98 -14.10
N ASN F 268 29.15 31.25 -14.98
CA ASN F 268 29.40 32.57 -15.51
C ASN F 268 29.11 32.55 -17.00
N THR F 269 28.25 33.43 -17.45
CA THR F 269 27.96 33.55 -18.88
C THR F 269 28.07 34.98 -19.37
N GLN F 270 28.55 35.91 -18.56
CA GLN F 270 28.56 37.31 -18.99
C GLN F 270 29.36 37.48 -20.25
N LYS F 271 28.89 38.36 -21.11
CA LYS F 271 29.55 38.68 -22.36
C LYS F 271 29.98 40.13 -22.31
N TYR F 272 31.28 40.36 -22.39
CA TYR F 272 31.74 41.72 -22.57
C TYR F 272 31.77 42.04 -24.06
N ARG F 273 31.78 43.33 -24.38
CA ARG F 273 31.95 43.77 -25.75
C ARG F 273 33.41 44.06 -25.97
N ASP F 274 33.97 43.49 -27.03
CA ASP F 274 35.40 43.36 -27.20
C ASP F 274 36.00 44.63 -27.78
N GLN F 275 37.33 44.66 -27.86
CA GLN F 275 38.00 45.71 -28.60
C GLN F 275 37.51 45.79 -30.04
N ASN F 276 37.39 44.64 -30.70
CA ASN F 276 36.87 44.59 -32.06
C ASN F 276 35.38 44.86 -32.12
N ASP F 277 34.75 45.22 -31.01
CA ASP F 277 33.31 45.41 -30.93
C ASP F 277 32.54 44.11 -31.15
N GLN F 278 33.23 42.97 -31.18
CA GLN F 278 32.55 41.70 -31.04
C GLN F 278 32.18 41.52 -29.58
N GLU F 279 31.21 40.64 -29.33
CA GLU F 279 30.80 40.33 -27.96
C GLU F 279 31.29 38.92 -27.65
N GLN F 280 32.03 38.79 -26.57
CA GLN F 280 32.69 37.55 -26.23
C GLN F 280 32.54 37.30 -24.75
N PHE F 281 32.59 36.03 -24.37
CA PHE F 281 32.30 35.64 -23.01
C PHE F 281 33.46 35.97 -22.09
N LEU F 282 33.12 36.49 -20.92
CA LEU F 282 34.13 36.85 -19.94
C LEU F 282 34.84 35.60 -19.42
N MET F 283 34.08 34.67 -18.86
CA MET F 283 34.60 33.36 -18.47
C MET F 283 34.69 32.45 -19.69
N LYS F 284 35.81 31.74 -19.81
CA LYS F 284 35.92 30.78 -20.90
C LYS F 284 34.79 29.78 -20.77
N GLN F 285 33.95 29.69 -21.78
CA GLN F 285 32.71 28.95 -21.62
C GLN F 285 32.96 27.46 -21.53
N LYS F 286 33.91 26.94 -22.29
CA LYS F 286 34.13 25.50 -22.32
C LYS F 286 35.09 25.07 -21.22
N ALA F 287 35.20 25.83 -20.14
CA ALA F 287 36.18 25.51 -19.11
C ALA F 287 35.61 25.80 -17.74
N VAL F 288 36.29 25.25 -16.73
CA VAL F 288 35.92 25.40 -15.33
C VAL F 288 37.12 25.98 -14.59
N MET F 289 36.85 26.86 -13.64
CA MET F 289 37.90 27.52 -12.90
C MET F 289 37.57 27.49 -11.42
N GLY F 290 38.52 27.05 -10.61
CA GLY F 290 38.43 27.14 -9.17
C GLY F 290 39.29 28.29 -8.69
N ILE F 291 38.89 28.91 -7.58
CA ILE F 291 39.59 30.09 -7.10
C ILE F 291 39.17 30.31 -5.66
N SER F 292 40.01 31.05 -4.92
CA SER F 292 39.70 31.36 -3.54
C SER F 292 40.29 32.71 -3.18
N SER F 293 39.82 33.27 -2.08
CA SER F 293 40.30 34.57 -1.66
C SER F 293 41.80 34.58 -1.42
N ALA F 294 42.41 33.42 -1.21
CA ALA F 294 43.84 33.39 -1.00
C ALA F 294 44.61 33.97 -2.18
N ILE F 295 43.99 34.06 -3.36
CA ILE F 295 44.64 34.71 -4.48
C ILE F 295 45.02 36.13 -4.10
N GLU F 296 44.33 36.71 -3.11
CA GLU F 296 44.71 38.00 -2.55
C GLU F 296 45.11 38.95 -3.66
N GLY F 297 44.33 38.97 -4.73
CA GLY F 297 44.73 39.69 -5.91
C GLY F 297 45.01 41.15 -5.61
N VAL F 298 46.00 41.69 -6.29
CA VAL F 298 46.35 43.09 -6.18
C VAL F 298 45.92 43.77 -7.47
N ARG F 299 45.11 44.82 -7.36
CA ARG F 299 44.74 45.63 -8.51
C ARG F 299 45.69 46.83 -8.54
N CYS F 300 46.66 46.76 -9.46
CA CYS F 300 47.75 47.71 -9.53
C CYS F 300 47.39 48.89 -10.40
N PHE F 301 47.83 50.08 -10.00
CA PHE F 301 47.67 51.28 -10.84
C PHE F 301 48.97 52.06 -10.87
N GLY F 302 49.55 52.16 -12.06
CA GLY F 302 50.82 52.83 -12.26
C GLY F 302 50.68 54.34 -12.33
N ALA F 303 51.73 54.97 -12.84
CA ALA F 303 51.74 56.41 -12.98
C ALA F 303 50.94 56.82 -14.21
N ILE F 304 50.20 57.93 -14.09
CA ILE F 304 49.57 58.56 -15.24
C ILE F 304 50.64 59.34 -15.98
N LEU F 305 50.95 58.94 -17.20
CA LEU F 305 51.97 59.62 -17.99
C LEU F 305 51.36 60.83 -18.70
N ASP F 306 50.82 61.74 -17.90
CA ASP F 306 50.35 63.00 -18.47
C ASP F 306 50.41 64.11 -17.42
N LYS F 307 50.64 65.32 -17.92
CA LYS F 307 50.88 66.47 -17.07
C LYS F 307 49.76 66.71 -16.10
N GLY F 308 48.55 66.26 -16.44
CA GLY F 308 47.45 66.37 -15.50
C GLY F 308 47.74 65.59 -14.23
N ALA F 309 47.32 66.17 -13.11
CA ALA F 309 47.48 65.53 -11.81
C ALA F 309 48.94 65.21 -11.50
N GLY F 310 49.86 65.94 -12.12
CA GLY F 310 51.26 65.81 -11.76
C GLY F 310 51.84 64.42 -11.92
N TYR F 311 51.51 63.74 -13.00
CA TYR F 311 51.97 62.39 -13.25
C TYR F 311 51.68 61.46 -12.08
N GLN F 312 50.79 61.86 -11.18
CA GLN F 312 50.44 61.04 -10.04
C GLN F 312 49.91 59.70 -10.54
N ALA F 313 50.00 58.70 -9.68
CA ALA F 313 49.50 57.38 -10.02
C ALA F 313 48.03 57.29 -9.63
N LEU F 314 47.16 57.18 -10.63
CA LEU F 314 45.73 57.20 -10.41
C LEU F 314 45.08 56.04 -11.14
N ASP F 315 44.06 55.49 -10.51
CA ASP F 315 43.25 54.47 -11.16
C ASP F 315 42.54 55.04 -12.39
N TYR F 316 42.06 56.26 -12.29
CA TYR F 316 41.23 56.84 -13.33
C TYR F 316 41.35 58.35 -13.31
N PHE F 317 41.77 58.95 -14.43
CA PHE F 317 41.94 60.39 -14.53
C PHE F 317 41.18 60.95 -15.72
N PRO F 318 40.17 61.80 -15.52
CA PRO F 318 39.44 62.37 -16.65
C PRO F 318 39.99 63.72 -17.07
N LYS F 319 40.19 63.93 -18.38
CA LYS F 319 40.80 65.14 -18.90
C LYS F 319 39.94 65.66 -20.03
N MET F 320 39.76 66.97 -20.10
CA MET F 320 38.93 67.59 -21.12
C MET F 320 39.52 68.92 -21.55
N TRP F 321 39.54 69.15 -22.87
CA TRP F 321 40.05 70.40 -23.42
C TRP F 321 39.40 70.61 -24.77
N ASP F 322 39.46 71.85 -25.24
CA ASP F 322 38.64 72.28 -26.37
C ASP F 322 39.47 73.06 -27.37
N GLN F 323 39.09 72.92 -28.64
CA GLN F 323 39.70 73.64 -29.74
C GLN F 323 38.91 74.90 -30.03
N GLU F 324 39.60 75.93 -30.53
CA GLU F 324 38.97 77.25 -30.65
C GLU F 324 38.19 77.44 -31.93
N ASP F 325 38.63 76.86 -33.04
CA ASP F 325 37.93 77.04 -34.29
C ASP F 325 38.21 75.88 -35.24
N PRO F 326 37.22 75.06 -35.58
CA PRO F 326 35.83 75.03 -35.11
C PRO F 326 35.77 74.73 -33.63
N SER F 327 34.70 75.07 -32.93
CA SER F 327 34.60 74.75 -31.50
C SER F 327 34.22 73.29 -31.35
N VAL F 328 35.21 72.46 -31.03
CA VAL F 328 35.01 71.04 -30.76
C VAL F 328 35.71 70.71 -29.46
N GLU F 329 35.05 69.95 -28.60
CA GLU F 329 35.58 69.57 -27.30
C GLU F 329 36.11 68.16 -27.35
N TYR F 330 37.26 67.94 -26.72
CA TYR F 330 37.85 66.61 -26.58
C TYR F 330 37.72 66.16 -25.14
N LEU F 331 37.33 64.91 -24.94
CA LEU F 331 37.21 64.32 -23.62
C LEU F 331 37.97 63.01 -23.60
N MET F 332 38.87 62.86 -22.62
CA MET F 332 39.75 61.71 -22.55
C MET F 332 39.96 61.31 -21.10
N SER F 333 40.13 60.01 -20.89
CA SER F 333 40.42 59.46 -19.58
C SER F 333 41.60 58.52 -19.68
N GLN F 334 42.40 58.48 -18.63
CA GLN F 334 43.65 57.74 -18.62
C GLN F 334 43.73 56.87 -17.38
N GLY F 335 44.41 55.75 -17.52
CA GLY F 335 44.68 54.87 -16.40
C GLY F 335 45.78 53.90 -16.77
N ALA F 336 46.46 53.40 -15.75
CA ALA F 336 47.54 52.44 -15.92
C ALA F 336 47.22 51.21 -15.08
N PRO F 337 46.21 50.45 -15.45
CA PRO F 337 45.76 49.36 -14.60
C PRO F 337 46.54 48.08 -14.83
N LEU F 338 46.64 47.28 -13.78
CA LEU F 338 46.96 45.87 -13.94
C LEU F 338 46.40 45.13 -12.74
N MET F 339 45.64 44.07 -13.01
CA MET F 339 45.05 43.22 -11.98
C MET F 339 45.99 42.05 -11.80
N VAL F 340 46.62 41.96 -10.63
CA VAL F 340 47.69 41.01 -10.38
C VAL F 340 47.20 40.00 -9.35
N PRO F 341 47.21 38.70 -9.65
CA PRO F 341 46.98 37.71 -8.60
C PRO F 341 48.23 37.60 -7.74
N ALA F 342 48.10 37.98 -6.47
CA ALA F 342 49.26 37.92 -5.60
C ALA F 342 49.85 36.52 -5.60
N ASP F 343 48.99 35.51 -5.52
CA ASP F 343 49.37 34.10 -5.56
C ASP F 343 48.82 33.49 -6.83
N PRO F 344 49.60 33.40 -7.91
CA PRO F 344 49.05 32.92 -9.17
C PRO F 344 48.57 31.50 -9.12
N ASN F 345 49.02 30.71 -8.15
CA ASN F 345 48.68 29.30 -8.08
C ASN F 345 47.44 29.00 -7.24
N ALA F 346 46.80 30.01 -6.67
CA ALA F 346 45.62 29.80 -5.83
C ALA F 346 44.36 29.55 -6.64
N SER F 347 44.51 29.27 -7.94
CA SER F 347 43.39 29.05 -8.83
C SER F 347 43.83 28.04 -9.88
N PHE F 348 42.86 27.45 -10.56
CA PHE F 348 43.17 26.55 -11.66
C PHE F 348 42.09 26.72 -12.71
N LEU F 349 42.40 26.30 -13.92
CA LEU F 349 41.45 26.35 -15.01
C LEU F 349 41.49 25.03 -15.76
N LEU F 350 40.34 24.39 -15.89
CA LEU F 350 40.21 23.12 -16.57
C LEU F 350 39.39 23.31 -17.84
N THR F 351 40.00 23.06 -18.98
CA THR F 351 39.26 23.01 -20.23
C THR F 351 38.62 21.64 -20.37
N VAL F 352 37.31 21.62 -20.54
CA VAL F 352 36.54 20.39 -20.48
C VAL F 352 36.01 19.95 -21.82
N MET F 353 36.12 20.77 -22.86
CA MET F 353 35.64 20.38 -24.17
C MET F 353 36.55 20.94 -25.23
N SER F 354 36.59 20.28 -26.39
CA SER F 354 37.35 20.78 -27.51
C SER F 354 36.51 21.76 -28.31
N LEU G 4 -117.69 -2.77 -1.62
CA LEU G 4 -116.44 -2.74 -2.37
C LEU G 4 -115.76 -4.08 -2.31
N TYR G 5 -115.71 -4.65 -1.11
CA TYR G 5 -114.97 -5.87 -0.89
C TYR G 5 -115.36 -6.45 0.45
N THR G 6 -115.10 -7.73 0.62
CA THR G 6 -115.16 -8.34 1.93
C THR G 6 -113.90 -8.01 2.71
N THR G 7 -114.05 -7.56 3.95
CA THR G 7 -112.89 -7.45 4.81
C THR G 7 -112.44 -8.84 5.23
N TYR G 8 -111.28 -8.90 5.89
CA TYR G 8 -110.74 -10.17 6.34
C TYR G 8 -110.06 -10.00 7.69
N GLN G 9 -109.93 -11.10 8.40
CA GLN G 9 -109.06 -11.17 9.56
C GLN G 9 -108.33 -12.51 9.53
N LEU G 10 -107.07 -12.50 9.96
CA LEU G 10 -106.21 -13.66 9.90
C LEU G 10 -105.82 -14.14 11.30
N LEU G 11 -105.71 -15.45 11.42
CA LEU G 11 -105.10 -16.04 12.61
C LEU G 11 -103.60 -15.76 12.60
N GLU G 12 -103.09 -15.28 13.72
CA GLU G 12 -101.68 -14.92 13.83
C GLU G 12 -100.83 -16.16 14.13
N VAL G 13 -100.81 -17.09 13.17
CA VAL G 13 -100.00 -18.28 13.32
C VAL G 13 -98.53 -17.89 13.17
N GLN G 14 -97.75 -18.06 14.24
CA GLN G 14 -96.32 -17.83 14.14
C GLN G 14 -95.64 -19.05 13.52
N ARG G 15 -94.70 -18.81 12.62
CA ARG G 15 -94.08 -19.91 11.89
C ARG G 15 -93.00 -20.62 12.69
N LYS G 16 -92.97 -21.94 12.55
CA LYS G 16 -91.86 -22.78 12.98
C LYS G 16 -91.64 -23.82 11.90
N LEU G 17 -90.41 -24.30 11.76
CA LEU G 17 -90.03 -24.96 10.52
C LEU G 17 -90.20 -26.49 10.54
N LYS G 18 -90.13 -27.12 11.70
CA LYS G 18 -90.18 -28.58 11.77
C LYS G 18 -89.03 -29.20 10.97
N THR G 19 -87.81 -28.86 11.38
CA THR G 19 -86.61 -29.40 10.79
C THR G 19 -86.54 -30.92 11.01
N LEU G 20 -85.55 -31.56 10.39
CA LEU G 20 -85.27 -32.95 10.72
C LEU G 20 -84.92 -33.05 12.19
N PRO G 21 -85.58 -33.91 12.96
CA PRO G 21 -85.24 -34.04 14.38
C PRO G 21 -83.86 -34.64 14.57
N ALA G 22 -83.32 -34.43 15.77
CA ALA G 22 -81.90 -34.66 16.05
C ALA G 22 -81.56 -36.13 16.31
N PHE G 23 -82.36 -37.05 15.79
CA PHE G 23 -82.26 -38.44 16.22
C PHE G 23 -80.85 -38.99 16.10
N PHE G 24 -80.22 -38.87 14.93
CA PHE G 24 -78.89 -39.45 14.81
C PHE G 24 -77.84 -38.64 15.56
N LEU G 25 -78.00 -37.33 15.66
CA LEU G 25 -77.05 -36.55 16.45
C LEU G 25 -77.09 -36.91 17.93
N GLN G 26 -78.02 -37.76 18.37
CA GLN G 26 -77.99 -38.17 19.76
C GLN G 26 -76.71 -38.92 20.07
N TRP G 27 -76.11 -39.53 19.06
CA TRP G 27 -74.87 -40.27 19.22
C TRP G 27 -73.64 -39.46 18.81
N PHE G 28 -73.79 -38.16 18.59
CA PHE G 28 -72.67 -37.28 18.26
C PHE G 28 -72.70 -36.07 19.19
N PRO G 29 -72.42 -36.28 20.46
CA PRO G 29 -72.57 -35.19 21.44
C PRO G 29 -71.37 -34.26 21.49
N ARG G 30 -70.19 -34.76 21.14
CA ARG G 30 -68.97 -33.96 21.25
C ARG G 30 -68.85 -33.00 20.07
N GLN G 31 -68.51 -31.75 20.37
CA GLN G 31 -68.36 -30.73 19.35
C GLN G 31 -66.98 -30.10 19.43
N ILE G 32 -66.32 -29.98 18.28
CA ILE G 32 -65.00 -29.36 18.16
C ILE G 32 -65.02 -28.36 17.02
N ASN G 33 -64.63 -27.12 17.31
CA ASN G 33 -64.46 -26.10 16.31
C ASN G 33 -62.97 -25.88 16.12
N PHE G 34 -62.47 -26.08 14.90
CA PHE G 34 -61.04 -26.07 14.68
C PHE G 34 -60.70 -25.40 13.36
N GLN G 35 -59.66 -24.57 13.38
CA GLN G 35 -59.09 -24.00 12.17
C GLN G 35 -57.99 -24.85 11.57
N GLU G 36 -57.59 -25.93 12.24
CA GLU G 36 -56.45 -26.71 11.80
C GLU G 36 -56.71 -27.25 10.39
N ASP G 37 -55.64 -27.65 9.71
CA ASP G 37 -55.79 -28.17 8.35
C ASP G 37 -56.70 -29.40 8.34
N MET G 38 -56.58 -30.26 9.35
CA MET G 38 -57.42 -31.44 9.48
C MET G 38 -57.62 -31.74 10.95
N ILE G 39 -58.64 -32.52 11.24
CA ILE G 39 -58.82 -33.04 12.59
C ILE G 39 -58.27 -34.44 12.67
N ALA G 40 -57.77 -34.82 13.84
CA ALA G 40 -57.08 -36.09 14.02
C ALA G 40 -57.62 -36.84 15.22
N PHE G 41 -57.82 -38.15 15.06
CA PHE G 41 -58.32 -39.01 16.11
C PHE G 41 -57.41 -40.22 16.26
N ASP G 42 -57.29 -40.70 17.49
CA ASP G 42 -56.46 -41.86 17.81
C ASP G 42 -57.34 -43.05 18.15
N LYS G 43 -57.02 -44.21 17.57
CA LYS G 43 -57.79 -45.43 17.80
C LYS G 43 -57.15 -46.29 18.90
N VAL G 44 -57.11 -45.74 20.11
CA VAL G 44 -56.54 -46.47 21.23
C VAL G 44 -57.49 -47.57 21.68
N ILE G 45 -57.00 -48.79 21.81
CA ILE G 45 -57.87 -49.85 22.29
C ILE G 45 -58.19 -49.55 23.73
N GLN G 46 -59.41 -49.85 24.13
CA GLN G 46 -59.84 -49.54 25.48
C GLN G 46 -59.96 -50.80 26.32
N ASP G 47 -60.12 -51.93 25.67
CA ASP G 47 -60.31 -53.18 26.40
C ASP G 47 -59.02 -53.68 27.00
N VAL G 48 -58.99 -53.83 28.32
CA VAL G 48 -57.82 -54.36 28.99
C VAL G 48 -58.27 -55.65 29.62
N THR G 49 -58.95 -56.46 28.84
CA THR G 49 -59.50 -57.69 29.35
C THR G 49 -58.50 -58.82 29.39
N ARG G 50 -57.49 -58.71 30.24
CA ARG G 50 -56.52 -59.80 30.38
C ARG G 50 -56.22 -60.07 31.84
N VAL G 51 -56.17 -61.34 32.20
CA VAL G 51 -55.80 -61.71 33.55
C VAL G 51 -54.34 -61.39 33.79
N ALA G 52 -54.03 -60.86 34.96
CA ALA G 52 -52.64 -60.58 35.29
C ALA G 52 -51.84 -61.89 35.34
N PRO G 53 -50.53 -61.83 35.13
CA PRO G 53 -49.73 -63.07 35.09
C PRO G 53 -49.50 -63.63 36.48
N PHE G 54 -49.61 -64.95 36.60
CA PHE G 54 -49.22 -65.63 37.83
C PHE G 54 -47.73 -65.91 37.79
N VAL G 55 -47.00 -65.44 38.79
CA VAL G 55 -45.58 -65.71 38.91
C VAL G 55 -45.29 -66.07 40.36
N ALA G 56 -44.66 -67.23 40.57
CA ALA G 56 -44.31 -67.61 41.93
C ALA G 56 -43.37 -66.57 42.51
N PRO G 57 -43.52 -66.20 43.79
CA PRO G 57 -42.73 -65.11 44.34
C PRO G 57 -41.22 -65.34 44.31
N ASN G 58 -40.75 -66.50 43.88
CA ASN G 58 -39.31 -66.67 43.67
C ASN G 58 -38.82 -65.79 42.54
N VAL G 59 -39.50 -65.85 41.40
CA VAL G 59 -38.90 -65.41 40.15
C VAL G 59 -39.00 -63.89 40.01
N GLN G 60 -38.30 -63.36 39.01
CA GLN G 60 -38.08 -61.92 38.90
C GLN G 60 -39.39 -61.18 38.67
N GLY G 61 -40.25 -61.73 37.84
CA GLY G 61 -41.47 -61.07 37.42
C GLY G 61 -41.73 -61.37 35.97
N ARG G 62 -42.76 -60.73 35.43
CA ARG G 62 -43.17 -60.94 34.04
C ARG G 62 -43.46 -59.60 33.39
N VAL G 63 -43.06 -59.47 32.13
CA VAL G 63 -43.18 -58.21 31.41
C VAL G 63 -44.35 -58.31 30.44
N ILE G 64 -45.23 -57.32 30.50
CA ILE G 64 -46.47 -57.30 29.74
C ILE G 64 -46.24 -56.44 28.51
N LYS G 65 -46.70 -56.91 27.35
CA LYS G 65 -46.57 -56.11 26.14
C LYS G 65 -47.69 -55.08 26.03
N GLU G 66 -47.34 -53.90 25.54
CA GLU G 66 -48.30 -52.84 25.29
C GLU G 66 -48.84 -52.91 23.86
N SER G 67 -49.77 -52.00 23.56
CA SER G 67 -50.36 -51.87 22.25
C SER G 67 -50.36 -50.40 21.85
N GLY G 68 -50.23 -50.14 20.54
CA GLY G 68 -50.15 -48.78 20.03
C GLY G 68 -51.48 -48.26 19.53
N TYR G 69 -51.49 -47.46 18.47
CA TYR G 69 -52.75 -46.99 17.92
C TYR G 69 -52.64 -46.66 16.45
N ASN G 70 -53.74 -46.87 15.74
CA ASN G 70 -53.99 -46.14 14.49
C ASN G 70 -54.34 -44.69 14.81
N THR G 71 -54.11 -43.83 13.83
CA THR G 71 -54.61 -42.46 13.87
C THR G 71 -55.15 -42.11 12.50
N LYS G 72 -56.28 -41.42 12.47
CA LYS G 72 -56.92 -41.07 11.21
C LYS G 72 -57.40 -39.63 11.27
N THR G 73 -57.39 -38.97 10.11
CA THR G 73 -57.64 -37.54 10.03
C THR G 73 -58.62 -37.24 8.91
N PHE G 74 -59.41 -36.19 9.09
CA PHE G 74 -60.50 -35.88 8.18
C PHE G 74 -60.58 -34.38 7.95
N LYS G 75 -61.01 -33.99 6.72
CA LYS G 75 -61.37 -32.61 6.37
C LYS G 75 -62.87 -32.48 6.25
N PRO G 76 -63.50 -31.48 6.86
CA PRO G 76 -64.95 -31.36 6.77
C PRO G 76 -65.42 -30.81 5.43
N ALA G 77 -66.69 -31.04 5.15
CA ALA G 77 -67.32 -30.52 3.94
C ALA G 77 -67.60 -29.03 4.12
N TYR G 78 -68.08 -28.39 3.06
CA TYR G 78 -68.40 -26.98 3.09
C TYR G 78 -69.78 -26.78 2.49
N VAL G 79 -70.58 -25.90 3.10
CA VAL G 79 -71.99 -25.75 2.77
C VAL G 79 -72.28 -24.28 2.55
N LYS G 80 -72.85 -23.93 1.39
CA LYS G 80 -73.13 -22.55 1.00
C LYS G 80 -74.51 -22.41 0.38
N PRO G 81 -75.55 -22.31 1.20
CA PRO G 81 -76.85 -21.87 0.69
C PRO G 81 -76.93 -20.35 0.72
N LYS G 82 -77.49 -19.75 -0.33
CA LYS G 82 -77.75 -18.32 -0.30
C LYS G 82 -79.01 -18.00 -1.08
N HIS G 83 -79.71 -16.97 -0.62
CA HIS G 83 -80.88 -16.43 -1.29
C HIS G 83 -80.57 -15.04 -1.80
N VAL G 84 -81.02 -14.74 -3.01
CA VAL G 84 -80.98 -13.40 -3.56
C VAL G 84 -82.33 -12.76 -3.32
N ILE G 85 -82.35 -11.58 -2.73
CA ILE G 85 -83.59 -10.98 -2.25
C ILE G 85 -83.99 -9.80 -3.12
N ASP G 86 -84.78 -10.06 -4.15
CA ASP G 86 -85.28 -9.02 -5.03
C ASP G 86 -86.35 -8.21 -4.31
N PRO G 87 -86.72 -7.06 -4.88
CA PRO G 87 -88.01 -6.50 -4.51
C PRO G 87 -89.15 -7.46 -4.79
N ASN G 88 -88.97 -8.40 -5.73
CA ASN G 88 -89.99 -9.39 -5.99
C ASN G 88 -90.31 -10.24 -4.76
N MET G 89 -89.41 -10.30 -3.79
CA MET G 89 -89.67 -11.05 -2.57
C MET G 89 -90.01 -10.17 -1.39
N ILE G 90 -89.58 -8.91 -1.40
CA ILE G 90 -89.86 -8.04 -0.29
C ILE G 90 -91.25 -7.41 -0.40
N ILE G 91 -91.74 -7.19 -1.61
CA ILE G 91 -92.97 -6.42 -1.79
C ILE G 91 -94.19 -7.28 -1.50
N PRO G 92 -94.34 -8.45 -2.11
CA PRO G 92 -95.58 -9.20 -1.95
C PRO G 92 -95.89 -9.48 -0.48
N ARG G 93 -97.17 -9.71 -0.21
CA ARG G 93 -97.59 -10.07 1.14
C ARG G 93 -97.06 -11.44 1.51
N GLN G 94 -96.55 -11.56 2.74
CA GLN G 94 -96.14 -12.85 3.24
C GLN G 94 -96.81 -13.15 4.57
N PRO G 95 -96.98 -14.43 4.90
CA PRO G 95 -98.04 -14.86 5.81
C PRO G 95 -98.42 -13.91 6.92
N GLY G 96 -97.47 -13.42 7.70
CA GLY G 96 -97.83 -12.63 8.86
C GLY G 96 -98.43 -11.27 8.56
N GLU G 97 -98.30 -10.79 7.34
CA GLU G 97 -98.79 -9.47 6.99
C GLU G 97 -100.31 -9.40 7.11
N ALA G 98 -100.82 -8.25 7.54
CA ALA G 98 -102.21 -8.04 7.92
C ALA G 98 -103.16 -8.07 6.76
N LEU G 99 -102.75 -8.48 5.56
CA LEU G 99 -103.71 -8.75 4.51
C LEU G 99 -104.51 -7.52 4.10
N GLY G 100 -103.88 -6.62 3.36
CA GLY G 100 -104.59 -5.51 2.73
C GLY G 100 -104.45 -4.19 3.40
N THR G 101 -104.60 -4.13 4.72
CA THR G 101 -104.24 -2.93 5.43
C THR G 101 -102.72 -2.85 5.51
N GLY G 102 -102.16 -1.71 5.11
CA GLY G 102 -100.72 -1.55 5.07
C GLY G 102 -100.10 -1.19 6.41
N THR G 103 -100.15 -2.11 7.36
CA THR G 103 -99.74 -1.82 8.73
C THR G 103 -98.23 -1.86 8.94
N LEU G 104 -97.45 -2.42 8.01
CA LEU G 104 -96.01 -2.51 8.15
C LEU G 104 -95.32 -2.12 6.85
N SER G 105 -94.25 -1.34 6.99
CA SER G 105 -93.55 -0.79 5.85
C SER G 105 -92.81 -1.87 5.07
N ILE G 106 -92.27 -1.47 3.91
CA ILE G 106 -91.43 -2.37 3.16
C ILE G 106 -90.18 -2.73 3.95
N ALA G 107 -89.67 -1.78 4.74
CA ALA G 107 -88.50 -2.09 5.56
C ALA G 107 -88.81 -3.21 6.54
N GLN G 108 -89.97 -3.14 7.19
CA GLN G 108 -90.29 -4.15 8.18
C GLN G 108 -90.65 -5.47 7.52
N ARG G 109 -91.29 -5.43 6.35
CA ARG G 109 -91.53 -6.68 5.63
C ARG G 109 -90.22 -7.32 5.19
N ARG G 110 -89.24 -6.51 4.77
CA ARG G 110 -87.91 -7.02 4.50
C ARG G 110 -87.32 -7.66 5.75
N ASP G 111 -87.43 -6.99 6.89
CA ASP G 111 -86.86 -7.54 8.10
C ASP G 111 -87.52 -8.88 8.43
N ARG G 112 -88.83 -8.97 8.28
CA ARG G 112 -89.53 -10.23 8.52
C ARG G 112 -89.00 -11.32 7.61
N VAL G 113 -88.91 -11.04 6.31
CA VAL G 113 -88.52 -12.09 5.39
C VAL G 113 -87.07 -12.49 5.62
N ILE G 114 -86.21 -11.55 5.97
CA ILE G 114 -84.82 -11.89 6.26
C ILE G 114 -84.70 -12.71 7.52
N ALA G 115 -85.48 -12.38 8.56
CA ALA G 115 -85.47 -13.22 9.75
C ALA G 115 -85.90 -14.63 9.40
N TYR G 116 -86.94 -14.75 8.57
CA TYR G 116 -87.38 -16.07 8.14
C TYR G 116 -86.29 -16.80 7.37
N LEU G 117 -85.58 -16.09 6.50
CA LEU G 117 -84.56 -16.76 5.70
C LEU G 117 -83.36 -17.16 6.54
N LEU G 118 -82.98 -16.35 7.51
CA LEU G 118 -81.94 -16.77 8.45
C LEU G 118 -82.38 -18.03 9.18
N MET G 119 -83.64 -18.05 9.63
CA MET G 119 -84.14 -19.22 10.32
C MET G 119 -84.09 -20.44 9.41
N LYS G 120 -84.48 -20.27 8.15
CA LYS G 120 -84.44 -21.37 7.20
C LYS G 120 -83.01 -21.83 6.94
N HIS G 121 -82.05 -20.90 6.91
CA HIS G 121 -80.66 -21.29 6.73
C HIS G 121 -80.19 -22.14 7.90
N ARG G 122 -80.46 -21.68 9.12
CA ARG G 122 -80.14 -22.48 10.29
C ARG G 122 -80.74 -23.87 10.15
N ALA G 123 -82.00 -23.92 9.70
CA ALA G 123 -82.67 -25.20 9.54
C ALA G 123 -81.98 -26.07 8.51
N MET G 124 -81.52 -25.47 7.40
CA MET G 124 -80.87 -26.28 6.36
C MET G 124 -79.53 -26.81 6.84
N HIS G 125 -78.78 -26.00 7.58
CA HIS G 125 -77.55 -26.53 8.16
C HIS G 125 -77.85 -27.66 9.13
N GLU G 126 -78.87 -27.50 9.96
CA GLU G 126 -79.19 -28.52 10.94
C GLU G 126 -79.61 -29.80 10.24
N ASN G 127 -80.40 -29.68 9.18
CA ASN G 127 -80.73 -30.83 8.37
C ASN G 127 -79.48 -31.48 7.81
N THR G 128 -78.50 -30.67 7.40
CA THR G 128 -77.28 -31.26 6.85
C THR G 128 -76.51 -32.01 7.91
N TRP G 129 -76.47 -31.48 9.13
CA TRP G 129 -75.83 -32.21 10.22
C TRP G 129 -76.52 -33.54 10.45
N GLU G 130 -77.85 -33.53 10.50
CA GLU G 130 -78.57 -34.78 10.67
C GLU G 130 -78.24 -35.75 9.55
N TRP G 131 -78.24 -35.28 8.32
CA TRP G 131 -77.96 -36.17 7.20
C TRP G 131 -76.55 -36.73 7.26
N MET G 132 -75.57 -35.89 7.58
CA MET G 132 -74.20 -36.37 7.68
C MET G 132 -74.08 -37.40 8.79
N ALA G 133 -74.65 -37.12 9.96
CA ALA G 133 -74.57 -38.06 11.05
C ALA G 133 -75.23 -39.37 10.69
N ALA G 134 -76.39 -39.31 10.03
CA ALA G 134 -77.05 -40.54 9.63
C ALA G 134 -76.20 -41.32 8.65
N GLN G 135 -75.61 -40.66 7.68
CA GLN G 135 -74.77 -41.36 6.72
C GLN G 135 -73.58 -42.00 7.42
N ALA G 136 -72.94 -41.26 8.33
CA ALA G 136 -71.81 -41.82 9.05
C ALA G 136 -72.20 -43.04 9.85
N ALA G 137 -73.26 -42.92 10.66
CA ALA G 137 -73.67 -44.05 11.49
C ALA G 137 -74.01 -45.26 10.63
N GLN G 138 -74.75 -45.06 9.55
CA GLN G 138 -75.14 -46.20 8.72
C GLN G 138 -73.93 -46.80 8.01
N TYR G 139 -73.32 -46.03 7.12
CA TYR G 139 -72.39 -46.57 6.15
C TYR G 139 -70.94 -46.51 6.61
N GLY G 140 -70.65 -45.79 7.69
CA GLY G 140 -69.27 -45.53 8.05
C GLY G 140 -68.57 -44.57 7.14
N TYR G 141 -69.29 -43.97 6.19
CA TYR G 141 -68.73 -42.99 5.27
C TYR G 141 -69.86 -42.09 4.84
N VAL G 142 -69.52 -40.95 4.26
CA VAL G 142 -70.52 -40.00 3.77
C VAL G 142 -70.10 -39.53 2.38
N ASP G 143 -70.99 -39.67 1.41
CA ASP G 143 -70.74 -39.21 0.04
C ASP G 143 -71.22 -37.77 -0.10
N VAL G 144 -70.36 -36.84 0.31
CA VAL G 144 -70.68 -35.42 0.19
C VAL G 144 -70.67 -35.04 -1.28
N GLN G 145 -71.68 -34.29 -1.71
CA GLN G 145 -71.90 -34.04 -3.12
C GLN G 145 -72.49 -32.66 -3.31
N GLY G 146 -72.81 -32.36 -4.57
CA GLY G 146 -73.59 -31.19 -4.89
C GLY G 146 -73.49 -30.92 -6.37
N GLN G 147 -74.00 -29.75 -6.76
CA GLN G 147 -73.58 -29.19 -8.03
C GLN G 147 -72.21 -28.55 -7.89
N ASP G 148 -72.06 -27.69 -6.89
CA ASP G 148 -70.84 -26.93 -6.72
C ASP G 148 -69.84 -27.69 -5.85
N TYR G 149 -69.96 -29.00 -5.80
CA TYR G 149 -69.06 -29.76 -4.92
C TYR G 149 -68.90 -31.18 -5.44
N PRO G 150 -67.71 -31.56 -5.89
CA PRO G 150 -67.54 -32.89 -6.46
C PRO G 150 -67.71 -33.97 -5.41
N LEU G 151 -68.10 -35.16 -5.88
CA LEU G 151 -68.30 -36.28 -4.98
C LEU G 151 -66.96 -36.75 -4.41
N VAL G 152 -66.85 -36.71 -3.09
CA VAL G 152 -65.72 -37.30 -2.37
C VAL G 152 -66.27 -38.09 -1.19
N ARG G 153 -65.72 -39.27 -0.98
CA ARG G 153 -66.21 -40.23 0.00
C ARG G 153 -65.33 -40.15 1.24
N VAL G 154 -65.87 -39.61 2.32
CA VAL G 154 -65.14 -39.51 3.58
C VAL G 154 -65.30 -40.82 4.34
N ASP G 155 -64.43 -41.78 4.09
CA ASP G 155 -64.54 -43.09 4.71
C ASP G 155 -63.94 -43.03 6.11
N PHE G 156 -64.77 -43.21 7.13
CA PHE G 156 -64.30 -43.23 8.50
C PHE G 156 -63.61 -44.54 8.87
N GLY G 157 -63.76 -45.56 8.05
CA GLY G 157 -63.02 -46.79 8.28
C GLY G 157 -63.77 -47.87 9.01
N ARG G 158 -65.08 -47.95 8.88
CA ARG G 158 -65.78 -49.13 9.37
C ARG G 158 -65.22 -50.35 8.66
N ASP G 159 -64.95 -51.40 9.42
CA ASP G 159 -64.45 -52.62 8.80
C ASP G 159 -65.53 -53.20 7.91
N ALA G 160 -65.12 -53.70 6.74
CA ALA G 160 -66.09 -54.15 5.75
C ALA G 160 -66.95 -55.30 6.27
N ALA G 161 -66.50 -56.00 7.30
CA ALA G 161 -67.31 -57.07 7.86
C ALA G 161 -68.61 -56.57 8.47
N LEU G 162 -68.67 -55.30 8.87
CA LEU G 162 -69.83 -54.74 9.52
C LEU G 162 -70.86 -54.16 8.55
N THR G 163 -70.68 -54.34 7.25
CA THR G 163 -71.70 -54.01 6.26
C THR G 163 -72.20 -55.32 5.70
N MET G 164 -73.20 -55.88 6.36
CA MET G 164 -73.64 -57.25 6.12
C MET G 164 -74.78 -57.27 5.10
N THR G 165 -75.08 -58.47 4.62
CA THR G 165 -76.25 -58.68 3.78
C THR G 165 -76.82 -60.07 4.02
N THR G 166 -78.13 -60.13 4.25
CA THR G 166 -78.85 -61.40 4.29
C THR G 166 -80.23 -61.18 3.67
N ASP G 167 -80.88 -62.28 3.31
CA ASP G 167 -82.15 -62.27 2.61
C ASP G 167 -83.25 -62.72 3.56
N TRP G 168 -83.95 -61.75 4.16
CA TRP G 168 -85.13 -62.07 4.93
C TRP G 168 -86.37 -62.32 4.07
N THR G 169 -86.28 -62.09 2.77
CA THR G 169 -87.39 -62.39 1.88
C THR G 169 -87.43 -63.85 1.45
N ALA G 170 -86.37 -64.62 1.72
CA ALA G 170 -86.34 -66.01 1.30
C ALA G 170 -87.37 -66.83 2.06
N ALA G 171 -87.79 -67.93 1.44
CA ALA G 171 -88.72 -68.85 2.08
C ALA G 171 -88.03 -69.57 3.24
N GLY G 172 -88.83 -69.93 4.24
CA GLY G 172 -88.33 -70.68 5.37
C GLY G 172 -87.65 -69.87 6.45
N VAL G 173 -87.49 -68.57 6.27
CA VAL G 173 -86.86 -67.75 7.30
C VAL G 173 -87.77 -67.69 8.51
N THR G 174 -87.18 -67.82 9.70
CA THR G 174 -87.92 -67.72 10.95
C THR G 174 -87.51 -66.49 11.72
N LEU G 175 -88.39 -66.13 12.66
CA LEU G 175 -88.07 -65.05 13.59
C LEU G 175 -86.71 -65.28 14.23
N MET G 176 -86.39 -66.54 14.52
CA MET G 176 -85.12 -66.82 15.15
C MET G 176 -83.97 -66.61 14.19
N ASP G 177 -84.15 -66.94 12.91
CA ASP G 177 -83.10 -66.63 11.94
C ASP G 177 -82.84 -65.13 11.86
N MET G 178 -83.91 -64.34 11.84
CA MET G 178 -83.72 -62.89 11.77
C MET G 178 -83.01 -62.37 13.02
N ILE G 179 -83.48 -62.78 14.19
CA ILE G 179 -82.83 -62.33 15.42
C ILE G 179 -81.41 -62.85 15.48
N ALA G 180 -81.16 -64.02 14.88
CA ALA G 180 -79.79 -64.54 14.82
C ALA G 180 -78.92 -63.64 13.97
N ASP G 181 -79.44 -63.15 12.85
CA ASP G 181 -78.66 -62.22 12.04
C ASP G 181 -78.32 -60.97 12.84
N LEU G 182 -79.28 -60.44 13.58
CA LEU G 182 -79.00 -59.27 14.38
C LEU G 182 -77.98 -59.59 15.49
N ARG G 183 -78.12 -60.74 16.12
CA ARG G 183 -77.16 -61.13 17.16
C ARG G 183 -75.76 -61.28 16.56
N ASP G 184 -75.66 -61.81 15.36
CA ASP G 184 -74.36 -61.96 14.71
C ASP G 184 -73.76 -60.60 14.37
N GLY G 185 -74.58 -59.66 13.93
CA GLY G 185 -74.09 -58.30 13.78
C GLY G 185 -73.52 -57.76 15.06
N GLN G 186 -74.25 -57.96 16.16
CA GLN G 186 -73.74 -57.52 17.45
C GLN G 186 -72.43 -58.20 17.77
N ARG G 187 -72.32 -59.49 17.51
CA ARG G 187 -71.08 -60.21 17.79
C ARG G 187 -69.92 -59.61 17.02
N LEU G 188 -70.11 -59.37 15.73
CA LEU G 188 -69.02 -58.80 14.96
C LEU G 188 -68.62 -57.44 15.52
N VAL G 189 -69.60 -56.63 15.90
CA VAL G 189 -69.26 -55.32 16.47
C VAL G 189 -68.46 -55.49 17.75
N SER G 190 -68.88 -56.42 18.61
CA SER G 190 -68.14 -56.61 19.85
C SER G 190 -66.71 -57.07 19.57
N ASP G 191 -66.53 -57.88 18.54
CA ASP G 191 -65.19 -58.35 18.20
C ASP G 191 -64.33 -57.24 17.59
N LYS G 192 -64.95 -56.21 17.02
CA LYS G 192 -64.21 -55.21 16.27
C LYS G 192 -64.05 -53.87 16.98
N SER G 193 -64.88 -53.56 17.96
CA SER G 193 -64.89 -52.24 18.54
C SER G 193 -63.62 -51.96 19.34
N MET G 194 -63.35 -50.68 19.55
CA MET G 194 -62.25 -50.30 20.42
C MET G 194 -62.51 -50.69 21.86
N SER G 195 -63.78 -50.75 22.27
CA SER G 195 -64.13 -50.99 23.66
C SER G 195 -65.03 -52.21 23.84
N GLY G 196 -65.12 -53.08 22.85
CA GLY G 196 -65.84 -54.33 23.02
C GLY G 196 -67.30 -54.11 23.38
N THR G 197 -67.82 -52.93 23.06
CA THR G 197 -69.14 -52.54 23.51
C THR G 197 -70.24 -53.40 22.87
N VAL G 198 -71.27 -53.71 23.65
CA VAL G 198 -72.45 -54.39 23.15
C VAL G 198 -73.47 -53.37 22.65
N ILE G 199 -74.13 -53.70 21.55
CA ILE G 199 -75.15 -52.84 20.97
C ILE G 199 -76.48 -53.07 21.68
N ARG G 200 -77.08 -51.99 22.17
CA ARG G 200 -78.41 -52.07 22.73
C ARG G 200 -79.49 -51.62 21.74
N ASP G 201 -79.18 -50.68 20.86
CA ASP G 201 -80.16 -50.05 19.99
C ASP G 201 -80.04 -50.62 18.58
N TYR G 202 -81.14 -51.10 18.04
CA TYR G 202 -81.23 -51.56 16.65
C TYR G 202 -82.30 -50.76 15.96
N ILE G 203 -81.96 -50.13 14.85
CA ILE G 203 -82.83 -49.19 14.15
C ILE G 203 -83.19 -49.79 12.80
N PHE G 204 -84.47 -50.02 12.58
CA PHE G 204 -84.94 -50.64 11.34
C PHE G 204 -85.36 -49.58 10.32
N GLY G 205 -85.12 -49.89 9.05
CA GLY G 205 -85.83 -49.20 8.00
C GLY G 205 -87.27 -49.66 7.91
N GLY G 206 -88.08 -48.90 7.19
CA GLY G 206 -89.48 -49.26 7.07
C GLY G 206 -89.70 -50.60 6.39
N ASP G 207 -89.00 -50.84 5.28
CA ASP G 207 -89.15 -52.11 4.59
C ASP G 207 -88.62 -53.26 5.44
N ALA G 208 -87.51 -53.04 6.14
CA ALA G 208 -86.98 -54.06 7.01
C ALA G 208 -87.98 -54.39 8.12
N TRP G 209 -88.57 -53.37 8.72
CA TRP G 209 -89.55 -53.61 9.77
C TRP G 209 -90.77 -54.32 9.24
N ASP G 210 -91.22 -53.97 8.03
CA ASP G 210 -92.34 -54.69 7.45
C ASP G 210 -92.00 -56.15 7.21
N GLN G 211 -90.83 -56.44 6.67
CA GLN G 211 -90.42 -57.82 6.50
C GLN G 211 -90.35 -58.54 7.83
N PHE G 212 -89.78 -57.89 8.83
CA PHE G 212 -89.62 -58.49 10.14
C PHE G 212 -90.96 -58.83 10.75
N VAL G 213 -91.91 -57.89 10.70
CA VAL G 213 -93.21 -58.15 11.30
C VAL G 213 -93.98 -59.16 10.47
N LYS G 214 -93.80 -59.16 9.16
CA LYS G 214 -94.49 -60.12 8.31
C LYS G 214 -94.04 -61.54 8.62
N VAL G 215 -92.73 -61.75 8.81
CA VAL G 215 -92.24 -63.09 9.06
C VAL G 215 -92.41 -63.48 10.52
N GLY G 216 -92.44 -62.51 11.43
CA GLY G 216 -92.56 -62.79 12.84
C GLY G 216 -94.00 -62.97 13.30
N GLY G 217 -94.31 -62.44 14.49
CA GLY G 217 -95.65 -62.53 15.04
C GLY G 217 -95.85 -63.79 15.85
N ASN G 237 -87.49 -41.67 31.64
CA ASN G 237 -86.53 -42.52 30.95
C ASN G 237 -86.10 -41.88 29.63
N VAL G 238 -84.93 -42.27 29.14
CA VAL G 238 -84.35 -41.60 27.98
C VAL G 238 -85.27 -41.73 26.76
N THR G 239 -85.86 -42.91 26.59
CA THR G 239 -86.66 -43.16 25.39
C THR G 239 -87.83 -42.20 25.27
N ARG G 240 -88.27 -41.59 26.37
CA ARG G 240 -89.37 -40.64 26.30
C ARG G 240 -89.02 -39.40 25.50
N LEU G 241 -87.73 -39.15 25.23
CA LEU G 241 -87.36 -37.99 24.46
C LEU G 241 -87.87 -38.08 23.01
N TRP G 242 -88.31 -39.25 22.56
CA TRP G 242 -88.74 -39.42 21.19
C TRP G 242 -90.20 -39.84 21.05
N ASP G 243 -91.02 -39.57 22.06
CA ASP G 243 -92.45 -39.85 21.91
C ASP G 243 -93.11 -38.88 20.92
N ASP G 244 -92.77 -37.60 21.00
CA ASP G 244 -93.44 -36.57 20.22
C ASP G 244 -92.91 -36.41 18.81
N VAL G 245 -91.98 -37.27 18.37
CA VAL G 245 -91.16 -36.98 17.19
C VAL G 245 -91.68 -37.77 16.01
N GLU G 246 -91.78 -37.11 14.87
CA GLU G 246 -92.22 -37.76 13.64
C GLU G 246 -91.14 -38.69 13.11
N GLY G 247 -91.55 -39.75 12.43
CA GLY G 247 -90.63 -40.60 11.71
C GLY G 247 -89.86 -41.57 12.58
N VAL G 248 -89.58 -41.17 13.81
CA VAL G 248 -88.91 -42.03 14.79
C VAL G 248 -89.97 -42.80 15.56
N GLN G 249 -89.94 -44.12 15.46
CA GLN G 249 -90.90 -44.98 16.15
C GLN G 249 -90.13 -45.88 17.11
N TYR G 250 -90.43 -45.77 18.39
CA TYR G 250 -89.86 -46.64 19.41
C TYR G 250 -90.72 -47.87 19.57
N MET G 251 -90.27 -48.99 19.02
CA MET G 251 -91.01 -50.25 19.11
C MET G 251 -90.71 -51.00 20.39
N GLY G 252 -90.21 -50.32 21.41
CA GLY G 252 -90.03 -50.93 22.70
C GLY G 252 -88.77 -51.76 22.85
N GLU G 253 -88.91 -53.07 22.82
CA GLU G 253 -87.83 -53.98 23.16
C GLU G 253 -88.26 -55.39 22.77
N LEU G 254 -87.27 -56.26 22.57
CA LEU G 254 -87.53 -57.69 22.50
C LEU G 254 -86.44 -58.43 23.26
N VAL G 255 -86.81 -59.54 23.88
CA VAL G 255 -85.89 -60.28 24.74
C VAL G 255 -85.09 -61.29 23.92
N GLY G 256 -85.77 -62.05 23.07
CA GLY G 256 -85.13 -62.92 22.10
C GLY G 256 -84.04 -63.76 22.72
N ALA G 257 -83.10 -64.19 21.87
CA ALA G 257 -82.02 -65.07 22.25
C ALA G 257 -80.68 -64.39 22.00
N ASN G 258 -80.65 -63.07 22.11
CA ASN G 258 -79.39 -62.35 21.99
C ASN G 258 -78.47 -62.66 23.17
N GLY G 259 -79.01 -62.63 24.38
CA GLY G 259 -78.24 -62.90 25.57
C GLY G 259 -77.32 -61.77 26.00
N ALA G 260 -76.52 -61.26 25.06
CA ALA G 260 -75.48 -60.30 25.40
C ALA G 260 -76.02 -58.93 25.79
N GLY G 261 -77.21 -58.55 25.33
CA GLY G 261 -77.80 -57.30 25.76
C GLY G 261 -79.20 -57.09 25.20
N ARG G 262 -80.10 -56.56 26.01
CA ARG G 262 -81.49 -56.44 25.61
C ARG G 262 -81.62 -55.47 24.44
N MET G 263 -82.39 -55.86 23.44
CA MET G 263 -82.42 -55.19 22.15
C MET G 263 -83.51 -54.14 22.13
N ARG G 264 -83.14 -52.88 22.34
CA ARG G 264 -84.06 -51.79 22.03
C ARG G 264 -84.30 -51.79 20.53
N ILE G 265 -85.56 -51.65 20.12
CA ILE G 265 -85.92 -51.64 18.71
C ILE G 265 -86.45 -50.26 18.36
N TRP G 266 -85.99 -49.75 17.23
CA TRP G 266 -86.49 -48.51 16.64
C TRP G 266 -86.82 -48.76 15.19
N VAL G 267 -87.79 -48.02 14.67
CA VAL G 267 -87.99 -47.87 13.24
C VAL G 267 -87.83 -46.39 12.92
N ASN G 268 -87.08 -46.10 11.87
CA ASN G 268 -86.87 -44.74 11.41
C ASN G 268 -87.35 -44.67 9.97
N THR G 269 -88.21 -43.68 9.69
CA THR G 269 -88.78 -43.52 8.36
C THR G 269 -88.68 -42.09 7.88
N GLN G 270 -87.88 -41.24 8.54
CA GLN G 270 -87.82 -39.85 8.18
C GLN G 270 -87.45 -39.69 6.72
N LYS G 271 -88.09 -38.73 6.07
CA LYS G 271 -87.82 -38.41 4.67
C LYS G 271 -87.18 -37.04 4.61
N TYR G 272 -86.10 -36.93 3.85
CA TYR G 272 -85.37 -35.68 3.71
C TYR G 272 -85.27 -35.32 2.24
N ARG G 273 -85.12 -34.04 1.98
CA ARG G 273 -84.98 -33.53 0.61
C ARG G 273 -83.53 -33.66 0.16
N ASP G 274 -83.31 -34.51 -0.83
CA ASP G 274 -81.99 -34.74 -1.38
C ASP G 274 -81.50 -33.48 -2.07
N GLN G 275 -80.27 -33.50 -2.53
CA GLN G 275 -79.75 -32.34 -3.26
C GLN G 275 -80.24 -32.26 -4.64
N ASN G 276 -81.16 -33.12 -5.05
CA ASN G 276 -81.99 -32.89 -6.23
C ASN G 276 -83.39 -32.49 -5.83
N ASP G 277 -83.61 -32.22 -4.54
CA ASP G 277 -84.91 -31.91 -3.99
C ASP G 277 -85.91 -33.03 -4.24
N GLN G 278 -85.44 -34.19 -4.69
CA GLN G 278 -86.18 -35.41 -4.48
C GLN G 278 -86.13 -35.76 -3.01
N GLU G 279 -87.18 -36.39 -2.52
CA GLU G 279 -87.27 -36.74 -1.11
C GLU G 279 -86.94 -38.21 -0.95
N GLN G 280 -86.04 -38.49 0.00
CA GLN G 280 -85.52 -39.83 0.21
C GLN G 280 -85.46 -40.08 1.70
N PHE G 281 -85.33 -41.35 2.07
CA PHE G 281 -85.37 -41.72 3.47
C PHE G 281 -84.02 -41.53 4.12
N LEU G 282 -84.03 -40.94 5.32
CA LEU G 282 -82.81 -40.69 6.05
C LEU G 282 -82.12 -41.99 6.43
N MET G 283 -82.90 -43.00 6.83
CA MET G 283 -82.39 -44.32 7.15
C MET G 283 -82.67 -45.25 5.99
N LYS G 284 -81.64 -45.98 5.55
CA LYS G 284 -81.85 -46.94 4.48
C LYS G 284 -83.01 -47.84 4.87
N GLN G 285 -84.10 -47.75 4.12
CA GLN G 285 -85.32 -48.44 4.53
C GLN G 285 -85.18 -49.95 4.45
N LYS G 286 -84.35 -50.46 3.54
CA LYS G 286 -84.20 -51.89 3.35
C LYS G 286 -83.12 -52.50 4.23
N ALA G 287 -82.85 -51.92 5.40
CA ALA G 287 -81.74 -52.39 6.21
C ALA G 287 -81.99 -52.08 7.67
N VAL G 288 -81.21 -52.75 8.52
CA VAL G 288 -81.24 -52.55 9.96
C VAL G 288 -79.86 -52.12 10.42
N MET G 289 -79.81 -51.04 11.20
CA MET G 289 -78.57 -50.52 11.73
C MET G 289 -78.55 -50.71 13.24
N GLY G 290 -77.49 -51.33 13.74
CA GLY G 290 -77.22 -51.38 15.17
C GLY G 290 -76.17 -50.34 15.52
N ILE G 291 -76.27 -49.80 16.72
CA ILE G 291 -75.40 -48.70 17.11
C ILE G 291 -75.39 -48.58 18.63
N SER G 292 -74.30 -48.04 19.16
CA SER G 292 -74.15 -47.89 20.59
C SER G 292 -73.52 -46.53 20.87
N SER G 293 -73.74 -46.02 22.07
CA SER G 293 -73.20 -44.72 22.43
C SER G 293 -71.68 -44.70 22.36
N ALA G 294 -71.02 -45.87 22.41
CA ALA G 294 -69.57 -45.88 22.35
C ALA G 294 -69.05 -45.28 21.06
N ILE G 295 -69.88 -45.18 20.03
CA ILE G 295 -69.47 -44.53 18.80
C ILE G 295 -68.92 -43.15 19.09
N GLU G 296 -69.35 -42.53 20.20
CA GLU G 296 -68.75 -41.30 20.68
C GLU G 296 -68.45 -40.32 19.56
N GLY G 297 -69.38 -40.19 18.62
CA GLY G 297 -69.13 -39.32 17.49
C GLY G 297 -68.84 -37.90 17.92
N VAL G 298 -68.09 -37.19 17.08
CA VAL G 298 -67.84 -35.77 17.26
C VAL G 298 -68.45 -35.05 16.08
N ARG G 299 -69.14 -33.95 16.35
CA ARG G 299 -69.54 -33.03 15.29
C ARG G 299 -68.43 -32.01 15.10
N CYS G 300 -67.80 -32.04 13.93
CA CYS G 300 -66.64 -31.24 13.62
C CYS G 300 -67.03 -30.07 12.74
N PHE G 301 -66.53 -28.89 13.06
CA PHE G 301 -66.78 -27.70 12.26
C PHE G 301 -65.46 -27.03 11.92
N GLY G 302 -65.15 -26.95 10.63
CA GLY G 302 -63.89 -26.41 10.16
C GLY G 302 -63.87 -24.90 10.12
N ALA G 303 -62.85 -24.37 9.46
CA ALA G 303 -62.73 -22.93 9.31
C ALA G 303 -63.72 -22.42 8.29
N ILE G 304 -64.32 -21.26 8.57
CA ILE G 304 -65.09 -20.54 7.57
C ILE G 304 -64.12 -19.83 6.64
N LEU G 305 -64.09 -20.24 5.38
CA LEU G 305 -63.23 -19.59 4.40
C LEU G 305 -63.89 -18.32 3.90
N ASP G 306 -64.07 -17.37 4.82
CA ASP G 306 -64.66 -16.10 4.47
C ASP G 306 -64.06 -14.96 5.27
N LYS G 307 -63.80 -13.86 4.58
CA LYS G 307 -63.28 -12.65 5.21
C LYS G 307 -64.20 -12.18 6.32
N GLY G 308 -65.47 -12.52 6.27
CA GLY G 308 -66.35 -12.24 7.39
C GLY G 308 -66.01 -13.11 8.58
N ALA G 309 -66.14 -12.53 9.76
CA ALA G 309 -65.88 -13.23 11.02
C ALA G 309 -64.45 -13.76 11.10
N GLY G 310 -63.53 -13.16 10.36
CA GLY G 310 -62.13 -13.48 10.51
C GLY G 310 -61.78 -14.95 10.29
N TYR G 311 -62.41 -15.57 9.30
CA TYR G 311 -62.10 -16.94 8.90
C TYR G 311 -62.25 -17.95 10.03
N GLN G 312 -62.76 -17.55 11.18
CA GLN G 312 -62.75 -18.44 12.32
C GLN G 312 -63.76 -19.57 12.13
N ALA G 313 -63.59 -20.62 12.91
CA ALA G 313 -64.34 -21.85 12.72
C ALA G 313 -65.66 -21.77 13.46
N LEU G 314 -66.75 -21.96 12.72
CA LEU G 314 -68.09 -21.76 13.26
C LEU G 314 -69.01 -22.84 12.72
N ASP G 315 -70.02 -23.19 13.51
CA ASP G 315 -71.01 -24.15 13.03
C ASP G 315 -71.73 -23.61 11.80
N TYR G 316 -72.13 -22.34 11.81
CA TYR G 316 -72.54 -21.66 10.59
C TYR G 316 -72.37 -20.17 10.77
N PHE G 317 -72.23 -19.46 9.66
CA PHE G 317 -71.99 -18.02 9.67
C PHE G 317 -72.99 -17.34 8.75
N PRO G 318 -73.88 -16.51 9.26
CA PRO G 318 -74.83 -15.82 8.37
C PRO G 318 -74.27 -14.51 7.86
N LYS G 319 -74.26 -14.31 6.55
CA LYS G 319 -73.62 -13.16 5.93
C LYS G 319 -74.57 -12.51 4.95
N MET G 320 -74.51 -11.19 4.87
CA MET G 320 -75.45 -10.44 4.04
C MET G 320 -74.77 -9.23 3.44
N TRP G 321 -74.94 -9.05 2.13
CA TRP G 321 -74.38 -7.90 1.44
C TRP G 321 -75.29 -7.58 0.28
N ASP G 322 -75.17 -6.36 -0.24
CA ASP G 322 -76.11 -5.84 -1.23
C ASP G 322 -75.41 -5.29 -2.45
N GLN G 323 -76.07 -5.43 -3.59
CA GLN G 323 -75.63 -4.82 -4.84
C GLN G 323 -76.29 -3.46 -5.00
N GLU G 324 -75.51 -2.47 -5.41
CA GLU G 324 -75.94 -1.09 -5.28
C GLU G 324 -77.04 -0.70 -6.27
N ASP G 325 -77.01 -1.23 -7.49
CA ASP G 325 -78.02 -0.86 -8.46
C ASP G 325 -78.14 -1.93 -9.52
N PRO G 326 -79.31 -2.59 -9.66
CA PRO G 326 -80.54 -2.46 -8.86
C PRO G 326 -80.31 -2.87 -7.42
N SER G 327 -81.10 -2.39 -6.46
CA SER G 327 -80.83 -2.70 -5.06
C SER G 327 -81.24 -4.13 -4.73
N VAL G 328 -80.31 -5.07 -4.88
CA VAL G 328 -80.54 -6.48 -4.61
C VAL G 328 -79.71 -6.88 -3.41
N GLU G 329 -80.35 -7.43 -2.39
CA GLU G 329 -79.61 -8.05 -1.29
C GLU G 329 -79.26 -9.48 -1.65
N TYR G 330 -78.10 -9.93 -1.17
CA TYR G 330 -77.74 -11.34 -1.18
C TYR G 330 -77.55 -11.77 0.25
N LEU G 331 -78.10 -12.93 0.58
CA LEU G 331 -78.01 -13.49 1.93
C LEU G 331 -77.43 -14.89 1.84
N MET G 332 -76.31 -15.10 2.50
CA MET G 332 -75.63 -16.39 2.49
C MET G 332 -75.22 -16.80 3.88
N SER G 333 -75.49 -18.06 4.19
CA SER G 333 -74.99 -18.72 5.38
C SER G 333 -74.05 -19.81 4.93
N GLN G 334 -72.94 -19.99 5.62
CA GLN G 334 -71.97 -20.99 5.22
C GLN G 334 -71.35 -21.60 6.46
N GLY G 335 -70.96 -22.86 6.32
CA GLY G 335 -70.41 -23.62 7.43
C GLY G 335 -69.65 -24.81 6.90
N ALA G 336 -68.81 -25.37 7.77
CA ALA G 336 -67.87 -26.43 7.39
C ALA G 336 -68.10 -27.66 8.25
N PRO G 337 -69.20 -28.37 8.03
CA PRO G 337 -69.58 -29.46 8.93
C PRO G 337 -68.94 -30.79 8.57
N LEU G 338 -68.68 -31.59 9.59
CA LEU G 338 -68.47 -33.01 9.40
C LEU G 338 -68.82 -33.73 10.69
N MET G 339 -69.50 -34.86 10.55
CA MET G 339 -69.92 -35.70 11.68
C MET G 339 -69.09 -36.96 11.62
N VAL G 340 -68.22 -37.15 12.60
CA VAL G 340 -67.21 -38.19 12.59
C VAL G 340 -67.54 -39.18 13.70
N PRO G 341 -67.70 -40.46 13.41
CA PRO G 341 -67.80 -41.44 14.49
C PRO G 341 -66.42 -41.73 15.05
N ALA G 342 -66.25 -41.51 16.36
CA ALA G 342 -64.95 -41.74 16.95
C ALA G 342 -64.53 -43.20 16.80
N ASP G 343 -65.48 -44.12 16.91
CA ASP G 343 -65.23 -45.56 16.72
C ASP G 343 -66.15 -46.01 15.59
N PRO G 344 -65.69 -46.00 14.34
CA PRO G 344 -66.56 -46.41 13.24
C PRO G 344 -67.05 -47.83 13.34
N ASN G 345 -66.54 -48.63 14.27
CA ASN G 345 -66.97 -50.01 14.43
C ASN G 345 -67.93 -50.21 15.59
N ALA G 346 -68.39 -49.14 16.24
CA ALA G 346 -69.38 -49.25 17.29
C ALA G 346 -70.80 -49.38 16.73
N SER G 347 -70.94 -49.71 15.45
CA SER G 347 -72.23 -49.81 14.81
C SER G 347 -72.07 -50.73 13.60
N PHE G 348 -73.19 -51.23 13.10
CA PHE G 348 -73.18 -52.07 11.92
C PHE G 348 -74.45 -51.83 11.14
N LEU G 349 -74.42 -52.21 9.87
CA LEU G 349 -75.56 -52.05 8.98
C LEU G 349 -75.81 -53.37 8.26
N LEU G 350 -77.04 -53.86 8.35
CA LEU G 350 -77.42 -55.12 7.71
C LEU G 350 -78.51 -54.86 6.69
N THR G 351 -78.25 -55.21 5.44
CA THR G 351 -79.28 -55.16 4.41
C THR G 351 -80.08 -56.46 4.46
N VAL G 352 -81.39 -56.34 4.63
CA VAL G 352 -82.23 -57.51 4.85
C VAL G 352 -83.08 -57.85 3.63
N MET G 353 -83.37 -56.89 2.77
CA MET G 353 -84.20 -57.13 1.60
C MET G 353 -83.36 -57.63 0.43
N SER G 354 -84.05 -58.13 -0.58
CA SER G 354 -83.40 -58.51 -1.82
C SER G 354 -82.94 -57.27 -2.56
N THR H 10 -45.48 -28.49 -2.52
CA THR H 10 -46.88 -28.27 -2.16
C THR H 10 -47.28 -26.85 -2.53
N SER H 11 -48.35 -26.70 -3.31
CA SER H 11 -48.85 -25.37 -3.65
C SER H 11 -50.27 -25.13 -3.16
N LEU H 12 -51.21 -25.98 -3.56
CA LEU H 12 -52.63 -25.71 -3.33
C LEU H 12 -53.11 -26.38 -2.05
N PRO H 13 -53.87 -25.69 -1.21
CA PRO H 13 -54.54 -26.38 -0.11
C PRO H 13 -55.65 -27.26 -0.64
N ASN H 14 -55.90 -28.35 0.05
CA ASN H 14 -57.05 -29.20 -0.27
C ASN H 14 -58.31 -28.59 0.34
N TYR H 15 -59.28 -28.28 -0.51
CA TYR H 15 -60.54 -27.72 -0.06
C TYR H 15 -61.58 -28.79 0.24
N LEU H 16 -61.61 -29.85 -0.56
CA LEU H 16 -62.65 -30.86 -0.41
C LEU H 16 -62.45 -31.65 0.87
N ALA H 17 -63.56 -32.16 1.40
CA ALA H 17 -63.48 -33.10 2.51
C ALA H 17 -62.76 -34.37 2.07
N GLY H 18 -62.20 -35.06 3.04
CA GLY H 18 -61.45 -36.27 2.74
C GLY H 18 -60.95 -36.89 4.03
N ASN H 19 -60.40 -38.08 3.87
CA ASN H 19 -59.89 -38.89 4.97
C ASN H 19 -58.43 -39.23 4.74
N GLY H 20 -57.71 -39.44 5.83
CA GLY H 20 -56.33 -39.87 5.72
C GLY H 20 -55.80 -40.48 7.00
N ASP H 21 -55.16 -41.64 6.89
CA ASP H 21 -54.57 -42.30 8.05
C ASP H 21 -53.20 -41.70 8.30
N LEU H 22 -53.08 -40.91 9.36
CA LEU H 22 -51.81 -40.23 9.60
C LEU H 22 -50.72 -41.22 10.01
N GLY H 23 -51.09 -42.39 10.50
CA GLY H 23 -50.12 -43.43 10.74
C GLY H 23 -50.58 -44.40 11.80
N SER H 24 -49.97 -45.57 11.79
CA SER H 24 -50.22 -46.61 12.78
C SER H 24 -48.93 -46.97 13.48
N TRP H 25 -48.92 -46.91 14.80
CA TRP H 25 -47.72 -47.09 15.60
C TRP H 25 -47.91 -48.22 16.58
N GLU H 26 -46.85 -49.01 16.77
CA GLU H 26 -46.83 -50.10 17.75
C GLU H 26 -45.50 -50.07 18.49
N PRO H 27 -45.50 -50.08 19.82
CA PRO H 27 -44.23 -50.14 20.54
C PRO H 27 -43.44 -51.37 20.13
N THR H 28 -42.14 -51.22 19.99
CA THR H 28 -41.23 -52.35 19.80
C THR H 28 -40.48 -52.54 21.11
N GLN H 29 -41.03 -53.39 21.97
CA GLN H 29 -40.45 -53.61 23.28
C GLN H 29 -39.24 -54.52 23.14
N ILE H 30 -38.06 -53.98 23.42
CA ILE H 30 -36.85 -54.76 23.25
C ILE H 30 -36.74 -55.82 24.33
N PHE H 31 -36.98 -55.44 25.58
CA PHE H 31 -36.58 -56.25 26.72
C PHE H 31 -37.75 -57.01 27.29
N ALA H 32 -37.50 -58.28 27.61
CA ALA H 32 -38.49 -59.16 28.22
C ALA H 32 -38.00 -59.68 29.56
N GLY H 33 -37.11 -58.95 30.20
CA GLY H 33 -36.60 -59.33 31.51
C GLY H 33 -35.91 -58.15 32.16
N GLU H 34 -35.33 -58.41 33.33
CA GLU H 34 -34.76 -57.34 34.15
C GLU H 34 -33.32 -57.63 34.55
N ALA H 35 -32.57 -58.35 33.71
CA ALA H 35 -31.19 -58.64 34.00
C ALA H 35 -30.29 -57.47 33.60
N ASP H 36 -28.99 -57.63 33.82
CA ASP H 36 -28.02 -56.62 33.43
C ASP H 36 -27.96 -56.51 31.91
N ILE H 37 -28.01 -55.28 31.41
CA ILE H 37 -27.93 -55.02 29.97
C ILE H 37 -26.52 -54.61 29.64
N VAL H 38 -25.91 -55.28 28.66
CA VAL H 38 -24.49 -55.13 28.37
C VAL H 38 -24.32 -54.98 26.87
N THR H 39 -23.43 -54.08 26.46
CA THR H 39 -23.31 -53.68 25.08
C THR H 39 -21.85 -53.54 24.68
N GLU H 40 -21.57 -53.84 23.41
CA GLU H 40 -20.24 -53.64 22.85
C GLU H 40 -20.40 -52.93 21.52
N GLY H 41 -19.34 -52.89 20.70
CA GLY H 41 -19.45 -52.33 19.37
C GLY H 41 -18.28 -52.72 18.50
N GLY H 42 -18.53 -53.05 17.24
CA GLY H 42 -17.47 -53.47 16.35
C GLY H 42 -17.90 -53.37 14.92
N ALA H 43 -16.92 -53.43 14.02
CA ALA H 43 -17.19 -53.23 12.61
C ALA H 43 -18.14 -54.29 12.07
N ALA H 44 -19.04 -53.87 11.19
CA ALA H 44 -19.94 -54.79 10.51
C ALA H 44 -19.31 -55.33 9.25
N GLY H 45 -19.73 -56.53 8.86
CA GLY H 45 -19.28 -57.14 7.63
C GLY H 45 -20.36 -57.19 6.58
N ALA H 46 -21.60 -56.91 6.98
CA ALA H 46 -22.74 -56.97 6.07
C ALA H 46 -23.82 -56.05 6.60
N ASP H 47 -24.76 -55.71 5.74
CA ASP H 47 -25.80 -54.75 6.09
C ASP H 47 -26.66 -55.31 7.22
N ILE H 48 -26.73 -54.57 8.33
CA ILE H 48 -27.34 -55.06 9.56
C ILE H 48 -28.48 -54.14 9.97
N GLU H 49 -29.67 -54.72 10.14
CA GLU H 49 -30.84 -53.98 10.58
C GLU H 49 -30.86 -53.83 12.09
N ILE H 50 -31.76 -52.98 12.57
CA ILE H 50 -31.92 -52.79 14.00
C ILE H 50 -32.38 -54.10 14.64
N TYR H 51 -31.87 -54.37 15.83
CA TYR H 51 -32.22 -55.58 16.58
C TYR H 51 -32.11 -56.85 15.77
N GLN H 52 -31.26 -56.88 14.75
CA GLN H 52 -30.94 -58.15 14.11
C GLN H 52 -30.01 -58.95 15.00
N VAL H 53 -30.13 -60.26 14.95
CA VAL H 53 -29.23 -61.14 15.69
C VAL H 53 -27.99 -61.38 14.85
N ILE H 54 -26.83 -61.11 15.42
CA ILE H 54 -25.57 -61.01 14.67
C ILE H 54 -24.58 -62.01 15.24
N ALA H 55 -23.78 -62.60 14.35
CA ALA H 55 -22.65 -63.43 14.70
C ALA H 55 -21.38 -62.64 14.41
N LYS H 56 -20.25 -63.32 14.45
CA LYS H 56 -18.99 -62.76 13.97
C LYS H 56 -18.39 -63.69 12.93
N ASN H 57 -18.09 -63.14 11.75
CA ASN H 57 -17.58 -63.95 10.67
C ASN H 57 -16.10 -64.27 10.91
N ALA H 58 -15.53 -65.08 10.01
CA ALA H 58 -14.16 -65.53 10.19
C ALA H 58 -13.19 -64.37 10.31
N ALA H 59 -13.49 -63.24 9.68
CA ALA H 59 -12.64 -62.07 9.77
C ALA H 59 -12.83 -61.29 11.07
N GLY H 60 -13.78 -61.68 11.90
CA GLY H 60 -14.05 -60.98 13.15
C GLY H 60 -15.01 -59.82 13.04
N ALA H 61 -15.64 -59.63 11.89
CA ALA H 61 -16.62 -58.56 11.70
C ALA H 61 -18.02 -59.07 12.00
N MET H 62 -18.88 -58.15 12.47
CA MET H 62 -20.26 -58.51 12.77
C MET H 62 -20.98 -58.87 11.47
N VAL H 63 -21.64 -60.02 11.46
CA VAL H 63 -22.39 -60.46 10.29
C VAL H 63 -23.70 -61.04 10.82
N PRO H 64 -24.84 -60.78 10.17
CA PRO H 64 -26.11 -61.30 10.70
C PRO H 64 -26.08 -62.81 10.87
N HIS H 65 -26.64 -63.27 12.00
CA HIS H 65 -26.56 -64.66 12.41
C HIS H 65 -27.10 -65.58 11.32
N ASP H 66 -26.45 -66.73 11.14
CA ASP H 66 -26.82 -67.66 10.07
C ASP H 66 -26.43 -69.08 10.47
N PRO H 67 -27.33 -69.81 11.13
CA PRO H 67 -27.12 -71.23 11.34
C PRO H 67 -27.02 -71.99 10.03
N THR H 68 -26.37 -73.15 10.10
CA THR H 68 -26.13 -74.08 9.00
C THR H 68 -25.14 -73.56 7.97
N ALA H 69 -24.58 -72.36 8.15
CA ALA H 69 -23.47 -71.94 7.30
C ALA H 69 -22.25 -72.78 7.62
N THR H 70 -21.73 -73.48 6.62
CA THR H 70 -20.63 -74.41 6.81
C THR H 70 -19.28 -73.72 6.62
N GLU H 77 -18.40 -78.39 5.41
CA GLU H 77 -19.02 -79.46 6.17
C GLU H 77 -18.81 -79.27 7.68
N VAL H 78 -18.32 -78.10 8.06
CA VAL H 78 -18.11 -77.76 9.47
C VAL H 78 -18.70 -76.39 9.73
N PRO H 79 -19.40 -76.17 10.84
CA PRO H 79 -20.07 -74.88 11.06
C PRO H 79 -19.11 -73.71 10.98
N ALA H 80 -19.50 -72.68 10.23
CA ALA H 80 -18.73 -71.45 10.17
C ALA H 80 -19.07 -70.56 11.36
N PRO H 81 -18.17 -69.61 11.69
CA PRO H 81 -18.42 -68.77 12.87
C PRO H 81 -19.60 -67.82 12.72
N GLN H 82 -20.13 -67.62 11.52
CA GLN H 82 -21.39 -66.89 11.41
C GLN H 82 -22.55 -67.64 12.05
N SER H 83 -22.37 -68.92 12.37
CA SER H 83 -23.45 -69.78 12.80
C SER H 83 -23.70 -69.75 14.30
N VAL H 84 -22.91 -69.02 15.08
CA VAL H 84 -23.13 -68.90 16.52
C VAL H 84 -23.44 -67.45 16.83
N ALA H 85 -24.67 -67.19 17.29
CA ALA H 85 -25.08 -65.83 17.58
C ALA H 85 -24.22 -65.27 18.71
N ILE H 86 -23.89 -63.99 18.61
CA ILE H 86 -23.02 -63.36 19.59
C ILE H 86 -23.62 -62.10 20.19
N GLY H 87 -24.63 -61.50 19.59
CA GLY H 87 -25.22 -60.30 20.17
C GLY H 87 -26.44 -59.88 19.40
N ILE H 88 -26.96 -58.71 19.78
CA ILE H 88 -28.15 -58.14 19.17
C ILE H 88 -27.83 -56.70 18.80
N ALA H 89 -27.99 -56.37 17.52
CA ALA H 89 -27.60 -55.06 17.04
C ALA H 89 -28.46 -53.98 17.67
N ALA H 90 -27.84 -52.93 18.19
CA ALA H 90 -28.59 -51.84 18.78
C ALA H 90 -28.90 -50.73 17.79
N GLN H 91 -28.24 -50.70 16.63
CA GLN H 91 -28.50 -49.69 15.61
C GLN H 91 -28.22 -50.32 14.25
N PRO H 92 -28.84 -49.84 13.19
CA PRO H 92 -28.57 -50.38 11.87
C PRO H 92 -27.27 -49.84 11.31
N ALA H 93 -26.62 -50.63 10.46
CA ALA H 93 -25.34 -50.22 9.92
C ALA H 93 -25.07 -50.91 8.60
N LYS H 94 -24.37 -50.21 7.71
CA LYS H 94 -23.88 -50.81 6.49
C LYS H 94 -22.53 -51.44 6.72
N SER H 95 -22.12 -52.29 5.78
CA SER H 95 -20.83 -52.96 5.90
C SER H 95 -19.73 -51.93 6.07
N GLY H 96 -18.76 -52.24 6.92
CA GLY H 96 -17.69 -51.33 7.24
C GLY H 96 -18.01 -50.34 8.33
N GLN H 97 -19.28 -50.17 8.69
CA GLN H 97 -19.64 -49.27 9.78
C GLN H 97 -19.61 -49.99 11.11
N ASN H 98 -19.40 -49.22 12.17
CA ASN H 98 -19.44 -49.78 13.51
C ASN H 98 -20.87 -50.04 13.94
N VAL H 99 -21.16 -51.25 14.39
CA VAL H 99 -22.48 -51.62 14.90
C VAL H 99 -22.39 -51.69 16.43
N PRO H 100 -23.12 -50.87 17.16
CA PRO H 100 -23.29 -51.15 18.59
C PRO H 100 -24.30 -52.26 18.75
N TYR H 101 -24.01 -53.19 19.66
CA TYR H 101 -24.89 -54.35 19.80
C TYR H 101 -24.91 -54.80 21.25
N TYR H 102 -26.03 -55.41 21.63
CA TYR H 102 -26.18 -55.96 22.97
C TYR H 102 -25.52 -57.33 23.06
N ILE H 103 -24.88 -57.58 24.22
CA ILE H 103 -24.32 -58.88 24.53
C ILE H 103 -24.84 -59.42 25.85
N GLY H 104 -25.64 -58.66 26.57
CA GLY H 104 -26.22 -59.14 27.81
C GLY H 104 -27.55 -58.45 28.06
N GLY H 105 -28.50 -59.22 28.56
CA GLY H 105 -29.83 -58.72 28.80
C GLY H 105 -30.86 -59.76 28.43
N VAL H 106 -32.12 -59.56 28.81
CA VAL H 106 -33.19 -60.50 28.53
C VAL H 106 -34.09 -59.85 27.49
N PHE H 107 -34.24 -60.47 26.34
CA PHE H 107 -34.77 -59.79 25.16
C PHE H 107 -36.07 -60.42 24.70
N ASN H 108 -36.95 -59.56 24.18
CA ASN H 108 -38.24 -59.99 23.67
C ASN H 108 -38.05 -60.90 22.48
N HIS H 109 -38.58 -62.11 22.59
CA HIS H 109 -38.59 -63.06 21.49
C HIS H 109 -38.91 -62.42 20.15
N ALA H 110 -39.98 -61.64 20.06
CA ALA H 110 -40.52 -61.23 18.78
C ALA H 110 -39.86 -59.99 18.19
N ALA H 111 -39.21 -59.16 19.00
CA ALA H 111 -38.67 -57.90 18.50
C ALA H 111 -37.46 -58.09 17.61
N LEU H 112 -36.76 -59.21 17.70
CA LEU H 112 -35.46 -59.35 17.09
C LEU H 112 -35.55 -59.82 15.65
N GLY H 113 -34.48 -59.56 14.90
CA GLY H 113 -34.40 -59.94 13.50
C GLY H 113 -33.89 -61.35 13.29
N TRP H 114 -34.74 -62.33 13.58
CA TRP H 114 -34.43 -63.71 13.28
C TRP H 114 -34.59 -63.93 11.79
N HIS H 115 -34.08 -65.07 11.29
CA HIS H 115 -34.32 -65.39 9.89
C HIS H 115 -35.03 -66.74 9.79
N ALA H 116 -35.07 -67.26 8.58
CA ALA H 116 -35.86 -68.45 8.29
C ALA H 116 -35.31 -69.68 9.00
N SER H 117 -36.23 -70.62 9.28
CA SER H 117 -35.92 -71.92 9.86
C SER H 117 -35.55 -71.80 11.32
N LEU H 118 -35.32 -70.57 11.78
CA LEU H 118 -35.18 -70.28 13.18
C LEU H 118 -36.49 -69.70 13.72
N ASP H 119 -37.59 -70.42 13.48
CA ASP H 119 -38.91 -69.81 13.54
C ASP H 119 -39.48 -69.78 14.96
N THR H 120 -39.57 -70.94 15.60
CA THR H 120 -40.30 -71.05 16.85
C THR H 120 -39.46 -70.60 18.03
N LEU H 121 -40.16 -70.24 19.12
CA LEU H 121 -39.49 -69.74 20.30
C LEU H 121 -38.49 -70.74 20.86
N ALA H 122 -38.75 -72.04 20.71
CA ALA H 122 -37.79 -73.01 21.22
C ALA H 122 -36.43 -72.84 20.58
N LYS H 123 -36.39 -72.75 19.25
CA LYS H 123 -35.12 -72.55 18.56
C LYS H 123 -34.55 -71.17 18.87
N ARG H 124 -35.41 -70.15 18.91
CA ARG H 124 -34.93 -68.81 19.18
C ARG H 124 -34.40 -68.68 20.60
N GLN H 125 -34.74 -69.60 21.49
CA GLN H 125 -34.09 -69.66 22.80
C GLN H 125 -32.79 -70.46 22.70
N ALA H 126 -32.83 -71.60 22.01
CA ALA H 126 -31.65 -72.43 21.92
C ALA H 126 -30.46 -71.66 21.37
N VAL H 127 -30.71 -70.58 20.62
CA VAL H 127 -29.58 -69.80 20.12
C VAL H 127 -28.80 -69.12 21.25
N PHE H 128 -29.44 -68.86 22.40
CA PHE H 128 -28.79 -68.11 23.49
C PHE H 128 -28.99 -68.80 24.84
N ASP H 129 -28.66 -70.08 24.92
CA ASP H 129 -28.90 -70.83 26.15
C ASP H 129 -27.95 -70.39 27.27
N ARG H 130 -26.66 -70.70 27.14
CA ARG H 130 -25.69 -70.41 28.20
C ARG H 130 -25.31 -68.94 28.29
N THR H 131 -25.51 -68.17 27.24
CA THR H 131 -24.95 -66.82 27.19
C THR H 131 -25.53 -65.96 28.29
N ASN H 132 -24.96 -64.75 28.43
CA ASN H 132 -25.55 -63.75 29.30
C ASN H 132 -26.78 -63.10 28.67
N ILE H 133 -26.99 -63.31 27.37
CA ILE H 133 -28.24 -62.93 26.72
C ILE H 133 -29.27 -64.03 26.94
N HIS H 134 -30.51 -63.64 27.20
CA HIS H 134 -31.58 -64.60 27.27
C HIS H 134 -32.79 -64.04 26.56
N ILE H 135 -33.63 -64.93 26.04
CA ILE H 135 -34.73 -64.56 25.16
C ILE H 135 -36.01 -65.21 25.66
N GLY H 136 -37.05 -64.39 25.78
CA GLY H 136 -38.30 -64.91 26.34
C GLY H 136 -39.49 -64.10 25.92
N ASN H 137 -40.65 -64.68 26.15
CA ASN H 137 -41.90 -64.05 25.75
C ASN H 137 -42.16 -62.80 26.57
N LEU H 138 -42.81 -61.83 25.94
CA LEU H 138 -43.62 -60.91 26.70
C LEU H 138 -44.94 -61.57 27.04
N TYR H 139 -45.55 -61.16 28.13
CA TYR H 139 -46.76 -61.81 28.60
C TYR H 139 -47.80 -61.87 27.49
N THR I 10 -42.57 32.69 -34.10
CA THR I 10 -42.80 32.16 -32.77
C THR I 10 -42.54 33.20 -31.69
N SER I 11 -42.09 34.39 -32.09
CA SER I 11 -41.92 35.48 -31.13
C SER I 11 -42.38 36.83 -31.65
N LEU I 12 -43.06 36.90 -32.79
CA LEU I 12 -43.75 38.12 -33.17
C LEU I 12 -45.04 38.24 -32.37
N PRO I 13 -45.30 39.37 -31.73
CA PRO I 13 -46.62 39.60 -31.15
C PRO I 13 -47.63 39.90 -32.25
N ASN I 14 -48.90 39.87 -31.88
CA ASN I 14 -49.98 40.19 -32.81
C ASN I 14 -50.56 41.55 -32.46
N TYR I 15 -50.70 42.41 -33.47
CA TYR I 15 -51.15 43.77 -33.25
C TYR I 15 -52.57 44.02 -33.68
N LEU I 16 -53.04 43.35 -34.72
CA LEU I 16 -54.36 43.63 -35.26
C LEU I 16 -55.43 43.03 -34.37
N ALA I 17 -56.40 43.85 -33.98
CA ALA I 17 -57.41 43.43 -33.03
C ALA I 17 -58.29 42.31 -33.62
N GLY I 18 -58.70 41.38 -32.76
CA GLY I 18 -59.54 40.28 -33.17
C GLY I 18 -60.27 39.70 -31.98
N ASN I 19 -61.26 38.87 -32.30
CA ASN I 19 -62.11 38.29 -31.25
C ASN I 19 -61.34 37.20 -30.51
N GLY I 20 -61.33 37.30 -29.19
CA GLY I 20 -60.54 36.41 -28.36
C GLY I 20 -61.18 35.10 -27.99
N ASP I 21 -61.15 34.12 -28.90
CA ASP I 21 -61.74 32.80 -28.67
C ASP I 21 -60.67 31.85 -28.11
N LEU I 22 -60.61 31.80 -26.77
CA LEU I 22 -59.57 31.02 -26.12
C LEU I 22 -59.74 29.52 -26.37
N GLY I 23 -60.96 29.02 -26.37
CA GLY I 23 -61.18 27.61 -26.62
C GLY I 23 -62.56 27.19 -26.15
N SER I 24 -62.86 25.92 -26.41
CA SER I 24 -64.16 25.35 -26.10
C SER I 24 -63.96 23.94 -25.58
N TRP I 25 -64.88 23.48 -24.75
CA TRP I 25 -64.70 22.20 -24.10
C TRP I 25 -66.04 21.50 -23.87
N GLU I 26 -66.08 20.19 -24.10
CA GLU I 26 -67.22 19.37 -23.78
C GLU I 26 -66.71 18.07 -23.18
N PRO I 27 -67.25 17.64 -22.03
CA PRO I 27 -66.76 16.41 -21.43
C PRO I 27 -66.94 15.24 -22.37
N THR I 28 -66.01 14.30 -22.30
CA THR I 28 -66.15 13.02 -22.99
C THR I 28 -66.66 12.01 -21.97
N GLN I 29 -67.98 11.86 -21.91
CA GLN I 29 -68.59 10.90 -21.00
C GLN I 29 -68.48 9.52 -21.61
N ILE I 30 -67.47 8.77 -21.18
CA ILE I 30 -67.23 7.46 -21.76
C ILE I 30 -68.25 6.42 -21.29
N PHE I 31 -68.69 6.49 -20.04
CA PHE I 31 -69.50 5.43 -19.45
C PHE I 31 -70.97 5.80 -19.52
N ALA I 32 -71.79 4.84 -19.96
CA ALA I 32 -73.24 5.01 -20.02
C ALA I 32 -73.95 4.00 -19.15
N GLY I 33 -73.28 3.44 -18.15
CA GLY I 33 -73.88 2.41 -17.32
C GLY I 33 -73.07 2.19 -16.07
N GLU I 34 -73.48 1.18 -15.33
CA GLU I 34 -73.00 0.96 -13.97
C GLU I 34 -72.56 -0.49 -13.76
N ALA I 35 -71.98 -1.10 -14.80
CA ALA I 35 -71.53 -2.48 -14.78
C ALA I 35 -70.02 -2.55 -14.48
N ASP I 36 -69.43 -3.72 -14.74
CA ASP I 36 -68.03 -4.00 -14.37
C ASP I 36 -67.09 -3.38 -15.38
N ILE I 37 -66.14 -2.59 -14.90
CA ILE I 37 -65.06 -2.05 -15.74
C ILE I 37 -63.87 -3.00 -15.64
N VAL I 38 -63.42 -3.52 -16.77
CA VAL I 38 -62.36 -4.53 -16.79
C VAL I 38 -61.40 -4.19 -17.92
N THR I 39 -60.10 -4.33 -17.66
CA THR I 39 -59.08 -3.82 -18.56
C THR I 39 -57.90 -4.76 -18.67
N GLU I 40 -57.27 -4.76 -19.85
CA GLU I 40 -55.95 -5.33 -20.02
C GLU I 40 -55.30 -4.68 -21.23
N GLY I 41 -53.97 -4.64 -21.22
CA GLY I 41 -53.21 -4.07 -22.30
C GLY I 41 -52.42 -5.13 -23.06
N GLY I 42 -52.16 -4.85 -24.33
CA GLY I 42 -51.49 -5.79 -25.20
C GLY I 42 -50.72 -5.06 -26.29
N ALA I 43 -49.97 -5.83 -27.05
CA ALA I 43 -49.16 -5.26 -28.12
C ALA I 43 -50.05 -4.75 -29.25
N ALA I 44 -49.73 -3.57 -29.76
CA ALA I 44 -50.51 -2.94 -30.83
C ALA I 44 -49.89 -3.22 -32.19
N GLY I 45 -50.74 -3.58 -33.15
CA GLY I 45 -50.32 -3.81 -34.51
C GLY I 45 -50.47 -2.64 -35.46
N ALA I 46 -51.13 -1.56 -35.02
CA ALA I 46 -51.33 -0.39 -35.86
C ALA I 46 -51.57 0.80 -34.95
N ASP I 47 -51.54 2.00 -35.53
CA ASP I 47 -51.75 3.20 -34.73
C ASP I 47 -53.16 3.22 -34.20
N ILE I 48 -53.31 3.47 -32.89
CA ILE I 48 -54.60 3.38 -32.23
C ILE I 48 -54.81 4.62 -31.37
N GLU I 49 -55.97 5.25 -31.51
CA GLU I 49 -56.33 6.45 -30.77
C GLU I 49 -57.08 6.08 -29.50
N ILE I 50 -57.26 7.09 -28.64
CA ILE I 50 -57.99 6.90 -27.40
C ILE I 50 -59.42 6.49 -27.69
N TYR I 51 -59.96 5.62 -26.86
CA TYR I 51 -61.33 5.13 -27.00
C TYR I 51 -61.66 4.74 -28.43
N GLN I 52 -60.67 4.32 -29.21
CA GLN I 52 -60.99 3.66 -30.46
C GLN I 52 -61.48 2.25 -30.17
N VAL I 53 -62.26 1.72 -31.08
CA VAL I 53 -62.67 0.32 -30.99
C VAL I 53 -61.58 -0.55 -31.57
N ILE I 54 -61.30 -1.66 -30.91
CA ILE I 54 -60.12 -2.46 -31.20
C ILE I 54 -60.54 -3.88 -31.56
N ALA I 55 -59.83 -4.46 -32.51
CA ALA I 55 -59.89 -5.89 -32.81
C ALA I 55 -58.49 -6.46 -32.63
N LYS I 56 -58.31 -7.70 -33.06
CA LYS I 56 -57.00 -8.34 -33.01
C LYS I 56 -56.74 -9.05 -34.32
N ASN I 57 -55.55 -8.84 -34.88
CA ASN I 57 -55.21 -9.46 -36.16
C ASN I 57 -54.79 -10.91 -35.94
N ALA I 58 -54.50 -11.60 -37.03
CA ALA I 58 -54.11 -13.01 -36.93
C ALA I 58 -52.89 -13.19 -36.04
N ALA I 59 -51.99 -12.21 -36.01
CA ALA I 59 -50.82 -12.29 -35.16
C ALA I 59 -51.13 -12.01 -33.70
N GLY I 60 -52.38 -11.69 -33.37
CA GLY I 60 -52.77 -11.43 -32.00
C GLY I 60 -52.52 -10.03 -31.49
N ALA I 61 -52.13 -9.11 -32.36
CA ALA I 61 -51.89 -7.72 -31.96
C ALA I 61 -53.17 -6.91 -32.04
N MET I 62 -53.24 -5.88 -31.21
CA MET I 62 -54.40 -5.00 -31.22
C MET I 62 -54.39 -4.15 -32.48
N VAL I 63 -55.51 -4.16 -33.21
CA VAL I 63 -55.64 -3.44 -34.47
C VAL I 63 -56.99 -2.75 -34.45
N PRO I 64 -57.11 -1.52 -34.95
CA PRO I 64 -58.42 -0.85 -34.92
C PRO I 64 -59.47 -1.65 -35.69
N HIS I 65 -60.67 -1.71 -35.12
CA HIS I 65 -61.72 -2.61 -35.60
C HIS I 65 -62.10 -2.27 -37.03
N ASP I 66 -62.31 -3.29 -37.85
CA ASP I 66 -62.57 -3.11 -39.28
C ASP I 66 -63.48 -4.21 -39.79
N PRO I 67 -64.79 -4.04 -39.65
CA PRO I 67 -65.72 -5.03 -40.20
C PRO I 67 -65.53 -5.19 -41.70
N THR I 68 -65.94 -6.36 -42.20
CA THR I 68 -65.90 -6.67 -43.62
C THR I 68 -64.49 -6.94 -44.14
N ALA I 69 -63.49 -6.79 -43.29
CA ALA I 69 -62.14 -7.22 -43.68
C ALA I 69 -62.12 -8.74 -43.84
N THR I 70 -61.86 -9.19 -45.06
CA THR I 70 -61.88 -10.62 -45.34
C THR I 70 -60.57 -11.27 -44.90
N GLU I 77 -62.71 -14.31 -49.05
CA GLU I 77 -64.16 -14.27 -48.90
C GLU I 77 -64.59 -14.73 -47.51
N VAL I 78 -63.64 -14.87 -46.61
CA VAL I 78 -63.88 -15.35 -45.25
C VAL I 78 -63.58 -14.20 -44.30
N PRO I 79 -64.44 -13.91 -43.33
CA PRO I 79 -64.15 -12.82 -42.38
C PRO I 79 -62.84 -13.05 -41.66
N ALA I 80 -62.03 -11.99 -41.54
CA ALA I 80 -60.75 -12.07 -40.85
C ALA I 80 -60.83 -11.52 -39.42
N PRO I 81 -59.93 -11.95 -38.53
CA PRO I 81 -60.14 -11.68 -37.10
C PRO I 81 -60.15 -10.22 -36.74
N GLN I 82 -59.61 -9.33 -37.58
CA GLN I 82 -59.73 -7.90 -37.29
C GLN I 82 -61.18 -7.44 -37.30
N SER I 83 -62.09 -8.29 -37.75
CA SER I 83 -63.49 -7.91 -37.97
C SER I 83 -64.37 -8.11 -36.74
N VAL I 84 -63.86 -8.66 -35.65
CA VAL I 84 -64.64 -8.89 -34.45
C VAL I 84 -64.06 -8.02 -33.34
N ALA I 85 -64.81 -7.03 -32.89
CA ALA I 85 -64.30 -6.09 -31.91
C ALA I 85 -64.04 -6.81 -30.60
N ILE I 86 -62.99 -6.39 -29.91
CA ILE I 86 -62.58 -7.05 -28.68
C ILE I 86 -62.36 -6.09 -27.53
N GLY I 87 -62.23 -4.80 -27.74
CA GLY I 87 -62.12 -3.90 -26.62
C GLY I 87 -62.07 -2.46 -27.08
N ILE I 88 -61.92 -1.57 -26.12
CA ILE I 88 -61.91 -0.13 -26.34
C ILE I 88 -60.58 0.40 -25.82
N ALA I 89 -59.84 1.10 -26.65
CA ALA I 89 -58.54 1.63 -26.24
C ALA I 89 -58.73 2.56 -25.06
N ALA I 90 -57.88 2.41 -24.05
CA ALA I 90 -57.91 3.34 -22.92
C ALA I 90 -56.91 4.46 -23.08
N GLN I 91 -55.84 4.24 -23.84
CA GLN I 91 -54.85 5.27 -24.11
C GLN I 91 -54.32 5.03 -25.51
N PRO I 92 -53.82 6.07 -26.18
CA PRO I 92 -53.38 5.92 -27.56
C PRO I 92 -52.00 5.29 -27.64
N ALA I 93 -51.74 4.62 -28.75
CA ALA I 93 -50.44 3.99 -28.93
C ALA I 93 -50.16 3.74 -30.39
N LYS I 94 -48.90 3.91 -30.78
CA LYS I 94 -48.44 3.55 -32.11
C LYS I 94 -48.18 2.06 -32.18
N SER I 95 -48.00 1.56 -33.40
CA SER I 95 -47.72 0.14 -33.56
C SER I 95 -46.46 -0.24 -32.79
N GLY I 96 -46.39 -1.51 -32.39
CA GLY I 96 -45.30 -1.99 -31.58
C GLY I 96 -45.39 -1.64 -30.11
N GLN I 97 -46.03 -0.54 -29.76
CA GLN I 97 -46.23 -0.22 -28.36
C GLN I 97 -47.33 -1.10 -27.77
N ASN I 98 -47.54 -0.98 -26.47
CA ASN I 98 -48.59 -1.70 -25.79
C ASN I 98 -49.77 -0.76 -25.55
N VAL I 99 -50.96 -1.22 -25.92
CA VAL I 99 -52.19 -0.44 -25.79
C VAL I 99 -52.97 -0.99 -24.60
N PRO I 100 -53.28 -0.19 -23.60
CA PRO I 100 -54.25 -0.63 -22.59
C PRO I 100 -55.66 -0.41 -23.11
N TYR I 101 -56.52 -1.42 -22.97
CA TYR I 101 -57.87 -1.32 -23.50
C TYR I 101 -58.87 -1.94 -22.55
N TYR I 102 -60.10 -1.44 -22.60
CA TYR I 102 -61.20 -1.97 -21.82
C TYR I 102 -61.73 -3.26 -22.43
N ILE I 103 -62.07 -4.22 -21.57
CA ILE I 103 -62.68 -5.46 -22.02
C ILE I 103 -64.14 -5.47 -21.63
N GLY I 104 -64.49 -4.79 -20.55
CA GLY I 104 -65.83 -4.88 -20.01
C GLY I 104 -66.30 -3.57 -19.42
N GLY I 105 -67.60 -3.35 -19.48
CA GLY I 105 -68.23 -2.14 -19.02
C GLY I 105 -69.37 -1.74 -19.92
N VAL I 106 -70.13 -0.72 -19.55
CA VAL I 106 -71.16 -0.15 -20.41
C VAL I 106 -70.63 1.19 -20.89
N PHE I 107 -70.58 1.40 -22.20
CA PHE I 107 -69.89 2.54 -22.76
C PHE I 107 -70.82 3.43 -23.56
N ASN I 108 -70.55 4.74 -23.51
CA ASN I 108 -71.36 5.71 -24.21
C ASN I 108 -71.21 5.54 -25.72
N HIS I 109 -72.31 5.23 -26.37
CA HIS I 109 -72.35 5.10 -27.82
C HIS I 109 -71.50 6.13 -28.53
N ALA I 110 -71.62 7.39 -28.15
CA ALA I 110 -71.05 8.48 -28.96
C ALA I 110 -69.57 8.72 -28.70
N ALA I 111 -69.05 8.33 -27.55
CA ALA I 111 -67.68 8.72 -27.19
C ALA I 111 -66.64 7.94 -27.97
N LEU I 112 -66.96 6.75 -28.45
CA LEU I 112 -65.96 5.85 -28.99
C LEU I 112 -65.62 6.19 -30.43
N GLY I 113 -64.46 5.72 -30.87
CA GLY I 113 -64.08 5.81 -32.27
C GLY I 113 -64.51 4.59 -33.07
N TRP I 114 -65.65 4.71 -33.73
CA TRP I 114 -66.11 3.68 -34.64
C TRP I 114 -65.59 3.97 -36.04
N HIS I 115 -65.35 2.91 -36.81
CA HIS I 115 -64.99 3.19 -38.19
C HIS I 115 -66.25 3.51 -38.99
N ALA I 116 -66.05 3.97 -40.22
CA ALA I 116 -67.17 4.40 -41.03
C ALA I 116 -68.04 3.20 -41.43
N SER I 117 -69.27 3.52 -41.82
CA SER I 117 -70.23 2.51 -42.27
C SER I 117 -70.77 1.73 -41.09
N LEU I 118 -70.24 2.00 -39.90
CA LEU I 118 -70.82 1.54 -38.65
C LEU I 118 -71.50 2.71 -37.94
N ASP I 119 -72.48 3.27 -38.63
CA ASP I 119 -72.99 4.60 -38.33
C ASP I 119 -74.00 4.59 -37.20
N THR I 120 -75.04 3.77 -37.31
CA THR I 120 -76.17 3.85 -36.40
C THR I 120 -75.97 3.01 -35.15
N LEU I 121 -76.54 3.51 -34.05
CA LEU I 121 -76.45 2.80 -32.78
C LEU I 121 -76.92 1.36 -32.91
N ALA I 122 -77.87 1.11 -33.80
CA ALA I 122 -78.32 -0.26 -34.02
C ALA I 122 -77.15 -1.16 -34.40
N LYS I 123 -76.27 -0.68 -35.28
CA LYS I 123 -75.11 -1.45 -35.67
C LYS I 123 -74.06 -1.47 -34.56
N ARG I 124 -73.86 -0.31 -33.94
CA ARG I 124 -72.79 -0.20 -32.96
C ARG I 124 -73.05 -1.07 -31.75
N GLN I 125 -74.31 -1.37 -31.43
CA GLN I 125 -74.58 -2.40 -30.44
C GLN I 125 -74.38 -3.78 -31.02
N ALA I 126 -74.76 -3.98 -32.28
CA ALA I 126 -74.60 -5.29 -32.89
C ALA I 126 -73.16 -5.76 -32.82
N VAL I 127 -72.21 -4.83 -32.71
CA VAL I 127 -70.82 -5.26 -32.56
C VAL I 127 -70.53 -5.93 -31.22
N PHE I 128 -71.36 -5.73 -30.19
CA PHE I 128 -71.07 -6.23 -28.84
C PHE I 128 -72.26 -6.93 -28.19
N ASP I 129 -72.87 -7.90 -28.86
CA ASP I 129 -74.08 -8.50 -28.30
C ASP I 129 -73.80 -9.69 -27.39
N ARG I 130 -72.56 -9.89 -26.94
CA ARG I 130 -72.34 -10.98 -26.00
C ARG I 130 -71.40 -10.65 -24.85
N THR I 131 -70.47 -9.74 -25.04
CA THR I 131 -69.36 -9.61 -24.10
C THR I 131 -69.73 -8.67 -22.96
N ASN I 132 -68.76 -8.45 -22.08
CA ASN I 132 -68.94 -7.48 -21.00
C ASN I 132 -69.08 -6.06 -21.51
N ILE I 133 -68.73 -5.79 -22.75
CA ILE I 133 -68.91 -4.47 -23.32
C ILE I 133 -70.33 -4.33 -23.82
N HIS I 134 -71.02 -3.32 -23.33
CA HIS I 134 -72.33 -2.95 -23.85
C HIS I 134 -72.37 -1.46 -24.11
N ILE I 135 -73.06 -1.07 -25.18
CA ILE I 135 -73.05 0.30 -25.67
C ILE I 135 -74.41 0.90 -25.41
N GLY I 136 -74.44 2.03 -24.71
CA GLY I 136 -75.70 2.63 -24.31
C GLY I 136 -75.83 4.10 -24.63
N ASN I 137 -77.07 4.57 -24.67
CA ASN I 137 -77.33 5.99 -24.84
C ASN I 137 -76.99 6.73 -23.56
N LEU I 138 -76.91 8.04 -23.65
CA LEU I 138 -76.95 8.86 -22.45
C LEU I 138 -78.31 9.54 -22.30
N TYR I 139 -78.53 10.06 -21.11
CA TYR I 139 -79.71 10.84 -20.79
C TYR I 139 -79.33 11.79 -19.68
N THR J 10 18.40 61.53 -40.92
CA THR J 10 17.97 61.00 -39.64
C THR J 10 18.97 61.31 -38.55
N SER J 11 20.20 61.62 -38.94
CA SER J 11 21.29 61.76 -37.98
C SER J 11 21.85 63.17 -37.90
N LEU J 12 22.22 63.74 -39.05
CA LEU J 12 22.87 65.04 -39.09
C LEU J 12 21.86 66.16 -38.88
N PRO J 13 22.24 67.23 -38.21
CA PRO J 13 21.47 68.46 -38.28
C PRO J 13 21.72 69.16 -39.60
N ASN J 14 20.94 70.21 -39.84
CA ASN J 14 21.14 71.08 -40.99
C ASN J 14 21.75 72.38 -40.53
N TYR J 15 22.80 72.82 -41.22
CA TYR J 15 23.45 74.08 -40.90
C TYR J 15 23.07 75.20 -41.86
N LEU J 16 23.01 74.91 -43.15
CA LEU J 16 22.68 75.94 -44.12
C LEU J 16 21.25 76.45 -43.88
N ALA J 17 21.08 77.76 -43.98
CA ALA J 17 19.77 78.34 -43.80
C ALA J 17 18.90 78.10 -45.02
N GLY J 18 17.59 78.14 -44.80
CA GLY J 18 16.64 77.94 -45.88
C GLY J 18 15.24 78.28 -45.41
N ASN J 19 14.33 78.36 -46.37
CA ASN J 19 12.93 78.62 -46.07
C ASN J 19 12.20 77.32 -45.76
N GLY J 20 11.29 77.39 -44.79
CA GLY J 20 10.62 76.18 -44.36
C GLY J 20 9.16 76.36 -44.00
N ASP J 21 8.32 75.57 -44.64
CA ASP J 21 6.87 75.62 -44.46
C ASP J 21 6.41 74.37 -43.71
N LEU J 22 5.69 74.59 -42.60
CA LEU J 22 5.22 73.48 -41.80
C LEU J 22 4.13 72.68 -42.50
N GLY J 23 3.38 73.29 -43.40
CA GLY J 23 2.34 72.59 -44.13
C GLY J 23 1.26 73.55 -44.57
N SER J 24 0.22 72.98 -45.20
CA SER J 24 -0.94 73.73 -45.64
C SER J 24 -2.17 72.83 -45.55
N TRP J 25 -3.33 73.46 -45.35
CA TRP J 25 -4.54 72.70 -45.04
C TRP J 25 -5.77 73.46 -45.50
N GLU J 26 -6.78 72.71 -45.96
CA GLU J 26 -8.08 73.27 -46.26
C GLU J 26 -9.13 72.24 -45.88
N PRO J 27 -10.18 72.65 -45.16
CA PRO J 27 -11.23 71.69 -44.78
C PRO J 27 -11.82 71.00 -45.99
N THR J 28 -12.01 69.69 -45.89
CA THR J 28 -12.79 68.94 -46.86
C THR J 28 -14.19 68.78 -46.29
N GLN J 29 -15.08 69.68 -46.68
CA GLN J 29 -16.47 69.63 -46.23
C GLN J 29 -17.22 68.61 -47.08
N ILE J 30 -17.68 67.55 -46.42
CA ILE J 30 -18.31 66.44 -47.13
C ILE J 30 -19.79 66.70 -47.34
N PHE J 31 -20.50 67.16 -46.31
CA PHE J 31 -21.94 67.27 -46.39
C PHE J 31 -22.35 68.62 -46.93
N ALA J 32 -23.49 68.64 -47.63
CA ALA J 32 -24.04 69.88 -48.18
C ALA J 32 -25.52 70.03 -47.85
N GLY J 33 -26.03 69.29 -46.88
CA GLY J 33 -27.46 69.27 -46.64
C GLY J 33 -27.77 68.56 -45.34
N GLU J 34 -29.06 68.22 -45.17
CA GLU J 34 -29.54 67.71 -43.88
C GLU J 34 -30.41 66.47 -44.02
N ALA J 35 -30.32 65.75 -45.13
CA ALA J 35 -31.09 64.53 -45.28
C ALA J 35 -30.54 63.45 -44.35
N ASP J 36 -31.14 62.27 -44.43
CA ASP J 36 -30.75 61.12 -43.62
C ASP J 36 -29.38 60.58 -44.01
N ILE J 37 -28.47 60.52 -43.05
CA ILE J 37 -27.17 59.89 -43.26
C ILE J 37 -27.30 58.41 -42.98
N VAL J 38 -26.98 57.58 -43.95
CA VAL J 38 -27.13 56.14 -43.84
C VAL J 38 -25.85 55.48 -44.34
N THR J 39 -25.36 54.49 -43.60
CA THR J 39 -24.06 53.90 -43.87
C THR J 39 -24.13 52.39 -43.83
N GLU J 40 -23.40 51.76 -44.73
CA GLU J 40 -23.32 50.30 -44.79
C GLU J 40 -21.89 49.91 -45.11
N GLY J 41 -21.51 48.71 -44.67
CA GLY J 41 -20.16 48.19 -44.90
C GLY J 41 -20.20 46.97 -45.79
N GLY J 42 -19.18 46.81 -46.62
CA GLY J 42 -19.13 45.71 -47.55
C GLY J 42 -17.72 45.43 -48.01
N ALA J 43 -17.54 44.23 -48.56
CA ALA J 43 -16.24 43.84 -49.07
C ALA J 43 -15.94 44.57 -50.37
N ALA J 44 -14.74 45.12 -50.47
CA ALA J 44 -14.31 45.80 -51.68
C ALA J 44 -13.72 44.80 -52.67
N GLY J 45 -13.94 45.07 -53.95
CA GLY J 45 -13.34 44.32 -55.02
C GLY J 45 -12.18 45.01 -55.70
N ALA J 46 -11.88 46.24 -55.31
CA ALA J 46 -10.78 47.00 -55.90
C ALA J 46 -10.41 48.11 -54.92
N ASP J 47 -9.25 48.70 -55.15
CA ASP J 47 -8.76 49.74 -54.24
C ASP J 47 -9.70 50.93 -54.26
N ILE J 48 -10.06 51.42 -53.07
CA ILE J 48 -11.09 52.44 -52.91
C ILE J 48 -10.58 53.50 -51.96
N GLU J 49 -10.71 54.76 -52.35
CA GLU J 49 -10.21 55.89 -51.59
C GLU J 49 -11.34 56.57 -50.82
N ILE J 50 -10.97 57.45 -49.90
CA ILE J 50 -11.95 58.10 -49.06
C ILE J 50 -12.91 58.88 -49.95
N TYR J 51 -14.19 58.85 -49.62
CA TYR J 51 -15.23 59.57 -50.34
C TYR J 51 -15.16 59.36 -51.84
N GLN J 52 -14.56 58.27 -52.30
CA GLN J 52 -14.74 57.88 -53.69
C GLN J 52 -16.16 57.40 -53.91
N VAL J 53 -16.67 57.60 -55.12
CA VAL J 53 -17.99 57.10 -55.47
C VAL J 53 -17.91 55.62 -55.80
N ILE J 54 -18.86 54.86 -55.30
CA ILE J 54 -18.75 53.40 -55.24
C ILE J 54 -19.91 52.77 -55.99
N ALA J 55 -19.62 51.69 -56.70
CA ALA J 55 -20.61 50.81 -57.27
C ALA J 55 -20.45 49.43 -56.65
N LYS J 56 -21.14 48.45 -57.21
CA LYS J 56 -20.99 47.06 -56.81
C LYS J 56 -20.82 46.21 -58.06
N ASN J 57 -19.79 45.36 -58.06
CA ASN J 57 -19.51 44.53 -59.22
C ASN J 57 -20.44 43.34 -59.28
N ALA J 58 -20.26 42.48 -60.28
CA ALA J 58 -21.16 41.36 -60.49
C ALA J 58 -21.20 40.44 -59.28
N ALA J 59 -20.09 40.35 -58.54
CA ALA J 59 -20.03 39.48 -57.37
C ALA J 59 -20.54 40.17 -56.11
N GLY J 60 -21.08 41.38 -56.22
CA GLY J 60 -21.60 42.08 -55.07
C GLY J 60 -20.58 42.77 -54.21
N ALA J 61 -19.33 42.86 -54.66
CA ALA J 61 -18.28 43.55 -53.93
C ALA J 61 -18.17 44.99 -54.40
N MET J 62 -17.90 45.89 -53.46
CA MET J 62 -17.81 47.31 -53.80
C MET J 62 -16.68 47.55 -54.79
N VAL J 63 -16.88 48.53 -55.67
CA VAL J 63 -15.92 48.87 -56.71
C VAL J 63 -16.03 50.34 -57.03
N PRO J 64 -14.92 50.98 -57.37
CA PRO J 64 -15.00 52.38 -57.80
C PRO J 64 -15.89 52.52 -59.03
N HIS J 65 -16.80 53.48 -58.96
CA HIS J 65 -17.84 53.63 -59.98
C HIS J 65 -17.22 53.88 -61.35
N ASP J 66 -17.81 53.31 -62.40
CA ASP J 66 -17.22 53.36 -63.73
C ASP J 66 -18.30 53.27 -64.80
N PRO J 67 -18.91 54.40 -65.15
CA PRO J 67 -19.89 54.40 -66.24
C PRO J 67 -19.29 53.92 -67.55
N THR J 68 -20.15 53.38 -68.40
CA THR J 68 -19.82 52.83 -69.71
C THR J 68 -19.06 51.51 -69.63
N ALA J 69 -18.89 50.95 -68.43
CA ALA J 69 -18.43 49.57 -68.33
C ALA J 69 -19.52 48.63 -68.85
N THR J 70 -19.11 47.57 -69.53
CA THR J 70 -20.08 46.64 -70.10
C THR J 70 -19.61 45.19 -69.93
N GLU J 77 -22.83 44.32 -74.96
CA GLU J 77 -23.04 45.76 -75.01
C GLU J 77 -23.78 46.28 -73.77
N VAL J 78 -24.38 45.38 -73.01
CA VAL J 78 -25.24 45.79 -71.89
C VAL J 78 -24.39 46.46 -70.81
N PRO J 79 -24.86 47.54 -70.19
CA PRO J 79 -24.10 48.14 -69.08
C PRO J 79 -23.87 47.16 -67.95
N ALA J 80 -22.65 47.17 -67.41
CA ALA J 80 -22.31 46.32 -66.28
C ALA J 80 -22.82 46.93 -64.97
N PRO J 81 -22.99 46.10 -63.94
CA PRO J 81 -23.48 46.63 -62.65
C PRO J 81 -22.53 47.63 -62.01
N GLN J 82 -21.28 47.70 -62.46
CA GLN J 82 -20.39 48.74 -61.99
C GLN J 82 -20.88 50.12 -62.40
N SER J 83 -21.75 50.19 -63.42
CA SER J 83 -22.11 51.45 -64.03
C SER J 83 -23.15 52.23 -63.24
N VAL J 84 -23.74 51.66 -62.21
CA VAL J 84 -24.74 52.34 -61.41
C VAL J 84 -24.19 52.53 -60.01
N ALA J 85 -23.87 53.77 -59.66
CA ALA J 85 -23.24 54.04 -58.39
C ALA J 85 -24.19 53.67 -57.26
N ILE J 86 -23.62 53.29 -56.13
CA ILE J 86 -24.45 52.83 -55.01
C ILE J 86 -24.10 53.53 -53.72
N GLY J 87 -22.91 54.14 -53.62
CA GLY J 87 -22.59 54.79 -52.37
C GLY J 87 -21.29 55.54 -52.43
N ILE J 88 -20.95 56.14 -51.30
CA ILE J 88 -19.78 56.99 -51.15
C ILE J 88 -18.93 56.38 -50.05
N ALA J 89 -17.68 56.06 -50.36
CA ALA J 89 -16.81 55.46 -49.37
C ALA J 89 -16.65 56.39 -48.18
N ALA J 90 -16.67 55.84 -46.98
CA ALA J 90 -16.42 56.63 -45.78
C ALA J 90 -15.04 56.40 -45.20
N GLN J 91 -14.27 55.47 -45.76
CA GLN J 91 -12.95 55.13 -45.24
C GLN J 91 -12.25 54.34 -46.31
N PRO J 92 -10.94 54.50 -46.49
CA PRO J 92 -10.28 53.88 -47.64
C PRO J 92 -10.01 52.41 -47.37
N ALA J 93 -9.96 51.61 -48.43
CA ALA J 93 -9.66 50.20 -48.26
C ALA J 93 -9.11 49.60 -49.54
N LYS J 94 -8.31 48.55 -49.38
CA LYS J 94 -7.81 47.76 -50.49
C LYS J 94 -8.75 46.61 -50.79
N SER J 95 -8.59 46.02 -51.97
CA SER J 95 -9.44 44.92 -52.37
C SER J 95 -9.40 43.82 -51.32
N GLY J 96 -10.56 43.20 -51.08
CA GLY J 96 -10.69 42.21 -50.04
C GLY J 96 -11.03 42.75 -48.67
N GLN J 97 -10.67 43.99 -48.37
CA GLN J 97 -11.03 44.59 -47.10
C GLN J 97 -12.47 45.08 -47.14
N ASN J 98 -12.98 45.47 -45.98
CA ASN J 98 -14.34 45.96 -45.86
C ASN J 98 -14.35 47.48 -45.89
N VAL J 99 -15.14 48.05 -46.79
CA VAL J 99 -15.27 49.49 -46.96
C VAL J 99 -16.55 49.93 -46.27
N PRO J 100 -16.50 50.82 -45.29
CA PRO J 100 -17.72 51.49 -44.86
C PRO J 100 -18.05 52.61 -45.84
N TYR J 101 -19.30 52.68 -46.26
CA TYR J 101 -19.68 53.66 -47.25
C TYR J 101 -21.07 54.22 -46.95
N TYR J 102 -21.29 55.46 -47.37
CA TYR J 102 -22.59 56.11 -47.22
C TYR J 102 -23.57 55.61 -48.26
N ILE J 103 -24.76 55.26 -47.81
CA ILE J 103 -25.86 54.91 -48.71
C ILE J 103 -26.86 56.05 -48.85
N GLY J 104 -26.89 57.00 -47.94
CA GLY J 104 -27.85 58.09 -48.02
C GLY J 104 -27.33 59.34 -47.36
N GLY J 105 -27.70 60.48 -47.92
CA GLY J 105 -27.24 61.76 -47.42
C GLY J 105 -27.19 62.77 -48.54
N VAL J 106 -26.85 64.00 -48.17
CA VAL J 106 -26.62 65.08 -49.14
C VAL J 106 -25.14 65.40 -49.10
N PHE J 107 -24.48 65.39 -50.25
CA PHE J 107 -23.03 65.47 -50.29
C PHE J 107 -22.54 66.58 -51.21
N ASN J 108 -21.52 67.29 -50.76
CA ASN J 108 -20.82 68.26 -51.58
C ASN J 108 -20.24 67.57 -52.81
N HIS J 109 -20.68 68.00 -54.00
CA HIS J 109 -20.29 67.32 -55.21
C HIS J 109 -18.79 67.40 -55.46
N ALA J 110 -18.12 68.41 -54.92
CA ALA J 110 -16.70 68.58 -55.20
C ALA J 110 -15.82 67.71 -54.32
N ALA J 111 -16.21 67.47 -53.07
CA ALA J 111 -15.36 66.71 -52.16
C ALA J 111 -15.21 65.26 -52.60
N LEU J 112 -16.19 64.72 -53.33
CA LEU J 112 -16.20 63.30 -53.63
C LEU J 112 -15.22 62.96 -54.74
N GLY J 113 -14.77 61.71 -54.75
CA GLY J 113 -13.85 61.22 -55.75
C GLY J 113 -14.52 60.74 -57.03
N TRP J 114 -14.97 61.69 -57.84
CA TRP J 114 -15.79 61.33 -58.98
C TRP J 114 -14.97 60.71 -60.11
N HIS J 115 -15.64 59.92 -60.92
CA HIS J 115 -15.02 59.30 -62.08
C HIS J 115 -14.66 60.37 -63.11
N ALA J 116 -13.87 59.95 -64.10
CA ALA J 116 -13.59 60.80 -65.25
C ALA J 116 -14.85 61.00 -66.08
N SER J 117 -14.91 62.13 -66.76
CA SER J 117 -15.99 62.44 -67.68
C SER J 117 -17.29 62.78 -66.95
N LEU J 118 -17.31 62.60 -65.62
CA LEU J 118 -18.38 63.14 -64.79
C LEU J 118 -17.93 64.47 -64.19
N ASP J 119 -17.70 65.42 -65.08
CA ASP J 119 -17.11 66.70 -64.69
C ASP J 119 -18.17 67.66 -64.15
N THR J 120 -19.21 67.94 -64.93
CA THR J 120 -20.16 68.95 -64.54
C THR J 120 -21.20 68.40 -63.56
N LEU J 121 -21.67 69.30 -62.69
CA LEU J 121 -22.60 68.92 -61.65
C LEU J 121 -23.85 68.27 -62.23
N ALA J 122 -24.23 68.64 -63.45
CA ALA J 122 -25.37 67.96 -64.06
C ALA J 122 -25.11 66.47 -64.23
N LYS J 123 -23.94 66.11 -64.76
CA LYS J 123 -23.66 64.70 -64.94
C LYS J 123 -23.52 64.00 -63.60
N ARG J 124 -22.95 64.70 -62.62
CA ARG J 124 -22.79 64.08 -61.32
C ARG J 124 -24.13 63.83 -60.64
N GLN J 125 -25.03 64.81 -60.68
CA GLN J 125 -26.36 64.60 -60.12
C GLN J 125 -27.09 63.48 -60.85
N ALA J 126 -26.88 63.37 -62.15
CA ALA J 126 -27.55 62.31 -62.91
C ALA J 126 -27.28 60.93 -62.34
N VAL J 127 -26.25 60.78 -61.51
CA VAL J 127 -25.90 59.46 -60.99
C VAL J 127 -26.78 59.07 -59.81
N PHE J 128 -27.30 60.03 -59.06
CA PHE J 128 -28.10 59.77 -57.85
C PHE J 128 -29.43 60.53 -57.94
N ASP J 129 -30.17 60.31 -59.03
CA ASP J 129 -31.43 61.00 -59.23
C ASP J 129 -32.46 60.63 -58.17
N ARG J 130 -32.87 59.36 -58.13
CA ARG J 130 -33.97 58.95 -57.27
C ARG J 130 -33.53 58.53 -55.87
N THR J 131 -32.25 58.25 -55.66
CA THR J 131 -31.85 57.54 -54.45
C THR J 131 -31.96 58.43 -53.22
N ASN J 132 -31.59 57.85 -52.07
CA ASN J 132 -31.45 58.63 -50.84
C ASN J 132 -30.20 59.49 -50.83
N ILE J 133 -29.31 59.34 -51.79
CA ILE J 133 -28.11 60.17 -51.88
C ILE J 133 -28.44 61.37 -52.76
N HIS J 134 -28.03 62.55 -52.33
CA HIS J 134 -28.19 63.73 -53.16
C HIS J 134 -26.87 64.50 -53.21
N ILE J 135 -26.57 65.03 -54.39
CA ILE J 135 -25.33 65.72 -54.67
C ILE J 135 -25.63 67.19 -54.88
N GLY J 136 -25.06 68.04 -54.05
CA GLY J 136 -25.38 69.46 -54.07
C GLY J 136 -24.13 70.31 -53.94
N ASN J 137 -24.25 71.51 -54.48
CA ASN J 137 -23.21 72.51 -54.31
C ASN J 137 -23.13 72.96 -52.86
N LEU J 138 -21.94 73.36 -52.44
CA LEU J 138 -21.85 74.27 -51.32
C LEU J 138 -21.95 75.70 -51.82
N TYR J 139 -22.46 76.58 -50.98
CA TYR J 139 -22.63 77.96 -51.37
C TYR J 139 -21.29 78.65 -51.42
N THR K 10 73.25 32.86 -9.33
CA THR K 10 72.02 32.96 -8.55
C THR K 10 72.28 32.66 -7.09
N SER K 11 73.34 31.90 -6.81
CA SER K 11 73.56 31.37 -5.47
C SER K 11 74.80 31.93 -4.79
N LEU K 12 75.96 31.81 -5.42
CA LEU K 12 77.21 32.18 -4.74
C LEU K 12 77.42 33.67 -4.74
N PRO K 13 77.86 34.26 -3.64
CA PRO K 13 78.37 35.63 -3.68
C PRO K 13 79.73 35.65 -4.37
N ASN K 14 80.20 36.85 -4.69
CA ASN K 14 81.54 37.02 -5.24
C ASN K 14 82.39 37.71 -4.19
N TYR K 15 83.57 37.13 -3.92
CA TYR K 15 84.44 37.63 -2.87
C TYR K 15 85.53 38.56 -3.40
N LEU K 16 85.89 38.42 -4.67
CA LEU K 16 86.96 39.22 -5.24
C LEU K 16 86.57 40.69 -5.26
N ALA K 17 87.55 41.55 -5.06
CA ALA K 17 87.33 42.99 -5.18
C ALA K 17 87.12 43.37 -6.63
N GLY K 18 86.34 44.43 -6.85
CA GLY K 18 85.97 44.81 -8.20
C GLY K 18 85.40 46.20 -8.27
N ASN K 19 85.32 46.71 -9.49
CA ASN K 19 84.86 48.06 -9.74
C ASN K 19 83.34 48.12 -9.94
N GLY K 20 82.71 49.14 -9.36
CA GLY K 20 81.28 49.32 -9.45
C GLY K 20 80.87 50.07 -10.70
N ASP K 21 80.90 49.37 -11.84
CA ASP K 21 80.55 49.91 -13.15
C ASP K 21 79.08 49.62 -13.46
N LEU K 22 78.20 50.42 -12.85
CA LEU K 22 76.79 50.08 -12.79
C LEU K 22 76.12 50.20 -14.15
N GLY K 23 76.21 51.38 -14.78
CA GLY K 23 75.57 51.57 -16.08
C GLY K 23 75.64 53.02 -16.49
N SER K 24 74.96 53.32 -17.60
CA SER K 24 74.98 54.67 -18.16
C SER K 24 73.65 54.97 -18.81
N TRP K 25 73.34 56.26 -18.90
CA TRP K 25 72.08 56.69 -19.48
C TRP K 25 72.18 58.10 -20.04
N GLU K 26 71.66 58.29 -21.25
CA GLU K 26 71.61 59.60 -21.86
C GLU K 26 70.29 59.77 -22.58
N PRO K 27 69.59 60.89 -22.37
CA PRO K 27 68.23 61.03 -22.89
C PRO K 27 68.14 60.78 -24.38
N THR K 28 67.01 60.22 -24.81
CA THR K 28 66.62 60.17 -26.22
C THR K 28 65.56 61.24 -26.43
N GLN K 29 65.98 62.40 -26.91
CA GLN K 29 65.08 63.52 -27.15
C GLN K 29 64.42 63.33 -28.52
N ILE K 30 63.12 63.07 -28.52
CA ILE K 30 62.43 62.72 -29.74
C ILE K 30 62.01 63.95 -30.54
N PHE K 31 61.47 64.97 -29.88
CA PHE K 31 60.85 66.09 -30.57
C PHE K 31 61.84 67.20 -30.85
N ALA K 32 61.70 67.81 -32.03
CA ALA K 32 62.50 68.97 -32.42
C ALA K 32 61.63 70.14 -32.90
N GLY K 33 60.38 70.22 -32.45
CA GLY K 33 59.49 71.27 -32.95
C GLY K 33 58.16 71.20 -32.24
N GLU K 34 57.14 71.84 -32.84
CA GLU K 34 55.83 71.92 -32.22
C GLU K 34 54.68 71.80 -33.21
N ALA K 35 54.88 71.15 -34.35
CA ALA K 35 53.76 70.76 -35.17
C ALA K 35 52.81 69.88 -34.36
N ASP K 36 51.67 69.56 -34.98
CA ASP K 36 50.69 68.69 -34.34
C ASP K 36 51.24 67.27 -34.27
N ILE K 37 51.11 66.62 -33.11
CA ILE K 37 51.60 65.27 -32.89
C ILE K 37 50.49 64.27 -33.17
N VAL K 38 50.37 63.82 -34.41
CA VAL K 38 49.30 62.89 -34.75
C VAL K 38 49.80 61.45 -34.67
N THR K 39 48.95 60.55 -34.20
CA THR K 39 49.30 59.14 -34.02
C THR K 39 48.18 58.24 -34.52
N GLU K 40 48.56 57.11 -35.11
CA GLU K 40 47.62 56.09 -35.54
C GLU K 40 48.08 54.76 -34.97
N GLY K 41 47.41 53.68 -35.34
CA GLY K 41 47.85 52.35 -34.99
C GLY K 41 47.41 51.36 -36.03
N GLY K 42 48.23 50.35 -36.27
CA GLY K 42 47.89 49.38 -37.30
C GLY K 42 48.77 48.16 -37.21
N ALA K 43 48.38 47.13 -37.94
CA ALA K 43 49.11 45.88 -37.93
C ALA K 43 50.49 46.04 -38.57
N ALA K 44 51.43 45.23 -38.11
CA ALA K 44 52.80 45.24 -38.58
C ALA K 44 53.08 44.01 -39.43
N GLY K 45 53.78 44.21 -40.53
CA GLY K 45 54.22 43.13 -41.38
C GLY K 45 55.63 42.64 -41.15
N ALA K 46 56.36 43.28 -40.25
CA ALA K 46 57.74 42.88 -39.97
C ALA K 46 58.13 43.42 -38.60
N ASP K 47 59.21 42.87 -38.06
CA ASP K 47 59.68 43.28 -36.75
C ASP K 47 60.03 44.76 -36.75
N ILE K 48 59.51 45.50 -35.78
CA ILE K 48 59.65 46.96 -35.76
C ILE K 48 60.12 47.42 -34.39
N GLU K 49 61.17 48.24 -34.38
CA GLU K 49 61.73 48.80 -33.15
C GLU K 49 61.08 50.14 -32.86
N ILE K 50 61.35 50.64 -31.65
CA ILE K 50 60.86 51.96 -31.29
C ILE K 50 61.47 53.02 -32.19
N TYR K 51 60.68 54.05 -32.49
CA TYR K 51 61.09 55.17 -33.31
C TYR K 51 61.78 54.77 -34.60
N GLN K 52 61.50 53.57 -35.10
CA GLN K 52 61.91 53.24 -36.45
C GLN K 52 61.00 53.94 -37.45
N VAL K 53 61.56 54.34 -38.59
CA VAL K 53 60.75 54.90 -39.66
C VAL K 53 60.18 53.76 -40.49
N ILE K 54 58.86 53.77 -40.69
CA ILE K 54 58.11 52.61 -41.13
C ILE K 54 57.19 53.00 -42.28
N ALA K 55 57.19 52.18 -43.32
CA ALA K 55 56.29 52.33 -44.44
C ALA K 55 55.11 51.39 -44.28
N LYS K 56 54.30 51.26 -45.31
CA LYS K 56 53.25 50.26 -45.36
C LYS K 56 53.44 49.40 -46.60
N ASN K 57 53.52 48.10 -46.39
CA ASN K 57 53.69 47.17 -47.50
C ASN K 57 52.40 47.14 -48.32
N ALA K 58 52.46 46.42 -49.44
CA ALA K 58 51.31 46.37 -50.34
C ALA K 58 50.06 45.85 -49.64
N ALA K 59 50.22 45.03 -48.60
CA ALA K 59 49.07 44.50 -47.88
C ALA K 59 48.52 45.47 -46.83
N GLY K 60 49.08 46.66 -46.71
CA GLY K 60 48.59 47.63 -45.76
C GLY K 60 49.09 47.47 -44.35
N ALA K 61 50.09 46.61 -44.13
CA ALA K 61 50.68 46.42 -42.82
C ALA K 61 51.98 47.19 -42.70
N MET K 62 52.23 47.75 -41.52
CA MET K 62 53.42 48.56 -41.30
C MET K 62 54.69 47.72 -41.49
N VAL K 63 55.69 48.34 -42.10
CA VAL K 63 56.95 47.67 -42.40
C VAL K 63 58.06 48.70 -42.32
N PRO K 64 59.23 48.30 -41.81
CA PRO K 64 60.34 49.25 -41.75
C PRO K 64 60.66 49.85 -43.11
N HIS K 65 60.82 51.17 -43.14
CA HIS K 65 61.00 51.89 -44.38
C HIS K 65 62.20 51.37 -45.15
N ASP K 66 62.08 51.29 -46.47
CA ASP K 66 63.08 50.64 -47.31
C ASP K 66 63.18 51.32 -48.66
N PRO K 67 63.93 52.40 -48.77
CA PRO K 67 64.14 53.03 -50.07
C PRO K 67 64.75 52.07 -51.07
N THR K 68 64.43 52.32 -52.34
CA THR K 68 64.88 51.53 -53.48
C THR K 68 64.30 50.13 -53.53
N ALA K 69 63.35 49.81 -52.66
CA ALA K 69 62.62 48.56 -52.81
C ALA K 69 61.87 48.58 -54.15
N THR K 70 62.12 47.58 -54.98
CA THR K 70 61.55 47.55 -56.32
C THR K 70 60.15 46.96 -56.28
N GLU K 77 60.98 47.07 -61.59
CA GLU K 77 61.34 48.32 -62.23
C GLU K 77 60.55 49.49 -61.65
N VAL K 78 59.81 49.24 -60.58
CA VAL K 78 58.92 50.26 -60.01
C VAL K 78 59.11 50.34 -58.51
N PRO K 79 59.08 51.53 -57.91
CA PRO K 79 59.17 51.64 -56.45
C PRO K 79 58.06 50.89 -55.74
N ALA K 80 58.41 49.95 -54.87
CA ALA K 80 57.41 49.25 -54.08
C ALA K 80 56.99 50.11 -52.89
N PRO K 81 55.80 49.86 -52.34
CA PRO K 81 55.27 50.78 -51.32
C PRO K 81 56.04 50.78 -50.01
N GLN K 82 56.97 49.86 -49.80
CA GLN K 82 57.84 49.99 -48.63
C GLN K 82 58.71 51.22 -48.74
N SER K 83 58.85 51.78 -49.94
CA SER K 83 59.84 52.79 -50.26
C SER K 83 59.40 54.20 -49.91
N VAL K 84 58.17 54.41 -49.45
CA VAL K 84 57.69 55.73 -49.08
C VAL K 84 57.34 55.73 -47.61
N ALA K 85 58.09 56.48 -46.81
CA ALA K 85 57.88 56.46 -45.37
C ALA K 85 56.50 57.00 -45.04
N ILE K 86 55.92 56.50 -43.96
CA ILE K 86 54.59 56.93 -43.55
C ILE K 86 54.51 57.33 -42.09
N GLY K 87 55.43 56.92 -41.23
CA GLY K 87 55.33 57.33 -39.84
C GLY K 87 56.51 56.82 -39.03
N ILE K 88 56.47 57.15 -37.75
CA ILE K 88 57.55 56.84 -36.82
C ILE K 88 56.96 55.97 -35.72
N ALA K 89 57.38 54.71 -35.67
CA ALA K 89 56.82 53.78 -34.69
C ALA K 89 56.97 54.31 -33.28
N ALA K 90 55.88 54.30 -32.52
CA ALA K 90 55.89 54.85 -31.17
C ALA K 90 56.19 53.82 -30.10
N GLN K 91 56.06 52.53 -30.42
CA GLN K 91 56.42 51.46 -29.50
C GLN K 91 56.76 50.23 -30.32
N PRO K 92 57.59 49.33 -29.79
CA PRO K 92 58.09 48.23 -30.62
C PRO K 92 57.07 47.11 -30.75
N ALA K 93 57.13 46.40 -31.87
CA ALA K 93 56.16 45.35 -32.11
C ALA K 93 56.75 44.30 -33.03
N LYS K 94 56.30 43.06 -32.85
CA LYS K 94 56.67 41.96 -33.73
C LYS K 94 55.65 41.82 -34.85
N SER K 95 56.02 41.06 -35.87
CA SER K 95 55.14 40.89 -37.02
C SER K 95 53.78 40.39 -36.56
N GLY K 96 52.73 40.81 -37.26
CA GLY K 96 51.37 40.47 -36.90
C GLY K 96 50.80 41.28 -35.76
N GLN K 97 51.65 41.91 -34.95
CA GLN K 97 51.14 42.74 -33.89
C GLN K 97 50.78 44.14 -34.34
N ASN K 98 50.00 44.85 -33.55
CA ASN K 98 49.64 46.22 -33.85
C ASN K 98 50.79 47.15 -33.42
N VAL K 99 51.18 48.05 -34.32
CA VAL K 99 52.17 49.09 -34.02
C VAL K 99 51.44 50.39 -33.82
N PRO K 100 51.63 51.09 -32.70
CA PRO K 100 51.27 52.51 -32.66
C PRO K 100 52.41 53.30 -33.26
N TYR K 101 52.08 54.36 -34.00
CA TYR K 101 53.12 55.10 -34.67
C TYR K 101 52.69 56.54 -34.90
N TYR K 102 53.66 57.45 -34.86
CA TYR K 102 53.42 58.85 -35.16
C TYR K 102 53.27 59.09 -36.64
N ILE K 103 52.36 60.00 -36.98
CA ILE K 103 52.20 60.47 -38.35
C ILE K 103 52.47 61.95 -38.50
N GLY K 104 52.35 62.74 -37.44
CA GLY K 104 52.61 64.16 -37.54
C GLY K 104 53.41 64.65 -36.35
N GLY K 105 54.21 65.68 -36.59
CA GLY K 105 55.12 66.23 -35.61
C GLY K 105 56.47 66.56 -36.22
N VAL K 106 57.29 67.20 -35.40
CA VAL K 106 58.65 67.57 -35.78
C VAL K 106 59.60 66.69 -34.98
N PHE K 107 60.42 65.91 -35.67
CA PHE K 107 61.18 64.87 -35.00
C PHE K 107 62.67 65.05 -35.17
N ASN K 108 63.40 64.82 -34.09
CA ASN K 108 64.85 64.73 -34.13
C ASN K 108 65.25 63.65 -35.13
N HIS K 109 66.08 63.99 -36.11
CA HIS K 109 66.51 62.98 -37.04
C HIS K 109 67.44 61.96 -36.41
N ALA K 110 68.10 62.32 -35.31
CA ALA K 110 69.06 61.42 -34.71
C ALA K 110 68.42 60.38 -33.80
N ALA K 111 67.27 60.69 -33.20
CA ALA K 111 66.60 59.74 -32.33
C ALA K 111 65.99 58.57 -33.13
N LEU K 112 65.70 58.80 -34.40
CA LEU K 112 64.93 57.85 -35.19
C LEU K 112 65.81 56.75 -35.77
N GLY K 113 65.17 55.63 -36.11
CA GLY K 113 65.86 54.54 -36.77
C GLY K 113 65.69 54.63 -38.27
N TRP K 114 66.80 54.55 -38.98
CA TRP K 114 66.82 54.84 -40.41
C TRP K 114 67.40 53.68 -41.19
N HIS K 115 66.98 53.56 -42.45
CA HIS K 115 67.59 52.60 -43.35
C HIS K 115 69.05 52.96 -43.60
N ALA K 116 69.78 52.00 -44.14
CA ALA K 116 71.13 52.27 -44.59
C ALA K 116 71.10 53.12 -45.85
N SER K 117 72.16 53.89 -46.05
CA SER K 117 72.31 54.72 -47.24
C SER K 117 71.37 55.91 -47.21
N LEU K 118 70.45 55.92 -46.26
CA LEU K 118 69.68 57.10 -45.93
C LEU K 118 70.41 57.86 -44.83
N ASP K 119 71.67 58.22 -45.12
CA ASP K 119 72.62 58.60 -44.09
C ASP K 119 72.43 60.06 -43.65
N THR K 120 72.60 60.99 -44.57
CA THR K 120 72.73 62.39 -44.20
C THR K 120 71.37 63.04 -43.99
N LEU K 121 71.36 64.06 -43.12
CA LEU K 121 70.11 64.77 -42.82
C LEU K 121 69.47 65.33 -44.09
N ALA K 122 70.27 65.67 -45.09
CA ALA K 122 69.69 66.12 -46.35
C ALA K 122 68.79 65.07 -46.97
N LYS K 123 69.09 63.79 -46.76
CA LYS K 123 68.22 62.72 -47.24
C LYS K 123 67.10 62.44 -46.25
N ARG K 124 67.44 62.50 -44.96
CA ARG K 124 66.46 62.16 -43.93
C ARG K 124 65.34 63.18 -43.87
N GLN K 125 65.56 64.39 -44.40
CA GLN K 125 64.44 65.30 -44.60
C GLN K 125 63.70 64.98 -45.89
N ALA K 126 64.44 64.73 -46.96
CA ALA K 126 63.79 64.46 -48.24
C ALA K 126 62.81 63.31 -48.14
N VAL K 127 63.00 62.41 -47.18
CA VAL K 127 62.06 61.31 -47.06
C VAL K 127 60.70 61.75 -46.49
N PHE K 128 60.61 62.90 -45.82
CA PHE K 128 59.35 63.44 -45.31
C PHE K 128 59.13 64.86 -45.80
N ASP K 129 59.16 65.04 -47.12
CA ASP K 129 59.18 66.37 -47.69
C ASP K 129 57.81 67.05 -47.73
N ARG K 130 56.70 66.40 -47.36
CA ARG K 130 55.42 67.08 -47.47
C ARG K 130 54.47 66.86 -46.29
N THR K 131 54.64 65.76 -45.57
CA THR K 131 53.62 65.33 -44.64
C THR K 131 53.66 66.19 -43.38
N ASN K 132 52.78 65.88 -42.43
CA ASN K 132 52.83 66.54 -41.15
C ASN K 132 54.11 66.23 -40.39
N ILE K 133 54.85 65.20 -40.80
CA ILE K 133 56.12 64.89 -40.16
C ILE K 133 57.20 65.78 -40.76
N HIS K 134 57.87 66.53 -39.91
CA HIS K 134 59.08 67.22 -40.31
C HIS K 134 60.21 66.76 -39.41
N ILE K 135 61.42 66.80 -39.96
CA ILE K 135 62.58 66.17 -39.35
C ILE K 135 63.71 67.18 -39.34
N GLY K 136 64.27 67.44 -38.17
CA GLY K 136 65.27 68.48 -38.08
C GLY K 136 66.19 68.32 -36.90
N ASN K 137 67.24 69.13 -36.92
CA ASN K 137 68.27 69.04 -35.90
C ASN K 137 67.74 69.44 -34.54
N LEU K 138 68.41 68.98 -33.50
CA LEU K 138 68.42 69.72 -32.25
C LEU K 138 69.61 70.66 -32.27
N TYR K 139 69.57 71.65 -31.39
CA TYR K 139 70.66 72.61 -31.35
C TYR K 139 71.87 71.95 -30.68
N THR L 10 65.68 -21.34 34.19
CA THR L 10 64.67 -20.31 34.40
C THR L 10 63.54 -20.83 35.28
N SER L 11 63.44 -22.15 35.43
CA SER L 11 62.36 -22.74 36.21
C SER L 11 62.74 -22.93 37.67
N LEU L 12 63.75 -23.77 37.93
CA LEU L 12 64.09 -24.11 39.31
C LEU L 12 65.05 -23.10 39.92
N PRO L 13 64.97 -22.88 41.22
CA PRO L 13 66.05 -22.20 41.92
C PRO L 13 67.16 -23.19 42.26
N ASN L 14 68.29 -22.63 42.67
CA ASN L 14 69.44 -23.44 43.09
C ASN L 14 69.49 -23.50 44.60
N TYR L 15 69.61 -24.70 45.14
CA TYR L 15 69.64 -24.89 46.57
C TYR L 15 71.04 -25.08 47.11
N LEU L 16 71.89 -25.83 46.41
CA LEU L 16 73.22 -26.08 46.90
C LEU L 16 74.01 -24.78 46.94
N ALA L 17 74.57 -24.46 48.09
CA ALA L 17 75.38 -23.27 48.22
C ALA L 17 76.64 -23.41 47.38
N GLY L 18 77.11 -22.28 46.86
CA GLY L 18 78.27 -22.28 45.98
C GLY L 18 78.70 -20.86 45.68
N ASN L 19 79.88 -20.76 45.07
CA ASN L 19 80.45 -19.49 44.68
C ASN L 19 79.98 -19.09 43.28
N GLY L 20 80.03 -17.80 43.01
CA GLY L 20 79.65 -17.31 41.69
C GLY L 20 80.17 -15.91 41.46
N ASP L 21 80.40 -15.61 40.19
CA ASP L 21 80.88 -14.29 39.78
C ASP L 21 79.78 -13.61 38.99
N LEU L 22 79.42 -12.40 39.41
CA LEU L 22 78.42 -11.64 38.70
C LEU L 22 78.92 -11.24 37.31
N GLY L 23 80.22 -11.14 37.14
CA GLY L 23 80.79 -10.84 35.84
C GLY L 23 82.16 -10.20 35.98
N SER L 24 82.79 -9.98 34.83
CA SER L 24 84.10 -9.36 34.76
C SER L 24 84.16 -8.47 33.52
N TRP L 25 84.86 -7.35 33.63
CA TRP L 25 84.81 -6.34 32.60
C TRP L 25 86.07 -5.49 32.58
N GLU L 26 86.50 -5.11 31.38
CA GLU L 26 87.57 -4.16 31.21
C GLU L 26 87.27 -3.24 30.05
N PRO L 27 87.51 -1.93 30.20
CA PRO L 27 87.27 -1.01 29.10
C PRO L 27 88.04 -1.44 27.85
N THR L 28 87.40 -1.25 26.70
CA THR L 28 88.10 -1.24 25.43
C THR L 28 88.29 0.21 25.03
N GLN L 29 89.54 0.62 24.88
CA GLN L 29 89.88 2.00 24.57
C GLN L 29 90.28 2.07 23.10
N ILE L 30 89.55 2.89 22.34
CA ILE L 30 89.66 2.88 20.89
C ILE L 30 90.62 3.95 20.39
N PHE L 31 90.60 5.15 20.97
CA PHE L 31 91.44 6.23 20.51
C PHE L 31 92.79 6.17 21.20
N ALA L 32 93.83 6.57 20.47
CA ALA L 32 95.18 6.64 21.02
C ALA L 32 95.84 7.98 20.73
N GLY L 33 95.06 9.00 20.43
CA GLY L 33 95.64 10.27 20.03
C GLY L 33 94.58 11.33 19.91
N GLU L 34 94.94 12.46 19.27
CA GLU L 34 94.04 13.60 19.17
C GLU L 34 93.99 14.18 17.77
N ALA L 35 94.15 13.35 16.75
CA ALA L 35 93.77 13.80 15.42
C ALA L 35 92.26 14.04 15.39
N ASP L 36 91.80 14.65 14.33
CA ASP L 36 90.37 14.92 14.16
C ASP L 36 89.63 13.64 13.81
N ILE L 37 88.49 13.42 14.46
CA ILE L 37 87.67 12.25 14.20
C ILE L 37 86.73 12.55 13.03
N VAL L 38 86.77 11.72 12.00
CA VAL L 38 85.97 11.92 10.80
C VAL L 38 85.29 10.62 10.42
N THR L 39 84.00 10.71 10.10
CA THR L 39 83.16 9.53 9.92
C THR L 39 82.31 9.67 8.65
N GLU L 40 82.13 8.55 7.97
CA GLU L 40 81.29 8.48 6.79
C GLU L 40 80.46 7.22 6.87
N GLY L 41 79.42 7.15 6.05
CA GLY L 41 78.52 6.02 6.04
C GLY L 41 78.39 5.46 4.64
N GLY L 42 78.13 4.16 4.58
CA GLY L 42 78.02 3.50 3.29
C GLY L 42 77.45 2.12 3.44
N ALA L 43 76.98 1.58 2.33
CA ALA L 43 76.39 0.25 2.34
C ALA L 43 77.47 -0.82 2.52
N ALA L 44 77.16 -1.82 3.32
CA ALA L 44 78.05 -2.95 3.49
C ALA L 44 77.85 -3.97 2.38
N GLY L 45 78.95 -4.57 1.95
CA GLY L 45 78.89 -5.66 0.99
C GLY L 45 79.06 -7.02 1.64
N ALA L 46 79.40 -7.02 2.93
CA ALA L 46 79.57 -8.27 3.66
C ALA L 46 79.45 -7.95 5.14
N ASP L 47 79.24 -8.99 5.95
CA ASP L 47 79.02 -8.81 7.37
C ASP L 47 80.23 -8.16 8.02
N ILE L 48 79.98 -7.13 8.83
CA ILE L 48 81.04 -6.29 9.38
C ILE L 48 80.81 -6.11 10.87
N GLU L 49 81.88 -6.26 11.65
CA GLU L 49 81.83 -6.17 13.10
C GLU L 49 82.26 -4.79 13.56
N ILE L 50 81.98 -4.50 14.83
CA ILE L 50 82.42 -3.24 15.41
C ILE L 50 83.93 -3.10 15.28
N TYR L 51 84.38 -1.87 15.03
CA TYR L 51 85.80 -1.52 14.91
C TYR L 51 86.58 -2.47 14.03
N GLN L 52 85.92 -3.16 13.11
CA GLN L 52 86.65 -3.91 12.10
C GLN L 52 87.23 -2.97 11.06
N VAL L 53 88.42 -3.30 10.56
CA VAL L 53 89.01 -2.52 9.48
C VAL L 53 88.45 -2.99 8.15
N ILE L 54 87.93 -2.05 7.36
CA ILE L 54 87.07 -2.34 6.22
C ILE L 54 87.60 -1.63 4.98
N ALA L 55 87.57 -2.33 3.86
CA ALA L 55 87.87 -1.78 2.56
C ALA L 55 86.56 -1.51 1.82
N LYS L 56 86.66 -1.20 0.53
CA LYS L 56 85.48 -1.08 -0.32
C LYS L 56 85.69 -1.95 -1.55
N ASN L 57 84.70 -2.78 -1.85
CA ASN L 57 84.81 -3.72 -2.95
C ASN L 57 84.59 -3.01 -4.28
N ALA L 58 84.66 -3.78 -5.37
CA ALA L 58 84.55 -3.21 -6.69
C ALA L 58 83.25 -2.44 -6.89
N ALA L 59 82.19 -2.82 -6.18
CA ALA L 59 80.90 -2.15 -6.28
C ALA L 59 80.80 -0.94 -5.36
N GLY L 60 81.86 -0.59 -4.65
CA GLY L 60 81.82 0.54 -3.74
C GLY L 60 81.17 0.27 -2.41
N ALA L 61 80.90 -0.99 -2.08
CA ALA L 61 80.30 -1.34 -0.81
C ALA L 61 81.36 -1.74 0.20
N MET L 62 81.16 -1.34 1.46
CA MET L 62 82.12 -1.65 2.50
C MET L 62 82.30 -3.15 2.65
N VAL L 63 83.53 -3.56 2.87
CA VAL L 63 83.88 -4.98 2.98
C VAL L 63 85.02 -5.13 3.97
N PRO L 64 85.02 -6.19 4.76
CA PRO L 64 86.14 -6.40 5.68
C PRO L 64 87.46 -6.46 4.93
N HIS L 65 88.45 -5.74 5.46
CA HIS L 65 89.72 -5.54 4.76
C HIS L 65 90.42 -6.86 4.53
N ASP L 66 90.91 -7.06 3.31
CA ASP L 66 91.45 -8.35 2.89
C ASP L 66 92.72 -8.15 2.08
N PRO L 67 93.87 -7.97 2.75
CA PRO L 67 95.13 -7.84 2.03
C PRO L 67 95.40 -9.05 1.14
N THR L 68 96.08 -8.80 0.03
CA THR L 68 96.50 -9.77 -0.97
C THR L 68 95.35 -10.36 -1.79
N ALA L 69 94.14 -9.84 -1.66
CA ALA L 69 93.08 -10.23 -2.58
C ALA L 69 93.43 -9.81 -4.00
N THR L 70 93.59 -10.78 -4.89
CA THR L 70 93.92 -10.49 -6.27
C THR L 70 92.74 -9.85 -6.98
N GLU L 77 95.50 -11.25 -11.12
CA GLU L 77 96.94 -11.15 -10.86
C GLU L 77 97.31 -9.77 -10.32
N VAL L 78 96.31 -8.95 -10.03
CA VAL L 78 96.54 -7.58 -9.58
C VAL L 78 95.73 -7.33 -8.32
N PRO L 79 96.23 -6.53 -7.36
CA PRO L 79 95.47 -6.31 -6.13
C PRO L 79 94.08 -5.76 -6.36
N ALA L 80 93.06 -6.41 -5.80
CA ALA L 80 91.69 -5.96 -5.95
C ALA L 80 91.35 -4.94 -4.87
N PRO L 81 90.32 -4.12 -5.08
CA PRO L 81 90.06 -2.99 -4.17
C PRO L 81 89.68 -3.39 -2.76
N GLN L 82 89.40 -4.66 -2.48
CA GLN L 82 89.20 -5.05 -1.09
C GLN L 82 90.50 -4.93 -0.31
N SER L 83 91.63 -4.88 -1.00
CA SER L 83 92.95 -5.03 -0.38
C SER L 83 93.51 -3.72 0.17
N VAL L 84 92.82 -2.59 0.00
CA VAL L 84 93.31 -1.30 0.47
C VAL L 84 92.29 -0.76 1.46
N ALA L 85 92.63 -0.79 2.74
CA ALA L 85 91.69 -0.41 3.78
C ALA L 85 91.33 1.06 3.65
N ILE L 86 90.09 1.38 4.04
CA ILE L 86 89.58 2.73 3.90
C ILE L 86 88.97 3.27 5.18
N GLY L 87 88.61 2.44 6.16
CA GLY L 87 88.04 3.00 7.37
C GLY L 87 87.92 1.96 8.45
N ILE L 88 87.37 2.38 9.58
CA ILE L 88 87.18 1.54 10.75
C ILE L 88 85.70 1.57 11.11
N ALA L 89 85.04 0.43 11.01
CA ALA L 89 83.61 0.39 11.25
C ALA L 89 83.30 0.84 12.66
N ALA L 90 82.28 1.70 12.80
CA ALA L 90 81.92 2.23 14.11
C ALA L 90 80.72 1.54 14.72
N GLN L 91 79.97 0.75 13.95
CA GLN L 91 78.91 -0.10 14.44
C GLN L 91 78.81 -1.31 13.53
N PRO L 92 78.29 -2.42 14.00
CA PRO L 92 78.29 -3.64 13.20
C PRO L 92 77.12 -3.65 12.24
N ALA L 93 77.28 -4.36 11.14
CA ALA L 93 76.21 -4.37 10.14
C ALA L 93 76.26 -5.63 9.30
N LYS L 94 75.09 -6.10 8.89
CA LYS L 94 74.99 -7.16 7.92
C LYS L 94 75.01 -6.59 6.51
N SER L 95 75.29 -7.45 5.54
CA SER L 95 75.35 -7.03 4.15
C SER L 95 74.09 -6.27 3.78
N GLY L 96 74.23 -5.31 2.88
CA GLY L 96 73.14 -4.45 2.50
C GLY L 96 72.82 -3.34 3.47
N GLN L 97 73.10 -3.51 4.76
CA GLN L 97 72.87 -2.45 5.72
C GLN L 97 73.93 -1.37 5.58
N ASN L 98 73.61 -0.17 6.05
CA ASN L 98 74.56 0.92 6.02
C ASN L 98 75.49 0.85 7.22
N VAL L 99 76.79 0.91 6.96
CA VAL L 99 77.81 0.88 8.00
C VAL L 99 78.27 2.30 8.27
N PRO L 100 78.20 2.79 9.51
CA PRO L 100 78.98 3.97 9.86
C PRO L 100 80.41 3.55 10.14
N TYR L 101 81.37 4.29 9.59
CA TYR L 101 82.76 3.93 9.78
C TYR L 101 83.63 5.17 9.88
N TYR L 102 84.64 5.08 10.74
CA TYR L 102 85.64 6.13 10.85
C TYR L 102 86.53 6.19 9.62
N ILE L 103 86.82 7.40 9.17
CA ILE L 103 87.80 7.65 8.13
C ILE L 103 88.92 8.53 8.59
N GLY L 104 88.85 9.09 9.80
CA GLY L 104 89.95 9.88 10.30
C GLY L 104 90.09 9.84 11.81
N GLY L 105 91.31 9.71 12.28
CA GLY L 105 91.57 9.63 13.71
C GLY L 105 92.79 8.80 13.99
N VAL L 106 93.21 8.84 15.25
CA VAL L 106 94.30 8.00 15.75
C VAL L 106 93.66 6.89 16.56
N PHE L 107 93.90 5.64 16.18
CA PHE L 107 93.15 4.53 16.76
C PHE L 107 94.07 3.52 17.41
N ASN L 108 93.60 2.97 18.53
CA ASN L 108 94.35 1.95 19.24
C ASN L 108 94.59 0.75 18.35
N HIS L 109 95.86 0.43 18.14
CA HIS L 109 96.23 -0.81 17.46
C HIS L 109 95.35 -1.99 17.87
N ALA L 110 95.18 -2.19 19.17
CA ALA L 110 94.63 -3.45 19.66
C ALA L 110 93.11 -3.52 19.58
N ALA L 111 92.40 -2.40 19.71
CA ALA L 111 90.96 -2.45 19.78
C ALA L 111 90.31 -2.86 18.45
N LEU L 112 91.04 -2.77 17.35
CA LEU L 112 90.45 -2.98 16.05
C LEU L 112 90.44 -4.46 15.66
N GLY L 113 89.50 -4.82 14.81
CA GLY L 113 89.49 -6.13 14.20
C GLY L 113 90.42 -6.15 13.01
N TRP L 114 91.32 -7.12 12.98
CA TRP L 114 92.38 -7.17 11.99
C TRP L 114 92.37 -8.50 11.25
N HIS L 115 92.84 -8.46 10.01
CA HIS L 115 92.89 -9.66 9.19
C HIS L 115 93.92 -10.64 9.74
N ALA L 116 93.79 -11.89 9.28
CA ALA L 116 94.78 -12.90 9.61
C ALA L 116 96.09 -12.63 8.88
N SER L 117 97.18 -13.06 9.49
CA SER L 117 98.51 -12.91 8.93
C SER L 117 98.96 -11.45 8.97
N LEU L 118 98.06 -10.55 9.33
CA LEU L 118 98.40 -9.16 9.54
C LEU L 118 98.64 -8.92 11.02
N ASP L 119 99.58 -9.68 11.58
CA ASP L 119 99.70 -9.80 13.04
C ASP L 119 100.36 -8.58 13.66
N THR L 120 101.60 -8.30 13.30
CA THR L 120 102.40 -7.36 14.06
C THR L 120 102.06 -5.91 13.71
N LEU L 121 102.24 -5.04 14.70
CA LEU L 121 101.99 -3.61 14.52
C LEU L 121 102.74 -3.05 13.32
N ALA L 122 103.92 -3.59 13.03
CA ALA L 122 104.66 -3.11 11.86
C ALA L 122 103.90 -3.38 10.58
N LYS L 123 103.13 -4.47 10.52
CA LYS L 123 102.28 -4.71 9.36
C LYS L 123 101.01 -3.90 9.43
N ARG L 124 100.47 -3.68 10.64
CA ARG L 124 99.19 -3.00 10.74
C ARG L 124 99.31 -1.52 10.43
N GLN L 125 100.36 -0.86 10.90
CA GLN L 125 100.50 0.56 10.60
C GLN L 125 100.63 0.80 9.11
N ALA L 126 101.30 -0.09 8.39
CA ALA L 126 101.50 0.10 6.96
C ALA L 126 100.19 0.23 6.20
N VAL L 127 99.05 -0.02 6.84
CA VAL L 127 97.78 0.00 6.13
C VAL L 127 97.25 1.42 5.97
N PHE L 128 97.62 2.35 6.86
CA PHE L 128 97.00 3.66 6.87
C PHE L 128 97.99 4.83 6.83
N ASP L 129 99.24 4.61 6.43
CA ASP L 129 100.21 5.69 6.44
C ASP L 129 99.79 6.87 5.56
N ARG L 130 99.12 6.59 4.45
CA ARG L 130 98.73 7.59 3.47
C ARG L 130 97.43 8.32 3.79
N THR L 131 96.94 8.32 5.03
CA THR L 131 95.56 8.72 5.28
C THR L 131 95.47 9.58 6.53
N ASN L 132 94.24 9.99 6.83
CA ASN L 132 93.90 10.64 8.09
C ASN L 132 93.72 9.66 9.23
N ILE L 133 93.85 8.36 8.97
CA ILE L 133 93.75 7.34 10.00
C ILE L 133 95.15 6.93 10.41
N HIS L 134 95.38 6.85 11.71
CA HIS L 134 96.66 6.37 12.22
C HIS L 134 96.43 5.33 13.31
N ILE L 135 97.33 4.35 13.35
CA ILE L 135 97.27 3.24 14.30
C ILE L 135 98.36 3.42 15.34
N GLY L 136 97.96 3.74 16.56
CA GLY L 136 98.87 4.00 17.65
C GLY L 136 98.90 2.87 18.66
N ASN L 137 99.70 3.08 19.69
CA ASN L 137 99.77 2.18 20.83
C ASN L 137 99.27 2.90 22.06
N LEU L 138 98.54 2.19 22.90
CA LEU L 138 98.23 2.75 24.21
C LEU L 138 99.44 2.63 25.13
N TYR L 139 99.42 3.43 26.17
CA TYR L 139 100.36 3.31 27.26
C TYR L 139 99.64 3.69 28.54
N THR M 10 4.65 -48.61 35.92
CA THR M 10 4.77 -49.77 36.78
C THR M 10 3.79 -49.68 37.94
N SER M 11 2.67 -49.01 37.72
CA SER M 11 1.71 -48.74 38.78
C SER M 11 0.69 -49.88 38.83
N LEU M 12 0.76 -50.69 39.88
CA LEU M 12 -0.28 -51.64 40.21
C LEU M 12 -0.19 -51.96 41.69
N PRO M 13 -1.15 -51.55 42.51
CA PRO M 13 -1.00 -51.72 43.96
C PRO M 13 -1.04 -53.19 44.35
N ASN M 14 -0.50 -53.47 45.52
CA ASN M 14 -0.45 -54.82 46.06
C ASN M 14 -1.48 -54.94 47.19
N TYR M 15 -2.29 -55.99 47.14
CA TYR M 15 -3.41 -56.15 48.05
C TYR M 15 -3.12 -57.12 49.19
N LEU M 16 -2.49 -58.25 48.90
CA LEU M 16 -2.33 -59.28 49.91
C LEU M 16 -1.37 -58.81 51.00
N ALA M 17 -1.73 -59.10 52.25
CA ALA M 17 -0.88 -58.72 53.37
C ALA M 17 0.40 -59.55 53.39
N GLY M 18 1.46 -58.95 53.93
CA GLY M 18 2.74 -59.63 54.03
C GLY M 18 3.63 -58.90 54.99
N ASN M 19 4.78 -59.52 55.26
CA ASN M 19 5.78 -58.96 56.15
C ASN M 19 6.70 -58.03 55.37
N GLY M 20 6.64 -56.74 55.67
CA GLY M 20 7.32 -55.74 54.87
C GLY M 20 8.60 -55.20 55.48
N ASP M 21 9.73 -55.48 54.84
CA ASP M 21 11.04 -55.05 55.31
C ASP M 21 11.68 -54.11 54.30
N LEU M 22 12.30 -53.05 54.79
CA LEU M 22 13.08 -52.12 53.99
C LEU M 22 14.52 -52.57 53.79
N GLY M 23 14.82 -53.85 54.00
CA GLY M 23 16.19 -54.29 53.91
C GLY M 23 16.98 -53.94 55.16
N SER M 24 18.30 -54.06 55.04
CA SER M 24 19.20 -53.94 56.16
C SER M 24 20.46 -53.20 55.73
N TRP M 25 21.14 -52.61 56.70
CA TRP M 25 22.35 -51.84 56.44
C TRP M 25 23.44 -52.21 57.42
N GLU M 26 24.62 -52.54 56.90
CA GLU M 26 25.77 -52.85 57.72
C GLU M 26 26.94 -51.97 57.27
N PRO M 27 27.49 -51.14 58.15
CA PRO M 27 28.58 -50.26 57.72
C PRO M 27 29.68 -51.01 57.01
N THR M 28 30.10 -50.52 55.85
CA THR M 28 31.27 -51.07 55.15
C THR M 28 32.48 -50.28 55.62
N GLN M 29 33.15 -50.80 56.65
CA GLN M 29 34.32 -50.15 57.21
C GLN M 29 35.54 -50.55 56.38
N ILE M 30 36.06 -49.61 55.60
CA ILE M 30 37.16 -49.94 54.71
C ILE M 30 38.48 -49.86 55.45
N PHE M 31 38.70 -48.81 56.22
CA PHE M 31 40.02 -48.57 56.81
C PHE M 31 40.17 -49.36 58.09
N ALA M 32 41.39 -49.86 58.31
CA ALA M 32 41.72 -50.62 59.51
C ALA M 32 42.95 -50.07 60.20
N GLY M 33 43.35 -48.84 59.87
CA GLY M 33 44.61 -48.31 60.36
C GLY M 33 44.75 -46.86 59.94
N GLU M 34 45.92 -46.30 60.23
CA GLU M 34 46.17 -44.88 60.01
C GLU M 34 47.23 -44.59 58.97
N ALA M 35 47.85 -45.59 58.36
CA ALA M 35 48.82 -45.31 57.33
C ALA M 35 48.19 -44.42 56.27
N ASP M 36 48.88 -43.33 55.93
CA ASP M 36 48.28 -42.28 55.13
C ASP M 36 47.75 -42.81 53.80
N ILE M 37 46.60 -42.28 53.40
CA ILE M 37 45.88 -42.79 52.23
C ILE M 37 46.39 -42.12 50.96
N VAL M 38 46.56 -42.90 49.91
CA VAL M 38 47.07 -42.40 48.64
C VAL M 38 46.17 -42.90 47.52
N THR M 39 45.80 -42.02 46.61
CA THR M 39 44.86 -42.32 45.55
C THR M 39 45.37 -41.86 44.19
N GLU M 40 45.11 -42.66 43.17
CA GLU M 40 45.48 -42.30 41.81
C GLU M 40 44.26 -42.51 40.92
N GLY M 41 44.46 -42.58 39.60
CA GLY M 41 43.35 -42.84 38.71
C GLY M 41 43.85 -43.15 37.31
N GLY M 42 43.15 -44.04 36.63
CA GLY M 42 43.58 -44.48 35.32
C GLY M 42 42.47 -45.18 34.59
N ALA M 43 42.70 -45.40 33.30
CA ALA M 43 41.70 -46.02 32.46
C ALA M 43 41.47 -47.48 32.84
N ALA M 44 40.21 -47.90 32.84
CA ALA M 44 39.87 -49.29 33.10
C ALA M 44 39.89 -50.10 31.82
N GLY M 45 40.32 -51.35 31.93
CA GLY M 45 40.28 -52.29 30.84
C GLY M 45 39.21 -53.34 30.97
N ALA M 46 38.45 -53.33 32.06
CA ALA M 46 37.36 -54.27 32.27
C ALA M 46 36.45 -53.67 33.32
N ASP M 47 35.28 -54.29 33.50
CA ASP M 47 34.31 -53.79 34.46
C ASP M 47 34.88 -53.92 35.88
N ILE M 48 34.74 -52.86 36.67
CA ILE M 48 35.35 -52.79 37.99
C ILE M 48 34.31 -52.29 38.98
N GLU M 49 34.20 -53.00 40.11
CA GLU M 49 33.26 -52.66 41.17
C GLU M 49 33.94 -51.83 42.25
N ILE M 50 33.13 -51.26 43.12
CA ILE M 50 33.64 -50.48 44.23
C ILE M 50 34.52 -51.35 45.12
N TYR M 51 35.61 -50.77 45.62
CA TYR M 51 36.54 -51.44 46.51
C TYR M 51 36.96 -52.82 46.02
N GLN M 52 36.91 -53.06 44.71
CA GLN M 52 37.50 -54.28 44.18
C GLN M 52 39.02 -54.12 44.08
N VAL M 53 39.74 -55.22 44.28
CA VAL M 53 41.19 -55.20 44.12
C VAL M 53 41.54 -55.38 42.65
N ILE M 54 42.37 -54.48 42.13
CA ILE M 54 42.57 -54.31 40.69
C ILE M 54 44.06 -54.31 40.39
N ALA M 55 44.43 -54.96 39.30
CA ALA M 55 45.77 -54.91 38.77
C ALA M 55 45.82 -53.92 37.63
N LYS M 56 46.93 -53.91 36.90
CA LYS M 56 47.03 -53.20 35.64
C LYS M 56 47.45 -54.19 34.56
N ASN M 57 46.64 -54.30 33.52
CA ASN M 57 46.86 -55.32 32.51
C ASN M 57 48.08 -54.97 31.66
N ALA M 58 48.33 -55.80 30.64
CA ALA M 58 49.49 -55.61 29.80
C ALA M 58 49.51 -54.25 29.13
N ALA M 59 48.34 -53.65 28.90
CA ALA M 59 48.25 -52.35 28.28
C ALA M 59 48.29 -51.20 29.27
N GLY M 60 48.44 -51.48 30.56
CA GLY M 60 48.46 -50.44 31.57
C GLY M 60 47.11 -49.97 32.03
N ALA M 61 46.03 -50.65 31.66
CA ALA M 61 44.69 -50.29 32.09
C ALA M 61 44.28 -51.11 33.29
N MET M 62 43.52 -50.49 34.19
CA MET M 62 43.09 -51.18 35.40
C MET M 62 42.25 -52.39 35.05
N VAL M 63 42.45 -53.48 35.78
CA VAL M 63 41.70 -54.71 35.56
C VAL M 63 41.55 -55.42 36.89
N PRO M 64 40.39 -56.01 37.14
CA PRO M 64 40.20 -56.70 38.42
C PRO M 64 41.27 -57.77 38.64
N HIS M 65 41.83 -57.78 39.84
CA HIS M 65 42.98 -58.61 40.14
C HIS M 65 42.68 -60.08 39.86
N ASP M 66 43.66 -60.79 39.29
CA ASP M 66 43.45 -62.14 38.79
C ASP M 66 44.71 -62.98 38.97
N PRO M 67 44.92 -63.52 40.17
CA PRO M 67 46.05 -64.41 40.39
C PRO M 67 46.01 -65.60 39.43
N THR M 68 47.19 -66.12 39.12
CA THR M 68 47.39 -67.31 38.30
C THR M 68 47.09 -67.09 36.83
N ALA M 69 46.87 -65.85 36.40
CA ALA M 69 46.79 -65.56 34.98
C ALA M 69 48.16 -65.71 34.33
N THR M 70 48.19 -66.30 33.14
CA THR M 70 49.44 -66.49 32.40
C THR M 70 49.26 -66.12 30.93
N GLU M 77 53.69 -71.01 31.45
CA GLU M 77 54.04 -69.70 30.93
C GLU M 77 54.27 -68.71 32.08
N VAL M 78 54.86 -67.57 31.75
CA VAL M 78 55.17 -66.56 32.77
C VAL M 78 53.88 -65.96 33.29
N PRO M 79 53.75 -65.67 34.58
CA PRO M 79 52.54 -65.00 35.08
C PRO M 79 52.31 -63.66 34.38
N ALA M 80 51.05 -63.42 34.01
CA ALA M 80 50.69 -62.20 33.32
C ALA M 80 50.58 -61.03 34.30
N PRO M 81 50.70 -59.79 33.81
CA PRO M 81 50.68 -58.63 34.71
C PRO M 81 49.35 -58.40 35.40
N GLN M 82 48.27 -59.06 34.98
CA GLN M 82 47.04 -58.98 35.76
C GLN M 82 47.20 -59.59 37.13
N SER M 83 48.24 -60.38 37.33
CA SER M 83 48.39 -61.25 38.48
C SER M 83 49.04 -60.58 39.68
N VAL M 84 49.36 -59.29 39.61
CA VAL M 84 49.93 -58.57 40.74
C VAL M 84 48.99 -57.43 41.07
N ALA M 85 48.45 -57.42 42.29
CA ALA M 85 47.55 -56.36 42.69
C ALA M 85 48.29 -55.05 42.73
N ILE M 86 47.60 -53.96 42.38
CA ILE M 86 48.22 -52.64 42.39
C ILE M 86 47.39 -51.62 43.13
N GLY M 87 46.11 -51.85 43.40
CA GLY M 87 45.35 -50.87 44.14
C GLY M 87 43.94 -51.36 44.41
N ILE M 88 43.16 -50.49 45.02
CA ILE M 88 41.77 -50.77 45.40
C ILE M 88 40.89 -49.74 44.74
N ALA M 89 39.95 -50.20 43.90
CA ALA M 89 39.07 -49.28 43.21
C ALA M 89 38.26 -48.46 44.21
N ALA M 90 38.24 -47.15 44.02
CA ALA M 90 37.46 -46.30 44.91
C ALA M 90 36.06 -46.05 44.40
N GLN M 91 35.80 -46.29 43.12
CA GLN M 91 34.46 -46.15 42.56
C GLN M 91 34.33 -47.14 41.42
N PRO M 92 33.12 -47.55 41.09
CA PRO M 92 32.93 -48.52 40.02
C PRO M 92 33.08 -47.88 38.66
N ALA M 93 33.41 -48.69 37.66
CA ALA M 93 33.57 -48.16 36.32
C ALA M 93 33.46 -49.27 35.30
N LYS M 94 33.06 -48.90 34.10
CA LYS M 94 33.06 -49.80 32.95
C LYS M 94 34.36 -49.62 32.18
N SER M 95 34.66 -50.59 31.33
CA SER M 95 35.89 -50.52 30.55
C SER M 95 35.93 -49.23 29.75
N GLY M 96 37.12 -48.66 29.61
CA GLY M 96 37.29 -47.41 28.91
C GLY M 96 37.18 -46.20 29.81
N GLN M 97 36.36 -46.29 30.84
CA GLN M 97 36.22 -45.17 31.78
C GLN M 97 37.43 -45.10 32.71
N ASN M 98 37.66 -43.92 33.26
CA ASN M 98 38.71 -43.76 34.26
C ASN M 98 38.22 -44.26 35.61
N VAL M 99 39.07 -45.02 36.30
CA VAL M 99 38.78 -45.55 37.63
C VAL M 99 39.64 -44.81 38.63
N PRO M 100 39.07 -44.14 39.63
CA PRO M 100 39.88 -43.73 40.77
C PRO M 100 40.12 -44.93 41.66
N TYR M 101 41.32 -45.03 42.23
CA TYR M 101 41.62 -46.17 43.06
C TYR M 101 42.69 -45.83 44.07
N TYR M 102 42.62 -46.47 45.24
CA TYR M 102 43.61 -46.31 46.27
C TYR M 102 44.90 -47.05 45.93
N ILE M 103 46.02 -46.41 46.24
CA ILE M 103 47.32 -47.07 46.15
C ILE M 103 47.99 -47.21 47.52
N GLY M 104 47.53 -46.48 48.53
CA GLY M 104 48.16 -46.56 49.85
C GLY M 104 47.14 -46.42 50.96
N GLY M 105 47.33 -47.20 52.00
CA GLY M 105 46.46 -47.19 53.15
C GLY M 105 46.45 -48.54 53.84
N VAL M 106 45.74 -48.60 54.95
CA VAL M 106 45.49 -49.85 55.68
C VAL M 106 44.02 -50.17 55.51
N PHE M 107 43.71 -51.37 55.03
CA PHE M 107 42.35 -51.68 54.61
C PHE M 107 41.84 -52.94 55.29
N ASN M 108 40.54 -52.94 55.60
CA ASN M 108 39.86 -54.11 56.11
C ASN M 108 39.84 -55.20 55.05
N HIS M 109 40.36 -56.38 55.38
CA HIS M 109 40.43 -57.44 54.38
C HIS M 109 39.06 -57.92 53.95
N ALA M 110 38.03 -57.65 54.74
CA ALA M 110 36.69 -58.12 54.43
C ALA M 110 35.90 -57.14 53.57
N ALA M 111 36.16 -55.84 53.69
CA ALA M 111 35.40 -54.86 52.94
C ALA M 111 35.72 -54.92 51.45
N LEU M 112 36.90 -55.41 51.08
CA LEU M 112 37.33 -55.37 49.71
C LEU M 112 36.76 -56.54 48.92
N GLY M 113 36.68 -56.37 47.60
CA GLY M 113 36.29 -57.45 46.72
C GLY M 113 37.49 -58.24 46.26
N TRP M 114 37.50 -59.53 46.49
CA TRP M 114 38.69 -60.35 46.28
C TRP M 114 38.41 -61.43 45.26
N HIS M 115 39.46 -61.85 44.56
CA HIS M 115 39.34 -62.97 43.65
C HIS M 115 38.96 -64.24 44.40
N ALA M 116 38.55 -65.25 43.63
CA ALA M 116 38.32 -66.58 44.19
C ALA M 116 39.64 -67.25 44.55
N SER M 117 39.57 -68.15 45.51
CA SER M 117 40.72 -68.92 45.96
C SER M 117 41.68 -68.05 46.74
N LEU M 118 41.46 -66.75 46.71
CA LEU M 118 42.19 -65.79 47.53
C LEU M 118 41.36 -65.46 48.76
N ASP M 119 41.02 -66.49 49.52
CA ASP M 119 40.02 -66.46 50.57
C ASP M 119 40.58 -66.02 51.93
N THR M 120 41.52 -66.77 52.48
CA THR M 120 41.96 -66.50 53.84
C THR M 120 42.82 -65.25 53.94
N LEU M 121 42.74 -64.62 55.10
CA LEU M 121 43.48 -63.39 55.36
C LEU M 121 44.97 -63.56 55.08
N ALA M 122 45.51 -64.75 55.34
CA ALA M 122 46.91 -64.96 55.05
C ALA M 122 47.22 -64.67 53.59
N LYS M 123 46.38 -65.16 52.68
CA LYS M 123 46.63 -64.95 51.27
C LYS M 123 46.34 -63.51 50.88
N ARG M 124 45.29 -62.94 51.48
CA ARG M 124 44.94 -61.56 51.15
C ARG M 124 46.04 -60.60 51.56
N GLN M 125 46.75 -60.91 52.65
CA GLN M 125 47.93 -60.12 52.99
C GLN M 125 49.08 -60.45 52.05
N ALA M 126 49.28 -61.72 51.75
CA ALA M 126 50.38 -62.10 50.88
C ALA M 126 50.34 -61.36 49.55
N VAL M 127 49.17 -60.88 49.16
CA VAL M 127 49.10 -60.11 47.91
C VAL M 127 49.64 -58.69 48.03
N PHE M 128 49.85 -58.15 49.25
CA PHE M 128 50.23 -56.76 49.40
C PHE M 128 51.42 -56.46 50.31
N ASP M 129 52.25 -57.44 50.66
CA ASP M 129 53.35 -57.16 51.58
C ASP M 129 54.34 -56.14 51.02
N ARG M 130 54.61 -56.20 49.73
CA ARG M 130 55.66 -55.40 49.10
C ARG M 130 55.26 -53.96 48.78
N THR M 131 54.19 -53.43 49.38
CA THR M 131 53.61 -52.20 48.87
C THR M 131 53.25 -51.26 50.00
N ASN M 132 52.72 -50.09 49.61
CA ASN M 132 52.23 -49.11 50.54
C ASN M 132 50.83 -49.45 51.07
N ILE M 133 50.18 -50.47 50.53
CA ILE M 133 48.89 -50.94 51.02
C ILE M 133 49.13 -52.04 52.03
N HIS M 134 48.38 -52.00 53.13
CA HIS M 134 48.35 -53.12 54.05
C HIS M 134 46.90 -53.48 54.35
N ILE M 135 46.68 -54.75 54.62
CA ILE M 135 45.36 -55.33 54.71
C ILE M 135 45.26 -56.17 55.96
N GLY M 136 44.24 -55.94 56.77
CA GLY M 136 44.22 -56.59 58.06
C GLY M 136 42.83 -56.70 58.64
N ASN M 137 42.78 -57.23 59.86
CA ASN M 137 41.53 -57.46 60.55
C ASN M 137 40.94 -56.15 61.03
N LEU M 138 39.69 -56.22 61.46
CA LEU M 138 39.15 -55.28 62.43
C LEU M 138 38.87 -56.06 63.71
N TYR M 139 39.25 -55.48 64.84
CA TYR M 139 38.82 -56.02 66.11
C TYR M 139 37.42 -55.52 66.40
N THR N 10 -42.96 -48.40 11.31
CA THR N 10 -43.59 -47.22 11.86
C THR N 10 -43.43 -47.18 13.37
N SER N 11 -42.70 -48.17 13.91
CA SER N 11 -42.67 -48.39 15.35
C SER N 11 -41.58 -47.58 16.04
N LEU N 12 -40.37 -47.66 15.56
CA LEU N 12 -39.23 -47.17 16.31
C LEU N 12 -38.98 -45.69 16.05
N PRO N 13 -38.36 -45.02 17.01
CA PRO N 13 -37.81 -43.69 16.73
C PRO N 13 -36.48 -43.82 15.99
N ASN N 14 -35.86 -42.69 15.66
CA ASN N 14 -34.49 -42.69 15.16
C ASN N 14 -33.63 -42.02 16.21
N TYR N 15 -32.62 -42.75 16.69
CA TYR N 15 -31.68 -42.20 17.65
C TYR N 15 -30.49 -41.56 16.95
N LEU N 16 -30.17 -42.02 15.76
CA LEU N 16 -29.00 -41.55 15.03
C LEU N 16 -29.26 -40.16 14.46
N ALA N 17 -28.20 -39.35 14.40
CA ALA N 17 -28.31 -38.03 13.80
C ALA N 17 -28.60 -38.13 12.30
N GLY N 18 -29.11 -37.04 11.76
CA GLY N 18 -29.39 -36.98 10.33
C GLY N 18 -30.07 -35.70 9.92
N ASN N 19 -30.03 -35.39 8.63
CA ASN N 19 -30.71 -34.23 8.07
C ASN N 19 -32.00 -34.67 7.37
N GLY N 20 -32.88 -33.71 7.14
CA GLY N 20 -34.05 -33.96 6.35
C GLY N 20 -34.61 -32.71 5.70
N ASP N 21 -34.83 -32.75 4.38
CA ASP N 21 -35.47 -31.66 3.68
C ASP N 21 -36.97 -31.87 3.78
N LEU N 22 -37.61 -31.13 4.69
CA LEU N 22 -39.00 -31.42 5.02
C LEU N 22 -39.93 -31.11 3.86
N GLY N 23 -39.67 -30.04 3.12
CA GLY N 23 -40.44 -29.75 1.93
C GLY N 23 -40.41 -28.28 1.60
N SER N 24 -41.12 -27.93 0.53
CA SER N 24 -41.17 -26.58 0.02
C SER N 24 -42.61 -26.25 -0.37
N TRP N 25 -42.94 -24.96 -0.34
CA TRP N 25 -44.28 -24.50 -0.69
C TRP N 25 -44.19 -23.30 -1.60
N GLU N 26 -44.94 -23.32 -2.70
CA GLU N 26 -45.02 -22.21 -3.62
C GLU N 26 -46.49 -21.84 -3.81
N PRO N 27 -46.87 -20.57 -3.66
CA PRO N 27 -48.27 -20.21 -3.86
C PRO N 27 -48.66 -20.41 -5.31
N THR N 28 -49.91 -20.79 -5.53
CA THR N 28 -50.52 -20.75 -6.84
C THR N 28 -51.51 -19.59 -6.86
N GLN N 29 -51.27 -18.63 -7.73
CA GLN N 29 -52.15 -17.47 -7.87
C GLN N 29 -53.02 -17.69 -9.09
N ILE N 30 -54.32 -17.78 -8.88
CA ILE N 30 -55.24 -18.03 -9.98
C ILE N 30 -55.77 -16.73 -10.57
N PHE N 31 -56.16 -15.78 -9.72
CA PHE N 31 -56.73 -14.53 -10.23
C PHE N 31 -55.65 -13.55 -10.63
N ALA N 32 -55.84 -12.95 -11.81
CA ALA N 32 -54.92 -11.96 -12.35
C ALA N 32 -55.59 -10.61 -12.56
N GLY N 33 -56.79 -10.40 -12.00
CA GLY N 33 -57.50 -9.16 -12.19
C GLY N 33 -58.79 -9.09 -11.40
N GLU N 34 -59.70 -8.17 -11.76
CA GLU N 34 -60.81 -7.83 -10.88
C GLU N 34 -62.11 -7.76 -11.69
N ALA N 35 -62.39 -8.78 -12.48
CA ALA N 35 -63.75 -8.89 -12.98
C ALA N 35 -64.63 -9.52 -11.92
N ASP N 36 -65.93 -9.58 -12.18
CA ASP N 36 -66.85 -10.28 -11.30
C ASP N 36 -66.58 -11.78 -11.42
N ILE N 37 -66.12 -12.39 -10.34
CA ILE N 37 -65.87 -13.83 -10.33
C ILE N 37 -67.20 -14.55 -10.20
N VAL N 38 -67.49 -15.45 -11.13
CA VAL N 38 -68.79 -16.10 -11.19
C VAL N 38 -68.59 -17.58 -11.46
N THR N 39 -69.39 -18.41 -10.83
CA THR N 39 -69.18 -19.85 -10.84
C THR N 39 -70.48 -20.58 -11.14
N GLU N 40 -70.33 -21.82 -11.58
CA GLU N 40 -71.48 -22.68 -11.87
C GLU N 40 -71.03 -24.12 -11.67
N GLY N 41 -71.98 -25.03 -11.65
CA GLY N 41 -71.69 -26.44 -11.48
C GLY N 41 -72.39 -27.28 -12.51
N GLY N 42 -71.73 -28.33 -12.96
CA GLY N 42 -72.29 -29.19 -13.97
C GLY N 42 -71.64 -30.55 -13.95
N ALA N 43 -72.30 -31.51 -14.59
CA ALA N 43 -71.78 -32.86 -14.62
C ALA N 43 -70.54 -32.94 -15.49
N ALA N 44 -69.57 -33.74 -15.06
CA ALA N 44 -68.35 -33.96 -15.82
C ALA N 44 -68.50 -35.16 -16.74
N GLY N 45 -67.80 -35.11 -17.87
CA GLY N 45 -67.76 -36.22 -18.80
C GLY N 45 -66.42 -36.90 -18.87
N ALA N 46 -65.41 -36.34 -18.19
CA ALA N 46 -64.06 -36.86 -18.25
C ALA N 46 -63.32 -36.41 -16.99
N ASP N 47 -62.16 -37.00 -16.78
CA ASP N 47 -61.36 -36.69 -15.59
C ASP N 47 -60.81 -35.26 -15.71
N ILE N 48 -61.23 -34.38 -14.81
CA ILE N 48 -60.91 -32.96 -14.87
C ILE N 48 -60.04 -32.60 -13.68
N GLU N 49 -58.94 -31.91 -13.94
CA GLU N 49 -58.02 -31.48 -12.89
C GLU N 49 -58.38 -30.07 -12.44
N ILE N 50 -57.81 -29.69 -11.30
CA ILE N 50 -58.03 -28.36 -10.76
C ILE N 50 -57.59 -27.30 -11.76
N TYR N 51 -58.37 -26.24 -11.86
CA TYR N 51 -58.11 -25.12 -12.76
C TYR N 51 -57.78 -25.58 -14.18
N GLN N 52 -58.30 -26.72 -14.59
CA GLN N 52 -58.27 -27.08 -15.99
C GLN N 52 -59.33 -26.31 -16.75
N VAL N 53 -59.00 -25.87 -17.97
CA VAL N 53 -59.96 -25.19 -18.80
C VAL N 53 -60.92 -26.21 -19.42
N ILE N 54 -62.20 -25.92 -19.38
CA ILE N 54 -63.23 -26.90 -19.67
C ILE N 54 -64.09 -26.42 -20.83
N ALA N 55 -64.64 -27.36 -21.57
CA ALA N 55 -65.69 -27.12 -22.54
C ALA N 55 -66.88 -28.01 -22.19
N LYS N 56 -67.97 -27.85 -22.92
CA LYS N 56 -69.12 -28.73 -22.80
C LYS N 56 -69.28 -29.53 -24.09
N ASN N 57 -69.36 -30.85 -23.95
CA ASN N 57 -69.50 -31.73 -25.09
C ASN N 57 -70.94 -31.70 -25.61
N ALA N 58 -71.19 -32.46 -26.67
CA ALA N 58 -72.50 -32.47 -27.30
C ALA N 58 -73.60 -32.91 -26.36
N ALA N 59 -73.27 -33.71 -25.34
CA ALA N 59 -74.25 -34.16 -24.37
C ALA N 59 -74.40 -33.20 -23.19
N GLY N 60 -73.75 -32.05 -23.22
CA GLY N 60 -73.86 -31.08 -22.15
C GLY N 60 -73.01 -31.36 -20.94
N ALA N 61 -72.19 -32.40 -20.96
CA ALA N 61 -71.30 -32.70 -19.86
C ALA N 61 -69.98 -31.96 -20.01
N MET N 62 -69.41 -31.54 -18.88
CA MET N 62 -68.12 -30.87 -18.89
C MET N 62 -67.03 -31.84 -19.36
N VAL N 63 -66.17 -31.37 -20.26
CA VAL N 63 -65.06 -32.14 -20.79
C VAL N 63 -63.87 -31.18 -20.87
N PRO N 64 -62.65 -31.59 -20.57
CA PRO N 64 -61.53 -30.65 -20.66
C PRO N 64 -61.40 -30.09 -22.07
N HIS N 65 -61.08 -28.80 -22.14
CA HIS N 65 -61.10 -28.06 -23.39
C HIS N 65 -60.20 -28.74 -24.42
N ASP N 66 -60.69 -28.89 -25.65
CA ASP N 66 -60.00 -29.67 -26.67
C ASP N 66 -60.15 -28.97 -28.02
N PRO N 67 -59.35 -27.92 -28.26
CA PRO N 67 -59.42 -27.24 -29.55
C PRO N 67 -59.00 -28.16 -30.69
N THR N 68 -59.56 -27.89 -31.87
CA THR N 68 -59.39 -28.68 -33.08
C THR N 68 -60.11 -30.02 -33.02
N ALA N 69 -60.91 -30.26 -31.99
CA ALA N 69 -61.86 -31.37 -32.05
C ALA N 69 -62.88 -31.13 -33.14
N THR N 70 -63.16 -32.15 -33.93
CA THR N 70 -64.10 -32.04 -35.05
C THR N 70 -64.98 -33.26 -35.17
N GLU N 77 -66.12 -32.52 -40.80
CA GLU N 77 -65.00 -31.67 -40.41
C GLU N 77 -65.43 -30.49 -39.54
N VAL N 78 -66.72 -30.35 -39.30
CA VAL N 78 -67.20 -29.18 -38.55
C VAL N 78 -66.67 -29.24 -37.12
N PRO N 79 -66.27 -28.13 -36.51
CA PRO N 79 -65.74 -28.17 -35.15
C PRO N 79 -66.74 -28.78 -34.17
N ALA N 80 -66.23 -29.59 -33.25
CA ALA N 80 -67.06 -30.19 -32.22
C ALA N 80 -67.21 -29.23 -31.04
N PRO N 81 -68.29 -29.37 -30.26
CA PRO N 81 -68.51 -28.41 -29.17
C PRO N 81 -67.48 -28.47 -28.07
N GLN N 82 -66.69 -29.54 -27.97
CA GLN N 82 -65.60 -29.54 -27.01
C GLN N 82 -64.60 -28.44 -27.30
N SER N 83 -64.59 -27.93 -28.52
CA SER N 83 -63.57 -27.01 -28.99
C SER N 83 -63.74 -25.58 -28.50
N VAL N 84 -64.88 -25.23 -27.91
CA VAL N 84 -65.13 -23.88 -27.45
C VAL N 84 -65.15 -23.90 -25.93
N ALA N 85 -64.14 -23.28 -25.32
CA ALA N 85 -64.01 -23.34 -23.87
C ALA N 85 -65.16 -22.60 -23.20
N ILE N 86 -65.55 -23.10 -22.03
CA ILE N 86 -66.69 -22.52 -21.32
C ILE N 86 -66.39 -22.18 -19.87
N GLY N 87 -65.30 -22.65 -19.28
CA GLY N 87 -65.02 -22.25 -17.92
C GLY N 87 -63.72 -22.85 -17.42
N ILE N 88 -63.46 -22.63 -16.14
CA ILE N 88 -62.25 -23.07 -15.49
C ILE N 88 -62.64 -23.90 -14.28
N ALA N 89 -62.19 -25.14 -14.22
CA ALA N 89 -62.55 -26.04 -13.13
C ALA N 89 -62.10 -25.45 -11.80
N ALA N 90 -63.00 -25.41 -10.82
CA ALA N 90 -62.62 -24.92 -9.51
C ALA N 90 -62.12 -26.03 -8.60
N GLN N 91 -62.61 -27.25 -8.78
CA GLN N 91 -62.10 -28.40 -8.05
C GLN N 91 -62.08 -29.59 -9.00
N PRO N 92 -61.23 -30.57 -8.76
CA PRO N 92 -61.11 -31.69 -9.70
C PRO N 92 -62.28 -32.65 -9.58
N ALA N 93 -62.51 -33.42 -10.62
CA ALA N 93 -63.60 -34.38 -10.60
C ALA N 93 -63.36 -35.49 -11.61
N LYS N 94 -63.88 -36.67 -11.27
CA LYS N 94 -63.91 -37.79 -12.21
C LYS N 94 -65.23 -37.79 -12.98
N SER N 95 -65.25 -38.57 -14.06
CA SER N 95 -66.42 -38.59 -14.91
C SER N 95 -67.65 -38.99 -14.11
N GLY N 96 -68.78 -38.36 -14.42
CA GLY N 96 -70.01 -38.59 -13.71
C GLY N 96 -70.20 -37.75 -12.47
N GLN N 97 -69.14 -37.17 -11.93
CA GLN N 97 -69.27 -36.29 -10.78
C GLN N 97 -69.55 -34.86 -11.24
N ASN N 98 -70.04 -34.04 -10.31
CA ASN N 98 -70.27 -32.64 -10.61
C ASN N 98 -68.98 -31.85 -10.44
N VAL N 99 -68.75 -30.91 -11.34
CA VAL N 99 -67.57 -30.05 -11.32
C VAL N 99 -68.03 -28.63 -11.03
N PRO N 100 -67.55 -28.00 -9.97
CA PRO N 100 -67.72 -26.55 -9.88
C PRO N 100 -66.71 -25.87 -10.78
N TYR N 101 -67.13 -24.84 -11.48
CA TYR N 101 -66.19 -24.19 -12.39
C TYR N 101 -66.50 -22.71 -12.48
N TYR N 102 -65.47 -21.93 -12.76
CA TYR N 102 -65.66 -20.51 -12.99
C TYR N 102 -66.20 -20.25 -14.38
N ILE N 103 -67.14 -19.32 -14.45
CA ILE N 103 -67.60 -18.80 -15.72
C ILE N 103 -67.26 -17.33 -15.89
N GLY N 104 -66.89 -16.62 -14.83
CA GLY N 104 -66.46 -15.24 -14.95
C GLY N 104 -65.29 -14.97 -14.04
N GLY N 105 -64.50 -13.97 -14.42
CA GLY N 105 -63.34 -13.59 -13.65
C GLY N 105 -62.15 -13.35 -14.55
N VAL N 106 -61.08 -12.76 -14.02
CA VAL N 106 -59.85 -12.54 -14.77
C VAL N 106 -58.81 -13.49 -14.20
N PHE N 107 -58.24 -14.34 -15.04
CA PHE N 107 -57.45 -15.47 -14.56
C PHE N 107 -56.03 -15.45 -15.09
N ASN N 108 -55.08 -15.78 -14.21
CA ASN N 108 -53.67 -15.93 -14.56
C ASN N 108 -53.51 -17.14 -15.48
N HIS N 109 -53.17 -16.90 -16.73
CA HIS N 109 -53.08 -18.00 -17.68
C HIS N 109 -52.10 -19.07 -17.23
N ALA N 110 -51.08 -18.70 -16.47
CA ALA N 110 -50.04 -19.66 -16.13
C ALA N 110 -50.56 -20.75 -15.20
N ALA N 111 -51.45 -20.42 -14.28
CA ALA N 111 -51.93 -21.40 -13.31
C ALA N 111 -52.87 -22.43 -13.92
N LEU N 112 -53.46 -22.15 -15.06
CA LEU N 112 -54.49 -23.00 -15.62
C LEU N 112 -53.90 -24.17 -16.38
N GLY N 113 -54.67 -25.26 -16.46
CA GLY N 113 -54.31 -26.40 -17.27
C GLY N 113 -54.82 -26.19 -18.69
N TRP N 114 -53.93 -26.39 -19.66
CA TRP N 114 -54.21 -26.09 -21.05
C TRP N 114 -54.01 -27.30 -21.93
N HIS N 115 -54.74 -27.33 -23.03
CA HIS N 115 -54.47 -28.31 -24.07
C HIS N 115 -53.06 -28.14 -24.60
N ALA N 116 -52.57 -29.17 -25.27
CA ALA N 116 -51.30 -29.08 -25.97
C ALA N 116 -51.45 -28.15 -27.17
N SER N 117 -50.33 -27.56 -27.57
CA SER N 117 -50.30 -26.69 -28.74
C SER N 117 -51.03 -25.38 -28.49
N LEU N 118 -51.63 -25.23 -27.31
CA LEU N 118 -52.20 -23.96 -26.90
C LEU N 118 -51.18 -23.20 -26.07
N ASP N 119 -49.98 -23.02 -26.62
CA ASP N 119 -48.81 -22.68 -25.82
C ASP N 119 -48.80 -21.23 -25.34
N THR N 120 -48.75 -20.28 -26.26
CA THR N 120 -48.44 -18.91 -25.89
C THR N 120 -49.68 -18.15 -25.41
N LEU N 121 -49.44 -17.14 -24.58
CA LEU N 121 -50.53 -16.33 -24.07
C LEU N 121 -51.39 -15.75 -25.17
N ALA N 122 -50.77 -15.41 -26.31
CA ALA N 122 -51.56 -14.90 -27.43
C ALA N 122 -52.62 -15.90 -27.86
N LYS N 123 -52.33 -17.19 -27.78
CA LYS N 123 -53.33 -18.20 -28.09
C LYS N 123 -54.27 -18.42 -26.93
N ARG N 124 -53.75 -18.37 -25.71
CA ARG N 124 -54.58 -18.64 -24.55
C ARG N 124 -55.63 -17.57 -24.33
N GLN N 125 -55.37 -16.34 -24.80
CA GLN N 125 -56.41 -15.32 -24.75
C GLN N 125 -57.51 -15.61 -25.77
N ALA N 126 -57.13 -16.03 -26.98
CA ALA N 126 -58.12 -16.22 -28.04
C ALA N 126 -59.22 -17.18 -27.64
N VAL N 127 -59.04 -17.94 -26.56
CA VAL N 127 -60.07 -18.91 -26.19
C VAL N 127 -61.20 -18.22 -25.42
N PHE N 128 -60.95 -17.03 -24.88
CA PHE N 128 -61.89 -16.34 -24.00
C PHE N 128 -62.03 -14.85 -24.33
N ASP N 129 -62.31 -14.55 -25.59
CA ASP N 129 -62.56 -13.18 -26.02
C ASP N 129 -64.04 -12.81 -26.01
N ARG N 130 -64.89 -13.73 -26.45
CA ARG N 130 -66.33 -13.49 -26.56
C ARG N 130 -67.04 -13.80 -25.25
N THR N 131 -66.31 -13.75 -24.14
CA THR N 131 -66.76 -14.40 -22.93
C THR N 131 -66.63 -13.47 -21.74
N ASN N 132 -67.28 -13.86 -20.64
CA ASN N 132 -67.15 -13.14 -19.39
C ASN N 132 -65.81 -13.41 -18.73
N ILE N 133 -65.23 -14.60 -18.93
CA ILE N 133 -63.88 -14.85 -18.47
C ILE N 133 -62.91 -14.08 -19.34
N HIS N 134 -61.85 -13.57 -18.73
CA HIS N 134 -60.72 -13.05 -19.47
C HIS N 134 -59.44 -13.53 -18.81
N ILE N 135 -58.44 -13.84 -19.63
CA ILE N 135 -57.25 -14.53 -19.18
C ILE N 135 -56.03 -13.69 -19.52
N GLY N 136 -55.18 -13.44 -18.53
CA GLY N 136 -54.06 -12.55 -18.72
C GLY N 136 -52.87 -12.89 -17.85
N ASN N 137 -51.77 -12.20 -18.13
CA ASN N 137 -50.52 -12.44 -17.45
C ASN N 137 -50.54 -11.81 -16.05
N LEU N 138 -49.80 -12.44 -15.15
CA LEU N 138 -49.35 -11.72 -13.97
C LEU N 138 -48.17 -10.85 -14.33
N TYR N 139 -47.87 -9.90 -13.46
CA TYR N 139 -46.72 -9.04 -13.68
C TYR N 139 -45.44 -9.82 -13.50
#